data_9EAG
#
_entry.id   9EAG
#
_cell.length_a   1.00
_cell.length_b   1.00
_cell.length_c   1.00
_cell.angle_alpha   90.00
_cell.angle_beta   90.00
_cell.angle_gamma   90.00
#
_symmetry.space_group_name_H-M   'P 1'
#
_entity_poly.entity_id   1
_entity_poly.type   'polypeptide(L)'
_entity_poly.pdbx_seq_one_letter_code
;MDPPRPALLALLALPALLLLLLAGARAEEEMLENVSLVCPKDATRFKHLRKYTYNYEAESSSGVPGTADSRSATRINCKV
ELEVPQLCSFILKTSQCTLKEVYGFNPEGKALLKKTKNSEEFAAAMSRYELKLAIPEGKQVFLYPEKDEPTYILNIKRGI
ISALLVPPETEEAKQVLFLDTVYGNCSTHFTVKTRKGNVATEISTERDLGQCDRFKPIRTGISPLALIKGMTRPLSTLIS
SSQSCQYTLDAKRKHVAEAICKEQHLFLPFSYKNKYGMVAQVTQTLKLEDTPKINSRFFGEGTKKMGLAFESTKSTSPPK
QAEAVLKTLQELKKLTISEQNIQRANLFNKLVTELRGLSDEAVTSLLPQLIEVSSPITLQALVQCGQPQCSTHILQWLKR
VHANPLLIDVVTYLVALIPEPSAQQLREIFNMARDQRSRATLYALSHAVNNYHKTNPTGTQELLDIANYLMEQIQDDCTG
DEDYTYLILRVIGNMGQTMEQLTPELKSSILKCVQSTKPSLMIQKAAIQALRKMEPKDKDQEVLLQTFLDDASPGDKRLA
AYLMLMRSPSQADINKIVQILPWEQNEQVKNFVASHIANILNSEELDIQDLKKLVKEALKESQLPTVMDFRKFSRNYQLY
KSVSLPSLDPASAKIEGNLIFDPNNYLPKESMLKTTLTAFGFASADLIEIGLEGKGFEPTLEALFGKQGFFPDSVNKALY
WVNGQVPDGVSKVLVDHFGYTKDDKHEQDMVNGIMLSVEKLIKDLKSKEVPEARAYLRILGEELGFASLHDLQLLGKLLL
MGARTLQGIPQMIGEVIRKGSKNDFFLHYIFMENAFELPTGAGLQLQISSSGVIAPGAKAGVKLEVANMQAELVAKPSVS
VEFVTNMGIIIPDFARSGVQMNTNFFHESGLEAHVALKAGKLKFIIPSPKRPVKLLSGGNTLHLVSTTKTEVIPPLIENR
QSWSVCKQVFPGLNYCTSGAYSNASSTDSASYYPLTGDTRLELELRPTGEIEQYSVSATYELQREDRALVDTLKFVTQAE
GAKQTEATMTFKYNRQSMTLSSEVQIPDFDVDLGTILRVNDESTEGKTSYRLTLDIQNKKITEVALMGHLSCDTKEERKI
KGVISIPRLQAEARSEILAHWSPAKLLLQMDSSATAYGSTVSKRVAWHYDEEKIEFEWNTGTNVDTKKMTSNFPVDLSDY
PKSLHMYANRLLDHRVPQTDMTFRHVGSKLIVAMSSWLQKASGSLPYTQTLQDHLNSLKEFNLQNMGLPDFHIPENLFLK
SDGRVKYTLNKNSLKIEIPLPFGGKSSRDLKMLETVRTPALHFKSVGFHLPSREFQVPTFTIPKLYQLQVPLLGVLDLST
NVYSNLYNWSASYSGGNTSTDHFSLRARYHMKADSVVDLLSYNVQGSGETTYDHKNTFTLSCDGSLRHKFLDSNIKFSHV
EKLGNNPVSKGLLIFDASSSWGPQMSASVHLDSKKKQHLFVKEVKIDGQFRVSSFYAKGTYGLSCQRDPNTGRLNGESNL
RFNSSYLQGTNQITGRYEDGTLSLTSTSDLQSGIIKNTASLKYENYELTLKSDTNGKYKNFATSNKMDMTFSKQNALLRS
EYQADYESLRFFSLLSGSLNSHGLELNADILGTDKINSGAHKATLRIGQDGISTSATTNLKCSLLVLENELNAELGLSGA
SMKLTTNGRFREHNAKFSLDGKAALTELSLGSAYQAMILGVDSKNIFNFKVSQEGLKLSNDMMGSYAEMKFDHTNSLNIA
GLSLDFSSKLDNIYSSDKFYKQTVNLQLQPYSLVTTLNSDLKYNALDLTNNGKLRLEPLKLHVAGNLKGAYQNNEIKHIY
AISSAALSASYKADTVAKVQGVEFSHRLNTDIAGLASAIDMSTNYNSDSLHFSNVFRSVMAPFTMTIDAHTNGNGKLALW
GEHTGQLYSKFLLKAEPLAFTFSHDYKGSTSHHLVSRKSISAALEHKVSALLTPAEQTGTWKLKTQFNNNEYSQDLDAYN
TKDKIGVELTGRTLADLTLLDSPIKVPLLLSEPINIIDALEMRDAVEKPQEFTIVAFVKYDKNQDVHSINLPFFETLQEY
FERNRQTIIVVLENVQRNLKHINIDQFVRKYRAALGKLPQQANDYLNSFNWERQVSHAKEKLTALTKKYRITENDIQIAL
DDAKINFNEKLSQLQTYMIQFDQYIKDSYDLHDLKIAIANIIDEIIEKLKSLDEHYHIRVNLVKTIHDLHLFIENIDFNK
SGSSTASWIQNVDTKYQIRIQIQEKLQQLKRHIQNIDIQHLAGKLKQHIEAIDVRVLLDQLGTTISFERINDILEHVKHF
VINLIGDFEVAEKINAFRAKVHELIERYEVDQQIQVLMDKLVELAHQYKLKETIQKLSNVLQQVKIKDYFEKLVGFIDDA
VKKLNELSFKTFIEDVNKFLDMLIKKLKSFDYHQFVDETNDKIREVTQRLNGEIQALELPQKAEALKLFLEETKATVAVY
LESLQDTKITLIINWLQEALSSASLAHMKAKFRETLEDTRDRMYQMDIQQELQRYLSLVGQVYSTLVTYISDWWTLAAKN
LTDFAEQYSIQDWAKRMKALVEQGFTVPEIKTILGTMPAFEVSLQALQKATFQTPDFIVPLTDLRIPSVQINFKDLKNIK
IPSRFSTPEFTILNTFHIPSFTIDFVEMKVKIIRTIDQMLNSELQWPVPDIYLRDLKVEDIPLARITLPDFRLPEIAIPE
FIIPTLNLNDFQVPDLHIPEFQLPHISHTIEVPTFGKLYSILKIQSPLFTLDANADIGNGTTSANEAGIAASITAKGESK
LEVLNFDFQANAQLSNPKINPLALKESVKFSSKYLRTEHGSEMLFFGNAIEGKSNTVASLHTEKNTLELSNGVIVKINNQ
LTLDSNTKYFHKLNIPKLDFSSQADLRNEIKTLLKAGHIAWTSSGKGSWKWACPRFSDEGTHESQISFTIEGPLTSFGLS
NKINSKHLRVNQNLVYESGSLNFSKLEIQSQVDSQHVGHSVLTAKGMALFGEGKAEFTGRHDAHLNGKVIGTLKNSLFFS
AQPFEITASTNNEGNLKVRFPLRLTGKIDFLNNYALFLSPSAQQASWQVSARFNQYKYNQNFSAGNNENIMEAHVGINGE
ANLDFLNIPLTIPEMRLPYTIITTPPLKDFSLWEKTGLKEFLKTTKQSFDLSVKAQYKKNKHRHSITNPLAVLCEFISQS
IKSFDRHFEKNRNNALDFVTKSYNETKIKFDKYKAEKSHDELPRTFQIPGYTVPVVNVEVSPFTIEMSAFGYVFPKAVSM
PSFSILGSDVRVPSYTLILPSLELPVLHVPRNLKLSLPDFKELCTISHIFIPAMGNITYDFSFKSSVITLNTNAELFNQS
DIVAHLLSSSSSVIDALQYKLEGTTRLTRKRGLKLATALSLSNKFVEGSHNSTVSLTTKNMEVSVATTTKAQIPILRMNF
KQELNGNTKSKPTVSSSMEFKYDFNSSMLYSTAKGAVDHKLSLESLTSYFSIESSTKGDVKGSVLSREYSGTIASEANTY
LNSKSTRSSVKLQGTSKIDDIWNLEVKENFAGEATLQRIYSLWEHSTKNHLQLEGLFFTNGEHTSKATLELSPWQMSALV
QVHASQPSSFHDFPDLGQEVALNANTKNQKIRWKNEVRIHSGSFQSQVELSNDQEKAHLDIAGSLEGHLRFLKNIILPVY
DKSLWDFLKLDVTTSIGRRQHLRVSTAFVYTKNPNGYSFSIPVKVLADKFIIPGLKLNDLNSVLVMPTFHVPFTDLQVPS
CKLDFREIQIYKKLRTSSFALNLPTLPEVKFPEVDVLTKYSQPEDSLIPFFEITVPESQLTVSQFTLPKSVSDGIAALDL
NAVANKIADFELPTIIVPEQTIEIPSIKFSVPAGIVIPSFQALTARFEVDSPVYNATWSASLKNKADYVETVLDSTCSST
VQFLEYELNVLGTHKIEDGTLASKTKGTFAHRDFSAEYEEDGKYEGLQEWEGKAHLNIKSPAFTDLHLRYQKDKKGISTS
AASPAVGTVGMDMDEDDDFSKWNFYYSPQSSPDKKLTIFKTELRVRESDEETQIKVNWEEEAASGLLTSLKDNVPKATGV
LYDYVNKYHWEHTGLTLREVSSKLRRNLQNNAEWVYQGAIRQIDDIDVRFQKAASGTTGTYQEWKDKAQNLYQELLTQEG
QASFQGLKDNVFDGLVRVTQEFHMKVKHLIDSLIDFLNFPRFQFPGKPGIYTREELCTMFIREVGTVLSQVYSKVHNGSE
ILFSYFQDLVITLPFELRKHKLIDVISMYRELLKDLSKEAQEVFKAIQSLKTTEVLRNLQDLLQFIFQLIEDNIKQLKEM
KFTYLINYIQDEINTIFSDYIPYVFKLLKENLCLNLHKFNEFIQNELQEASQELQQIHQYIMALREEYFDPSIVGWTVKY
YELEEKIVSLIKNLLVALKDFHSEYIVSASNFTSQLSSQVEQFLHRNIQEYLSILTDPDGKGKEKIAELSATAQEIIKSQ
AIATKKIISDYHQQFRYKLQDFSDQLSDYYEKFIAESKRLIDLSIQNYHTFLIYITELLKKLQSTTVMNPYMKLAPGELT
IIL
;
_entity_poly.pdbx_strand_id   A
#
# COMPACT_ATOMS: atom_id res chain seq x y z
N VAL A 38 -87.17 -56.26 -37.28
CA VAL A 38 -86.57 -57.56 -37.04
C VAL A 38 -86.80 -57.99 -35.60
N CYS A 39 -87.44 -59.14 -35.42
CA CYS A 39 -87.75 -59.70 -34.11
C CYS A 39 -87.18 -61.12 -34.05
N PRO A 40 -85.93 -61.27 -33.63
CA PRO A 40 -85.32 -62.61 -33.57
C PRO A 40 -86.05 -63.49 -32.58
N LYS A 41 -86.11 -64.78 -32.93
CA LYS A 41 -86.76 -65.76 -32.08
C LYS A 41 -85.96 -66.09 -30.84
N ASP A 42 -84.66 -65.82 -30.83
CA ASP A 42 -83.82 -66.07 -29.67
C ASP A 42 -84.17 -65.16 -28.50
N ALA A 43 -84.66 -63.96 -28.77
CA ALA A 43 -85.01 -62.99 -27.73
C ALA A 43 -86.48 -63.07 -27.34
N THR A 44 -87.19 -64.08 -27.86
CA THR A 44 -88.61 -64.25 -27.57
C THR A 44 -88.75 -64.77 -26.14
N ARG A 45 -88.69 -63.83 -25.20
CA ARG A 45 -88.80 -64.11 -23.77
C ARG A 45 -90.22 -63.89 -23.27
N PHE A 46 -91.22 -64.10 -24.12
CA PHE A 46 -92.57 -63.69 -23.83
C PHE A 46 -93.52 -64.51 -24.70
N LYS A 47 -94.79 -64.11 -24.76
CA LYS A 47 -95.77 -64.76 -25.59
C LYS A 47 -96.74 -63.72 -26.12
N HIS A 48 -97.05 -63.81 -27.42
CA HIS A 48 -97.98 -62.87 -28.03
C HIS A 48 -99.39 -63.10 -27.49
N LEU A 49 -100.19 -62.03 -27.53
CA LEU A 49 -101.56 -62.05 -27.05
C LEU A 49 -101.64 -62.50 -25.59
N ARG A 50 -100.90 -61.79 -24.74
CA ARG A 50 -100.85 -62.08 -23.32
C ARG A 50 -100.96 -60.79 -22.54
N LYS A 51 -101.39 -60.92 -21.28
CA LYS A 51 -101.43 -59.79 -20.35
C LYS A 51 -100.79 -60.25 -19.04
N TYR A 52 -99.48 -60.05 -18.95
CA TYR A 52 -98.76 -60.40 -17.73
C TYR A 52 -99.02 -59.36 -16.65
N THR A 53 -99.56 -59.81 -15.53
CA THR A 53 -99.86 -58.93 -14.41
C THR A 53 -98.75 -59.14 -13.38
N TYR A 54 -97.91 -58.14 -13.23
CA TYR A 54 -96.79 -58.19 -12.30
C TYR A 54 -97.01 -57.20 -11.16
N ASN A 55 -96.38 -57.50 -10.04
CA ASN A 55 -96.30 -56.58 -8.92
C ASN A 55 -94.85 -56.10 -8.82
N TYR A 56 -94.65 -54.79 -8.94
CA TYR A 56 -93.33 -54.22 -8.73
C TYR A 56 -93.29 -53.60 -7.34
N GLU A 57 -92.47 -54.17 -6.48
CA GLU A 57 -92.24 -53.61 -5.15
C GLU A 57 -90.74 -53.41 -4.98
N ALA A 58 -90.37 -52.21 -4.58
CA ALA A 58 -88.96 -51.90 -4.38
C ALA A 58 -88.78 -51.20 -3.04
N GLU A 59 -87.69 -51.53 -2.38
CA GLU A 59 -87.34 -50.94 -1.09
C GLU A 59 -86.01 -50.21 -1.29
N SER A 60 -85.98 -48.93 -0.91
CA SER A 60 -84.75 -48.15 -0.93
C SER A 60 -84.39 -47.80 0.51
N SER A 61 -83.19 -48.18 0.93
CA SER A 61 -82.74 -47.94 2.28
C SER A 61 -81.37 -47.27 2.28
N SER A 62 -81.28 -46.18 3.04
CA SER A 62 -80.06 -45.38 3.11
C SER A 62 -79.63 -45.28 4.56
N GLY A 63 -78.51 -45.91 4.90
CA GLY A 63 -78.03 -45.86 6.27
C GLY A 63 -76.96 -46.92 6.53
N VAL A 64 -76.75 -47.20 7.80
CA VAL A 64 -75.59 -47.95 8.27
C VAL A 64 -76.08 -49.24 8.95
N PRO A 65 -75.41 -50.37 8.75
CA PRO A 65 -75.76 -51.58 9.49
C PRO A 65 -75.23 -51.60 10.92
N GLY A 66 -74.15 -50.87 11.20
CA GLY A 66 -73.56 -50.93 12.52
C GLY A 66 -74.48 -50.48 13.64
N THR A 67 -75.19 -49.38 13.43
CA THR A 67 -76.10 -48.84 14.44
C THR A 67 -77.48 -49.50 14.35
N ALA A 68 -77.47 -50.82 14.58
CA ALA A 68 -78.68 -51.63 14.51
C ALA A 68 -79.36 -51.51 13.15
N ASP A 69 -78.54 -51.45 12.10
CA ASP A 69 -79.03 -51.46 10.71
C ASP A 69 -79.94 -50.26 10.45
N SER A 70 -79.65 -49.15 11.12
CA SER A 70 -80.51 -47.97 11.09
C SER A 70 -80.35 -47.30 9.73
N ARG A 71 -81.49 -47.05 9.06
CA ARG A 71 -81.47 -46.47 7.73
C ARG A 71 -82.88 -46.03 7.34
N SER A 72 -82.94 -44.92 6.60
CA SER A 72 -84.19 -44.43 6.06
C SER A 72 -84.65 -45.37 4.95
N ALA A 73 -85.86 -45.90 5.09
CA ALA A 73 -86.38 -46.91 4.17
C ALA A 73 -87.68 -46.43 3.55
N THR A 74 -87.84 -46.76 2.27
CA THR A 74 -89.04 -46.40 1.51
C THR A 74 -89.48 -47.59 0.69
N ARG A 75 -90.80 -47.80 0.62
CA ARG A 75 -91.41 -48.91 -0.10
C ARG A 75 -92.27 -48.37 -1.22
N ILE A 76 -92.09 -48.90 -2.42
CA ILE A 76 -92.93 -48.58 -3.56
C ILE A 76 -93.57 -49.86 -4.09
N ASN A 77 -94.82 -49.75 -4.52
CA ASN A 77 -95.58 -50.86 -5.07
C ASN A 77 -96.38 -50.39 -6.27
N CYS A 78 -96.48 -51.26 -7.27
CA CYS A 78 -97.20 -50.94 -8.49
C CYS A 78 -97.76 -52.22 -9.08
N LYS A 79 -98.92 -52.10 -9.72
CA LYS A 79 -99.54 -53.21 -10.45
C LYS A 79 -99.32 -52.95 -11.93
N VAL A 80 -98.44 -53.74 -12.54
CA VAL A 80 -98.05 -53.57 -13.93
C VAL A 80 -98.82 -54.54 -14.78
N GLU A 81 -99.34 -54.07 -15.91
CA GLU A 81 -100.12 -54.88 -16.84
C GLU A 81 -99.38 -54.87 -18.18
N LEU A 82 -98.42 -55.77 -18.32
CA LEU A 82 -97.76 -56.01 -19.60
C LEU A 82 -98.78 -56.55 -20.59
N GLU A 83 -98.83 -55.95 -21.77
CA GLU A 83 -99.78 -56.35 -22.80
C GLU A 83 -99.00 -56.64 -24.08
N VAL A 84 -98.86 -57.91 -24.42
CA VAL A 84 -98.08 -58.34 -25.58
C VAL A 84 -98.98 -59.03 -26.57
N PRO A 85 -99.59 -58.31 -27.51
CA PRO A 85 -100.39 -58.97 -28.55
C PRO A 85 -99.55 -59.44 -29.71
N GLN A 86 -98.44 -58.75 -29.96
CA GLN A 86 -97.53 -59.07 -31.05
C GLN A 86 -96.09 -59.11 -30.54
N LEU A 87 -95.33 -60.05 -31.08
CA LEU A 87 -93.92 -60.16 -30.75
C LEU A 87 -93.22 -58.85 -31.06
N CYS A 88 -92.38 -58.39 -30.14
CA CYS A 88 -91.66 -57.12 -30.25
C CYS A 88 -92.62 -55.94 -30.38
N SER A 89 -93.78 -56.04 -29.72
CA SER A 89 -94.71 -54.92 -29.61
C SER A 89 -95.27 -54.92 -28.20
N PHE A 90 -94.86 -53.95 -27.38
CA PHE A 90 -95.13 -53.99 -25.95
C PHE A 90 -96.02 -52.81 -25.57
N ILE A 91 -97.06 -53.10 -24.80
CA ILE A 91 -98.06 -52.14 -24.36
C ILE A 91 -98.18 -52.24 -22.85
N LEU A 92 -98.10 -51.10 -22.18
CA LEU A 92 -97.89 -51.04 -20.74
C LEU A 92 -98.86 -50.08 -20.07
N LYS A 93 -99.77 -50.62 -19.26
CA LYS A 93 -100.58 -49.83 -18.34
C LYS A 93 -100.29 -50.34 -16.93
N THR A 94 -99.96 -49.43 -16.03
CA THR A 94 -99.80 -49.76 -14.62
C THR A 94 -100.57 -48.78 -13.76
N SER A 95 -100.79 -49.20 -12.52
CA SER A 95 -101.52 -48.40 -11.55
C SER A 95 -101.29 -49.03 -10.18
N GLN A 96 -102.08 -48.60 -9.21
CA GLN A 96 -101.99 -49.10 -7.84
C GLN A 96 -100.59 -48.87 -7.28
N CYS A 97 -100.01 -47.73 -7.61
CA CYS A 97 -98.66 -47.40 -7.19
C CYS A 97 -98.72 -46.67 -5.86
N THR A 98 -98.46 -47.41 -4.79
CA THR A 98 -98.51 -46.91 -3.43
C THR A 98 -97.10 -46.84 -2.88
N LEU A 99 -96.75 -45.70 -2.30
CA LEU A 99 -95.43 -45.51 -1.68
C LEU A 99 -95.64 -45.22 -0.21
N LYS A 100 -94.73 -45.74 0.61
CA LYS A 100 -94.76 -45.54 2.05
C LYS A 100 -93.34 -45.37 2.55
N GLU A 101 -93.22 -44.75 3.73
CA GLU A 101 -91.93 -44.35 4.26
C GLU A 101 -91.81 -44.80 5.71
N VAL A 102 -90.58 -45.17 6.09
CA VAL A 102 -90.30 -45.58 7.46
C VAL A 102 -90.09 -44.34 8.30
N TYR A 103 -91.08 -44.00 9.11
CA TYR A 103 -91.04 -42.90 10.05
C TYR A 103 -90.63 -43.33 11.44
N GLY A 104 -91.07 -44.50 11.87
CA GLY A 104 -90.57 -45.10 13.09
C GLY A 104 -90.15 -46.52 12.82
N PHE A 105 -89.39 -47.08 13.76
CA PHE A 105 -88.99 -48.47 13.70
C PHE A 105 -89.65 -49.25 14.83
N ASN A 106 -89.32 -50.51 14.88
CA ASN A 106 -89.84 -51.35 15.94
C ASN A 106 -88.70 -51.94 16.76
N PRO A 107 -88.91 -52.15 18.06
CA PRO A 107 -87.82 -52.66 18.91
C PRO A 107 -87.26 -53.99 18.43
N GLU A 108 -88.09 -54.83 17.80
CA GLU A 108 -87.62 -56.07 17.20
C GLU A 108 -86.88 -55.84 15.89
N GLY A 109 -86.56 -54.61 15.55
CA GLY A 109 -85.86 -54.28 14.33
C GLY A 109 -86.77 -53.95 13.17
N LYS A 110 -88.08 -54.18 13.30
CA LYS A 110 -89.00 -53.88 12.22
C LYS A 110 -89.19 -52.37 12.10
N ALA A 111 -90.01 -51.97 11.11
CA ALA A 111 -90.21 -50.57 10.81
C ALA A 111 -91.69 -50.32 10.54
N LEU A 112 -92.04 -49.05 10.35
CA LEU A 112 -93.41 -48.63 10.17
C LEU A 112 -93.52 -47.75 8.92
N LEU A 113 -94.48 -48.08 8.07
CA LEU A 113 -94.69 -47.37 6.82
C LEU A 113 -96.03 -46.63 6.86
N LYS A 114 -96.11 -45.55 6.10
CA LYS A 114 -97.36 -44.83 5.96
C LYS A 114 -97.39 -44.10 4.63
N LYS A 115 -98.59 -43.76 4.20
CA LYS A 115 -98.77 -42.96 2.99
C LYS A 115 -98.31 -41.53 3.20
N THR A 116 -97.88 -40.90 2.12
CA THR A 116 -97.57 -39.47 2.16
C THR A 116 -98.74 -38.69 1.61
N LYS A 117 -98.55 -37.39 1.40
CA LYS A 117 -99.56 -36.51 0.84
C LYS A 117 -99.56 -36.55 -0.68
N ASN A 118 -98.62 -37.26 -1.30
CA ASN A 118 -98.45 -37.22 -2.74
C ASN A 118 -98.58 -38.56 -3.44
N SER A 119 -98.50 -39.69 -2.72
CA SER A 119 -98.64 -40.99 -3.35
C SER A 119 -99.92 -41.09 -4.14
N GLU A 120 -100.99 -40.45 -3.65
CA GLU A 120 -102.24 -40.39 -4.39
C GLU A 120 -102.05 -39.63 -5.69
N GLU A 121 -101.48 -38.43 -5.60
CA GLU A 121 -101.14 -37.66 -6.80
C GLU A 121 -100.09 -38.40 -7.61
N PHE A 122 -99.15 -39.06 -6.94
CA PHE A 122 -98.27 -40.00 -7.62
C PHE A 122 -99.05 -41.01 -8.44
N ALA A 123 -100.14 -41.55 -7.86
CA ALA A 123 -101.00 -42.43 -8.64
C ALA A 123 -101.52 -41.74 -9.89
N ALA A 124 -101.87 -40.45 -9.78
CA ALA A 124 -102.33 -39.69 -10.92
C ALA A 124 -101.30 -39.69 -12.05
N ALA A 125 -100.03 -39.89 -11.72
CA ALA A 125 -98.99 -40.00 -12.74
C ALA A 125 -99.20 -41.19 -13.67
N MET A 126 -99.55 -42.37 -13.16
CA MET A 126 -99.70 -43.53 -14.02
C MET A 126 -101.12 -44.02 -14.16
N SER A 127 -102.09 -43.39 -13.49
CA SER A 127 -103.49 -43.65 -13.77
C SER A 127 -103.92 -43.10 -15.13
N ARG A 128 -103.05 -42.31 -15.76
CA ARG A 128 -103.42 -41.67 -17.01
C ARG A 128 -102.60 -42.15 -18.21
N TYR A 129 -101.39 -42.66 -18.02
CA TYR A 129 -100.45 -42.82 -19.11
C TYR A 129 -100.30 -44.28 -19.51
N GLU A 130 -100.25 -44.50 -20.82
CA GLU A 130 -100.12 -45.81 -21.44
C GLU A 130 -98.88 -45.78 -22.32
N LEU A 131 -98.11 -46.86 -22.32
CA LEU A 131 -96.84 -46.89 -23.04
C LEU A 131 -96.82 -47.92 -24.16
N LYS A 132 -96.40 -47.50 -25.34
CA LYS A 132 -96.16 -48.40 -26.46
C LYS A 132 -94.69 -48.38 -26.81
N LEU A 133 -94.15 -49.54 -27.20
CA LEU A 133 -92.75 -49.57 -27.59
C LEU A 133 -92.48 -50.77 -28.50
N ALA A 134 -91.46 -50.61 -29.35
CA ALA A 134 -91.02 -51.67 -30.25
C ALA A 134 -89.50 -51.66 -30.32
N ILE A 135 -88.89 -52.83 -30.17
CA ILE A 135 -87.44 -52.97 -30.01
C ILE A 135 -86.92 -53.90 -31.10
N PRO A 136 -86.31 -53.36 -32.16
CA PRO A 136 -85.72 -54.22 -33.20
C PRO A 136 -84.41 -54.91 -32.78
N GLU A 137 -84.25 -56.15 -33.28
CA GLU A 137 -83.29 -57.19 -32.86
C GLU A 137 -83.16 -57.29 -31.35
N GLY A 138 -84.06 -56.66 -30.63
CA GLY A 138 -84.00 -56.74 -29.19
C GLY A 138 -82.98 -55.84 -28.56
N LYS A 139 -82.38 -54.91 -29.33
CA LYS A 139 -81.53 -53.91 -28.69
C LYS A 139 -81.89 -52.47 -29.10
N GLN A 140 -82.64 -52.27 -30.18
CA GLN A 140 -82.96 -50.90 -30.56
C GLN A 140 -84.17 -50.47 -29.74
N VAL A 141 -83.90 -50.08 -28.50
CA VAL A 141 -84.98 -49.70 -27.60
C VAL A 141 -85.59 -48.41 -28.14
N PHE A 142 -86.85 -48.48 -28.55
CA PHE A 142 -87.59 -47.32 -28.98
C PHE A 142 -89.01 -47.37 -28.46
N LEU A 143 -89.42 -46.25 -27.89
CA LEU A 143 -90.68 -46.05 -27.21
C LEU A 143 -91.46 -44.93 -27.91
N TYR A 144 -92.76 -44.90 -27.64
CA TYR A 144 -93.67 -43.94 -28.26
C TYR A 144 -94.43 -43.18 -27.17
N PRO A 145 -93.80 -42.18 -26.57
CA PRO A 145 -94.47 -41.41 -25.51
C PRO A 145 -95.64 -40.60 -26.07
N GLU A 146 -96.56 -40.28 -25.17
CA GLU A 146 -97.76 -39.55 -25.55
C GLU A 146 -98.03 -38.45 -24.54
N LYS A 147 -98.44 -37.29 -25.06
CA LYS A 147 -98.80 -36.13 -24.25
C LYS A 147 -97.65 -35.73 -23.32
N ASP A 148 -96.44 -35.70 -23.86
CA ASP A 148 -95.26 -35.20 -23.15
C ASP A 148 -95.11 -35.84 -21.78
N GLU A 149 -94.87 -37.14 -21.75
CA GLU A 149 -94.73 -37.83 -20.48
C GLU A 149 -93.52 -37.26 -19.71
N PRO A 150 -93.67 -37.07 -18.40
CA PRO A 150 -92.61 -36.40 -17.64
C PRO A 150 -91.31 -37.18 -17.66
N THR A 151 -90.21 -36.42 -17.56
CA THR A 151 -88.88 -37.03 -17.63
C THR A 151 -88.65 -38.03 -16.51
N TYR A 152 -89.09 -37.70 -15.29
CA TYR A 152 -88.96 -38.66 -14.20
C TYR A 152 -89.80 -39.90 -14.47
N ILE A 153 -91.03 -39.72 -14.96
CA ILE A 153 -91.84 -40.86 -15.35
C ILE A 153 -91.14 -41.66 -16.44
N LEU A 154 -90.57 -40.95 -17.41
CA LEU A 154 -89.82 -41.59 -18.47
C LEU A 154 -88.70 -42.47 -17.92
N ASN A 155 -87.91 -41.94 -16.99
CA ASN A 155 -86.75 -42.66 -16.50
C ASN A 155 -87.17 -43.81 -15.58
N ILE A 156 -88.27 -43.64 -14.85
CA ILE A 156 -88.79 -44.74 -14.04
C ILE A 156 -89.26 -45.88 -14.94
N LYS A 157 -89.97 -45.54 -16.01
CA LYS A 157 -90.36 -46.56 -16.98
C LYS A 157 -89.13 -47.22 -17.59
N ARG A 158 -88.10 -46.44 -17.86
CA ARG A 158 -86.86 -46.99 -18.40
C ARG A 158 -86.23 -47.97 -17.44
N GLY A 159 -86.20 -47.63 -16.15
CA GLY A 159 -85.68 -48.55 -15.16
C GLY A 159 -86.50 -49.83 -15.08
N ILE A 160 -87.82 -49.70 -15.16
CA ILE A 160 -88.68 -50.88 -15.16
C ILE A 160 -88.36 -51.76 -16.36
N ILE A 161 -88.24 -51.15 -17.54
CA ILE A 161 -87.94 -51.94 -18.74
C ILE A 161 -86.59 -52.62 -18.63
N SER A 162 -85.59 -51.88 -18.15
CA SER A 162 -84.26 -52.48 -17.97
C SER A 162 -84.31 -53.66 -17.02
N ALA A 163 -85.12 -53.55 -15.96
CA ALA A 163 -85.38 -54.71 -15.13
C ALA A 163 -86.10 -55.81 -15.91
N LEU A 164 -86.91 -55.44 -16.89
CA LEU A 164 -87.69 -56.39 -17.67
C LEU A 164 -86.95 -56.93 -18.88
N LEU A 165 -85.86 -56.31 -19.30
CA LEU A 165 -85.12 -56.80 -20.45
C LEU A 165 -84.48 -58.15 -20.12
N VAL A 166 -84.69 -59.13 -20.99
CA VAL A 166 -84.17 -60.48 -20.80
C VAL A 166 -83.35 -60.85 -22.02
N PRO A 167 -82.10 -61.27 -21.87
CA PRO A 167 -81.23 -61.50 -23.02
C PRO A 167 -81.68 -62.72 -23.82
N PRO A 168 -81.34 -62.77 -25.11
CA PRO A 168 -81.65 -63.96 -25.91
C PRO A 168 -80.84 -65.17 -25.43
N GLU A 169 -81.39 -66.35 -25.69
CA GLU A 169 -80.76 -67.58 -25.25
C GLU A 169 -79.48 -67.86 -26.02
N THR A 170 -78.45 -68.28 -25.29
CA THR A 170 -77.21 -68.75 -25.90
C THR A 170 -76.65 -69.86 -25.02
N GLU A 171 -76.03 -70.84 -25.68
CA GLU A 171 -75.43 -71.96 -24.96
C GLU A 171 -73.99 -71.63 -24.60
N GLU A 172 -73.79 -70.58 -23.83
CA GLU A 172 -72.47 -70.14 -23.43
C GLU A 172 -72.54 -69.55 -22.03
N ALA A 173 -71.74 -70.10 -21.11
CA ALA A 173 -71.79 -69.66 -19.72
C ALA A 173 -71.19 -68.28 -19.52
N LYS A 174 -70.50 -67.74 -20.51
CA LYS A 174 -69.92 -66.40 -20.43
C LYS A 174 -70.27 -65.66 -21.71
N GLN A 175 -71.30 -64.82 -21.64
CA GLN A 175 -71.77 -64.07 -22.80
C GLN A 175 -71.82 -62.59 -22.41
N VAL A 176 -70.69 -61.89 -22.61
CA VAL A 176 -70.60 -60.48 -22.30
C VAL A 176 -70.75 -59.68 -23.58
N LEU A 177 -71.49 -58.58 -23.50
CA LEU A 177 -71.77 -57.77 -24.68
C LEU A 177 -72.27 -56.40 -24.25
N PHE A 178 -72.47 -55.55 -25.25
CA PHE A 178 -72.91 -54.17 -25.05
C PHE A 178 -74.43 -54.17 -24.95
N LEU A 179 -74.94 -54.02 -23.73
CA LEU A 179 -76.37 -54.02 -23.49
C LEU A 179 -76.81 -52.62 -23.06
N ASP A 180 -77.84 -52.12 -23.72
CA ASP A 180 -78.34 -50.77 -23.44
C ASP A 180 -79.27 -50.78 -22.24
N THR A 181 -78.97 -49.91 -21.28
CA THR A 181 -79.85 -49.67 -20.16
C THR A 181 -80.03 -48.16 -20.03
N VAL A 182 -80.82 -47.76 -19.03
CA VAL A 182 -80.98 -46.33 -18.74
C VAL A 182 -79.64 -45.69 -18.42
N TYR A 183 -78.67 -46.50 -17.98
CA TYR A 183 -77.36 -45.99 -17.63
C TYR A 183 -76.35 -46.11 -18.78
N GLY A 184 -76.81 -46.55 -19.96
CA GLY A 184 -75.99 -46.52 -21.14
C GLY A 184 -75.67 -47.92 -21.64
N ASN A 185 -74.71 -47.99 -22.56
CA ASN A 185 -74.20 -49.25 -23.06
C ASN A 185 -73.29 -49.82 -21.98
N CYS A 186 -73.58 -51.04 -21.55
CA CYS A 186 -72.88 -51.65 -20.45
C CYS A 186 -72.38 -53.03 -20.86
N SER A 187 -71.13 -53.33 -20.49
CA SER A 187 -70.49 -54.60 -20.85
C SER A 187 -70.98 -55.65 -19.86
N THR A 188 -72.14 -56.23 -20.15
CA THR A 188 -72.77 -57.16 -19.23
C THR A 188 -72.56 -58.59 -19.70
N HIS A 189 -72.21 -59.47 -18.76
CA HIS A 189 -71.98 -60.87 -19.04
C HIS A 189 -73.30 -61.63 -18.95
N PHE A 190 -73.25 -62.94 -19.20
CA PHE A 190 -74.45 -63.76 -19.16
C PHE A 190 -74.04 -65.17 -18.77
N THR A 191 -74.45 -65.59 -17.57
CA THR A 191 -74.14 -66.91 -17.04
C THR A 191 -75.42 -67.54 -16.53
N VAL A 192 -75.70 -68.75 -16.99
CA VAL A 192 -76.90 -69.47 -16.58
C VAL A 192 -76.57 -70.37 -15.39
N LYS A 193 -77.23 -70.11 -14.26
CA LYS A 193 -77.03 -70.95 -13.09
C LYS A 193 -77.77 -72.27 -13.21
N THR A 194 -78.97 -72.27 -13.81
CA THR A 194 -79.76 -73.48 -13.95
C THR A 194 -80.42 -73.48 -15.32
N ARG A 195 -80.03 -74.42 -16.16
CA ARG A 195 -80.60 -74.60 -17.49
C ARG A 195 -81.18 -76.00 -17.61
N LYS A 196 -82.45 -76.09 -18.00
CA LYS A 196 -83.12 -77.37 -18.22
C LYS A 196 -83.08 -77.65 -19.72
N GLY A 197 -82.25 -78.60 -20.12
CA GLY A 197 -82.08 -78.91 -21.52
C GLY A 197 -81.50 -77.76 -22.30
N ASN A 198 -82.20 -77.34 -23.36
CA ASN A 198 -81.78 -76.20 -24.16
C ASN A 198 -82.36 -74.89 -23.66
N VAL A 199 -83.11 -74.91 -22.57
CA VAL A 199 -83.80 -73.74 -22.05
C VAL A 199 -83.27 -73.44 -20.65
N ALA A 200 -82.81 -72.21 -20.46
CA ALA A 200 -82.35 -71.76 -19.15
C ALA A 200 -83.53 -71.42 -18.26
N THR A 201 -83.39 -71.71 -16.97
CA THR A 201 -84.46 -71.44 -16.01
C THR A 201 -84.04 -70.38 -15.00
N GLU A 202 -82.93 -70.61 -14.30
CA GLU A 202 -82.43 -69.66 -13.31
C GLU A 202 -81.20 -68.98 -13.88
N ILE A 203 -81.27 -67.67 -14.07
CA ILE A 203 -80.21 -66.89 -14.69
C ILE A 203 -79.81 -65.77 -13.75
N SER A 204 -78.51 -65.62 -13.53
CA SER A 204 -77.97 -64.53 -12.73
C SER A 204 -77.28 -63.55 -13.68
N THR A 205 -77.91 -62.39 -13.87
CA THR A 205 -77.37 -61.33 -14.71
C THR A 205 -76.54 -60.41 -13.82
N GLU A 206 -75.22 -60.61 -13.83
CA GLU A 206 -74.31 -59.89 -12.95
C GLU A 206 -73.46 -58.95 -13.79
N ARG A 207 -73.13 -57.79 -13.23
CA ARG A 207 -72.33 -56.84 -13.99
C ARG A 207 -71.81 -55.77 -13.03
N ASP A 208 -70.70 -55.14 -13.41
CA ASP A 208 -70.04 -54.12 -12.59
C ASP A 208 -70.31 -52.74 -13.18
N LEU A 209 -70.64 -51.79 -12.30
CA LEU A 209 -71.22 -50.53 -12.77
C LEU A 209 -70.17 -49.55 -13.30
N GLY A 210 -68.88 -49.84 -13.11
CA GLY A 210 -67.87 -48.89 -13.53
C GLY A 210 -67.49 -48.94 -14.99
N GLN A 211 -68.26 -49.64 -15.82
CA GLN A 211 -67.84 -49.95 -17.17
C GLN A 211 -68.76 -49.35 -18.23
N CYS A 212 -69.87 -48.72 -17.84
CA CYS A 212 -70.80 -48.18 -18.83
C CYS A 212 -70.29 -46.86 -19.38
N ASP A 213 -71.08 -46.22 -20.23
CA ASP A 213 -70.70 -44.93 -20.80
C ASP A 213 -70.86 -43.82 -19.78
N ARG A 214 -71.95 -43.86 -19.01
CA ARG A 214 -72.32 -42.74 -18.16
C ARG A 214 -71.64 -42.78 -16.80
N PHE A 215 -70.33 -43.00 -16.75
CA PHE A 215 -69.65 -43.02 -15.46
C PHE A 215 -69.30 -41.63 -14.96
N LYS A 216 -69.35 -40.63 -15.83
CA LYS A 216 -69.01 -39.27 -15.41
C LYS A 216 -70.05 -38.74 -14.43
N PRO A 217 -69.62 -38.06 -13.38
CA PRO A 217 -70.58 -37.37 -12.51
C PRO A 217 -71.30 -36.28 -13.27
N ILE A 218 -72.61 -36.23 -13.09
CA ILE A 218 -73.42 -35.25 -13.82
C ILE A 218 -73.04 -33.85 -13.35
N ARG A 219 -72.85 -32.94 -14.31
CA ARG A 219 -72.51 -31.56 -13.99
C ARG A 219 -73.67 -30.95 -13.20
N THR A 220 -73.46 -30.72 -11.91
CA THR A 220 -74.51 -30.21 -11.05
C THR A 220 -74.22 -28.77 -10.63
N GLY A 221 -75.17 -28.15 -9.93
CA GLY A 221 -74.96 -26.80 -9.42
C GLY A 221 -73.83 -26.75 -8.43
N ILE A 222 -72.84 -25.90 -8.69
CA ILE A 222 -71.65 -25.81 -7.86
C ILE A 222 -71.47 -24.37 -7.40
N SER A 223 -71.06 -24.18 -6.15
CA SER A 223 -70.76 -22.81 -5.75
C SER A 223 -69.50 -22.34 -6.45
N PRO A 224 -69.58 -21.29 -7.25
CA PRO A 224 -68.38 -20.81 -7.95
C PRO A 224 -67.29 -20.32 -7.00
N LEU A 225 -67.65 -20.00 -5.76
CA LEU A 225 -66.70 -19.47 -4.80
C LEU A 225 -65.76 -20.52 -4.24
N ALA A 226 -66.18 -21.79 -4.19
CA ALA A 226 -65.28 -22.87 -3.82
C ALA A 226 -64.32 -23.12 -4.98
N LEU A 227 -63.03 -22.88 -4.75
CA LEU A 227 -62.02 -22.99 -5.80
C LEU A 227 -61.55 -24.41 -6.04
N ILE A 228 -62.17 -25.41 -5.42
CA ILE A 228 -61.77 -26.81 -5.59
C ILE A 228 -62.39 -27.31 -6.89
N LYS A 229 -61.54 -27.75 -7.82
CA LYS A 229 -61.98 -28.14 -9.15
C LYS A 229 -61.30 -29.44 -9.58
N GLY A 230 -62.03 -30.25 -10.33
CA GLY A 230 -61.47 -31.42 -10.98
C GLY A 230 -60.98 -32.51 -10.06
N MET A 231 -61.34 -32.49 -8.77
CA MET A 231 -60.87 -33.47 -7.81
C MET A 231 -61.78 -34.70 -7.77
N THR A 232 -62.72 -34.77 -8.71
CA THR A 232 -63.74 -35.81 -8.70
C THR A 232 -63.20 -37.22 -8.99
N ARG A 233 -62.08 -37.33 -9.71
CA ARG A 233 -61.61 -38.66 -10.12
C ARG A 233 -61.24 -39.55 -8.95
N PRO A 234 -60.41 -39.14 -7.99
CA PRO A 234 -60.12 -40.04 -6.86
C PRO A 234 -61.38 -40.40 -6.09
N LEU A 235 -62.32 -39.49 -5.97
CA LEU A 235 -63.57 -39.78 -5.27
C LEU A 235 -64.39 -40.84 -6.01
N SER A 236 -64.47 -40.73 -7.35
CA SER A 236 -65.07 -41.79 -8.14
C SER A 236 -64.38 -43.12 -7.91
N THR A 237 -63.05 -43.09 -7.75
CA THR A 237 -62.34 -44.30 -7.36
C THR A 237 -62.79 -44.77 -5.97
N LEU A 238 -63.16 -43.83 -5.10
CA LEU A 238 -63.60 -44.13 -3.74
C LEU A 238 -65.01 -44.73 -3.71
N ILE A 239 -65.54 -45.08 -4.87
CA ILE A 239 -66.93 -45.51 -5.01
C ILE A 239 -66.95 -46.89 -5.65
N SER A 240 -67.72 -47.80 -5.06
CA SER A 240 -67.87 -49.15 -5.55
C SER A 240 -69.34 -49.51 -5.58
N SER A 241 -69.76 -50.20 -6.64
CA SER A 241 -71.15 -50.60 -6.81
C SER A 241 -71.26 -51.54 -7.99
N SER A 242 -72.15 -52.53 -7.87
CA SER A 242 -72.35 -53.51 -8.92
C SER A 242 -73.75 -54.10 -8.81
N GLN A 243 -74.25 -54.64 -9.91
CA GLN A 243 -75.62 -55.12 -9.99
C GLN A 243 -75.68 -56.62 -10.25
N SER A 244 -76.71 -57.26 -9.69
CA SER A 244 -77.03 -58.65 -10.01
C SER A 244 -78.54 -58.83 -10.00
N CYS A 245 -79.06 -59.40 -11.08
CA CYS A 245 -80.47 -59.75 -11.21
C CYS A 245 -80.62 -61.27 -11.18
N GLN A 246 -81.72 -61.74 -10.60
CA GLN A 246 -81.99 -63.16 -10.45
C GLN A 246 -83.31 -63.46 -11.15
N TYR A 247 -83.24 -64.08 -12.33
CA TYR A 247 -84.39 -64.28 -13.20
C TYR A 247 -84.78 -65.75 -13.24
N THR A 248 -86.09 -66.00 -13.10
CA THR A 248 -86.65 -67.33 -13.21
C THR A 248 -87.52 -67.38 -14.47
N LEU A 249 -87.21 -68.32 -15.35
CA LEU A 249 -87.92 -68.47 -16.62
C LEU A 249 -88.68 -69.79 -16.63
N ASP A 250 -89.35 -70.06 -17.75
CA ASP A 250 -90.09 -71.29 -17.93
C ASP A 250 -90.05 -71.71 -19.39
N ALA A 251 -89.83 -72.99 -19.63
CA ALA A 251 -89.82 -73.54 -20.99
C ALA A 251 -91.21 -73.96 -21.44
N LYS A 252 -92.20 -73.10 -21.24
CA LYS A 252 -93.54 -73.36 -21.76
C LYS A 252 -93.95 -72.25 -22.72
N ARG A 253 -93.83 -71.00 -22.26
CA ARG A 253 -94.12 -69.83 -23.06
C ARG A 253 -92.97 -68.83 -23.02
N LYS A 254 -91.80 -69.25 -22.53
CA LYS A 254 -90.64 -68.39 -22.34
C LYS A 254 -90.94 -67.24 -21.38
N HIS A 255 -92.01 -67.38 -20.61
CA HIS A 255 -92.46 -66.33 -19.70
C HIS A 255 -91.59 -66.29 -18.45
N VAL A 256 -91.46 -65.10 -17.88
CA VAL A 256 -90.69 -64.89 -16.67
C VAL A 256 -91.62 -65.06 -15.47
N ALA A 257 -91.28 -65.99 -14.59
CA ALA A 257 -92.06 -66.18 -13.37
C ALA A 257 -91.61 -65.20 -12.29
N GLU A 258 -90.32 -65.18 -11.99
CA GLU A 258 -89.79 -64.37 -10.91
C GLU A 258 -88.54 -63.62 -11.35
N ALA A 259 -88.43 -62.39 -10.87
CA ALA A 259 -87.25 -61.57 -11.09
C ALA A 259 -86.82 -60.94 -9.78
N ILE A 260 -85.54 -61.08 -9.46
CA ILE A 260 -84.96 -60.51 -8.23
C ILE A 260 -83.72 -59.73 -8.63
N CYS A 261 -83.75 -58.41 -8.46
CA CYS A 261 -82.62 -57.56 -8.80
C CYS A 261 -82.18 -56.77 -7.58
N LYS A 262 -80.86 -56.68 -7.40
CA LYS A 262 -80.29 -55.98 -6.27
C LYS A 262 -79.08 -55.17 -6.71
N GLU A 263 -78.97 -53.95 -6.20
CA GLU A 263 -77.84 -53.08 -6.41
C GLU A 263 -77.20 -52.77 -5.07
N GLN A 264 -75.88 -52.91 -5.01
CA GLN A 264 -75.12 -52.69 -3.78
C GLN A 264 -73.96 -51.77 -4.06
N HIS A 265 -74.03 -50.55 -3.55
CA HIS A 265 -72.89 -49.65 -3.54
C HIS A 265 -72.20 -49.70 -2.19
N LEU A 266 -70.88 -49.54 -2.21
CA LEU A 266 -70.09 -49.37 -1.00
C LEU A 266 -69.22 -48.13 -1.11
N PHE A 267 -69.35 -47.25 -0.12
CA PHE A 267 -68.49 -46.09 0.03
C PHE A 267 -67.38 -46.42 1.01
N LEU A 268 -66.14 -46.35 0.54
CA LEU A 268 -64.97 -46.81 1.26
C LEU A 268 -64.46 -45.82 2.32
N PRO A 269 -64.14 -44.57 1.97
CA PRO A 269 -63.24 -43.78 2.81
C PRO A 269 -63.83 -43.39 4.15
N PHE A 270 -62.95 -42.84 4.99
CA PHE A 270 -63.30 -42.27 6.29
C PHE A 270 -64.08 -43.27 7.15
N SER A 271 -63.71 -44.53 7.02
CA SER A 271 -63.95 -45.56 8.01
C SER A 271 -62.59 -46.19 8.26
N TYR A 272 -62.56 -47.32 8.96
CA TYR A 272 -61.28 -47.92 9.29
C TYR A 272 -61.26 -49.36 8.80
N LYS A 273 -60.07 -49.78 8.37
CA LYS A 273 -59.81 -51.07 7.74
C LYS A 273 -60.62 -51.26 6.46
N ASN A 274 -60.94 -50.15 5.77
CA ASN A 274 -61.66 -50.09 4.48
C ASN A 274 -62.73 -51.17 4.35
N LYS A 275 -63.49 -51.41 5.43
CA LYS A 275 -64.61 -52.34 5.40
C LYS A 275 -65.85 -51.85 6.13
N TYR A 276 -65.75 -50.92 7.08
CA TYR A 276 -66.90 -50.44 7.84
C TYR A 276 -67.47 -49.15 7.27
N GLY A 277 -67.22 -48.87 5.99
CA GLY A 277 -67.76 -47.69 5.35
C GLY A 277 -69.26 -47.78 5.15
N MET A 278 -69.75 -46.95 4.23
CA MET A 278 -71.17 -46.88 3.99
C MET A 278 -71.60 -47.95 2.98
N VAL A 279 -72.82 -48.46 3.17
CA VAL A 279 -73.39 -49.48 2.30
C VAL A 279 -74.76 -49.02 1.83
N ALA A 280 -75.07 -49.29 0.56
CA ALA A 280 -76.35 -48.91 -0.03
C ALA A 280 -76.92 -50.09 -0.78
N GLN A 281 -78.16 -50.47 -0.45
CA GLN A 281 -78.84 -51.58 -1.09
C GLN A 281 -80.13 -51.09 -1.74
N VAL A 282 -80.38 -51.58 -2.95
CA VAL A 282 -81.62 -51.33 -3.68
C VAL A 282 -82.13 -52.67 -4.17
N THR A 283 -83.26 -53.11 -3.63
CA THR A 283 -83.80 -54.42 -3.94
C THR A 283 -85.17 -54.27 -4.60
N GLN A 284 -85.35 -54.92 -5.74
CA GLN A 284 -86.62 -54.93 -6.44
C GLN A 284 -86.96 -56.36 -6.85
N THR A 285 -88.25 -56.66 -6.84
CA THR A 285 -88.75 -57.99 -7.13
C THR A 285 -89.97 -57.91 -8.03
N LEU A 286 -90.14 -58.92 -8.88
CA LEU A 286 -91.26 -59.01 -9.81
C LEU A 286 -91.81 -60.43 -9.77
N LYS A 287 -93.08 -60.55 -9.38
CA LYS A 287 -93.81 -61.81 -9.37
C LYS A 287 -94.81 -61.81 -10.51
N LEU A 288 -94.83 -62.86 -11.31
CA LEU A 288 -95.88 -63.04 -12.29
C LEU A 288 -97.12 -63.54 -11.58
N GLU A 289 -98.22 -62.80 -11.71
CA GLU A 289 -99.45 -63.10 -10.98
C GLU A 289 -100.50 -63.75 -11.88
N ASP A 290 -100.67 -63.25 -13.09
CA ASP A 290 -101.60 -63.82 -14.05
C ASP A 290 -101.13 -63.45 -15.45
N THR A 291 -101.66 -64.19 -16.43
CA THR A 291 -101.37 -63.90 -17.84
C THR A 291 -102.57 -64.32 -18.68
N PRO A 292 -103.67 -63.57 -18.61
CA PRO A 292 -104.83 -63.88 -19.45
C PRO A 292 -104.53 -63.67 -20.92
N LYS A 293 -105.21 -64.46 -21.73
CA LYS A 293 -105.13 -64.36 -23.19
C LYS A 293 -105.87 -63.12 -23.64
N ILE A 294 -105.24 -62.34 -24.52
CA ILE A 294 -105.90 -61.17 -25.09
C ILE A 294 -106.00 -61.37 -26.59
N ASN A 295 -106.80 -60.54 -27.26
CA ASN A 295 -106.99 -60.68 -28.70
C ASN A 295 -107.07 -59.27 -29.30
N SER A 296 -105.94 -58.77 -29.78
CA SER A 296 -105.86 -57.45 -30.39
C SER A 296 -104.74 -57.44 -31.40
N ARG A 297 -105.08 -57.48 -32.68
CA ARG A 297 -104.07 -57.41 -33.73
C ARG A 297 -103.81 -55.95 -34.12
N PHE A 298 -103.27 -55.18 -33.19
CA PHE A 298 -103.01 -53.77 -33.41
C PHE A 298 -101.96 -53.29 -32.41
N PHE A 299 -100.99 -52.54 -32.92
CA PHE A 299 -99.98 -51.90 -32.09
C PHE A 299 -99.89 -50.44 -32.49
N GLY A 300 -100.23 -49.55 -31.57
CA GLY A 300 -100.16 -48.12 -31.85
C GLY A 300 -98.79 -47.54 -31.53
N GLU A 301 -98.46 -46.46 -32.22
CA GLU A 301 -97.22 -45.74 -31.99
C GLU A 301 -97.49 -44.24 -31.93
N GLY A 302 -96.86 -43.59 -30.96
CA GLY A 302 -97.01 -42.17 -30.76
C GLY A 302 -96.08 -41.37 -31.65
N THR A 303 -96.10 -40.05 -31.46
CA THR A 303 -95.36 -39.12 -32.30
C THR A 303 -93.87 -39.06 -31.96
N LYS A 304 -93.45 -39.71 -30.88
CA LYS A 304 -92.08 -39.64 -30.42
C LYS A 304 -91.44 -41.03 -30.49
N LYS A 305 -90.23 -41.08 -31.05
CA LYS A 305 -89.50 -42.34 -31.23
C LYS A 305 -88.26 -42.24 -30.36
N MET A 306 -88.38 -42.68 -29.11
CA MET A 306 -87.36 -42.39 -28.12
C MET A 306 -86.50 -43.62 -27.82
N GLY A 307 -85.20 -43.39 -27.69
CA GLY A 307 -84.27 -44.44 -27.31
C GLY A 307 -84.24 -44.66 -25.81
N LEU A 308 -83.26 -45.46 -25.39
CA LEU A 308 -83.04 -45.77 -23.98
C LEU A 308 -81.91 -44.91 -23.40
N ALA A 309 -81.82 -43.66 -23.85
CA ALA A 309 -80.84 -42.73 -23.30
C ALA A 309 -81.35 -42.16 -21.98
N PHE A 310 -80.72 -41.10 -21.49
CA PHE A 310 -81.22 -40.38 -20.32
C PHE A 310 -81.22 -38.91 -20.68
N GLU A 311 -82.19 -38.16 -20.18
CA GLU A 311 -82.30 -36.74 -20.49
C GLU A 311 -82.04 -35.93 -19.23
N SER A 312 -81.66 -34.67 -19.40
CA SER A 312 -81.41 -33.80 -18.27
C SER A 312 -82.67 -33.69 -17.43
N THR A 313 -82.50 -33.73 -16.11
CA THR A 313 -83.60 -33.66 -15.16
C THR A 313 -83.16 -32.78 -14.00
N LYS A 314 -83.95 -31.75 -13.72
CA LYS A 314 -83.58 -30.77 -12.71
C LYS A 314 -84.05 -31.23 -11.33
N SER A 315 -83.22 -30.98 -10.33
CA SER A 315 -83.59 -31.24 -8.94
C SER A 315 -84.88 -30.49 -8.63
N THR A 316 -85.96 -31.22 -8.42
CA THR A 316 -87.29 -30.63 -8.28
C THR A 316 -87.82 -30.95 -6.89
N SER A 317 -88.55 -30.00 -6.30
CA SER A 317 -89.12 -30.13 -4.98
C SER A 317 -90.43 -29.38 -4.88
N PRO A 318 -91.35 -29.85 -4.04
CA PRO A 318 -92.60 -29.11 -3.82
C PRO A 318 -92.31 -27.75 -3.21
N PRO A 319 -92.95 -26.70 -3.72
CA PRO A 319 -92.72 -25.35 -3.17
C PRO A 319 -93.16 -25.21 -1.73
N LYS A 320 -94.06 -26.07 -1.27
CA LYS A 320 -94.64 -25.91 0.06
C LYS A 320 -93.56 -25.97 1.13
N GLN A 321 -92.60 -26.88 0.97
CA GLN A 321 -91.54 -27.02 1.95
C GLN A 321 -90.68 -25.76 2.03
N ALA A 322 -90.63 -24.99 0.94
CA ALA A 322 -89.91 -23.72 0.97
C ALA A 322 -90.45 -22.80 2.06
N GLU A 323 -91.73 -22.96 2.41
CA GLU A 323 -92.29 -22.21 3.51
C GLU A 323 -91.54 -22.47 4.81
N ALA A 324 -91.23 -23.73 5.07
CA ALA A 324 -90.38 -24.04 6.23
C ALA A 324 -89.06 -23.30 6.14
N VAL A 325 -88.52 -23.18 4.92
CA VAL A 325 -87.34 -22.34 4.69
C VAL A 325 -87.47 -21.04 5.47
N LEU A 326 -88.61 -20.39 5.32
CA LEU A 326 -88.84 -19.11 5.98
C LEU A 326 -88.75 -19.25 7.49
N LYS A 327 -89.51 -20.20 8.07
CA LYS A 327 -89.41 -20.39 9.50
C LYS A 327 -88.01 -20.82 9.87
N THR A 328 -87.32 -21.48 8.95
CA THR A 328 -85.92 -21.79 9.13
C THR A 328 -85.11 -20.52 9.35
N LEU A 329 -85.29 -19.54 8.45
CA LEU A 329 -84.68 -18.24 8.68
C LEU A 329 -85.17 -17.65 10.00
N GLN A 330 -86.43 -17.89 10.33
CA GLN A 330 -86.92 -17.51 11.65
C GLN A 330 -86.02 -18.06 12.74
N GLU A 331 -85.65 -19.34 12.64
CA GLU A 331 -84.70 -19.91 13.58
C GLU A 331 -83.46 -19.03 13.68
N LEU A 332 -82.90 -18.66 12.52
CA LEU A 332 -81.78 -17.72 12.50
C LEU A 332 -82.11 -16.45 13.25
N LYS A 333 -83.27 -15.86 12.96
CA LYS A 333 -83.72 -14.70 13.72
C LYS A 333 -83.73 -14.99 15.20
N LYS A 334 -84.22 -16.17 15.60
CA LYS A 334 -84.10 -16.60 16.98
C LYS A 334 -82.66 -16.79 17.42
N LEU A 335 -81.84 -17.41 16.57
CA LEU A 335 -80.52 -17.86 16.99
C LEU A 335 -79.65 -16.71 17.46
N THR A 336 -79.68 -15.59 16.74
CA THR A 336 -78.87 -14.46 17.17
C THR A 336 -79.25 -14.00 18.56
N ILE A 337 -80.53 -14.00 18.91
CA ILE A 337 -80.91 -13.80 20.31
C ILE A 337 -80.56 -15.03 21.14
N SER A 338 -80.76 -16.23 20.60
CA SER A 338 -80.28 -17.43 21.25
C SER A 338 -78.77 -17.45 21.40
N GLU A 339 -78.06 -16.65 20.62
CA GLU A 339 -76.61 -16.49 20.75
C GLU A 339 -75.89 -17.81 20.54
N GLN A 340 -76.41 -18.62 19.63
CA GLN A 340 -75.83 -19.93 19.33
C GLN A 340 -75.37 -19.96 17.88
N ASN A 341 -74.16 -20.46 17.67
CA ASN A 341 -73.52 -20.42 16.36
C ASN A 341 -73.14 -21.84 15.96
N ILE A 342 -73.36 -22.79 16.87
CA ILE A 342 -72.97 -24.16 16.62
C ILE A 342 -73.58 -24.67 15.32
N GLN A 343 -74.92 -24.74 15.27
CA GLN A 343 -75.62 -25.36 14.16
C GLN A 343 -76.16 -24.29 13.22
N ARG A 344 -75.25 -23.59 12.54
CA ARG A 344 -75.69 -22.56 11.59
C ARG A 344 -75.29 -22.88 10.16
N ALA A 345 -74.02 -23.16 9.92
CA ALA A 345 -73.59 -23.48 8.57
C ALA A 345 -74.35 -24.69 8.04
N ASN A 346 -74.71 -25.62 8.93
CA ASN A 346 -75.49 -26.77 8.53
C ASN A 346 -76.81 -26.35 7.91
N LEU A 347 -77.58 -25.52 8.59
CA LEU A 347 -78.84 -25.10 8.00
C LEU A 347 -78.59 -24.27 6.76
N PHE A 348 -77.54 -23.46 6.76
CA PHE A 348 -77.23 -22.69 5.57
C PHE A 348 -77.10 -23.59 4.35
N ASN A 349 -76.30 -24.63 4.46
CA ASN A 349 -76.05 -25.49 3.31
C ASN A 349 -77.28 -26.30 2.97
N LYS A 350 -77.98 -26.82 3.98
CA LYS A 350 -79.18 -27.58 3.71
C LYS A 350 -80.22 -26.73 3.01
N LEU A 351 -80.31 -25.47 3.41
CA LEU A 351 -81.30 -24.57 2.85
C LEU A 351 -80.97 -24.22 1.42
N VAL A 352 -79.71 -23.87 1.15
CA VAL A 352 -79.35 -23.62 -0.23
C VAL A 352 -79.46 -24.88 -1.05
N THR A 353 -79.33 -26.04 -0.42
CA THR A 353 -79.55 -27.31 -1.09
C THR A 353 -80.99 -27.43 -1.54
N GLU A 354 -81.91 -27.29 -0.59
CA GLU A 354 -83.32 -27.25 -0.91
C GLU A 354 -83.61 -26.22 -2.00
N LEU A 355 -82.94 -25.06 -1.92
CA LEU A 355 -83.03 -24.06 -2.96
C LEU A 355 -82.69 -24.63 -4.33
N ARG A 356 -81.54 -25.29 -4.44
CA ARG A 356 -81.19 -25.88 -5.71
C ARG A 356 -82.12 -27.03 -6.08
N GLY A 357 -82.91 -27.50 -5.12
CA GLY A 357 -84.03 -28.35 -5.45
C GLY A 357 -85.28 -27.62 -5.91
N LEU A 358 -85.29 -26.28 -5.83
CA LEU A 358 -86.47 -25.48 -6.12
C LEU A 358 -86.55 -25.00 -7.56
N SER A 359 -87.41 -23.99 -7.80
CA SER A 359 -87.76 -23.52 -9.14
C SER A 359 -87.46 -22.03 -9.28
N ASP A 360 -87.97 -21.41 -10.36
CA ASP A 360 -87.66 -20.01 -10.62
C ASP A 360 -88.82 -19.07 -10.27
N GLU A 361 -90.00 -19.34 -10.83
CA GLU A 361 -91.14 -18.44 -10.62
C GLU A 361 -91.59 -18.45 -9.17
N ALA A 362 -91.59 -19.62 -8.53
CA ALA A 362 -91.92 -19.68 -7.12
C ALA A 362 -90.94 -18.84 -6.31
N VAL A 363 -89.65 -18.94 -6.64
CA VAL A 363 -88.64 -18.18 -5.91
C VAL A 363 -88.83 -16.69 -6.13
N THR A 364 -89.12 -16.28 -7.35
CA THR A 364 -89.34 -14.85 -7.57
C THR A 364 -90.61 -14.38 -6.87
N SER A 365 -91.58 -15.27 -6.69
CA SER A 365 -92.76 -14.92 -5.92
C SER A 365 -92.44 -14.74 -4.44
N LEU A 366 -91.61 -15.62 -3.88
CA LEU A 366 -91.35 -15.61 -2.45
C LEU A 366 -90.24 -14.65 -2.04
N LEU A 367 -89.40 -14.22 -2.97
CA LEU A 367 -88.26 -13.39 -2.59
C LEU A 367 -88.62 -12.13 -1.83
N PRO A 368 -89.70 -11.41 -2.13
CA PRO A 368 -90.01 -10.22 -1.31
C PRO A 368 -90.15 -10.55 0.15
N GLN A 369 -90.65 -11.75 0.47
CA GLN A 369 -90.73 -12.16 1.87
C GLN A 369 -89.35 -12.24 2.48
N LEU A 370 -88.41 -12.88 1.76
CA LEU A 370 -87.06 -12.99 2.26
C LEU A 370 -86.42 -11.62 2.42
N ILE A 371 -86.78 -10.69 1.53
CA ILE A 371 -86.26 -9.33 1.61
C ILE A 371 -86.78 -8.64 2.86
N GLU A 372 -88.09 -8.70 3.08
CA GLU A 372 -88.67 -7.99 4.21
C GLU A 372 -88.20 -8.57 5.53
N VAL A 373 -87.89 -9.87 5.55
CA VAL A 373 -87.47 -10.47 6.81
C VAL A 373 -85.97 -10.30 7.03
N SER A 374 -85.19 -10.43 5.96
CA SER A 374 -83.74 -10.41 6.09
C SER A 374 -83.10 -9.73 4.89
N SER A 375 -81.78 -9.57 4.95
CA SER A 375 -81.05 -8.92 3.88
C SER A 375 -79.61 -9.40 3.80
N PRO A 376 -78.80 -9.30 4.87
CA PRO A 376 -77.44 -9.86 4.76
C PRO A 376 -77.45 -11.35 4.53
N ILE A 377 -78.43 -12.05 5.09
CA ILE A 377 -78.60 -13.47 4.83
C ILE A 377 -78.92 -13.70 3.37
N THR A 378 -79.79 -12.85 2.80
CA THR A 378 -80.08 -12.93 1.39
C THR A 378 -78.83 -12.73 0.56
N LEU A 379 -77.98 -11.78 0.97
CA LEU A 379 -76.70 -11.60 0.33
C LEU A 379 -75.87 -12.87 0.36
N GLN A 380 -75.77 -13.48 1.55
CA GLN A 380 -75.02 -14.72 1.69
C GLN A 380 -75.54 -15.78 0.73
N ALA A 381 -76.86 -15.97 0.71
CA ALA A 381 -77.43 -17.00 -0.14
C ALA A 381 -77.19 -16.73 -1.62
N LEU A 382 -77.41 -15.48 -2.05
CA LEU A 382 -77.21 -15.14 -3.45
C LEU A 382 -75.76 -15.32 -3.87
N VAL A 383 -74.82 -14.88 -3.04
CA VAL A 383 -73.42 -15.01 -3.40
C VAL A 383 -72.95 -16.45 -3.35
N GLN A 384 -73.53 -17.26 -2.48
CA GLN A 384 -73.18 -18.67 -2.36
C GLN A 384 -74.11 -19.53 -3.20
N CYS A 385 -74.59 -18.97 -4.31
CA CYS A 385 -75.50 -19.67 -5.19
C CYS A 385 -74.86 -19.86 -6.55
N GLY A 386 -74.83 -21.11 -7.02
CA GLY A 386 -74.27 -21.42 -8.32
C GLY A 386 -75.37 -21.68 -9.34
N GLN A 387 -76.42 -20.87 -9.30
CA GLN A 387 -77.56 -21.06 -10.17
C GLN A 387 -77.87 -19.78 -10.92
N PRO A 388 -78.28 -19.89 -12.18
CA PRO A 388 -78.63 -18.69 -12.96
C PRO A 388 -79.77 -17.89 -12.35
N GLN A 389 -80.69 -18.57 -11.64
CA GLN A 389 -81.83 -17.87 -11.06
C GLN A 389 -81.41 -16.91 -9.95
N CYS A 390 -80.37 -17.24 -9.19
CA CYS A 390 -79.90 -16.32 -8.16
C CYS A 390 -79.35 -15.04 -8.78
N SER A 391 -78.57 -15.18 -9.86
CA SER A 391 -78.12 -14.00 -10.60
C SER A 391 -79.30 -13.23 -11.16
N THR A 392 -80.32 -13.95 -11.64
CA THR A 392 -81.53 -13.30 -12.13
C THR A 392 -82.15 -12.45 -11.03
N HIS A 393 -82.18 -12.97 -9.81
CA HIS A 393 -82.85 -12.31 -8.69
C HIS A 393 -81.99 -11.23 -8.05
N ILE A 394 -80.69 -11.21 -8.34
CA ILE A 394 -79.86 -10.07 -7.97
C ILE A 394 -80.55 -8.77 -8.39
N LEU A 395 -81.25 -8.81 -9.51
CA LEU A 395 -81.88 -7.61 -10.06
C LEU A 395 -83.00 -7.11 -9.16
N GLN A 396 -83.92 -8.00 -8.76
CA GLN A 396 -84.89 -7.65 -7.73
C GLN A 396 -84.23 -7.19 -6.44
N TRP A 397 -83.13 -7.84 -6.05
CA TRP A 397 -82.43 -7.37 -4.86
C TRP A 397 -82.05 -5.90 -4.99
N LEU A 398 -81.45 -5.55 -6.13
CA LEU A 398 -81.04 -4.17 -6.36
C LEU A 398 -82.23 -3.23 -6.33
N LYS A 399 -83.30 -3.59 -7.03
CA LYS A 399 -84.43 -2.68 -7.10
C LYS A 399 -85.26 -2.67 -5.82
N ARG A 400 -85.03 -3.60 -4.91
CA ARG A 400 -85.76 -3.59 -3.65
C ARG A 400 -84.95 -2.94 -2.54
N VAL A 401 -83.63 -2.93 -2.64
CA VAL A 401 -82.84 -2.11 -1.73
C VAL A 401 -82.84 -0.66 -2.15
N HIS A 402 -83.34 -0.35 -3.34
CA HIS A 402 -83.41 1.02 -3.86
C HIS A 402 -82.02 1.64 -3.88
N ALA A 403 -81.11 1.05 -4.66
CA ALA A 403 -79.72 1.47 -4.69
C ALA A 403 -79.57 2.72 -5.55
N ASN A 404 -78.33 3.17 -5.70
CA ASN A 404 -78.06 4.38 -6.46
C ASN A 404 -78.16 4.11 -7.95
N PRO A 405 -78.79 5.02 -8.71
CA PRO A 405 -79.01 4.75 -10.14
C PRO A 405 -77.74 4.52 -10.93
N LEU A 406 -76.64 5.21 -10.62
CA LEU A 406 -75.41 4.97 -11.35
C LEU A 406 -74.92 3.55 -11.15
N LEU A 407 -74.98 3.06 -9.91
CA LEU A 407 -74.52 1.71 -9.63
C LEU A 407 -75.38 0.67 -10.33
N ILE A 408 -76.69 0.87 -10.31
CA ILE A 408 -77.58 -0.11 -10.94
C ILE A 408 -77.39 -0.11 -12.45
N ASP A 409 -77.14 1.07 -13.04
CA ASP A 409 -76.86 1.10 -14.47
C ASP A 409 -75.52 0.44 -14.79
N VAL A 410 -74.54 0.62 -13.91
CA VAL A 410 -73.24 -0.03 -14.10
C VAL A 410 -73.39 -1.54 -14.09
N VAL A 411 -74.10 -2.08 -13.11
CA VAL A 411 -74.29 -3.52 -13.05
C VAL A 411 -75.15 -3.98 -14.22
N THR A 412 -76.11 -3.15 -14.63
CA THR A 412 -76.90 -3.45 -15.82
C THR A 412 -75.99 -3.67 -17.02
N TYR A 413 -75.06 -2.77 -17.26
CA TYR A 413 -74.10 -2.99 -18.32
C TYR A 413 -73.26 -4.24 -18.10
N LEU A 414 -72.68 -4.42 -16.91
CA LEU A 414 -71.73 -5.50 -16.76
C LEU A 414 -72.39 -6.87 -16.89
N VAL A 415 -73.67 -6.97 -16.60
CA VAL A 415 -74.35 -8.23 -16.85
C VAL A 415 -74.90 -8.26 -18.27
N ALA A 416 -75.07 -7.10 -18.90
CA ALA A 416 -75.61 -7.06 -20.25
C ALA A 416 -74.69 -7.76 -21.24
N LEU A 417 -73.39 -7.79 -20.97
CA LEU A 417 -72.44 -8.46 -21.83
C LEU A 417 -72.41 -9.98 -21.64
N ILE A 418 -73.09 -10.49 -20.63
CA ILE A 418 -73.12 -11.94 -20.41
C ILE A 418 -73.91 -12.60 -21.54
N PRO A 419 -73.34 -13.63 -22.18
CA PRO A 419 -74.02 -14.23 -23.34
C PRO A 419 -75.22 -15.07 -22.94
N GLU A 420 -75.77 -15.81 -23.92
CA GLU A 420 -76.93 -16.71 -23.81
C GLU A 420 -78.04 -16.08 -23.00
N PRO A 421 -78.72 -15.07 -23.55
CA PRO A 421 -79.82 -14.43 -22.81
C PRO A 421 -81.00 -15.35 -22.59
N SER A 422 -81.74 -15.13 -21.49
CA SER A 422 -82.94 -15.88 -21.20
C SER A 422 -84.11 -14.92 -21.09
N ALA A 423 -85.31 -15.43 -21.39
CA ALA A 423 -86.50 -14.58 -21.36
C ALA A 423 -86.70 -13.94 -20.00
N GLN A 424 -86.35 -14.68 -18.93
CA GLN A 424 -86.47 -14.11 -17.59
C GLN A 424 -85.64 -12.84 -17.45
N GLN A 425 -84.35 -12.92 -17.76
CA GLN A 425 -83.48 -11.76 -17.70
C GLN A 425 -84.07 -10.61 -18.51
N LEU A 426 -84.62 -10.95 -19.68
CA LEU A 426 -85.29 -9.96 -20.51
C LEU A 426 -86.42 -9.30 -19.73
N ARG A 427 -87.13 -10.07 -18.92
CA ARG A 427 -88.25 -9.51 -18.18
C ARG A 427 -87.78 -8.57 -17.08
N GLU A 428 -86.75 -8.97 -16.32
CA GLU A 428 -86.26 -8.02 -15.32
C GLU A 428 -85.74 -6.75 -15.96
N ILE A 429 -84.99 -6.88 -17.06
CA ILE A 429 -84.41 -5.67 -17.65
C ILE A 429 -85.51 -4.79 -18.22
N PHE A 430 -86.57 -5.40 -18.76
CA PHE A 430 -87.75 -4.64 -19.15
C PHE A 430 -88.35 -3.89 -17.98
N ASN A 431 -88.48 -4.57 -16.83
CA ASN A 431 -89.05 -3.92 -15.64
C ASN A 431 -88.21 -2.72 -15.23
N MET A 432 -86.91 -2.92 -15.08
CA MET A 432 -86.08 -1.82 -14.56
C MET A 432 -85.91 -0.72 -15.59
N ALA A 433 -85.97 -1.05 -16.88
CA ALA A 433 -86.05 0.00 -17.88
C ALA A 433 -87.29 0.86 -17.68
N ARG A 434 -88.44 0.21 -17.50
CA ARG A 434 -89.67 0.97 -17.28
C ARG A 434 -89.64 1.74 -15.96
N ASP A 435 -88.92 1.24 -14.96
CA ASP A 435 -88.86 1.91 -13.67
C ASP A 435 -87.90 3.10 -13.65
N GLN A 436 -86.73 2.97 -14.27
CA GLN A 436 -85.72 4.03 -14.28
C GLN A 436 -85.76 4.86 -15.55
N ARG A 437 -85.86 4.21 -16.71
CA ARG A 437 -85.86 4.90 -18.00
C ARG A 437 -84.61 5.76 -18.16
N SER A 438 -83.46 5.19 -17.79
CA SER A 438 -82.18 5.85 -17.96
C SER A 438 -81.53 5.41 -19.26
N ARG A 439 -80.29 5.84 -19.50
CA ARG A 439 -79.59 5.59 -20.75
C ARG A 439 -78.95 4.21 -20.81
N ALA A 440 -78.06 3.91 -19.85
CA ALA A 440 -77.33 2.65 -19.86
C ALA A 440 -78.29 1.47 -19.79
N THR A 441 -79.38 1.61 -19.02
CA THR A 441 -80.38 0.55 -18.98
C THR A 441 -80.90 0.25 -20.38
N LEU A 442 -81.35 1.28 -21.11
CA LEU A 442 -81.93 1.06 -22.42
C LEU A 442 -80.90 0.53 -23.42
N TYR A 443 -79.65 1.00 -23.31
CA TYR A 443 -78.60 0.44 -24.14
C TYR A 443 -78.43 -1.05 -23.87
N ALA A 444 -78.47 -1.43 -22.59
CA ALA A 444 -78.41 -2.84 -22.24
C ALA A 444 -79.59 -3.59 -22.80
N LEU A 445 -80.78 -2.98 -22.78
CA LEU A 445 -81.93 -3.59 -23.43
C LEU A 445 -81.63 -3.90 -24.88
N SER A 446 -81.17 -2.91 -25.63
CA SER A 446 -80.90 -3.10 -27.05
C SER A 446 -79.87 -4.20 -27.26
N HIS A 447 -78.79 -4.19 -26.48
CA HIS A 447 -77.71 -5.13 -26.71
C HIS A 447 -78.11 -6.55 -26.32
N ALA A 448 -78.81 -6.70 -25.19
CA ALA A 448 -79.25 -8.02 -24.78
C ALA A 448 -80.28 -8.60 -25.74
N VAL A 449 -81.19 -7.76 -26.26
CA VAL A 449 -82.14 -8.23 -27.25
C VAL A 449 -81.42 -8.63 -28.52
N ASN A 450 -80.38 -7.89 -28.90
CA ASN A 450 -79.56 -8.30 -30.04
C ASN A 450 -78.91 -9.65 -29.79
N ASN A 451 -78.40 -9.87 -28.58
CA ASN A 451 -77.76 -11.14 -28.24
C ASN A 451 -78.75 -12.29 -28.34
N TYR A 452 -79.95 -12.11 -27.79
CA TYR A 452 -80.96 -13.18 -27.86
C TYR A 452 -81.44 -13.40 -29.30
N HIS A 453 -81.59 -12.31 -30.06
CA HIS A 453 -82.00 -12.41 -31.45
C HIS A 453 -80.99 -13.20 -32.27
N LYS A 454 -79.70 -12.93 -32.07
CA LYS A 454 -78.67 -13.74 -32.70
C LYS A 454 -78.64 -15.15 -32.11
N THR A 455 -79.11 -15.31 -30.88
CA THR A 455 -79.07 -16.59 -30.19
C THR A 455 -80.29 -17.45 -30.52
N ASN A 456 -81.48 -16.94 -30.20
CA ASN A 456 -82.70 -17.71 -30.40
C ASN A 456 -83.48 -17.10 -31.56
N PRO A 457 -83.58 -17.79 -32.70
CA PRO A 457 -84.44 -17.28 -33.78
C PRO A 457 -85.90 -17.22 -33.39
N THR A 458 -86.31 -17.93 -32.34
CA THR A 458 -87.70 -17.93 -31.94
C THR A 458 -88.08 -16.64 -31.23
N GLY A 459 -89.01 -15.90 -31.84
CA GLY A 459 -89.52 -14.67 -31.27
C GLY A 459 -90.80 -14.92 -30.50
N THR A 460 -90.74 -14.69 -29.20
CA THR A 460 -91.80 -15.07 -28.28
C THR A 460 -92.66 -13.85 -27.91
N GLN A 461 -93.58 -14.06 -26.97
CA GLN A 461 -94.51 -13.02 -26.54
C GLN A 461 -93.81 -11.81 -25.92
N GLU A 462 -92.67 -12.02 -25.27
CA GLU A 462 -92.00 -10.91 -24.59
C GLU A 462 -91.56 -9.84 -25.57
N LEU A 463 -91.07 -10.24 -26.74
CA LEU A 463 -90.74 -9.29 -27.78
C LEU A 463 -91.96 -8.46 -28.16
N LEU A 464 -93.11 -9.13 -28.26
CA LEU A 464 -94.35 -8.43 -28.57
C LEU A 464 -94.73 -7.46 -27.47
N ASP A 465 -94.52 -7.86 -26.21
CA ASP A 465 -94.82 -6.97 -25.08
C ASP A 465 -93.97 -5.72 -25.14
N ILE A 466 -92.67 -5.90 -25.42
CA ILE A 466 -91.78 -4.75 -25.52
C ILE A 466 -92.16 -3.87 -26.70
N ALA A 467 -92.52 -4.49 -27.83
CA ALA A 467 -92.94 -3.73 -28.99
C ALA A 467 -94.19 -2.91 -28.70
N ASN A 468 -95.15 -3.50 -27.99
CA ASN A 468 -96.35 -2.76 -27.59
C ASN A 468 -95.99 -1.61 -26.65
N TYR A 469 -95.06 -1.85 -25.73
CA TYR A 469 -94.64 -0.79 -24.82
C TYR A 469 -94.03 0.37 -25.61
N LEU A 470 -93.23 0.07 -26.63
CA LEU A 470 -92.64 1.16 -27.39
C LEU A 470 -93.65 1.82 -28.32
N MET A 471 -94.65 1.07 -28.77
CA MET A 471 -95.79 1.69 -29.45
C MET A 471 -96.46 2.73 -28.56
N GLU A 472 -96.77 2.37 -27.32
CA GLU A 472 -97.41 3.35 -26.44
C GLU A 472 -96.41 4.44 -26.02
N GLN A 473 -95.12 4.17 -26.16
CA GLN A 473 -94.11 5.20 -25.87
C GLN A 473 -94.01 6.21 -27.01
N ILE A 474 -94.28 5.79 -28.24
CA ILE A 474 -94.06 6.68 -29.37
C ILE A 474 -95.34 7.32 -29.90
N GLN A 475 -96.50 6.73 -29.61
CA GLN A 475 -97.79 7.17 -30.16
C GLN A 475 -97.66 7.10 -31.69
N ASP A 476 -98.12 8.11 -32.43
CA ASP A 476 -97.97 8.16 -33.87
C ASP A 476 -97.38 9.46 -34.37
N ASP A 477 -97.49 10.54 -33.61
CA ASP A 477 -96.90 11.82 -33.95
C ASP A 477 -95.49 11.98 -33.40
N CYS A 478 -95.01 11.03 -32.61
CA CYS A 478 -93.70 11.09 -31.97
C CYS A 478 -93.56 12.38 -31.15
N THR A 479 -94.57 12.66 -30.34
CA THR A 479 -94.57 13.79 -29.43
C THR A 479 -94.02 13.35 -28.06
N GLY A 480 -93.76 14.34 -27.21
CA GLY A 480 -93.24 14.06 -25.88
C GLY A 480 -92.02 14.88 -25.51
N ASP A 481 -91.07 14.27 -24.82
CA ASP A 481 -89.85 14.95 -24.41
C ASP A 481 -88.94 15.09 -25.62
N GLU A 482 -87.75 15.65 -25.43
CA GLU A 482 -86.74 15.75 -26.49
C GLU A 482 -85.65 14.71 -26.27
N ASP A 483 -84.97 14.74 -25.11
CA ASP A 483 -83.94 13.75 -24.84
C ASP A 483 -84.55 12.35 -24.68
N TYR A 484 -85.65 12.25 -23.94
CA TYR A 484 -86.27 10.95 -23.71
C TYR A 484 -86.75 10.32 -25.02
N THR A 485 -87.53 11.06 -25.79
CA THR A 485 -88.04 10.54 -27.06
C THR A 485 -86.91 10.31 -28.05
N TYR A 486 -85.86 11.14 -28.01
CA TYR A 486 -84.71 10.92 -28.88
C TYR A 486 -84.03 9.59 -28.56
N LEU A 487 -83.88 9.30 -27.27
CA LEU A 487 -83.31 8.01 -26.86
C LEU A 487 -84.22 6.86 -27.29
N ILE A 488 -85.54 7.06 -27.18
CA ILE A 488 -86.51 6.08 -27.70
C ILE A 488 -86.26 5.80 -29.17
N LEU A 489 -86.10 6.88 -29.96
CA LEU A 489 -85.88 6.71 -31.39
C LEU A 489 -84.57 5.99 -31.67
N ARG A 490 -83.53 6.31 -30.91
CA ARG A 490 -82.25 5.62 -31.11
C ARG A 490 -82.35 4.13 -30.79
N VAL A 491 -83.03 3.76 -29.70
CA VAL A 491 -83.06 2.34 -29.34
C VAL A 491 -83.90 1.55 -30.34
N ILE A 492 -85.00 2.14 -30.83
CA ILE A 492 -85.75 1.43 -31.85
C ILE A 492 -84.99 1.44 -33.18
N GLY A 493 -84.15 2.45 -33.41
CA GLY A 493 -83.24 2.37 -34.54
C GLY A 493 -82.28 1.21 -34.41
N ASN A 494 -81.87 0.91 -33.18
CA ASN A 494 -81.08 -0.30 -32.94
C ASN A 494 -81.88 -1.58 -33.22
N MET A 495 -83.14 -1.63 -32.78
CA MET A 495 -83.94 -2.86 -32.88
C MET A 495 -84.83 -2.94 -34.12
N GLY A 496 -84.64 -2.06 -35.10
CA GLY A 496 -85.50 -2.06 -36.27
C GLY A 496 -85.60 -3.37 -37.02
N GLN A 497 -84.53 -4.17 -37.00
CA GLN A 497 -84.58 -5.46 -37.68
C GLN A 497 -85.65 -6.36 -37.07
N THR A 498 -85.62 -6.53 -35.74
CA THR A 498 -86.63 -7.33 -35.07
C THR A 498 -88.00 -6.67 -35.17
N MET A 499 -88.02 -5.33 -35.12
CA MET A 499 -89.27 -4.60 -35.31
C MET A 499 -89.95 -4.99 -36.61
N GLU A 500 -89.21 -4.93 -37.72
CA GLU A 500 -89.77 -5.31 -39.01
C GLU A 500 -90.11 -6.80 -39.05
N GLN A 501 -89.25 -7.65 -38.48
CA GLN A 501 -89.54 -9.08 -38.50
C GLN A 501 -90.79 -9.42 -37.70
N LEU A 502 -91.19 -8.59 -36.76
CA LEU A 502 -92.38 -8.86 -35.94
C LEU A 502 -93.48 -7.85 -36.18
N THR A 503 -93.22 -6.55 -36.01
CA THR A 503 -94.27 -5.56 -35.91
C THR A 503 -94.04 -4.38 -36.85
N PRO A 504 -94.53 -4.43 -38.09
CA PRO A 504 -94.35 -3.29 -39.00
C PRO A 504 -95.17 -2.06 -38.63
N GLU A 505 -96.03 -2.14 -37.61
CA GLU A 505 -96.78 -0.96 -37.20
C GLU A 505 -95.85 0.11 -36.62
N LEU A 506 -94.79 -0.29 -35.91
CA LEU A 506 -93.78 0.67 -35.52
C LEU A 506 -93.12 1.31 -36.73
N LYS A 507 -92.93 0.53 -37.80
CA LYS A 507 -92.39 1.09 -39.04
C LYS A 507 -93.33 2.12 -39.63
N SER A 508 -94.64 1.85 -39.61
CA SER A 508 -95.60 2.83 -40.06
C SER A 508 -95.53 4.10 -39.22
N SER A 509 -95.40 3.93 -37.90
CA SER A 509 -95.30 5.08 -37.00
C SER A 509 -94.07 5.91 -37.31
N ILE A 510 -92.92 5.25 -37.53
CA ILE A 510 -91.70 6.01 -37.78
C ILE A 510 -91.77 6.69 -39.15
N LEU A 511 -92.40 6.04 -40.13
CA LEU A 511 -92.55 6.67 -41.44
C LEU A 511 -93.47 7.89 -41.38
N LYS A 512 -94.58 7.78 -40.64
CA LYS A 512 -95.50 8.91 -40.54
C LYS A 512 -94.88 10.04 -39.73
N CYS A 513 -94.04 9.71 -38.75
CA CYS A 513 -93.29 10.77 -38.06
C CYS A 513 -92.26 11.41 -38.98
N VAL A 514 -91.64 10.63 -39.87
CA VAL A 514 -90.70 11.19 -40.84
C VAL A 514 -91.41 12.19 -41.74
N GLN A 515 -92.55 11.79 -42.30
CA GLN A 515 -93.35 12.68 -43.12
C GLN A 515 -94.31 13.50 -42.26
N SER A 516 -93.71 14.14 -41.26
CA SER A 516 -94.43 15.02 -40.35
C SER A 516 -93.47 16.09 -39.87
N THR A 517 -94.02 17.28 -39.58
CA THR A 517 -93.23 18.42 -39.13
C THR A 517 -93.56 18.81 -37.69
N LYS A 518 -94.40 18.04 -37.02
CA LYS A 518 -94.76 18.32 -35.63
C LYS A 518 -93.54 18.31 -34.71
N PRO A 519 -92.67 17.28 -34.75
CA PRO A 519 -91.52 17.29 -33.85
C PRO A 519 -90.37 18.16 -34.36
N SER A 520 -89.31 18.26 -33.57
CA SER A 520 -88.17 19.10 -33.94
C SER A 520 -87.26 18.39 -34.94
N LEU A 521 -86.25 19.10 -35.42
CA LEU A 521 -85.28 18.53 -36.35
C LEU A 521 -84.49 17.38 -35.76
N MET A 522 -84.21 17.42 -34.45
CA MET A 522 -83.50 16.32 -33.81
C MET A 522 -84.31 15.03 -33.89
N ILE A 523 -85.62 15.13 -33.72
CA ILE A 523 -86.48 13.95 -33.87
C ILE A 523 -86.41 13.41 -35.29
N GLN A 524 -86.44 14.30 -36.28
CA GLN A 524 -86.35 13.86 -37.67
C GLN A 524 -85.02 13.17 -37.94
N LYS A 525 -83.92 13.73 -37.42
CA LYS A 525 -82.62 13.11 -37.60
C LYS A 525 -82.54 11.77 -36.90
N ALA A 526 -83.19 11.65 -35.74
CA ALA A 526 -83.25 10.37 -35.05
C ALA A 526 -84.03 9.34 -35.87
N ALA A 527 -85.14 9.76 -36.48
CA ALA A 527 -85.88 8.88 -37.36
C ALA A 527 -85.03 8.44 -38.55
N ILE A 528 -84.21 9.34 -39.08
CA ILE A 528 -83.34 9.00 -40.20
C ILE A 528 -82.30 7.98 -39.77
N GLN A 529 -81.63 8.22 -38.64
CA GLN A 529 -80.61 7.28 -38.17
C GLN A 529 -81.21 5.95 -37.73
N ALA A 530 -82.52 5.92 -37.45
CA ALA A 530 -83.16 4.67 -37.07
C ALA A 530 -83.04 3.58 -38.13
N LEU A 531 -83.01 3.93 -39.41
CA LEU A 531 -83.06 2.97 -40.50
C LEU A 531 -81.72 2.27 -40.73
N ARG A 532 -80.80 2.34 -39.77
CA ARG A 532 -79.45 1.82 -39.97
C ARG A 532 -79.46 0.34 -40.37
N LYS A 533 -80.12 -0.50 -39.59
CA LYS A 533 -80.16 -1.94 -39.83
C LYS A 533 -81.61 -2.37 -40.02
N MET A 534 -82.43 -1.45 -40.52
CA MET A 534 -83.78 -1.75 -40.94
C MET A 534 -83.87 -2.10 -42.41
N GLU A 535 -82.77 -1.95 -43.15
CA GLU A 535 -82.64 -2.33 -44.56
C GLU A 535 -83.78 -1.74 -45.40
N PRO A 536 -83.76 -0.43 -45.64
CA PRO A 536 -84.84 0.18 -46.44
C PRO A 536 -84.83 -0.35 -47.87
N LYS A 537 -85.87 -1.12 -48.21
CA LYS A 537 -85.91 -1.69 -49.55
C LYS A 537 -86.49 -0.74 -50.60
N ASP A 538 -87.76 -0.38 -50.51
CA ASP A 538 -88.37 0.50 -51.49
C ASP A 538 -89.18 1.64 -50.88
N LYS A 539 -89.96 1.37 -49.85
CA LYS A 539 -90.88 2.38 -49.33
C LYS A 539 -90.13 3.44 -48.52
N ASP A 540 -89.16 3.02 -47.73
CA ASP A 540 -88.35 3.99 -47.00
C ASP A 540 -87.50 4.81 -47.96
N GLN A 541 -87.03 4.18 -49.04
CA GLN A 541 -86.33 4.94 -50.08
C GLN A 541 -87.25 5.98 -50.70
N GLU A 542 -88.49 5.61 -50.99
CA GLU A 542 -89.45 6.57 -51.53
C GLU A 542 -89.72 7.70 -50.56
N VAL A 543 -89.87 7.39 -49.27
CA VAL A 543 -90.14 8.42 -48.27
C VAL A 543 -88.95 9.36 -48.13
N LEU A 544 -87.73 8.80 -48.15
CA LEU A 544 -86.53 9.63 -48.08
C LEU A 544 -86.42 10.54 -49.30
N LEU A 545 -86.70 10.01 -50.48
CA LEU A 545 -86.68 10.85 -51.67
C LEU A 545 -87.74 11.94 -51.60
N GLN A 546 -88.92 11.60 -51.07
CA GLN A 546 -89.98 12.58 -50.88
C GLN A 546 -89.54 13.71 -49.96
N THR A 547 -89.00 13.36 -48.78
CA THR A 547 -88.61 14.37 -47.82
C THR A 547 -87.33 15.10 -48.20
N PHE A 548 -86.56 14.56 -49.14
CA PHE A 548 -85.38 15.24 -49.66
C PHE A 548 -85.69 16.20 -50.78
N LEU A 549 -86.36 15.74 -51.84
CA LEU A 549 -86.72 16.63 -52.93
C LEU A 549 -87.67 17.73 -52.50
N ASP A 550 -88.29 17.59 -51.32
CA ASP A 550 -89.04 18.67 -50.70
C ASP A 550 -88.13 19.87 -50.48
N ASP A 551 -88.48 20.99 -51.10
CA ASP A 551 -87.68 22.21 -50.94
C ASP A 551 -87.90 22.84 -49.57
N ALA A 552 -89.10 22.73 -49.01
CA ALA A 552 -89.39 23.26 -47.69
C ALA A 552 -88.70 22.47 -46.58
N SER A 553 -88.18 21.30 -46.88
CA SER A 553 -87.46 20.52 -45.88
C SER A 553 -86.17 21.26 -45.49
N PRO A 554 -85.82 21.26 -44.21
CA PRO A 554 -84.66 22.03 -43.75
C PRO A 554 -83.36 21.49 -44.32
N GLY A 555 -82.35 22.36 -44.32
CA GLY A 555 -81.07 21.99 -44.92
C GLY A 555 -80.42 20.80 -44.23
N ASP A 556 -80.42 20.78 -42.90
CA ASP A 556 -79.85 19.67 -42.17
C ASP A 556 -80.64 18.38 -42.40
N LYS A 557 -81.98 18.49 -42.42
CA LYS A 557 -82.83 17.34 -42.70
C LYS A 557 -82.55 16.78 -44.08
N ARG A 558 -82.46 17.65 -45.08
CA ARG A 558 -82.18 17.19 -46.44
C ARG A 558 -80.77 16.60 -46.55
N LEU A 559 -79.80 17.19 -45.86
CA LEU A 559 -78.45 16.63 -45.89
C LEU A 559 -78.42 15.23 -45.30
N ALA A 560 -79.13 15.03 -44.17
CA ALA A 560 -79.20 13.70 -43.59
C ALA A 560 -79.91 12.72 -44.52
N ALA A 561 -81.00 13.17 -45.14
CA ALA A 561 -81.75 12.31 -46.07
C ALA A 561 -80.88 11.91 -47.26
N TYR A 562 -80.12 12.86 -47.81
CA TYR A 562 -79.19 12.55 -48.89
C TYR A 562 -78.11 11.59 -48.44
N LEU A 563 -77.53 11.83 -47.26
CA LEU A 563 -76.45 10.98 -46.77
C LEU A 563 -76.91 9.56 -46.55
N MET A 564 -78.13 9.37 -46.05
CA MET A 564 -78.58 8.02 -45.76
C MET A 564 -79.28 7.36 -46.96
N LEU A 565 -79.76 8.13 -47.92
CA LEU A 565 -80.29 7.57 -49.15
C LEU A 565 -79.22 6.86 -49.96
N MET A 566 -77.96 7.18 -49.73
CA MET A 566 -76.83 6.59 -50.44
C MET A 566 -76.55 5.16 -50.01
N ARG A 567 -77.24 4.65 -48.99
CA ARG A 567 -76.98 3.28 -48.52
C ARG A 567 -77.22 2.27 -49.63
N SER A 568 -78.47 2.15 -50.07
CA SER A 568 -78.80 1.26 -51.20
C SER A 568 -79.79 1.99 -52.11
N PRO A 569 -79.33 3.02 -52.81
CA PRO A 569 -80.23 3.75 -53.71
C PRO A 569 -80.45 3.02 -55.02
N SER A 570 -81.39 3.51 -55.82
CA SER A 570 -81.70 2.92 -57.12
C SER A 570 -81.28 3.89 -58.22
N GLN A 571 -81.14 3.36 -59.44
CA GLN A 571 -80.73 4.19 -60.56
C GLN A 571 -81.75 5.30 -60.83
N ALA A 572 -83.03 5.01 -60.64
CA ALA A 572 -84.06 6.03 -60.81
C ALA A 572 -83.93 7.11 -59.74
N ASP A 573 -83.77 6.72 -58.48
CA ASP A 573 -83.62 7.70 -57.42
C ASP A 573 -82.35 8.53 -57.59
N ILE A 574 -81.23 7.87 -57.90
CA ILE A 574 -79.98 8.59 -58.10
C ILE A 574 -80.11 9.55 -59.27
N ASN A 575 -80.69 9.09 -60.38
CA ASN A 575 -80.86 9.97 -61.54
C ASN A 575 -81.71 11.18 -61.20
N LYS A 576 -82.86 10.96 -60.56
CA LYS A 576 -83.74 12.07 -60.23
C LYS A 576 -83.06 13.06 -59.31
N ILE A 577 -82.32 12.57 -58.32
CA ILE A 577 -81.55 13.48 -57.45
C ILE A 577 -80.55 14.26 -58.28
N VAL A 578 -79.94 13.60 -59.28
CA VAL A 578 -78.97 14.29 -60.14
C VAL A 578 -79.62 15.45 -60.88
N GLN A 579 -80.81 15.23 -61.46
CA GLN A 579 -81.44 16.35 -62.17
C GLN A 579 -81.95 17.42 -61.20
N ILE A 580 -82.38 17.02 -60.00
CA ILE A 580 -82.90 18.01 -59.06
C ILE A 580 -81.78 18.84 -58.42
N LEU A 581 -80.56 18.31 -58.37
CA LEU A 581 -79.45 19.02 -57.72
C LEU A 581 -79.21 20.42 -58.23
N PRO A 582 -79.14 20.69 -59.55
CA PRO A 582 -78.85 22.06 -60.00
C PRO A 582 -80.02 23.02 -59.79
N TRP A 583 -81.07 22.56 -59.12
CA TRP A 583 -82.25 23.38 -58.87
C TRP A 583 -82.64 23.47 -57.40
N GLU A 584 -82.06 22.64 -56.54
CA GLU A 584 -82.35 22.72 -55.12
C GLU A 584 -81.79 24.01 -54.52
N GLN A 585 -82.41 24.46 -53.43
CA GLN A 585 -81.95 25.64 -52.74
C GLN A 585 -80.73 25.31 -51.87
N ASN A 586 -80.33 26.29 -51.06
CA ASN A 586 -79.22 26.11 -50.12
C ASN A 586 -77.95 25.68 -50.85
N GLU A 587 -77.39 26.59 -51.66
CA GLU A 587 -76.24 26.27 -52.50
C GLU A 587 -75.13 25.57 -51.72
N GLN A 588 -75.09 25.75 -50.39
CA GLN A 588 -74.15 24.97 -49.59
C GLN A 588 -74.48 23.49 -49.64
N VAL A 589 -75.77 23.14 -49.65
CA VAL A 589 -76.16 21.74 -49.83
C VAL A 589 -75.73 21.24 -51.20
N LYS A 590 -75.91 22.05 -52.25
CA LYS A 590 -75.50 21.64 -53.58
C LYS A 590 -74.00 21.42 -53.66
N ASN A 591 -73.22 22.31 -53.04
CA ASN A 591 -71.77 22.13 -53.02
C ASN A 591 -71.37 20.89 -52.24
N PHE A 592 -72.06 20.63 -51.12
CA PHE A 592 -71.79 19.40 -50.37
C PHE A 592 -72.07 18.17 -51.22
N VAL A 593 -73.18 18.16 -51.95
CA VAL A 593 -73.53 17.02 -52.78
C VAL A 593 -72.52 16.86 -53.90
N ALA A 594 -72.10 17.97 -54.53
CA ALA A 594 -71.12 17.89 -55.60
C ALA A 594 -69.79 17.37 -55.09
N SER A 595 -69.36 17.83 -53.91
CA SER A 595 -68.13 17.31 -53.31
C SER A 595 -68.26 15.83 -53.00
N HIS A 596 -69.42 15.43 -52.50
CA HIS A 596 -69.65 14.01 -52.21
C HIS A 596 -69.55 13.17 -53.47
N ILE A 597 -70.16 13.63 -54.56
CA ILE A 597 -70.13 12.88 -55.81
C ILE A 597 -68.71 12.84 -56.37
N ALA A 598 -67.97 13.94 -56.23
CA ALA A 598 -66.57 13.95 -56.64
C ALA A 598 -65.76 12.94 -55.85
N ASN A 599 -66.00 12.86 -54.54
CA ASN A 599 -65.33 11.87 -53.71
C ASN A 599 -65.71 10.45 -54.12
N ILE A 600 -66.99 10.22 -54.42
CA ILE A 600 -67.43 8.89 -54.85
C ILE A 600 -66.74 8.48 -56.14
N LEU A 601 -66.76 9.36 -57.14
CA LEU A 601 -66.11 9.05 -58.41
C LEU A 601 -64.60 9.01 -58.28
N ASN A 602 -64.04 9.61 -57.24
CA ASN A 602 -62.59 9.63 -57.06
C ASN A 602 -62.05 8.26 -56.69
N SER A 603 -62.65 7.60 -55.70
CA SER A 603 -62.10 6.36 -55.17
C SER A 603 -62.46 5.17 -56.06
N GLU A 604 -61.67 4.11 -55.93
CA GLU A 604 -61.90 2.88 -56.68
C GLU A 604 -61.85 1.71 -55.70
N GLU A 605 -62.99 1.06 -55.53
CA GLU A 605 -63.13 -0.16 -54.73
C GLU A 605 -64.23 -0.98 -55.36
N LEU A 606 -64.81 -1.94 -54.64
CA LEU A 606 -65.86 -2.79 -55.20
C LEU A 606 -67.20 -2.07 -55.19
N ASP A 607 -67.73 -1.74 -54.01
CA ASP A 607 -69.07 -1.17 -53.93
C ASP A 607 -69.09 0.27 -54.42
N ILE A 608 -68.02 1.03 -54.21
CA ILE A 608 -68.00 2.41 -54.68
C ILE A 608 -67.95 2.44 -56.20
N GLN A 609 -67.24 1.48 -56.82
CA GLN A 609 -67.30 1.37 -58.27
C GLN A 609 -68.67 0.92 -58.75
N ASP A 610 -69.33 0.03 -57.98
CA ASP A 610 -70.70 -0.34 -58.34
C ASP A 610 -71.61 0.87 -58.32
N LEU A 611 -71.46 1.74 -57.31
CA LEU A 611 -72.24 2.97 -57.24
C LEU A 611 -71.85 3.95 -58.35
N LYS A 612 -70.57 4.01 -58.69
CA LYS A 612 -70.12 4.87 -59.77
C LYS A 612 -70.69 4.43 -61.11
N LYS A 613 -70.90 3.12 -61.29
CA LYS A 613 -71.58 2.62 -62.48
C LYS A 613 -72.96 3.26 -62.61
N LEU A 614 -73.75 3.22 -61.53
CA LEU A 614 -75.07 3.84 -61.56
C LEU A 614 -74.98 5.35 -61.71
N VAL A 615 -73.95 5.97 -61.13
CA VAL A 615 -73.78 7.42 -61.27
C VAL A 615 -73.57 7.78 -62.73
N LYS A 616 -72.70 7.04 -63.41
CA LYS A 616 -72.48 7.26 -64.84
C LYS A 616 -73.74 6.97 -65.64
N GLU A 617 -74.46 5.92 -65.28
CA GLU A 617 -75.74 5.63 -65.93
C GLU A 617 -76.76 6.75 -65.71
N ALA A 618 -76.60 7.52 -64.63
CA ALA A 618 -77.50 8.63 -64.34
C ALA A 618 -76.97 9.96 -64.86
N LEU A 619 -75.66 10.08 -65.02
CA LEU A 619 -75.05 11.30 -65.56
C LEU A 619 -75.05 11.19 -67.09
N LYS A 620 -76.21 11.45 -67.69
CA LYS A 620 -76.33 11.42 -69.14
C LYS A 620 -76.71 12.79 -69.68
N GLU A 621 -77.72 13.41 -69.06
CA GLU A 621 -78.24 14.70 -69.48
C GLU A 621 -78.26 15.67 -68.31
N SER A 622 -77.22 15.64 -67.49
CA SER A 622 -77.15 16.51 -66.32
C SER A 622 -75.69 16.78 -65.98
N GLN A 623 -75.47 17.88 -65.26
CA GLN A 623 -74.15 18.28 -64.80
C GLN A 623 -74.25 18.66 -63.34
N LEU A 624 -73.09 18.97 -62.74
CA LEU A 624 -73.05 19.34 -61.34
C LEU A 624 -72.32 20.66 -61.15
N PRO A 625 -72.73 21.47 -60.17
CA PRO A 625 -72.02 22.72 -59.91
C PRO A 625 -70.61 22.47 -59.37
N THR A 626 -69.72 23.39 -59.72
CA THR A 626 -68.35 23.35 -59.23
C THR A 626 -68.33 23.76 -57.76
N VAL A 627 -67.62 23.00 -56.93
CA VAL A 627 -67.53 23.30 -55.52
C VAL A 627 -66.59 24.48 -55.30
N MET A 628 -67.03 25.45 -54.50
CA MET A 628 -66.17 26.56 -54.10
C MET A 628 -66.24 26.72 -52.59
N ASP A 629 -65.10 27.03 -51.99
CA ASP A 629 -64.96 27.28 -50.56
C ASP A 629 -65.24 26.04 -49.72
N PHE A 630 -64.69 26.02 -48.51
CA PHE A 630 -64.98 24.97 -47.54
C PHE A 630 -65.20 25.49 -46.12
N ARG A 631 -65.03 26.79 -45.88
CA ARG A 631 -65.17 27.37 -44.56
C ARG A 631 -66.56 27.97 -44.31
N LYS A 632 -67.40 28.06 -45.34
CA LYS A 632 -68.73 28.63 -45.21
C LYS A 632 -69.84 27.72 -45.72
N PHE A 633 -69.51 26.68 -46.47
CA PHE A 633 -70.50 25.75 -46.99
C PHE A 633 -70.18 24.34 -46.50
N SER A 634 -71.19 23.47 -46.54
CA SER A 634 -71.00 22.09 -46.12
C SER A 634 -70.04 21.38 -47.06
N ARG A 635 -69.16 20.57 -46.49
CA ARG A 635 -68.11 19.90 -47.25
C ARG A 635 -68.05 18.42 -46.87
N ASN A 636 -67.78 17.59 -47.87
CA ASN A 636 -67.69 16.14 -47.71
C ASN A 636 -66.29 15.69 -48.10
N TYR A 637 -65.60 15.01 -47.18
CA TYR A 637 -64.28 14.47 -47.45
C TYR A 637 -64.26 12.99 -47.12
N GLN A 638 -63.49 12.24 -47.91
CA GLN A 638 -63.42 10.79 -47.72
C GLN A 638 -61.99 10.33 -48.00
N LEU A 639 -61.65 9.17 -47.46
CA LEU A 639 -60.35 8.57 -47.72
C LEU A 639 -60.47 7.06 -47.57
N TYR A 640 -59.79 6.33 -48.46
CA TYR A 640 -59.79 4.88 -48.44
C TYR A 640 -58.36 4.37 -48.43
N LYS A 641 -58.11 3.35 -47.62
CA LYS A 641 -56.80 2.70 -47.55
C LYS A 641 -57.02 1.21 -47.76
N SER A 642 -56.61 0.70 -48.92
CA SER A 642 -56.68 -0.72 -49.22
C SER A 642 -55.29 -1.32 -49.07
N VAL A 643 -55.22 -2.44 -48.36
CA VAL A 643 -53.96 -3.14 -48.13
C VAL A 643 -54.12 -4.60 -48.52
N SER A 644 -53.08 -5.16 -49.12
CA SER A 644 -53.11 -6.54 -49.62
C SER A 644 -52.44 -7.47 -48.61
N LEU A 645 -53.19 -8.47 -48.14
CA LEU A 645 -52.68 -9.48 -47.23
C LEU A 645 -52.25 -10.73 -48.00
N PRO A 646 -51.19 -11.40 -47.54
CA PRO A 646 -50.77 -12.65 -48.20
C PRO A 646 -51.77 -13.77 -47.94
N SER A 647 -52.34 -14.30 -49.02
CA SER A 647 -53.31 -15.39 -48.96
C SER A 647 -54.53 -15.02 -48.13
N LEU A 648 -54.89 -13.74 -48.10
CA LEU A 648 -56.09 -13.27 -47.42
C LEU A 648 -56.69 -12.14 -48.25
N ASP A 649 -57.79 -11.59 -47.76
CA ASP A 649 -58.60 -10.55 -48.42
C ASP A 649 -57.99 -9.18 -48.20
N PRO A 650 -57.99 -8.33 -49.23
CA PRO A 650 -57.45 -6.97 -49.07
C PRO A 650 -58.29 -6.16 -48.10
N ALA A 651 -57.69 -5.82 -46.96
CA ALA A 651 -58.41 -5.05 -45.95
C ALA A 651 -58.55 -3.61 -46.38
N SER A 652 -59.76 -3.08 -46.29
CA SER A 652 -60.05 -1.71 -46.68
C SER A 652 -60.54 -0.92 -45.48
N ALA A 653 -59.89 0.22 -45.22
CA ALA A 653 -60.27 1.12 -44.14
C ALA A 653 -60.82 2.40 -44.77
N LYS A 654 -62.02 2.79 -44.35
CA LYS A 654 -62.72 3.94 -44.89
C LYS A 654 -62.86 5.01 -43.81
N ILE A 655 -62.44 6.22 -44.13
CA ILE A 655 -62.54 7.38 -43.25
C ILE A 655 -63.45 8.41 -43.89
N GLU A 656 -64.42 8.91 -43.14
CA GLU A 656 -65.38 9.88 -43.66
C GLU A 656 -65.39 11.11 -42.78
N GLY A 657 -65.64 12.26 -43.41
CA GLY A 657 -65.72 13.53 -42.70
C GLY A 657 -66.74 14.47 -43.30
N ASN A 658 -67.64 14.97 -42.45
CA ASN A 658 -68.73 15.84 -42.87
C ASN A 658 -68.62 17.14 -42.10
N LEU A 659 -68.23 18.22 -42.78
CA LEU A 659 -68.02 19.52 -42.15
C LEU A 659 -69.13 20.46 -42.61
N ILE A 660 -70.21 20.52 -41.85
CA ILE A 660 -71.35 21.36 -42.19
C ILE A 660 -71.05 22.79 -41.78
N PHE A 661 -71.10 23.71 -42.74
CA PHE A 661 -70.82 25.12 -42.52
C PHE A 661 -71.99 25.95 -43.02
N ASP A 662 -72.13 27.12 -42.44
CA ASP A 662 -73.14 28.10 -42.82
C ASP A 662 -72.44 29.38 -43.22
N PRO A 663 -73.07 30.21 -44.05
CA PRO A 663 -72.41 31.43 -44.52
C PRO A 663 -72.24 32.49 -43.42
N ASN A 664 -72.59 32.13 -42.18
CA ASN A 664 -72.42 33.03 -41.06
C ASN A 664 -71.62 32.39 -39.92
N ASN A 665 -70.83 31.36 -40.22
CA ASN A 665 -70.05 30.64 -39.23
C ASN A 665 -68.58 30.66 -39.61
N TYR A 666 -67.72 30.52 -38.61
CA TYR A 666 -66.29 30.41 -38.83
C TYR A 666 -65.69 29.08 -38.37
N LEU A 667 -66.41 28.29 -37.56
CA LEU A 667 -65.98 26.99 -37.08
C LEU A 667 -66.96 25.91 -37.53
N PRO A 668 -66.52 24.65 -37.60
CA PRO A 668 -67.44 23.57 -38.00
C PRO A 668 -68.59 23.39 -37.03
N LYS A 669 -69.80 23.71 -37.48
CA LYS A 669 -70.97 23.59 -36.61
C LYS A 669 -71.36 22.14 -36.40
N GLU A 670 -71.26 21.32 -37.44
CA GLU A 670 -71.52 19.88 -37.33
C GLU A 670 -70.38 19.14 -38.00
N SER A 671 -69.81 18.16 -37.27
CA SER A 671 -68.70 17.35 -37.77
C SER A 671 -68.86 15.93 -37.22
N MET A 672 -69.51 15.07 -38.01
CA MET A 672 -69.64 13.66 -37.68
C MET A 672 -68.60 12.87 -38.44
N LEU A 673 -67.78 12.11 -37.72
CA LEU A 673 -66.73 11.32 -38.33
C LEU A 673 -67.01 9.83 -38.12
N LYS A 674 -66.57 9.02 -39.08
CA LYS A 674 -66.77 7.58 -38.98
C LYS A 674 -65.65 6.87 -39.72
N THR A 675 -65.36 5.64 -39.29
CA THR A 675 -64.34 4.83 -39.92
C THR A 675 -64.73 3.35 -39.88
N THR A 676 -64.46 2.65 -40.98
CA THR A 676 -64.99 1.32 -41.23
C THR A 676 -63.86 0.40 -41.69
N LEU A 677 -63.86 -0.86 -41.22
CA LEU A 677 -62.92 -1.85 -41.72
C LEU A 677 -63.70 -2.90 -42.51
N THR A 678 -63.09 -3.38 -43.58
CA THR A 678 -63.56 -4.55 -44.31
C THR A 678 -62.38 -5.48 -44.51
N ALA A 679 -62.29 -6.51 -43.67
CA ALA A 679 -61.21 -7.49 -43.79
C ALA A 679 -61.67 -8.92 -43.58
N PHE A 680 -62.94 -9.17 -43.27
CA PHE A 680 -63.46 -10.50 -43.01
C PHE A 680 -64.14 -11.09 -44.24
N GLY A 681 -63.69 -10.71 -45.42
CA GLY A 681 -64.33 -11.12 -46.66
C GLY A 681 -65.13 -9.98 -47.26
N PHE A 682 -66.43 -10.19 -47.43
CA PHE A 682 -67.33 -9.20 -47.98
C PHE A 682 -68.33 -8.71 -46.95
N ALA A 683 -67.88 -8.60 -45.69
CA ALA A 683 -68.70 -8.10 -44.60
C ALA A 683 -68.12 -6.80 -44.06
N SER A 684 -68.94 -5.76 -44.03
CA SER A 684 -68.52 -4.44 -43.58
C SER A 684 -68.68 -4.31 -42.07
N ALA A 685 -67.84 -3.47 -41.47
CA ALA A 685 -67.88 -3.22 -40.04
C ALA A 685 -67.26 -1.87 -39.76
N ASP A 686 -68.05 -0.95 -39.23
CA ASP A 686 -67.54 0.37 -38.86
C ASP A 686 -66.67 0.26 -37.62
N LEU A 687 -65.43 0.76 -37.69
CA LEU A 687 -64.58 0.79 -36.51
C LEU A 687 -65.23 1.59 -35.41
N ILE A 688 -65.44 2.88 -35.66
CA ILE A 688 -65.97 3.80 -34.65
C ILE A 688 -66.61 4.99 -35.37
N GLU A 689 -67.66 5.51 -34.75
CA GLU A 689 -68.32 6.72 -35.23
C GLU A 689 -68.42 7.70 -34.09
N ILE A 690 -67.94 8.92 -34.31
CA ILE A 690 -67.98 10.00 -33.33
C ILE A 690 -68.90 11.06 -33.91
N GLY A 691 -70.05 11.28 -33.27
CA GLY A 691 -71.02 12.23 -33.76
C GLY A 691 -71.15 13.42 -32.85
N LEU A 692 -70.65 14.56 -33.32
CA LEU A 692 -70.77 15.85 -32.64
C LEU A 692 -71.83 16.66 -33.38
N GLU A 693 -73.01 16.78 -32.79
CA GLU A 693 -74.05 17.61 -33.37
C GLU A 693 -74.26 18.84 -32.52
N GLY A 694 -74.58 19.95 -33.18
CA GLY A 694 -74.82 21.19 -32.47
C GLY A 694 -75.74 22.08 -33.27
N LYS A 695 -76.41 22.97 -32.54
CA LYS A 695 -77.29 23.93 -33.17
C LYS A 695 -77.29 25.20 -32.33
N GLY A 696 -77.48 26.33 -33.00
CA GLY A 696 -77.44 27.62 -32.35
C GLY A 696 -76.07 28.24 -32.20
N PHE A 697 -75.05 27.70 -32.87
CA PHE A 697 -73.71 28.26 -32.76
C PHE A 697 -73.47 29.41 -33.71
N GLU A 698 -74.32 29.61 -34.72
CA GLU A 698 -74.17 30.76 -35.61
C GLU A 698 -74.35 32.09 -34.89
N PRO A 699 -75.44 32.35 -34.16
CA PRO A 699 -75.51 33.62 -33.42
C PRO A 699 -74.47 33.74 -32.33
N THR A 700 -74.08 32.62 -31.71
CA THR A 700 -73.03 32.67 -30.70
C THR A 700 -71.70 33.11 -31.30
N LEU A 701 -71.36 32.55 -32.46
CA LEU A 701 -70.14 32.98 -33.16
C LEU A 701 -70.24 34.44 -33.59
N GLU A 702 -71.42 34.86 -34.05
CA GLU A 702 -71.58 36.26 -34.43
C GLU A 702 -71.41 37.19 -33.23
N ALA A 703 -71.91 36.78 -32.07
CA ALA A 703 -71.82 37.60 -30.87
C ALA A 703 -70.42 37.60 -30.28
N LEU A 704 -69.69 36.50 -30.42
CA LEU A 704 -68.33 36.41 -29.89
C LEU A 704 -67.34 37.12 -30.81
N PHE A 705 -67.27 36.68 -32.06
CA PHE A 705 -66.37 37.25 -33.06
C PHE A 705 -67.20 37.95 -34.11
N GLY A 706 -67.04 39.27 -34.22
CA GLY A 706 -67.79 40.06 -35.18
C GLY A 706 -67.62 41.55 -34.98
N LYS A 707 -68.69 42.31 -35.23
CA LYS A 707 -68.61 43.77 -35.07
C LYS A 707 -68.61 44.13 -33.59
N GLN A 708 -69.66 43.74 -32.86
CA GLN A 708 -69.74 44.04 -31.43
C GLN A 708 -69.51 42.76 -30.62
N GLY A 709 -68.32 42.20 -30.81
CA GLY A 709 -67.91 41.00 -30.11
C GLY A 709 -67.12 41.31 -28.87
N PHE A 710 -67.21 40.40 -27.89
CA PHE A 710 -66.46 40.57 -26.65
C PHE A 710 -64.95 40.52 -26.92
N PHE A 711 -64.51 39.55 -27.72
CA PHE A 711 -63.10 39.36 -28.00
C PHE A 711 -62.48 40.56 -28.73
N PRO A 712 -63.09 41.08 -29.82
CA PRO A 712 -62.47 42.24 -30.48
C PRO A 712 -62.36 43.46 -29.58
N ASP A 713 -63.43 43.79 -28.85
CA ASP A 713 -63.38 44.94 -27.96
C ASP A 713 -62.37 44.73 -26.84
N SER A 714 -62.31 43.53 -26.27
CA SER A 714 -61.34 43.25 -25.21
C SER A 714 -59.91 43.38 -25.72
N VAL A 715 -59.63 42.85 -26.91
CA VAL A 715 -58.28 42.96 -27.47
C VAL A 715 -57.95 44.41 -27.77
N ASN A 716 -58.92 45.17 -28.30
CA ASN A 716 -58.69 46.59 -28.58
C ASN A 716 -58.37 47.35 -27.30
N LYS A 717 -59.13 47.11 -26.24
CA LYS A 717 -58.88 47.81 -24.98
C LYS A 717 -57.54 47.41 -24.38
N ALA A 718 -57.19 46.12 -24.45
CA ALA A 718 -55.91 45.66 -23.91
C ALA A 718 -54.75 46.27 -24.67
N LEU A 719 -54.86 46.39 -25.99
CA LEU A 719 -53.79 47.01 -26.78
C LEU A 719 -53.74 48.51 -26.62
N TYR A 720 -54.87 49.17 -26.33
CA TYR A 720 -54.86 50.62 -26.17
C TYR A 720 -54.38 51.06 -24.80
N TRP A 721 -54.80 50.39 -23.73
CA TRP A 721 -54.45 50.83 -22.38
C TRP A 721 -53.17 50.19 -21.86
N VAL A 722 -53.08 48.86 -21.91
CA VAL A 722 -51.90 48.17 -21.39
C VAL A 722 -50.72 48.40 -22.34
N ASN A 723 -49.58 48.77 -21.76
CA ASN A 723 -48.37 48.96 -22.54
C ASN A 723 -47.84 47.62 -23.03
N GLY A 724 -46.96 47.68 -24.04
CA GLY A 724 -46.41 46.48 -24.63
C GLY A 724 -47.02 46.16 -25.97
N GLN A 725 -46.31 46.47 -27.04
CA GLN A 725 -46.80 46.25 -28.40
C GLN A 725 -46.26 44.95 -28.95
N VAL A 726 -47.16 44.13 -29.50
CA VAL A 726 -46.79 42.86 -30.12
C VAL A 726 -46.03 43.17 -31.41
N PRO A 727 -45.19 42.26 -31.91
CA PRO A 727 -44.53 42.50 -33.19
C PRO A 727 -45.53 42.63 -34.31
N ASP A 728 -45.03 43.13 -35.46
CA ASP A 728 -45.90 43.39 -36.60
C ASP A 728 -46.55 42.11 -37.11
N GLY A 729 -45.82 40.99 -37.05
CA GLY A 729 -46.36 39.73 -37.51
C GLY A 729 -47.58 39.25 -36.74
N VAL A 730 -47.74 39.72 -35.51
CA VAL A 730 -48.91 39.38 -34.71
C VAL A 730 -49.88 40.56 -34.72
N SER A 731 -49.34 41.77 -34.83
CA SER A 731 -50.17 42.96 -34.85
C SER A 731 -51.08 42.99 -36.08
N LYS A 732 -50.54 42.61 -37.25
CA LYS A 732 -51.37 42.58 -38.45
C LYS A 732 -52.49 41.57 -38.33
N VAL A 733 -52.19 40.38 -37.79
CA VAL A 733 -53.23 39.35 -37.63
C VAL A 733 -54.29 39.82 -36.65
N LEU A 734 -53.87 40.44 -35.54
CA LEU A 734 -54.83 40.91 -34.56
C LEU A 734 -55.72 42.02 -35.13
N VAL A 735 -55.13 42.93 -35.91
CA VAL A 735 -55.93 43.97 -36.55
C VAL A 735 -56.92 43.36 -37.54
N ASP A 736 -56.47 42.39 -38.33
CA ASP A 736 -57.34 41.78 -39.33
C ASP A 736 -58.50 41.03 -38.68
N HIS A 737 -58.23 40.28 -37.61
CA HIS A 737 -59.26 39.44 -36.98
C HIS A 737 -60.15 40.28 -36.06
N PHE A 738 -59.56 40.86 -35.01
CA PHE A 738 -60.33 41.58 -34.01
C PHE A 738 -60.43 43.06 -34.35
N GLY A 739 -59.29 43.70 -34.57
CA GLY A 739 -59.27 45.11 -34.87
C GLY A 739 -58.64 45.95 -33.76
N TYR A 740 -57.74 46.85 -34.13
CA TYR A 740 -57.03 47.70 -33.19
C TYR A 740 -57.32 49.16 -33.50
N THR A 741 -57.49 49.96 -32.44
CA THR A 741 -57.73 51.39 -32.56
C THR A 741 -56.54 52.14 -31.98
N LYS A 742 -55.98 53.06 -32.76
CA LYS A 742 -54.82 53.82 -32.32
C LYS A 742 -55.23 54.93 -31.34
N ASP A 743 -56.14 55.79 -31.76
CA ASP A 743 -56.57 56.92 -30.95
C ASP A 743 -57.97 56.71 -30.43
N ASP A 744 -58.16 56.96 -29.13
CA ASP A 744 -59.46 56.83 -28.49
C ASP A 744 -59.71 58.07 -27.64
N LYS A 745 -60.90 58.64 -27.76
CA LYS A 745 -61.29 59.83 -27.00
C LYS A 745 -62.05 59.47 -25.73
N HIS A 746 -61.83 58.27 -25.20
CA HIS A 746 -62.50 57.81 -24.00
C HIS A 746 -61.45 57.49 -22.95
N GLU A 747 -61.52 58.18 -21.81
CA GLU A 747 -60.62 57.93 -20.69
C GLU A 747 -61.37 57.04 -19.69
N GLN A 748 -61.49 55.76 -20.05
CA GLN A 748 -62.19 54.79 -19.22
C GLN A 748 -61.26 53.80 -18.54
N ASP A 749 -60.01 53.69 -18.98
CA ASP A 749 -59.01 52.81 -18.39
C ASP A 749 -59.34 51.33 -18.60
N MET A 750 -58.36 50.47 -18.24
CA MET A 750 -58.47 49.04 -18.47
C MET A 750 -59.68 48.45 -17.77
N VAL A 751 -60.01 48.94 -16.57
CA VAL A 751 -61.11 48.37 -15.79
C VAL A 751 -62.44 48.56 -16.51
N ASN A 752 -62.72 49.79 -16.94
CA ASN A 752 -63.98 50.02 -17.65
C ASN A 752 -63.95 49.38 -19.03
N GLY A 753 -62.80 49.38 -19.70
CA GLY A 753 -62.71 48.71 -20.99
C GLY A 753 -63.06 47.24 -20.92
N ILE A 754 -62.67 46.57 -19.84
CA ILE A 754 -63.01 45.15 -19.70
C ILE A 754 -64.43 44.95 -19.15
N MET A 755 -64.90 45.81 -18.24
CA MET A 755 -66.20 45.54 -17.65
C MET A 755 -67.33 45.90 -18.61
N LEU A 756 -67.11 46.89 -19.48
CA LEU A 756 -68.05 47.13 -20.57
C LEU A 756 -68.10 45.93 -21.52
N SER A 757 -66.94 45.34 -21.83
CA SER A 757 -66.91 44.16 -22.69
C SER A 757 -67.63 42.99 -22.05
N VAL A 758 -67.43 42.81 -20.73
CA VAL A 758 -68.13 41.74 -20.02
C VAL A 758 -69.63 41.97 -20.04
N GLU A 759 -70.05 43.23 -19.81
CA GLU A 759 -71.46 43.58 -19.86
C GLU A 759 -72.07 43.28 -21.23
N LYS A 760 -71.39 43.72 -22.29
CA LYS A 760 -71.92 43.50 -23.64
C LYS A 760 -71.92 42.02 -23.99
N LEU A 761 -70.95 41.26 -23.50
CA LEU A 761 -70.95 39.82 -23.76
C LEU A 761 -72.08 39.13 -23.01
N ILE A 762 -72.37 39.55 -21.79
CA ILE A 762 -73.51 38.99 -21.06
C ILE A 762 -74.80 39.25 -21.82
N LYS A 763 -74.96 40.47 -22.34
CA LYS A 763 -76.15 40.75 -23.13
C LYS A 763 -76.18 39.93 -24.42
N ASP A 764 -75.05 39.84 -25.12
CA ASP A 764 -74.98 38.99 -26.31
C ASP A 764 -75.30 37.54 -26.01
N LEU A 765 -75.00 37.08 -24.80
CA LEU A 765 -75.29 35.70 -24.43
C LEU A 765 -76.77 35.52 -24.14
N LYS A 766 -77.31 36.28 -23.19
CA LYS A 766 -78.69 36.08 -22.76
C LYS A 766 -79.63 37.04 -23.50
N SER A 767 -79.50 37.04 -24.82
CA SER A 767 -80.45 37.76 -25.66
C SER A 767 -80.75 36.99 -26.93
N LYS A 768 -80.61 35.66 -26.91
CA LYS A 768 -80.86 34.87 -28.10
C LYS A 768 -81.24 33.46 -27.65
N GLU A 769 -81.47 32.58 -28.63
CA GLU A 769 -81.67 31.17 -28.37
C GLU A 769 -80.48 30.57 -27.66
N VAL A 770 -80.72 29.55 -26.84
CA VAL A 770 -79.65 28.83 -26.15
C VAL A 770 -79.11 27.75 -27.07
N PRO A 771 -77.84 27.80 -27.46
CA PRO A 771 -77.28 26.74 -28.30
C PRO A 771 -77.28 25.41 -27.57
N GLU A 772 -77.51 24.35 -28.33
CA GLU A 772 -77.53 22.99 -27.79
C GLU A 772 -76.58 22.12 -28.57
N ALA A 773 -75.66 21.47 -27.86
CA ALA A 773 -74.66 20.60 -28.46
C ALA A 773 -74.64 19.26 -27.73
N ARG A 774 -74.48 18.19 -28.49
CA ARG A 774 -74.49 16.86 -27.91
C ARG A 774 -73.60 15.94 -28.74
N ALA A 775 -72.91 15.04 -28.05
CA ALA A 775 -71.92 14.15 -28.65
C ALA A 775 -72.28 12.72 -28.32
N TYR A 776 -72.25 11.85 -29.32
CA TYR A 776 -72.51 10.44 -29.13
C TYR A 776 -71.42 9.61 -29.79
N LEU A 777 -71.33 8.36 -29.39
CA LEU A 777 -70.30 7.46 -29.88
C LEU A 777 -70.92 6.12 -30.22
N ARG A 778 -70.56 5.59 -31.39
CA ARG A 778 -71.01 4.27 -31.82
C ARG A 778 -69.80 3.38 -32.05
N ILE A 779 -69.86 2.18 -31.49
CA ILE A 779 -68.88 1.14 -31.75
C ILE A 779 -69.58 0.09 -32.59
N LEU A 780 -69.00 -0.24 -33.75
CA LEU A 780 -69.58 -1.23 -34.66
C LEU A 780 -71.05 -0.93 -34.96
N GLY A 781 -71.40 0.35 -34.91
CA GLY A 781 -72.79 0.77 -35.03
C GLY A 781 -73.49 0.96 -33.69
N GLU A 782 -73.37 -0.02 -32.80
CA GLU A 782 -74.03 0.09 -31.50
C GLU A 782 -73.36 1.18 -30.66
N GLU A 783 -74.16 1.80 -29.80
CA GLU A 783 -73.76 2.98 -29.05
C GLU A 783 -73.39 2.61 -27.62
N LEU A 784 -72.84 3.60 -26.91
CA LEU A 784 -72.52 3.44 -25.49
C LEU A 784 -72.84 4.66 -24.65
N GLY A 785 -73.62 5.61 -25.16
CA GLY A 785 -74.00 6.78 -24.40
C GLY A 785 -73.74 8.06 -25.17
N PHE A 786 -74.06 9.17 -24.52
CA PHE A 786 -73.92 10.49 -25.11
C PHE A 786 -73.78 11.52 -24.00
N ALA A 787 -73.28 12.69 -24.37
CA ALA A 787 -73.06 13.79 -23.45
C ALA A 787 -73.64 15.08 -24.04
N SER A 788 -74.24 15.88 -23.17
CA SER A 788 -74.90 17.12 -23.58
C SER A 788 -74.86 18.09 -22.41
N LEU A 789 -75.30 19.32 -22.66
CA LEU A 789 -75.48 20.28 -21.58
C LEU A 789 -76.50 19.79 -20.58
N HIS A 790 -77.56 19.13 -21.05
CA HIS A 790 -78.53 18.55 -20.14
C HIS A 790 -77.89 17.49 -19.26
N ASP A 791 -76.96 16.71 -19.83
CA ASP A 791 -76.22 15.75 -19.02
C ASP A 791 -75.38 16.45 -17.97
N LEU A 792 -74.79 17.60 -18.30
CA LEU A 792 -74.04 18.37 -17.33
C LEU A 792 -74.95 18.87 -16.20
N GLN A 793 -76.16 19.32 -16.55
CA GLN A 793 -77.10 19.75 -15.53
C GLN A 793 -77.50 18.59 -14.63
N LEU A 794 -77.72 17.41 -15.22
CA LEU A 794 -78.01 16.23 -14.42
C LEU A 794 -76.85 15.93 -13.48
N LEU A 795 -75.61 16.06 -13.96
CA LEU A 795 -74.44 15.82 -13.12
C LEU A 795 -74.40 16.82 -11.96
N GLY A 796 -74.64 18.09 -12.24
CA GLY A 796 -74.64 19.08 -11.17
C GLY A 796 -75.71 18.80 -10.14
N LYS A 797 -76.92 18.45 -10.60
CA LYS A 797 -78.00 18.17 -9.66
C LYS A 797 -77.73 16.91 -8.86
N LEU A 798 -77.09 15.90 -9.46
CA LEU A 798 -76.79 14.69 -8.69
C LEU A 798 -75.66 14.94 -7.70
N LEU A 799 -74.70 15.80 -8.06
CA LEU A 799 -73.69 16.19 -7.08
C LEU A 799 -74.32 16.93 -5.90
N LEU A 800 -75.25 17.83 -6.19
CA LEU A 800 -75.96 18.53 -5.13
C LEU A 800 -76.73 17.55 -4.25
N MET A 801 -77.42 16.59 -4.86
CA MET A 801 -78.20 15.63 -4.09
C MET A 801 -77.30 14.70 -3.28
N GLY A 802 -76.14 14.36 -3.83
CA GLY A 802 -75.19 13.57 -3.07
C GLY A 802 -74.67 14.32 -1.87
N ALA A 803 -74.38 15.62 -2.04
CA ALA A 803 -74.00 16.43 -0.89
C ALA A 803 -75.10 16.50 0.15
N ARG A 804 -76.35 16.63 -0.31
CA ARG A 804 -77.48 16.71 0.61
C ARG A 804 -77.74 15.39 1.32
N THR A 805 -77.44 14.27 0.68
CA THR A 805 -77.49 12.99 1.37
C THR A 805 -76.36 12.87 2.38
N LEU A 806 -75.17 13.34 2.00
CA LEU A 806 -74.01 13.26 2.88
C LEU A 806 -74.19 14.09 4.14
N GLN A 807 -74.77 15.30 4.02
CA GLN A 807 -74.78 16.22 5.15
C GLN A 807 -75.54 15.68 6.35
N GLY A 808 -76.56 14.85 6.16
CA GLY A 808 -77.35 14.39 7.29
C GLY A 808 -76.86 13.10 7.91
N ILE A 809 -75.85 12.49 7.31
CA ILE A 809 -75.34 11.19 7.74
C ILE A 809 -74.80 11.23 9.17
N PRO A 810 -73.94 12.18 9.54
CA PRO A 810 -73.38 12.15 10.90
C PRO A 810 -74.43 12.23 11.98
N GLN A 811 -75.48 13.02 11.77
CA GLN A 811 -76.57 13.08 12.74
C GLN A 811 -77.28 11.74 12.85
N MET A 812 -77.53 11.09 11.72
CA MET A 812 -78.20 9.79 11.75
C MET A 812 -77.37 8.76 12.52
N ILE A 813 -76.07 8.71 12.26
CA ILE A 813 -75.24 7.74 12.95
C ILE A 813 -75.09 8.08 14.43
N GLY A 814 -75.03 9.37 14.78
CA GLY A 814 -75.06 9.73 16.18
C GLY A 814 -76.34 9.26 16.85
N GLU A 815 -77.46 9.46 16.17
CA GLU A 815 -78.74 9.03 16.72
C GLU A 815 -78.78 7.53 16.92
N VAL A 816 -78.32 6.76 15.93
CA VAL A 816 -78.39 5.31 16.05
C VAL A 816 -77.45 4.79 17.14
N ILE A 817 -76.26 5.39 17.31
CA ILE A 817 -75.41 4.92 18.39
C ILE A 817 -75.98 5.32 19.74
N ARG A 818 -76.65 6.47 19.82
CA ARG A 818 -77.33 6.83 21.05
C ARG A 818 -78.44 5.86 21.38
N LYS A 819 -79.18 5.39 20.37
CA LYS A 819 -80.23 4.42 20.62
C LYS A 819 -79.67 3.03 20.89
N GLY A 820 -78.50 2.71 20.37
CA GLY A 820 -77.89 1.42 20.63
C GLY A 820 -78.47 0.28 19.81
N SER A 821 -77.61 -0.63 19.35
CA SER A 821 -78.06 -1.77 18.55
C SER A 821 -76.97 -2.84 18.60
N LYS A 822 -77.17 -3.87 17.79
CA LYS A 822 -76.22 -4.97 17.67
C LYS A 822 -75.84 -5.17 16.22
N ASN A 823 -74.60 -5.58 16.00
CA ASN A 823 -74.06 -5.76 14.66
C ASN A 823 -73.43 -7.14 14.56
N ASP A 824 -73.64 -7.81 13.43
CA ASP A 824 -73.19 -9.18 13.24
C ASP A 824 -72.50 -9.30 11.89
N PHE A 825 -71.39 -10.04 11.87
CA PHE A 825 -70.55 -10.15 10.67
C PHE A 825 -70.18 -11.61 10.49
N PHE A 826 -70.99 -12.33 9.72
CA PHE A 826 -70.88 -13.78 9.60
C PHE A 826 -70.81 -14.14 8.13
N LEU A 827 -69.63 -14.54 7.67
CA LEU A 827 -69.41 -14.91 6.28
C LEU A 827 -69.31 -16.43 6.22
N HIS A 828 -70.42 -17.08 5.87
CA HIS A 828 -70.47 -18.53 5.74
C HIS A 828 -69.92 -18.91 4.36
N TYR A 829 -68.60 -18.72 4.22
CA TYR A 829 -67.95 -18.82 2.92
C TYR A 829 -67.60 -20.27 2.61
N ILE A 830 -67.99 -20.73 1.43
CA ILE A 830 -67.59 -22.04 0.95
C ILE A 830 -66.09 -22.04 0.64
N PHE A 831 -65.35 -22.94 1.28
CA PHE A 831 -63.98 -23.15 0.85
C PHE A 831 -63.81 -24.46 0.08
N MET A 832 -64.65 -25.46 0.33
CA MET A 832 -64.64 -26.65 -0.50
C MET A 832 -66.08 -27.03 -0.79
N GLU A 833 -66.39 -27.23 -2.07
CA GLU A 833 -67.69 -27.79 -2.45
C GLU A 833 -67.48 -28.72 -3.62
N ASN A 834 -68.13 -29.88 -3.59
CA ASN A 834 -68.23 -30.72 -4.77
C ASN A 834 -69.55 -31.47 -4.72
N ALA A 835 -70.41 -31.23 -5.71
CA ALA A 835 -71.73 -31.82 -5.77
C ALA A 835 -71.88 -32.62 -7.05
N PHE A 836 -72.73 -33.65 -7.00
CA PHE A 836 -73.03 -34.43 -8.19
C PHE A 836 -74.11 -35.45 -7.88
N GLU A 837 -74.53 -36.15 -8.93
CA GLU A 837 -75.58 -37.14 -8.86
C GLU A 837 -75.48 -37.99 -10.11
N LEU A 838 -75.87 -39.25 -9.99
CA LEU A 838 -75.89 -40.15 -11.13
C LEU A 838 -77.22 -40.88 -11.23
N PRO A 839 -77.57 -41.36 -12.42
CA PRO A 839 -78.79 -42.16 -12.54
C PRO A 839 -78.63 -43.51 -11.86
N THR A 840 -79.77 -44.10 -11.50
CA THR A 840 -79.80 -45.43 -10.92
C THR A 840 -80.47 -46.37 -11.91
N GLY A 841 -80.32 -47.67 -11.66
CA GLY A 841 -80.89 -48.66 -12.52
C GLY A 841 -82.40 -48.62 -12.66
N ALA A 842 -83.09 -48.17 -11.62
CA ALA A 842 -84.52 -47.95 -11.69
C ALA A 842 -84.89 -46.55 -12.20
N GLY A 843 -83.89 -45.69 -12.41
CA GLY A 843 -84.14 -44.34 -12.85
C GLY A 843 -84.29 -43.32 -11.75
N LEU A 844 -83.53 -43.42 -10.66
CA LEU A 844 -83.62 -42.47 -9.56
C LEU A 844 -82.29 -41.74 -9.43
N GLN A 845 -82.23 -40.78 -8.51
CA GLN A 845 -81.15 -39.79 -8.51
C GLN A 845 -80.20 -40.02 -7.36
N LEU A 846 -79.14 -40.81 -7.59
CA LEU A 846 -78.18 -41.05 -6.53
C LEU A 846 -77.35 -39.77 -6.38
N GLN A 847 -77.74 -38.95 -5.41
CA GLN A 847 -77.08 -37.70 -5.10
C GLN A 847 -75.94 -37.95 -4.12
N ILE A 848 -74.80 -37.31 -4.37
CA ILE A 848 -73.67 -37.33 -3.45
C ILE A 848 -72.94 -36.00 -3.59
N SER A 849 -72.54 -35.44 -2.46
CA SER A 849 -71.75 -34.22 -2.46
C SER A 849 -71.02 -34.11 -1.13
N SER A 850 -70.08 -33.18 -1.09
CA SER A 850 -69.36 -32.90 0.14
C SER A 850 -69.00 -31.42 0.17
N SER A 851 -68.81 -30.91 1.38
CA SER A 851 -68.55 -29.49 1.57
C SER A 851 -67.75 -29.26 2.84
N GLY A 852 -66.89 -28.25 2.78
CA GLY A 852 -66.19 -27.71 3.92
C GLY A 852 -66.34 -26.19 3.91
N VAL A 853 -66.78 -25.63 5.04
CA VAL A 853 -67.17 -24.23 5.13
C VAL A 853 -66.56 -23.59 6.37
N ILE A 854 -66.26 -22.31 6.25
CA ILE A 854 -65.91 -21.44 7.37
C ILE A 854 -66.96 -20.34 7.47
N ALA A 855 -67.32 -19.98 8.70
CA ALA A 855 -68.25 -18.88 8.97
C ALA A 855 -67.64 -17.98 10.05
N PRO A 856 -66.53 -17.31 9.76
CA PRO A 856 -65.83 -16.50 10.79
C PRO A 856 -66.54 -15.17 11.06
N GLY A 857 -67.65 -15.24 11.77
CA GLY A 857 -68.37 -14.04 12.13
C GLY A 857 -68.06 -13.53 13.52
N ALA A 858 -68.71 -12.42 13.86
CA ALA A 858 -68.56 -11.82 15.17
C ALA A 858 -69.82 -11.04 15.51
N LYS A 859 -70.13 -10.97 16.80
CA LYS A 859 -71.29 -10.27 17.32
C LYS A 859 -70.81 -9.12 18.20
N ALA A 860 -71.22 -7.90 17.86
CA ALA A 860 -70.86 -6.70 18.58
C ALA A 860 -72.09 -5.79 18.68
N GLY A 861 -71.82 -4.52 18.99
CA GLY A 861 -72.89 -3.56 19.18
C GLY A 861 -72.99 -3.11 20.62
N VAL A 862 -72.48 -1.92 20.90
CA VAL A 862 -72.44 -1.37 22.25
C VAL A 862 -73.53 -0.31 22.37
N LYS A 863 -74.53 -0.57 23.21
CA LYS A 863 -75.61 0.38 23.43
C LYS A 863 -75.16 1.46 24.39
N LEU A 864 -75.53 2.71 24.10
CA LEU A 864 -75.21 3.85 24.95
C LEU A 864 -76.49 4.39 25.54
N GLU A 865 -76.51 4.56 26.86
CA GLU A 865 -77.64 5.15 27.56
C GLU A 865 -77.29 6.57 27.95
N VAL A 866 -77.90 7.54 27.26
CA VAL A 866 -77.61 8.95 27.49
C VAL A 866 -78.28 9.39 28.78
N ALA A 867 -77.65 10.35 29.46
CA ALA A 867 -78.13 10.88 30.74
C ALA A 867 -78.26 9.78 31.79
N ASN A 868 -77.67 8.63 31.50
CA ASN A 868 -77.68 7.49 32.43
C ASN A 868 -76.26 6.99 32.59
N MET A 869 -75.42 7.26 31.59
CA MET A 869 -74.00 6.90 31.61
C MET A 869 -73.82 5.41 31.87
N GLN A 870 -74.66 4.62 31.19
CA GLN A 870 -74.67 3.17 31.35
C GLN A 870 -74.28 2.54 30.01
N ALA A 871 -73.12 1.88 29.99
CA ALA A 871 -72.59 1.27 28.78
C ALA A 871 -72.67 -0.24 28.87
N GLU A 872 -73.11 -0.86 27.76
CA GLU A 872 -73.29 -2.30 27.68
C GLU A 872 -72.46 -2.81 26.51
N LEU A 873 -71.42 -3.59 26.81
CA LEU A 873 -70.40 -3.94 25.85
C LEU A 873 -70.43 -5.44 25.55
N VAL A 874 -70.45 -5.77 24.26
CA VAL A 874 -70.43 -7.16 23.81
C VAL A 874 -69.61 -7.25 22.52
N ALA A 875 -68.67 -8.19 22.48
CA ALA A 875 -67.91 -8.47 21.27
C ALA A 875 -67.36 -9.89 21.39
N LYS A 876 -67.95 -10.81 20.63
CA LYS A 876 -67.67 -12.25 20.75
C LYS A 876 -67.41 -12.84 19.38
N PRO A 877 -66.20 -12.69 18.85
CA PRO A 877 -65.85 -13.39 17.61
C PRO A 877 -65.87 -14.90 17.82
N SER A 878 -66.21 -15.60 16.76
CA SER A 878 -66.27 -17.07 16.83
C SER A 878 -65.73 -17.63 15.54
N VAL A 879 -65.18 -18.84 15.62
CA VAL A 879 -64.61 -19.53 14.48
C VAL A 879 -65.24 -20.91 14.42
N SER A 880 -65.55 -21.36 13.20
CA SER A 880 -66.28 -22.61 13.00
C SER A 880 -65.82 -23.26 11.71
N VAL A 881 -65.21 -24.43 11.83
CA VAL A 881 -64.86 -25.26 10.69
C VAL A 881 -65.92 -26.33 10.58
N GLU A 882 -66.69 -26.31 9.50
CA GLU A 882 -67.76 -27.27 9.30
C GLU A 882 -67.45 -28.13 8.09
N PHE A 883 -67.81 -29.40 8.18
CA PHE A 883 -67.63 -30.32 7.07
C PHE A 883 -68.81 -31.29 7.03
N VAL A 884 -69.32 -31.54 5.84
CA VAL A 884 -70.41 -32.49 5.66
C VAL A 884 -70.14 -33.29 4.40
N THR A 885 -70.60 -34.53 4.42
CA THR A 885 -70.80 -35.32 3.21
C THR A 885 -72.26 -35.74 3.21
N ASN A 886 -72.94 -35.47 2.11
CA ASN A 886 -74.33 -35.83 1.93
C ASN A 886 -74.42 -36.92 0.87
N MET A 887 -75.15 -37.96 1.18
CA MET A 887 -75.24 -39.11 0.30
C MET A 887 -76.71 -39.51 0.23
N GLY A 888 -77.08 -40.22 -0.83
CA GLY A 888 -78.36 -40.87 -0.82
C GLY A 888 -79.05 -40.74 -2.16
N ILE A 889 -80.36 -40.87 -2.12
CA ILE A 889 -81.20 -40.93 -3.30
C ILE A 889 -82.17 -39.76 -3.27
N ILE A 890 -82.52 -39.29 -4.46
CA ILE A 890 -83.58 -38.32 -4.66
C ILE A 890 -84.60 -38.97 -5.57
N ILE A 891 -85.88 -38.73 -5.27
CA ILE A 891 -86.97 -39.04 -6.17
C ILE A 891 -87.51 -37.70 -6.68
N PRO A 892 -87.27 -37.34 -7.94
CA PRO A 892 -87.37 -35.93 -8.33
C PRO A 892 -88.78 -35.40 -8.18
N ASP A 893 -88.89 -34.24 -7.50
CA ASP A 893 -90.15 -33.59 -7.21
C ASP A 893 -90.99 -34.39 -6.21
N PHE A 894 -90.49 -35.53 -5.76
CA PHE A 894 -91.32 -36.39 -4.93
C PHE A 894 -90.78 -36.57 -3.52
N ALA A 895 -89.55 -37.06 -3.38
CA ALA A 895 -89.04 -37.45 -2.07
C ALA A 895 -87.54 -37.57 -2.11
N ARG A 896 -86.98 -38.14 -1.05
CA ARG A 896 -85.53 -38.22 -0.89
C ARG A 896 -85.22 -39.11 0.30
N SER A 897 -84.03 -39.68 0.30
CA SER A 897 -83.56 -40.52 1.40
C SER A 897 -82.04 -40.48 1.41
N GLY A 898 -81.46 -39.84 2.42
CA GLY A 898 -80.03 -39.66 2.42
C GLY A 898 -79.43 -39.86 3.78
N VAL A 899 -78.11 -39.66 3.83
CA VAL A 899 -77.31 -39.82 5.04
C VAL A 899 -76.28 -38.72 5.09
N GLN A 900 -75.96 -38.26 6.29
CA GLN A 900 -75.16 -37.06 6.50
C GLN A 900 -74.02 -37.35 7.47
N MET A 901 -72.79 -37.36 6.96
CA MET A 901 -71.63 -37.36 7.84
C MET A 901 -71.26 -35.91 8.10
N ASN A 902 -70.95 -35.60 9.35
CA ASN A 902 -71.06 -34.25 9.87
C ASN A 902 -69.97 -34.03 10.90
N THR A 903 -69.17 -32.99 10.71
CA THR A 903 -68.08 -32.68 11.61
C THR A 903 -68.00 -31.18 11.85
N ASN A 904 -68.03 -30.80 13.12
CA ASN A 904 -67.98 -29.40 13.52
C ASN A 904 -66.74 -29.18 14.37
N PHE A 905 -66.16 -27.99 14.25
CA PHE A 905 -64.98 -27.61 15.02
C PHE A 905 -65.09 -26.13 15.33
N PHE A 906 -65.60 -25.83 16.51
CA PHE A 906 -66.04 -24.49 16.86
C PHE A 906 -65.26 -23.99 18.06
N HIS A 907 -64.90 -22.71 18.03
CA HIS A 907 -64.19 -22.08 19.13
C HIS A 907 -64.64 -20.63 19.20
N GLU A 908 -64.55 -20.04 20.40
CA GLU A 908 -65.04 -18.68 20.58
C GLU A 908 -64.39 -18.07 21.80
N SER A 909 -64.19 -16.75 21.75
CA SER A 909 -63.54 -16.04 22.85
C SER A 909 -63.99 -14.57 22.80
N GLY A 910 -64.93 -14.22 23.67
CA GLY A 910 -65.36 -12.85 23.81
C GLY A 910 -65.60 -12.54 25.28
N LEU A 911 -65.54 -11.26 25.61
CA LEU A 911 -65.63 -10.81 26.99
C LEU A 911 -66.89 -9.97 27.19
N GLU A 912 -67.51 -10.10 28.36
CA GLU A 912 -68.71 -9.34 28.71
C GLU A 912 -68.40 -8.35 29.82
N ALA A 913 -68.78 -7.09 29.60
CA ALA A 913 -68.68 -6.09 30.65
C ALA A 913 -69.81 -5.09 30.50
N HIS A 914 -70.15 -4.45 31.60
CA HIS A 914 -71.20 -3.42 31.61
C HIS A 914 -70.78 -2.34 32.61
N VAL A 915 -70.60 -1.13 32.09
CA VAL A 915 -70.19 0.00 32.91
C VAL A 915 -71.38 0.92 33.08
N ALA A 916 -71.73 1.22 34.33
CA ALA A 916 -72.85 2.11 34.65
C ALA A 916 -72.39 3.15 35.64
N LEU A 917 -72.91 4.37 35.46
CA LEU A 917 -72.57 5.49 36.35
C LEU A 917 -73.88 6.06 36.89
N LYS A 918 -74.02 6.03 38.21
CA LYS A 918 -75.23 6.52 38.88
C LYS A 918 -74.81 7.26 40.15
N ALA A 919 -75.07 8.57 40.19
CA ALA A 919 -74.77 9.40 41.34
C ALA A 919 -73.30 9.31 41.74
N GLY A 920 -72.41 9.32 40.75
CA GLY A 920 -71.00 9.21 41.02
C GLY A 920 -70.59 7.92 41.70
N LYS A 921 -71.22 6.81 41.35
CA LYS A 921 -70.96 5.50 41.95
C LYS A 921 -70.68 4.53 40.82
N LEU A 922 -69.41 4.50 40.39
CA LEU A 922 -69.05 3.72 39.22
C LEU A 922 -69.05 2.23 39.54
N LYS A 923 -69.18 1.42 38.49
CA LYS A 923 -69.14 -0.03 38.64
C LYS A 923 -68.86 -0.65 37.29
N PHE A 924 -68.06 -1.71 37.30
CA PHE A 924 -67.72 -2.47 36.10
C PHE A 924 -68.35 -3.85 36.27
N ILE A 925 -69.45 -4.09 35.58
CA ILE A 925 -70.25 -5.29 35.76
C ILE A 925 -69.87 -6.29 34.68
N ILE A 926 -69.36 -7.44 35.10
CA ILE A 926 -68.91 -8.49 34.18
C ILE A 926 -69.89 -9.66 34.30
N PRO A 927 -70.84 -9.79 33.38
CA PRO A 927 -71.76 -10.93 33.45
C PRO A 927 -71.10 -12.22 32.98
N SER A 928 -71.42 -13.31 33.67
CA SER A 928 -70.87 -14.62 33.39
C SER A 928 -71.82 -15.42 32.50
N PRO A 929 -71.36 -15.86 31.34
CA PRO A 929 -72.19 -16.74 30.51
C PRO A 929 -72.50 -18.04 31.25
N LYS A 930 -73.79 -18.28 31.47
CA LYS A 930 -74.21 -19.38 32.32
C LYS A 930 -73.90 -20.74 31.70
N ARG A 931 -73.57 -20.79 30.45
CA ARG A 931 -73.14 -21.99 29.75
C ARG A 931 -71.63 -22.15 29.87
N PRO A 932 -71.12 -23.38 29.79
CA PRO A 932 -69.67 -23.57 29.88
C PRO A 932 -68.99 -23.05 28.63
N VAL A 933 -68.31 -21.92 28.77
CA VAL A 933 -67.62 -21.30 27.64
C VAL A 933 -66.51 -22.24 27.19
N LYS A 934 -66.63 -22.76 25.98
CA LYS A 934 -65.76 -23.83 25.53
C LYS A 934 -64.80 -23.34 24.47
N LEU A 935 -63.65 -24.01 24.37
CA LEU A 935 -62.59 -23.58 23.47
C LEU A 935 -62.19 -24.62 22.44
N LEU A 936 -62.33 -25.91 22.75
CA LEU A 936 -61.90 -26.95 21.82
C LEU A 936 -63.05 -27.94 21.69
N SER A 937 -63.37 -28.29 20.44
CA SER A 937 -64.49 -29.18 20.16
C SER A 937 -64.36 -29.76 18.75
N GLY A 938 -64.26 -31.08 18.66
CA GLY A 938 -64.48 -31.79 17.43
C GLY A 938 -65.69 -32.69 17.54
N GLY A 939 -66.77 -32.33 16.85
CA GLY A 939 -68.01 -33.08 16.92
C GLY A 939 -68.22 -33.86 15.63
N ASN A 940 -68.49 -35.16 15.78
CA ASN A 940 -68.62 -36.07 14.66
C ASN A 940 -69.97 -36.78 14.79
N THR A 941 -70.90 -36.45 13.92
CA THR A 941 -72.28 -36.89 14.03
C THR A 941 -72.83 -37.25 12.65
N LEU A 942 -73.77 -38.18 12.64
CA LEU A 942 -74.43 -38.67 11.44
C LEU A 942 -75.91 -38.35 11.56
N HIS A 943 -76.53 -38.06 10.43
CA HIS A 943 -77.95 -37.71 10.43
C HIS A 943 -78.70 -38.36 9.28
N LEU A 944 -80.00 -38.54 9.50
CA LEU A 944 -80.94 -39.01 8.51
C LEU A 944 -81.99 -37.94 8.32
N VAL A 945 -81.99 -37.31 7.15
CA VAL A 945 -82.89 -36.20 6.88
C VAL A 945 -83.82 -36.63 5.76
N SER A 946 -85.04 -36.99 6.12
CA SER A 946 -86.05 -37.42 5.16
C SER A 946 -86.77 -36.20 4.61
N THR A 947 -87.59 -36.45 3.58
CA THR A 947 -88.24 -35.43 2.78
C THR A 947 -88.79 -34.28 3.60
N THR A 948 -89.36 -34.57 4.77
CA THR A 948 -89.95 -33.54 5.61
C THR A 948 -89.53 -33.72 7.06
N LYS A 949 -88.29 -34.15 7.28
CA LYS A 949 -87.84 -34.41 8.64
C LYS A 949 -86.32 -34.38 8.66
N THR A 950 -85.76 -34.07 9.83
CA THR A 950 -84.32 -33.99 10.03
C THR A 950 -84.03 -34.64 11.38
N GLU A 951 -83.39 -35.80 11.37
CA GLU A 951 -83.21 -36.60 12.58
C GLU A 951 -81.74 -36.91 12.80
N VAL A 952 -81.38 -36.99 14.09
CA VAL A 952 -80.05 -37.39 14.52
C VAL A 952 -80.04 -38.90 14.70
N ILE A 953 -78.91 -39.51 14.45
CA ILE A 953 -78.74 -40.93 14.74
C ILE A 953 -78.31 -41.05 16.18
N PRO A 954 -79.11 -41.66 17.05
CA PRO A 954 -78.78 -41.66 18.47
C PRO A 954 -77.56 -42.52 18.75
N PRO A 955 -76.81 -42.21 19.81
CA PRO A 955 -75.60 -42.98 20.09
C PRO A 955 -75.94 -44.34 20.69
N LEU A 956 -74.97 -45.25 20.57
CA LEU A 956 -75.08 -46.55 21.20
C LEU A 956 -75.04 -46.40 22.72
N ILE A 957 -75.82 -47.22 23.41
CA ILE A 957 -75.83 -47.15 24.86
C ILE A 957 -74.89 -48.20 25.46
N GLU A 958 -74.59 -49.26 24.70
CA GLU A 958 -73.62 -50.24 25.16
C GLU A 958 -72.22 -49.65 25.14
N ASN A 959 -71.46 -49.91 26.20
CA ASN A 959 -70.11 -49.37 26.36
C ASN A 959 -70.12 -47.85 26.18
N ARG A 960 -71.15 -47.21 26.70
CA ARG A 960 -71.33 -45.77 26.53
C ARG A 960 -70.36 -45.07 27.47
N GLN A 961 -69.17 -44.77 26.96
CA GLN A 961 -68.10 -44.16 27.77
C GLN A 961 -68.27 -42.65 27.69
N SER A 962 -68.82 -42.07 28.76
CA SER A 962 -68.99 -40.62 28.87
C SER A 962 -68.32 -40.19 30.17
N TRP A 963 -67.20 -39.48 30.04
CA TRP A 963 -66.39 -39.06 31.17
C TRP A 963 -66.16 -37.56 31.11
N SER A 964 -65.87 -36.98 32.27
CA SER A 964 -65.59 -35.55 32.36
C SER A 964 -64.63 -35.34 33.51
N VAL A 965 -63.53 -34.64 33.24
CA VAL A 965 -62.51 -34.34 34.24
C VAL A 965 -62.42 -32.83 34.35
N CYS A 966 -62.63 -32.30 35.56
CA CYS A 966 -62.64 -30.87 35.79
C CYS A 966 -61.57 -30.49 36.81
N LYS A 967 -61.05 -29.28 36.66
CA LYS A 967 -60.03 -28.73 37.55
C LYS A 967 -60.51 -27.41 38.10
N GLN A 968 -60.31 -27.21 39.40
CA GLN A 968 -60.76 -26.00 40.08
C GLN A 968 -59.71 -24.92 39.87
N VAL A 969 -59.71 -24.31 38.69
CA VAL A 969 -58.78 -23.22 38.39
C VAL A 969 -59.23 -21.91 38.99
N PHE A 970 -60.54 -21.68 39.14
CA PHE A 970 -61.08 -20.45 39.66
C PHE A 970 -62.28 -20.80 40.51
N PRO A 971 -62.55 -20.07 41.60
CA PRO A 971 -63.70 -20.41 42.44
C PRO A 971 -65.04 -20.29 41.74
N GLY A 972 -65.11 -19.67 40.57
CA GLY A 972 -66.35 -19.54 39.84
C GLY A 972 -66.39 -20.33 38.55
N LEU A 973 -65.22 -20.64 38.00
CA LEU A 973 -65.11 -21.36 36.74
C LEU A 973 -64.22 -22.57 36.92
N ASN A 974 -64.59 -23.67 36.27
CA ASN A 974 -63.86 -24.93 36.36
C ASN A 974 -63.47 -25.38 34.96
N TYR A 975 -62.23 -25.83 34.83
CA TYR A 975 -61.65 -26.18 33.54
C TYR A 975 -61.95 -27.65 33.26
N CYS A 976 -62.87 -27.92 32.35
CA CYS A 976 -63.39 -29.26 32.16
C CYS A 976 -63.05 -29.81 30.79
N THR A 977 -62.74 -31.09 30.74
CA THR A 977 -62.51 -31.83 29.49
C THR A 977 -63.44 -33.04 29.51
N SER A 978 -64.22 -33.21 28.44
CA SER A 978 -65.21 -34.27 28.41
C SER A 978 -65.06 -35.13 27.16
N GLY A 979 -65.31 -36.43 27.33
CA GLY A 979 -65.33 -37.35 26.22
C GLY A 979 -66.53 -38.29 26.29
N ALA A 980 -67.39 -38.24 25.28
CA ALA A 980 -68.59 -39.07 25.21
C ALA A 980 -68.55 -39.84 23.91
N TYR A 981 -68.62 -41.17 24.01
CA TYR A 981 -68.56 -42.04 22.85
C TYR A 981 -69.09 -43.41 23.27
N SER A 982 -69.01 -44.37 22.35
CA SER A 982 -69.40 -45.75 22.63
C SER A 982 -68.23 -46.66 22.27
N ASN A 983 -67.81 -47.49 23.21
CA ASN A 983 -66.65 -48.37 23.01
C ASN A 983 -67.13 -49.64 22.32
N ALA A 984 -67.34 -49.52 21.01
CA ALA A 984 -67.82 -50.63 20.17
C ALA A 984 -66.72 -51.15 19.25
N SER A 985 -65.47 -51.16 19.72
CA SER A 985 -64.38 -51.67 18.90
C SER A 985 -64.55 -53.15 18.58
N SER A 986 -64.94 -53.95 19.57
CA SER A 986 -65.19 -55.37 19.36
C SER A 986 -66.48 -55.63 18.60
N THR A 987 -67.32 -54.61 18.40
CA THR A 987 -68.57 -54.77 17.69
C THR A 987 -68.29 -54.83 16.19
N ASP A 988 -68.83 -55.85 15.53
CA ASP A 988 -68.63 -56.01 14.10
C ASP A 988 -69.54 -55.05 13.33
N SER A 989 -69.17 -54.81 12.07
CA SER A 989 -69.95 -53.96 11.15
C SER A 989 -70.03 -52.52 11.64
N ALA A 990 -69.14 -52.15 12.54
CA ALA A 990 -69.14 -50.81 13.11
C ALA A 990 -67.71 -50.33 13.28
N SER A 991 -67.50 -49.05 13.01
CA SER A 991 -66.17 -48.46 13.05
C SER A 991 -65.71 -48.27 14.51
N TYR A 992 -64.57 -47.61 14.67
CA TYR A 992 -63.92 -47.50 15.98
C TYR A 992 -64.47 -46.34 16.79
N TYR A 993 -63.83 -46.04 17.94
CA TYR A 993 -64.33 -45.04 18.88
C TYR A 993 -64.45 -43.63 18.29
N PRO A 994 -63.52 -43.14 17.46
CA PRO A 994 -63.74 -41.82 16.85
C PRO A 994 -64.96 -41.78 15.94
N LEU A 995 -65.44 -42.93 15.49
CA LEU A 995 -66.62 -43.05 14.65
C LEU A 995 -67.70 -43.83 15.39
N THR A 996 -68.74 -44.22 14.66
CA THR A 996 -69.82 -45.05 15.18
C THR A 996 -70.48 -44.37 16.39
N GLY A 997 -71.08 -43.22 16.16
CA GLY A 997 -71.74 -42.46 17.20
C GLY A 997 -71.49 -40.98 17.06
N ASP A 998 -72.26 -40.21 17.82
CA ASP A 998 -72.13 -38.76 17.83
C ASP A 998 -70.97 -38.41 18.76
N THR A 999 -69.78 -38.82 18.35
CA THR A 999 -68.60 -38.73 19.21
C THR A 999 -68.34 -37.29 19.61
N ARG A 1000 -68.10 -37.06 20.91
CA ARG A 1000 -68.05 -35.73 21.46
C ARG A 1000 -66.84 -35.61 22.39
N LEU A 1001 -65.76 -35.01 21.89
CA LEU A 1001 -64.55 -34.80 22.67
C LEU A 1001 -64.31 -33.31 22.74
N GLU A 1002 -64.59 -32.70 23.90
CA GLU A 1002 -64.68 -31.26 24.00
C GLU A 1002 -63.92 -30.72 25.20
N LEU A 1003 -63.57 -29.43 25.12
CA LEU A 1003 -62.91 -28.71 26.20
C LEU A 1003 -63.74 -27.48 26.52
N GLU A 1004 -64.15 -27.34 27.77
CA GLU A 1004 -65.07 -26.30 28.19
C GLU A 1004 -64.61 -25.68 29.50
N LEU A 1005 -65.30 -24.60 29.87
CA LEU A 1005 -65.15 -23.94 31.16
C LEU A 1005 -66.54 -23.84 31.76
N ARG A 1006 -66.79 -24.62 32.78
CA ARG A 1006 -68.10 -24.66 33.43
C ARG A 1006 -68.16 -23.63 34.53
N PRO A 1007 -69.06 -22.65 34.46
CA PRO A 1007 -69.30 -21.79 35.63
C PRO A 1007 -69.83 -22.61 36.79
N THR A 1008 -69.36 -22.29 37.98
CA THR A 1008 -69.77 -23.04 39.17
C THR A 1008 -71.21 -22.77 39.57
N GLY A 1009 -71.85 -21.75 38.98
CA GLY A 1009 -73.21 -21.41 39.29
C GLY A 1009 -73.38 -20.61 40.58
N GLU A 1010 -72.49 -20.80 41.55
CA GLU A 1010 -72.56 -20.02 42.77
C GLU A 1010 -72.34 -18.54 42.50
N ILE A 1011 -71.50 -18.21 41.53
CA ILE A 1011 -71.27 -16.84 41.08
C ILE A 1011 -71.96 -16.66 39.73
N GLU A 1012 -72.90 -15.73 39.67
CA GLU A 1012 -73.64 -15.46 38.45
C GLU A 1012 -72.95 -14.41 37.58
N GLN A 1013 -72.17 -13.52 38.18
CA GLN A 1013 -71.39 -12.55 37.41
C GLN A 1013 -70.41 -11.86 38.34
N TYR A 1014 -69.61 -10.98 37.75
CA TYR A 1014 -68.70 -10.15 38.50
C TYR A 1014 -69.07 -8.68 38.37
N SER A 1015 -68.69 -7.91 39.39
CA SER A 1015 -68.84 -6.46 39.35
C SER A 1015 -67.88 -5.84 40.35
N VAL A 1016 -67.16 -4.82 39.93
CA VAL A 1016 -66.25 -4.07 40.78
C VAL A 1016 -66.69 -2.61 40.75
N SER A 1017 -66.71 -1.98 41.92
CA SER A 1017 -67.25 -0.63 42.05
C SER A 1017 -66.32 0.22 42.91
N ALA A 1018 -66.46 1.53 42.74
CA ALA A 1018 -65.74 2.52 43.56
C ALA A 1018 -66.74 3.57 44.05
N THR A 1019 -67.88 3.09 44.54
CA THR A 1019 -68.92 3.97 45.07
C THR A 1019 -68.37 4.81 46.22
N TYR A 1020 -68.63 6.10 46.17
CA TYR A 1020 -68.26 7.02 47.23
C TYR A 1020 -69.52 7.35 48.03
N GLU A 1021 -69.43 7.19 49.34
CA GLU A 1021 -70.52 7.54 50.24
C GLU A 1021 -70.04 8.52 51.30
N LEU A 1022 -71.01 9.07 52.03
CA LEU A 1022 -70.76 10.05 53.09
C LEU A 1022 -71.53 9.59 54.33
N GLN A 1023 -70.82 8.94 55.25
CA GLN A 1023 -71.47 8.35 56.40
C GLN A 1023 -71.76 9.39 57.48
N ARG A 1024 -72.83 9.15 58.23
CA ARG A 1024 -73.23 10.01 59.35
C ARG A 1024 -72.61 9.47 60.62
N GLU A 1025 -71.45 10.01 60.99
CA GLU A 1025 -70.76 9.64 62.22
C GLU A 1025 -71.29 10.55 63.33
N ASP A 1026 -72.42 10.15 63.92
CA ASP A 1026 -73.06 10.92 64.99
C ASP A 1026 -73.27 12.36 64.56
N ARG A 1027 -72.36 13.23 64.97
CA ARG A 1027 -72.34 14.62 64.53
C ARG A 1027 -71.46 14.84 63.32
N ALA A 1028 -70.46 14.00 63.10
CA ALA A 1028 -69.45 14.20 62.07
C ALA A 1028 -69.84 13.43 60.83
N LEU A 1029 -69.13 13.71 59.75
CA LEU A 1029 -69.39 13.13 58.44
C LEU A 1029 -68.11 12.47 57.95
N VAL A 1030 -68.22 11.21 57.51
CA VAL A 1030 -67.07 10.44 57.05
C VAL A 1030 -67.18 10.29 55.54
N ASP A 1031 -66.16 10.80 54.84
CA ASP A 1031 -66.09 10.67 53.38
C ASP A 1031 -65.67 9.24 53.07
N THR A 1032 -66.61 8.31 53.20
CA THR A 1032 -66.31 6.90 53.06
C THR A 1032 -66.25 6.52 51.59
N LEU A 1033 -65.06 6.12 51.14
CA LEU A 1033 -64.85 5.63 49.78
C LEU A 1033 -64.44 4.17 49.89
N LYS A 1034 -65.21 3.29 49.27
CA LYS A 1034 -64.99 1.86 49.34
C LYS A 1034 -64.69 1.32 47.95
N PHE A 1035 -63.84 0.30 47.89
CA PHE A 1035 -63.53 -0.38 46.63
C PHE A 1035 -63.65 -1.89 46.86
N VAL A 1036 -64.86 -2.40 46.71
CA VAL A 1036 -65.15 -3.82 46.86
C VAL A 1036 -64.90 -4.53 45.55
N THR A 1037 -64.39 -5.75 45.63
CA THR A 1037 -64.10 -6.57 44.45
C THR A 1037 -64.68 -7.97 44.65
N GLN A 1038 -65.92 -8.04 45.12
CA GLN A 1038 -66.54 -9.33 45.36
C GLN A 1038 -67.25 -9.83 44.11
N ALA A 1039 -67.54 -11.13 44.10
CA ALA A 1039 -68.23 -11.76 42.98
C ALA A 1039 -69.70 -11.93 43.35
N GLU A 1040 -70.58 -11.49 42.45
CA GLU A 1040 -72.00 -11.55 42.72
C GLU A 1040 -72.48 -12.99 42.72
N GLY A 1041 -73.09 -13.41 43.81
CA GLY A 1041 -73.62 -14.75 43.91
C GLY A 1041 -73.33 -15.34 45.28
N ALA A 1042 -73.51 -16.65 45.37
CA ALA A 1042 -73.29 -17.35 46.63
C ALA A 1042 -71.85 -17.21 47.11
N LYS A 1043 -70.89 -17.36 46.19
CA LYS A 1043 -69.48 -17.17 46.52
C LYS A 1043 -69.16 -15.69 46.41
N GLN A 1044 -69.01 -15.03 47.56
CA GLN A 1044 -68.68 -13.61 47.61
C GLN A 1044 -67.17 -13.48 47.76
N THR A 1045 -66.51 -12.98 46.71
CA THR A 1045 -65.06 -12.83 46.71
C THR A 1045 -64.70 -11.47 47.30
N GLU A 1046 -65.16 -11.26 48.52
CA GLU A 1046 -65.04 -9.96 49.17
C GLU A 1046 -63.58 -9.58 49.37
N ALA A 1047 -63.17 -8.50 48.73
CA ALA A 1047 -61.87 -7.90 48.96
C ALA A 1047 -62.00 -6.39 48.79
N THR A 1048 -62.22 -5.69 49.88
CA THR A 1048 -62.58 -4.28 49.85
C THR A 1048 -61.47 -3.44 50.46
N MET A 1049 -61.07 -2.39 49.78
CA MET A 1049 -60.07 -1.45 50.27
C MET A 1049 -60.79 -0.13 50.56
N THR A 1050 -61.30 0.00 51.77
CA THR A 1050 -62.04 1.18 52.19
C THR A 1050 -61.10 2.12 52.93
N PHE A 1051 -61.18 3.41 52.61
CA PHE A 1051 -60.31 4.43 53.20
C PHE A 1051 -61.20 5.57 53.69
N LYS A 1052 -61.64 5.45 54.94
CA LYS A 1052 -62.55 6.43 55.52
C LYS A 1052 -61.81 7.73 55.83
N TYR A 1053 -62.55 8.83 55.76
CA TYR A 1053 -62.01 10.14 56.11
C TYR A 1053 -63.11 10.97 56.77
N ASN A 1054 -62.89 11.35 58.02
CA ASN A 1054 -63.80 12.22 58.75
C ASN A 1054 -63.36 13.67 58.53
N ARG A 1055 -64.01 14.35 57.58
CA ARG A 1055 -63.66 15.75 57.32
C ARG A 1055 -64.07 16.66 58.46
N GLN A 1056 -65.12 16.31 59.20
CA GLN A 1056 -65.53 17.09 60.35
C GLN A 1056 -64.60 16.91 61.55
N SER A 1057 -63.80 15.85 61.57
CA SER A 1057 -62.91 15.61 62.69
C SER A 1057 -61.49 15.28 62.23
N MET A 1058 -61.11 15.70 61.02
CA MET A 1058 -59.78 15.50 60.43
C MET A 1058 -59.18 14.14 60.81
N THR A 1059 -60.00 13.10 60.64
CA THR A 1059 -59.62 11.74 60.98
C THR A 1059 -59.52 10.91 59.71
N LEU A 1060 -58.38 10.26 59.50
CA LEU A 1060 -58.14 9.41 58.35
C LEU A 1060 -58.06 7.95 58.79
N SER A 1061 -58.76 7.09 58.05
CA SER A 1061 -58.75 5.66 58.35
C SER A 1061 -58.62 4.88 57.05
N SER A 1062 -58.07 3.67 57.17
CA SER A 1062 -57.87 2.79 56.01
C SER A 1062 -58.22 1.37 56.42
N GLU A 1063 -59.09 0.73 55.65
CA GLU A 1063 -59.59 -0.61 55.96
C GLU A 1063 -59.41 -1.51 54.75
N VAL A 1064 -58.76 -2.64 54.95
CA VAL A 1064 -58.60 -3.67 53.91
C VAL A 1064 -58.87 -5.01 54.57
N GLN A 1065 -59.93 -5.69 54.12
CA GLN A 1065 -60.28 -7.02 54.60
C GLN A 1065 -59.99 -8.02 53.49
N ILE A 1066 -59.05 -8.91 53.72
CA ILE A 1066 -58.71 -9.97 52.79
C ILE A 1066 -58.72 -11.29 53.56
N PRO A 1067 -59.86 -11.97 53.61
CA PRO A 1067 -59.93 -13.27 54.29
C PRO A 1067 -59.19 -14.39 53.58
N ASP A 1068 -58.78 -14.19 52.33
CA ASP A 1068 -58.04 -15.22 51.60
C ASP A 1068 -56.73 -15.55 52.31
N PHE A 1069 -56.05 -14.52 52.82
CA PHE A 1069 -54.85 -14.71 53.64
C PHE A 1069 -55.03 -14.10 55.03
N ASP A 1070 -56.27 -13.91 55.46
CA ASP A 1070 -56.59 -13.36 56.77
C ASP A 1070 -55.98 -11.96 56.95
N VAL A 1071 -55.92 -11.22 55.85
CA VAL A 1071 -55.33 -9.88 55.84
C VAL A 1071 -56.46 -8.90 56.13
N ASP A 1072 -56.56 -8.48 57.39
CA ASP A 1072 -57.54 -7.50 57.81
C ASP A 1072 -56.81 -6.37 58.54
N LEU A 1073 -56.32 -5.41 57.78
CA LEU A 1073 -55.48 -4.36 58.33
C LEU A 1073 -56.31 -3.12 58.65
N GLY A 1074 -56.15 -2.61 59.86
CA GLY A 1074 -56.83 -1.40 60.27
C GLY A 1074 -55.87 -0.30 60.66
N THR A 1075 -55.83 0.76 59.86
CA THR A 1075 -54.98 1.92 60.13
C THR A 1075 -55.86 3.12 60.40
N ILE A 1076 -55.76 3.66 61.61
CA ILE A 1076 -56.60 4.78 62.05
C ILE A 1076 -55.68 5.93 62.43
N LEU A 1077 -55.92 7.09 61.83
CA LEU A 1077 -55.15 8.30 62.12
C LEU A 1077 -56.11 9.32 62.73
N ARG A 1078 -56.08 9.42 64.06
CA ARG A 1078 -56.94 10.35 64.78
C ARG A 1078 -56.15 11.61 65.10
N VAL A 1079 -56.66 12.76 64.64
CA VAL A 1079 -56.02 14.04 64.85
C VAL A 1079 -57.00 14.92 65.60
N ASN A 1080 -56.57 15.44 66.75
CA ASN A 1080 -57.42 16.31 67.55
C ASN A 1080 -57.01 17.76 67.38
N ASP A 1081 -57.93 18.56 66.85
CA ASP A 1081 -57.70 19.99 66.64
C ASP A 1081 -58.05 20.70 67.95
N GLU A 1082 -57.02 21.05 68.71
CA GLU A 1082 -57.19 21.68 70.01
C GLU A 1082 -56.47 23.02 70.10
N SER A 1083 -56.08 23.59 68.96
CA SER A 1083 -55.35 24.84 68.93
C SER A 1083 -56.33 26.01 68.90
N THR A 1084 -56.16 26.94 69.84
CA THR A 1084 -56.99 28.12 69.93
C THR A 1084 -56.11 29.37 69.76
N GLU A 1085 -56.71 30.54 69.93
CA GLU A 1085 -55.96 31.79 69.77
C GLU A 1085 -54.96 32.00 70.89
N GLY A 1086 -55.17 31.40 72.06
CA GLY A 1086 -54.26 31.54 73.17
C GLY A 1086 -53.74 30.23 73.72
N LYS A 1087 -54.17 29.12 73.11
CA LYS A 1087 -53.75 27.79 73.56
C LYS A 1087 -53.69 26.88 72.33
N THR A 1088 -52.50 26.71 71.79
CA THR A 1088 -52.30 25.84 70.64
C THR A 1088 -51.98 24.43 71.13
N SER A 1089 -52.87 23.49 70.83
CA SER A 1089 -52.72 22.12 71.30
C SER A 1089 -53.19 21.15 70.22
N TYR A 1090 -52.63 19.95 70.23
CA TYR A 1090 -53.06 18.87 69.35
C TYR A 1090 -52.77 17.54 70.03
N ARG A 1091 -53.45 16.50 69.55
CA ARG A 1091 -53.26 15.14 70.04
C ARG A 1091 -53.19 14.21 68.82
N LEU A 1092 -51.98 13.97 68.34
CA LEU A 1092 -51.78 13.09 67.21
C LEU A 1092 -51.81 11.63 67.67
N THR A 1093 -52.51 10.79 66.93
CA THR A 1093 -52.68 9.38 67.29
C THR A 1093 -52.55 8.52 66.06
N LEU A 1094 -51.62 7.56 66.10
CA LEU A 1094 -51.43 6.59 65.03
C LEU A 1094 -51.63 5.20 65.61
N ASP A 1095 -52.78 4.60 65.36
CA ASP A 1095 -53.15 3.31 65.91
C ASP A 1095 -53.01 2.27 64.79
N ILE A 1096 -51.88 1.57 64.80
CA ILE A 1096 -51.60 0.54 63.80
C ILE A 1096 -52.11 -0.79 64.37
N GLN A 1097 -53.20 -1.29 63.82
CA GLN A 1097 -53.78 -2.55 64.24
C GLN A 1097 -53.62 -3.58 63.15
N ASN A 1098 -52.85 -4.63 63.44
CA ASN A 1098 -52.64 -5.74 62.52
C ASN A 1098 -53.63 -6.83 62.88
N LYS A 1099 -54.51 -7.17 61.95
CA LYS A 1099 -55.65 -8.06 62.23
C LYS A 1099 -56.46 -7.53 63.40
N LYS A 1100 -56.70 -6.22 63.38
CA LYS A 1100 -57.45 -5.52 64.42
C LYS A 1100 -56.77 -5.63 65.79
N ILE A 1101 -55.48 -5.93 65.80
CA ILE A 1101 -54.69 -6.00 67.02
C ILE A 1101 -53.71 -4.84 67.01
N THR A 1102 -53.89 -3.90 67.93
CA THR A 1102 -53.01 -2.75 68.00
C THR A 1102 -51.62 -3.21 68.41
N GLU A 1103 -50.71 -3.22 67.44
CA GLU A 1103 -49.34 -3.65 67.68
C GLU A 1103 -48.35 -2.51 67.62
N VAL A 1104 -48.67 -1.44 66.91
CA VAL A 1104 -47.89 -0.21 66.92
C VAL A 1104 -48.83 0.94 67.22
N ALA A 1105 -48.49 1.74 68.22
CA ALA A 1105 -49.28 2.91 68.60
C ALA A 1105 -48.36 4.11 68.73
N LEU A 1106 -48.73 5.21 68.10
CA LEU A 1106 -47.94 6.43 68.08
C LEU A 1106 -48.84 7.58 68.53
N MET A 1107 -48.68 8.00 69.78
CA MET A 1107 -49.47 9.07 70.37
C MET A 1107 -48.60 10.29 70.63
N GLY A 1108 -49.11 11.46 70.29
CA GLY A 1108 -48.41 12.70 70.55
C GLY A 1108 -49.25 13.69 71.31
N HIS A 1109 -48.71 14.26 72.38
CA HIS A 1109 -49.39 15.24 73.21
C HIS A 1109 -48.70 16.59 73.06
N LEU A 1110 -49.46 17.60 72.63
CA LEU A 1110 -48.92 18.93 72.42
C LEU A 1110 -49.76 19.93 73.21
N SER A 1111 -49.09 20.71 74.05
CA SER A 1111 -49.75 21.79 74.78
C SER A 1111 -48.87 23.03 74.73
N CYS A 1112 -48.34 23.32 73.55
CA CYS A 1112 -47.40 24.44 73.37
C CYS A 1112 -48.20 25.73 73.38
N ASP A 1113 -48.42 26.26 74.57
CA ASP A 1113 -49.11 27.54 74.72
C ASP A 1113 -48.16 28.68 74.35
N THR A 1114 -48.76 29.82 74.01
CA THR A 1114 -48.00 30.97 73.54
C THR A 1114 -47.61 31.93 74.65
N LYS A 1115 -47.96 31.62 75.91
CA LYS A 1115 -47.70 32.57 76.98
C LYS A 1115 -46.45 32.23 77.78
N GLU A 1116 -46.46 31.12 78.51
CA GLU A 1116 -45.25 30.63 79.17
C GLU A 1116 -44.96 29.19 78.80
N GLU A 1117 -45.97 28.34 78.92
CA GLU A 1117 -45.78 26.90 78.83
C GLU A 1117 -45.79 26.44 77.38
N ARG A 1118 -44.81 25.61 77.03
CA ARG A 1118 -44.72 25.04 75.68
C ARG A 1118 -44.45 23.55 75.86
N LYS A 1119 -45.54 22.78 75.96
CA LYS A 1119 -45.46 21.36 76.24
C LYS A 1119 -45.47 20.58 74.93
N ILE A 1120 -44.38 19.88 74.65
CA ILE A 1120 -44.24 19.06 73.46
C ILE A 1120 -43.87 17.66 73.92
N LYS A 1121 -44.70 16.68 73.60
CA LYS A 1121 -44.51 15.32 74.08
C LYS A 1121 -44.65 14.33 72.92
N GLY A 1122 -44.11 13.14 73.13
CA GLY A 1122 -44.17 12.09 72.13
C GLY A 1122 -44.08 10.72 72.77
N VAL A 1123 -45.02 9.84 72.42
CA VAL A 1123 -45.12 8.51 73.01
C VAL A 1123 -44.82 7.49 71.92
N ILE A 1124 -43.81 6.65 72.17
CA ILE A 1124 -43.39 5.62 71.24
C ILE A 1124 -43.18 4.34 72.03
N SER A 1125 -44.15 3.43 71.95
CA SER A 1125 -44.05 2.15 72.62
C SER A 1125 -44.64 1.06 71.72
N ILE A 1126 -44.12 -0.15 71.86
CA ILE A 1126 -44.60 -1.30 71.12
C ILE A 1126 -45.03 -2.37 72.13
N PRO A 1127 -46.32 -2.70 72.21
CA PRO A 1127 -46.77 -3.74 73.14
C PRO A 1127 -46.28 -5.14 72.81
N ARG A 1128 -45.90 -5.41 71.55
CA ARG A 1128 -45.49 -6.75 71.16
C ARG A 1128 -44.00 -6.99 71.42
N LEU A 1129 -43.16 -6.04 71.01
CA LEU A 1129 -41.72 -6.23 71.06
C LEU A 1129 -41.05 -5.43 72.17
N GLN A 1130 -41.81 -4.75 73.02
CA GLN A 1130 -41.25 -3.96 74.11
C GLN A 1130 -40.22 -2.97 73.57
N ALA A 1131 -40.67 -2.02 72.75
CA ALA A 1131 -39.79 -0.99 72.22
C ALA A 1131 -40.37 0.36 72.65
N GLU A 1132 -40.00 0.79 73.85
CA GLU A 1132 -40.54 2.01 74.41
C GLU A 1132 -39.55 3.15 74.24
N ALA A 1133 -40.01 4.23 73.62
CA ALA A 1133 -39.19 5.40 73.36
C ALA A 1133 -39.94 6.65 73.78
N ARG A 1134 -39.22 7.63 74.30
CA ARG A 1134 -39.83 8.84 74.84
C ARG A 1134 -39.25 10.07 74.15
N SER A 1135 -40.12 11.05 73.92
CA SER A 1135 -39.70 12.34 73.38
C SER A 1135 -40.59 13.44 73.93
N GLU A 1136 -40.15 14.10 75.00
CA GLU A 1136 -40.95 15.10 75.69
C GLU A 1136 -40.13 16.38 75.81
N ILE A 1137 -40.69 17.48 75.34
CA ILE A 1137 -40.01 18.77 75.31
C ILE A 1137 -40.89 19.79 76.01
N LEU A 1138 -40.32 20.50 76.98
CA LEU A 1138 -40.98 21.62 77.65
C LEU A 1138 -40.06 22.82 77.62
N ALA A 1139 -40.65 23.99 77.36
CA ALA A 1139 -39.89 25.25 77.33
C ALA A 1139 -40.77 26.32 77.95
N HIS A 1140 -40.58 26.57 79.25
CA HIS A 1140 -41.34 27.60 79.95
C HIS A 1140 -40.84 28.96 79.50
N TRP A 1141 -41.66 29.68 78.76
CA TRP A 1141 -41.33 31.02 78.34
C TRP A 1141 -41.39 32.00 79.51
N SER A 1142 -40.51 32.99 79.48
CA SER A 1142 -40.50 34.03 80.49
C SER A 1142 -39.91 35.29 79.87
N PRO A 1143 -40.53 36.45 80.10
CA PRO A 1143 -39.95 37.69 79.55
C PRO A 1143 -38.57 38.02 80.09
N ALA A 1144 -38.30 37.75 81.37
CA ALA A 1144 -37.02 38.14 81.98
C ALA A 1144 -35.99 37.03 81.83
N LYS A 1145 -36.30 35.86 82.37
CA LYS A 1145 -35.43 34.69 82.28
C LYS A 1145 -35.97 33.75 81.20
N LEU A 1146 -35.40 32.56 81.14
CA LEU A 1146 -35.89 31.52 80.25
C LEU A 1146 -35.71 30.17 80.91
N LEU A 1147 -36.72 29.31 80.78
CA LEU A 1147 -36.70 27.97 81.35
C LEU A 1147 -37.00 26.96 80.24
N LEU A 1148 -36.16 25.94 80.15
CA LEU A 1148 -36.30 24.94 79.10
C LEU A 1148 -35.87 23.58 79.63
N GLN A 1149 -36.52 22.53 79.15
CA GLN A 1149 -36.22 21.15 79.51
C GLN A 1149 -36.20 20.29 78.26
N MET A 1150 -35.74 19.04 78.43
CA MET A 1150 -35.75 18.08 77.35
C MET A 1150 -35.87 16.68 77.94
N ASP A 1151 -36.62 15.81 77.26
CA ASP A 1151 -36.76 14.42 77.66
C ASP A 1151 -36.73 13.56 76.41
N SER A 1152 -35.82 12.58 76.38
CA SER A 1152 -35.75 11.63 75.29
C SER A 1152 -35.20 10.31 75.85
N SER A 1153 -36.11 9.40 76.18
CA SER A 1153 -35.75 8.09 76.72
C SER A 1153 -36.14 7.02 75.72
N ALA A 1154 -35.46 5.89 75.78
CA ALA A 1154 -35.71 4.80 74.85
C ALA A 1154 -35.32 3.49 75.52
N THR A 1155 -36.28 2.59 75.69
CA THR A 1155 -36.07 1.27 76.25
C THR A 1155 -36.65 0.23 75.32
N ALA A 1156 -35.77 -0.57 74.70
CA ALA A 1156 -36.20 -1.65 73.81
C ALA A 1156 -35.41 -2.90 74.16
N TYR A 1157 -36.13 -4.00 74.37
CA TYR A 1157 -35.54 -5.26 74.81
C TYR A 1157 -34.74 -5.07 76.11
N GLY A 1158 -35.16 -4.10 76.91
CA GLY A 1158 -34.41 -3.76 78.10
C GLY A 1158 -33.09 -3.05 77.86
N SER A 1159 -33.02 -2.21 76.84
CA SER A 1159 -31.85 -1.36 76.59
C SER A 1159 -32.21 0.04 77.09
N THR A 1160 -31.87 0.32 78.35
CA THR A 1160 -32.24 1.58 78.97
C THR A 1160 -31.29 2.67 78.52
N VAL A 1161 -31.81 3.63 77.75
CA VAL A 1161 -31.04 4.77 77.29
C VAL A 1161 -31.75 6.04 77.76
N SER A 1162 -31.00 6.92 78.42
CA SER A 1162 -31.55 8.16 78.95
C SER A 1162 -30.61 9.31 78.64
N LYS A 1163 -31.17 10.51 78.59
CA LYS A 1163 -30.38 11.73 78.33
C LYS A 1163 -31.07 12.87 79.09
N ARG A 1164 -30.47 13.24 80.23
CA ARG A 1164 -31.08 14.22 81.13
C ARG A 1164 -30.23 15.49 81.11
N VAL A 1165 -30.67 16.47 80.34
CA VAL A 1165 -30.02 17.76 80.24
C VAL A 1165 -31.04 18.83 80.57
N ALA A 1166 -30.72 19.70 81.53
CA ALA A 1166 -31.61 20.79 81.89
C ALA A 1166 -30.80 22.06 82.03
N TRP A 1167 -31.35 23.15 81.51
CA TRP A 1167 -30.74 24.47 81.64
C TRP A 1167 -31.82 25.46 82.05
N HIS A 1168 -31.51 26.31 83.01
CA HIS A 1168 -32.40 27.36 83.46
C HIS A 1168 -31.63 28.66 83.60
N TYR A 1169 -32.27 29.77 83.24
CA TYR A 1169 -31.66 31.09 83.42
C TYR A 1169 -32.20 31.73 84.69
N ASP A 1170 -31.32 32.42 85.40
CA ASP A 1170 -31.73 33.17 86.57
C ASP A 1170 -30.81 34.38 86.73
N GLU A 1171 -31.34 35.42 87.36
CA GLU A 1171 -30.55 36.62 87.62
C GLU A 1171 -29.40 36.35 88.57
N GLU A 1172 -29.58 35.44 89.52
CA GLU A 1172 -28.53 35.10 90.47
C GLU A 1172 -27.52 34.16 89.82
N LYS A 1173 -27.97 32.97 89.44
CA LYS A 1173 -27.06 31.92 89.02
C LYS A 1173 -27.53 31.42 87.67
N ILE A 1174 -26.64 30.79 86.93
CA ILE A 1174 -27.01 30.04 85.73
C ILE A 1174 -26.37 28.66 85.80
N GLU A 1175 -27.18 27.63 85.62
CA GLU A 1175 -26.76 26.25 85.78
C GLU A 1175 -27.04 25.48 84.50
N PHE A 1176 -26.22 24.46 84.24
CA PHE A 1176 -26.39 23.62 83.06
C PHE A 1176 -25.78 22.25 83.37
N GLU A 1177 -26.62 21.24 83.48
CA GLU A 1177 -26.17 19.88 83.72
C GLU A 1177 -26.50 19.01 82.52
N TRP A 1178 -25.85 17.86 82.44
CA TRP A 1178 -26.15 16.85 81.43
C TRP A 1178 -25.96 15.48 82.05
N ASN A 1179 -26.82 14.56 81.67
CA ASN A 1179 -26.80 13.21 82.23
C ASN A 1179 -27.16 12.22 81.12
N THR A 1180 -26.16 11.48 80.64
CA THR A 1180 -26.34 10.54 79.54
C THR A 1180 -26.47 9.14 80.13
N GLY A 1181 -27.70 8.78 80.48
CA GLY A 1181 -27.95 7.48 81.08
C GLY A 1181 -28.03 6.35 80.08
N THR A 1182 -27.21 5.32 80.28
CA THR A 1182 -27.21 4.14 79.41
C THR A 1182 -26.72 2.95 80.22
N ASN A 1183 -27.67 2.14 80.70
CA ASN A 1183 -27.37 0.95 81.48
C ASN A 1183 -28.14 -0.21 80.84
N VAL A 1184 -27.42 -1.27 80.49
CA VAL A 1184 -28.01 -2.42 79.79
C VAL A 1184 -27.62 -3.66 80.59
N ASP A 1185 -28.58 -4.28 81.24
CA ASP A 1185 -28.27 -5.40 82.13
C ASP A 1185 -28.31 -6.73 81.38
N THR A 1186 -27.39 -7.62 81.75
CA THR A 1186 -27.24 -8.90 81.05
C THR A 1186 -28.45 -9.79 81.24
N LYS A 1187 -28.87 -10.00 82.49
CA LYS A 1187 -30.03 -10.86 82.73
C LYS A 1187 -31.30 -10.22 82.19
N LYS A 1188 -31.38 -8.89 82.24
CA LYS A 1188 -32.53 -8.20 81.67
C LYS A 1188 -32.60 -8.40 80.15
N MET A 1189 -31.45 -8.31 79.48
CA MET A 1189 -31.42 -8.65 78.04
C MET A 1189 -31.82 -10.10 77.81
N THR A 1190 -31.32 -11.02 78.61
CA THR A 1190 -31.62 -12.43 78.40
C THR A 1190 -33.11 -12.71 78.57
N SER A 1191 -33.73 -12.11 79.58
CA SER A 1191 -35.15 -12.32 79.80
C SER A 1191 -36.01 -11.61 78.75
N ASN A 1192 -35.71 -10.34 78.46
CA ASN A 1192 -36.52 -9.58 77.52
C ASN A 1192 -36.41 -10.12 76.11
N PHE A 1193 -35.20 -10.32 75.62
CA PHE A 1193 -35.02 -10.89 74.30
C PHE A 1193 -35.37 -12.38 74.32
N PRO A 1194 -36.28 -12.84 73.47
CA PRO A 1194 -36.58 -14.28 73.41
C PRO A 1194 -35.36 -15.05 72.94
N VAL A 1195 -34.76 -15.82 73.84
CA VAL A 1195 -33.53 -16.55 73.56
C VAL A 1195 -33.81 -18.02 73.24
N ASP A 1196 -35.08 -18.39 73.08
CA ASP A 1196 -35.47 -19.74 72.75
C ASP A 1196 -36.30 -19.73 71.49
N LEU A 1197 -36.06 -20.70 70.61
CA LEU A 1197 -36.79 -20.81 69.35
C LEU A 1197 -37.91 -21.83 69.48
N SER A 1198 -39.05 -21.52 68.86
CA SER A 1198 -40.19 -22.43 68.91
C SER A 1198 -39.87 -23.78 68.28
N ASP A 1199 -39.06 -23.79 67.22
CA ASP A 1199 -38.66 -25.01 66.54
C ASP A 1199 -37.13 -25.11 66.59
N TYR A 1200 -36.62 -25.68 67.69
CA TYR A 1200 -35.18 -25.84 67.88
C TYR A 1200 -34.88 -27.00 68.83
N PRO A 1201 -35.46 -27.04 70.05
CA PRO A 1201 -35.26 -28.24 70.87
C PRO A 1201 -35.81 -29.49 70.22
N LYS A 1202 -36.94 -29.39 69.50
CA LYS A 1202 -37.47 -30.54 68.79
C LYS A 1202 -36.51 -31.01 67.70
N SER A 1203 -35.93 -30.07 66.95
CA SER A 1203 -34.96 -30.44 65.93
C SER A 1203 -33.73 -31.10 66.53
N LEU A 1204 -33.25 -30.56 67.66
CA LEU A 1204 -32.09 -31.17 68.32
C LEU A 1204 -32.40 -32.58 68.80
N HIS A 1205 -33.58 -32.78 69.39
CA HIS A 1205 -33.97 -34.11 69.86
C HIS A 1205 -34.08 -35.09 68.71
N MET A 1206 -34.69 -34.66 67.60
CA MET A 1206 -34.81 -35.55 66.45
C MET A 1206 -33.46 -35.84 65.82
N TYR A 1207 -32.54 -34.87 65.81
CA TYR A 1207 -31.20 -35.12 65.32
C TYR A 1207 -30.46 -36.12 66.19
N ALA A 1208 -30.61 -35.98 67.52
CA ALA A 1208 -30.00 -36.96 68.42
C ALA A 1208 -30.57 -38.35 68.21
N ASN A 1209 -31.88 -38.44 68.01
CA ASN A 1209 -32.51 -39.73 67.74
C ASN A 1209 -31.98 -40.34 66.44
N ARG A 1210 -31.85 -39.53 65.39
CA ARG A 1210 -31.32 -40.03 64.12
C ARG A 1210 -29.88 -40.48 64.27
N LEU A 1211 -29.07 -39.71 65.00
CA LEU A 1211 -27.66 -40.08 65.21
C LEU A 1211 -27.55 -41.38 65.99
N LEU A 1212 -28.35 -41.55 67.04
CA LEU A 1212 -28.28 -42.77 67.84
C LEU A 1212 -28.80 -43.98 67.06
N ASP A 1213 -29.87 -43.78 66.27
CA ASP A 1213 -30.56 -44.87 65.59
C ASP A 1213 -30.01 -45.14 64.19
N HIS A 1214 -28.76 -44.76 63.93
CA HIS A 1214 -28.14 -45.02 62.63
C HIS A 1214 -26.63 -44.99 62.79
N ARG A 1215 -25.97 -46.09 62.46
CA ARG A 1215 -24.53 -46.21 62.59
C ARG A 1215 -24.02 -47.28 61.63
N VAL A 1216 -22.71 -47.44 61.60
CA VAL A 1216 -22.04 -48.36 60.67
C VAL A 1216 -22.39 -49.80 61.03
N PRO A 1217 -22.47 -50.70 60.05
CA PRO A 1217 -22.81 -52.10 60.34
C PRO A 1217 -21.63 -52.88 60.89
N GLN A 1218 -21.83 -54.19 61.10
CA GLN A 1218 -20.81 -55.09 61.62
C GLN A 1218 -20.31 -54.64 63.00
N THR A 1219 -21.08 -53.73 63.61
CA THR A 1219 -20.78 -53.20 64.94
C THR A 1219 -22.04 -52.50 65.43
N ASP A 1220 -22.04 -52.13 66.71
CA ASP A 1220 -23.20 -51.51 67.32
C ASP A 1220 -22.93 -50.17 67.97
N MET A 1221 -21.67 -49.82 68.20
CA MET A 1221 -21.36 -48.51 68.78
C MET A 1221 -21.75 -47.41 67.81
N THR A 1222 -22.27 -46.32 68.36
CA THR A 1222 -22.67 -45.17 67.57
C THR A 1222 -21.68 -44.04 67.81
N PHE A 1223 -21.83 -42.96 67.04
CA PHE A 1223 -20.93 -41.83 67.15
C PHE A 1223 -21.09 -41.07 68.46
N ARG A 1224 -22.15 -41.32 69.22
CA ARG A 1224 -22.35 -40.63 70.48
C ARG A 1224 -21.29 -41.04 71.51
N HIS A 1225 -20.86 -42.30 71.50
CA HIS A 1225 -19.82 -42.72 72.41
C HIS A 1225 -18.50 -41.98 72.14
N VAL A 1226 -18.11 -41.90 70.87
CA VAL A 1226 -16.89 -41.19 70.52
C VAL A 1226 -17.04 -39.70 70.81
N GLY A 1227 -18.24 -39.16 70.60
CA GLY A 1227 -18.48 -37.76 70.93
C GLY A 1227 -18.32 -37.48 72.41
N SER A 1228 -18.87 -38.36 73.25
CA SER A 1228 -18.69 -38.22 74.70
C SER A 1228 -17.22 -38.36 75.08
N LYS A 1229 -16.51 -39.29 74.43
CA LYS A 1229 -15.08 -39.43 74.67
C LYS A 1229 -14.34 -38.14 74.36
N LEU A 1230 -14.64 -37.52 73.23
CA LEU A 1230 -13.96 -36.29 72.84
C LEU A 1230 -14.31 -35.14 73.77
N ILE A 1231 -15.58 -35.06 74.18
CA ILE A 1231 -15.97 -34.04 75.15
C ILE A 1231 -15.22 -34.22 76.46
N VAL A 1232 -15.09 -35.47 76.92
CA VAL A 1232 -14.35 -35.73 78.14
C VAL A 1232 -12.88 -35.32 77.99
N ALA A 1233 -12.27 -35.67 76.85
CA ALA A 1233 -10.88 -35.33 76.63
C ALA A 1233 -10.66 -33.81 76.61
N MET A 1234 -11.53 -33.08 75.90
CA MET A 1234 -11.35 -31.63 75.82
C MET A 1234 -11.68 -30.96 77.15
N SER A 1235 -12.62 -31.51 77.91
CA SER A 1235 -12.88 -30.99 79.25
C SER A 1235 -11.68 -31.21 80.16
N SER A 1236 -11.04 -32.37 80.06
CA SER A 1236 -9.83 -32.63 80.83
C SER A 1236 -8.72 -31.65 80.44
N TRP A 1237 -8.58 -31.38 79.15
CA TRP A 1237 -7.60 -30.38 78.72
C TRP A 1237 -7.94 -29.00 79.25
N LEU A 1238 -9.22 -28.62 79.24
CA LEU A 1238 -9.62 -27.31 79.76
C LEU A 1238 -9.31 -27.19 81.24
N GLN A 1239 -9.63 -28.22 82.02
CA GLN A 1239 -9.32 -28.18 83.45
C GLN A 1239 -7.83 -28.37 83.72
N LYS A 1240 -7.07 -28.81 82.72
CA LYS A 1240 -5.62 -28.92 82.89
C LYS A 1240 -4.97 -27.56 83.07
N ALA A 1241 -5.45 -26.54 82.36
CA ALA A 1241 -4.88 -25.21 82.45
C ALA A 1241 -5.43 -24.49 83.69
N SER A 1242 -4.97 -23.25 83.88
CA SER A 1242 -5.38 -22.45 85.02
C SER A 1242 -6.72 -21.76 84.73
N GLY A 1243 -7.26 -21.12 85.77
CA GLY A 1243 -8.52 -20.42 85.64
C GLY A 1243 -9.66 -21.10 86.37
N SER A 1244 -10.02 -20.58 87.54
CA SER A 1244 -11.11 -21.13 88.35
C SER A 1244 -12.23 -20.10 88.41
N LEU A 1245 -13.16 -20.22 87.47
CA LEU A 1245 -14.30 -19.32 87.37
C LEU A 1245 -15.59 -20.11 87.22
N PRO A 1246 -16.71 -19.57 87.67
CA PRO A 1246 -18.00 -20.27 87.47
C PRO A 1246 -18.35 -20.43 86.01
N TYR A 1247 -17.80 -19.59 85.13
CA TYR A 1247 -18.04 -19.74 83.71
C TYR A 1247 -17.49 -21.07 83.20
N THR A 1248 -16.37 -21.53 83.78
CA THR A 1248 -15.84 -22.84 83.44
C THR A 1248 -16.80 -23.95 83.83
N GLN A 1249 -17.43 -23.85 85.01
CA GLN A 1249 -18.39 -24.87 85.42
C GLN A 1249 -19.63 -24.86 84.55
N THR A 1250 -20.12 -23.66 84.19
CA THR A 1250 -21.24 -23.58 83.26
C THR A 1250 -20.86 -24.18 81.91
N LEU A 1251 -19.63 -23.94 81.45
CA LEU A 1251 -19.14 -24.58 80.24
C LEU A 1251 -19.11 -26.09 80.36
N GLN A 1252 -18.70 -26.61 81.52
CA GLN A 1252 -18.68 -28.06 81.73
C GLN A 1252 -20.09 -28.64 81.66
N ASP A 1253 -21.06 -27.95 82.25
CA ASP A 1253 -22.45 -28.38 82.14
C ASP A 1253 -22.91 -28.35 80.68
N HIS A 1254 -22.53 -27.31 79.95
CA HIS A 1254 -22.87 -27.23 78.52
C HIS A 1254 -22.27 -28.39 77.75
N LEU A 1255 -21.02 -28.74 78.06
CA LEU A 1255 -20.36 -29.86 77.39
C LEU A 1255 -21.05 -31.18 77.71
N ASN A 1256 -21.43 -31.38 78.97
CA ASN A 1256 -22.13 -32.60 79.35
C ASN A 1256 -23.47 -32.71 78.63
N SER A 1257 -24.19 -31.59 78.51
CA SER A 1257 -25.43 -31.59 77.73
C SER A 1257 -25.17 -31.88 76.27
N LEU A 1258 -24.10 -31.30 75.70
CA LEU A 1258 -23.77 -31.51 74.29
C LEU A 1258 -23.31 -32.93 74.00
N LYS A 1259 -22.86 -33.66 75.03
CA LYS A 1259 -22.42 -35.04 74.83
C LYS A 1259 -23.50 -35.87 74.14
N GLU A 1260 -24.77 -35.62 74.46
CA GLU A 1260 -25.88 -36.30 73.83
C GLU A 1260 -26.36 -35.60 72.55
N PHE A 1261 -25.73 -34.47 72.20
CA PHE A 1261 -26.05 -33.73 70.97
C PHE A 1261 -27.48 -33.20 71.03
N ASN A 1262 -27.79 -32.50 72.12
CA ASN A 1262 -29.12 -31.93 72.32
C ASN A 1262 -29.01 -30.74 73.26
N LEU A 1263 -29.38 -29.56 72.77
CA LEU A 1263 -29.32 -28.35 73.58
C LEU A 1263 -30.70 -27.75 73.75
N GLN A 1264 -30.76 -26.55 74.34
CA GLN A 1264 -32.04 -25.92 74.64
C GLN A 1264 -32.18 -24.56 73.96
N ASN A 1265 -31.06 -23.90 73.68
CA ASN A 1265 -31.07 -22.57 73.11
C ASN A 1265 -29.94 -22.43 72.09
N MET A 1266 -29.89 -21.26 71.47
CA MET A 1266 -28.89 -20.96 70.46
C MET A 1266 -27.64 -20.40 71.12
N GLY A 1267 -26.48 -20.90 70.70
CA GLY A 1267 -25.22 -20.35 71.18
C GLY A 1267 -24.87 -20.89 72.55
N LEU A 1268 -24.26 -20.03 73.37
CA LEU A 1268 -23.78 -20.42 74.69
C LEU A 1268 -24.50 -19.62 75.78
N PRO A 1269 -25.19 -20.30 76.71
CA PRO A 1269 -25.90 -19.58 77.78
C PRO A 1269 -24.97 -18.83 78.73
N ASP A 1270 -23.67 -19.14 78.75
CA ASP A 1270 -22.76 -18.53 79.71
C ASP A 1270 -22.61 -17.03 79.43
N PHE A 1271 -22.62 -16.24 80.51
CA PHE A 1271 -22.52 -14.78 80.43
C PHE A 1271 -21.28 -14.35 81.20
N HIS A 1272 -20.17 -14.14 80.49
CA HIS A 1272 -18.94 -13.71 81.16
C HIS A 1272 -19.00 -12.25 81.58
N ILE A 1273 -19.79 -11.44 80.88
CA ILE A 1273 -19.90 -10.02 81.17
C ILE A 1273 -20.61 -9.83 82.51
N PRO A 1274 -20.36 -8.73 83.23
CA PRO A 1274 -21.12 -8.46 84.44
C PRO A 1274 -22.60 -8.30 84.14
N GLU A 1275 -23.42 -8.71 85.10
CA GLU A 1275 -24.86 -8.62 84.92
C GLU A 1275 -25.31 -7.17 84.77
N ASN A 1276 -24.69 -6.26 85.50
CA ASN A 1276 -24.94 -4.83 85.37
C ASN A 1276 -23.85 -4.22 84.51
N LEU A 1277 -24.24 -3.62 83.39
CA LEU A 1277 -23.32 -2.96 82.46
C LEU A 1277 -23.69 -1.47 82.45
N PHE A 1278 -23.10 -0.73 83.38
CA PHE A 1278 -23.42 0.68 83.54
C PHE A 1278 -22.42 1.55 82.79
N LEU A 1279 -22.93 2.63 82.20
CA LEU A 1279 -22.12 3.56 81.41
C LEU A 1279 -22.79 4.93 81.51
N LYS A 1280 -22.20 5.80 82.33
CA LYS A 1280 -22.79 7.10 82.62
C LYS A 1280 -21.75 8.20 82.47
N SER A 1281 -22.20 9.36 81.98
CA SER A 1281 -21.36 10.54 81.81
C SER A 1281 -22.00 11.69 82.58
N ASP A 1282 -21.67 11.79 83.86
CA ASP A 1282 -22.17 12.88 84.68
C ASP A 1282 -21.38 14.16 84.39
N GLY A 1283 -22.07 15.29 84.54
CA GLY A 1283 -21.45 16.58 84.33
C GLY A 1283 -22.41 17.74 84.48
N ARG A 1284 -21.89 18.90 84.87
CA ARG A 1284 -22.72 20.07 85.09
C ARG A 1284 -21.90 21.32 84.84
N VAL A 1285 -22.60 22.43 84.61
CA VAL A 1285 -22.00 23.76 84.54
C VAL A 1285 -22.68 24.61 85.60
N LYS A 1286 -21.90 25.15 86.52
CA LYS A 1286 -22.40 26.14 87.47
C LYS A 1286 -21.78 27.47 87.10
N TYR A 1287 -22.63 28.45 86.82
CA TYR A 1287 -22.21 29.75 86.31
C TYR A 1287 -22.92 30.82 87.12
N THR A 1288 -22.15 31.48 87.98
CA THR A 1288 -22.67 32.51 88.88
C THR A 1288 -22.66 33.86 88.20
N LEU A 1289 -23.73 34.64 88.44
CA LEU A 1289 -23.80 36.03 88.02
C LEU A 1289 -24.00 36.92 89.24
N ASN A 1290 -23.26 36.59 90.31
CA ASN A 1290 -23.35 37.28 91.60
C ASN A 1290 -24.80 37.17 92.06
N LYS A 1291 -25.61 38.21 91.97
CA LYS A 1291 -27.00 38.15 92.42
C LYS A 1291 -28.03 38.59 91.39
N ASN A 1292 -27.68 39.50 90.49
CA ASN A 1292 -28.65 40.03 89.54
C ASN A 1292 -28.11 39.94 88.12
N SER A 1293 -29.03 39.91 87.16
CA SER A 1293 -28.71 39.95 85.75
C SER A 1293 -29.09 41.31 85.18
N LEU A 1294 -28.87 41.49 83.88
CA LEU A 1294 -29.23 42.72 83.19
C LEU A 1294 -30.14 42.37 82.03
N LYS A 1295 -31.39 42.83 82.10
CA LYS A 1295 -32.41 42.53 81.10
C LYS A 1295 -32.67 43.81 80.31
N ILE A 1296 -31.99 43.95 79.18
CA ILE A 1296 -32.15 45.12 78.32
C ILE A 1296 -33.35 44.89 77.41
N GLU A 1297 -34.30 45.83 77.44
CA GLU A 1297 -35.50 45.76 76.61
C GLU A 1297 -35.31 46.72 75.45
N ILE A 1298 -34.69 46.23 74.39
CA ILE A 1298 -34.41 47.06 73.21
C ILE A 1298 -35.71 47.28 72.45
N PRO A 1299 -36.10 48.54 72.17
CA PRO A 1299 -37.30 48.78 71.37
C PRO A 1299 -37.08 48.35 69.93
N LEU A 1300 -38.12 47.74 69.34
CA LEU A 1300 -38.06 47.27 67.97
C LEU A 1300 -39.06 48.04 67.12
N PRO A 1301 -38.63 49.02 66.33
CA PRO A 1301 -39.57 49.76 65.49
C PRO A 1301 -40.16 48.88 64.40
N PHE A 1302 -41.34 49.29 63.93
CA PHE A 1302 -42.07 48.57 62.89
C PHE A 1302 -42.40 47.15 63.31
N GLY A 1303 -42.79 46.97 64.58
CA GLY A 1303 -43.07 45.67 65.13
C GLY A 1303 -44.54 45.47 65.47
N GLY A 1304 -44.83 44.24 65.91
CA GLY A 1304 -46.19 43.87 66.26
C GLY A 1304 -47.12 43.63 65.09
N LYS A 1305 -46.58 43.55 63.87
CA LYS A 1305 -47.40 43.38 62.70
C LYS A 1305 -47.91 41.94 62.57
N SER A 1306 -49.07 41.78 61.95
CA SER A 1306 -49.65 40.46 61.73
C SER A 1306 -49.30 39.99 60.31
N SER A 1307 -49.91 38.88 59.87
CA SER A 1307 -49.61 38.32 58.56
C SER A 1307 -50.09 39.22 57.42
N ARG A 1308 -51.26 39.83 57.56
CA ARG A 1308 -51.82 40.65 56.49
C ARG A 1308 -51.00 41.89 56.19
N ASP A 1309 -50.21 42.38 57.14
CA ASP A 1309 -49.42 43.59 56.95
C ASP A 1309 -48.13 43.35 56.18
N LEU A 1310 -47.77 42.09 55.91
CA LEU A 1310 -46.61 41.77 55.11
C LEU A 1310 -46.90 41.75 53.62
N LYS A 1311 -48.06 42.27 53.21
CA LYS A 1311 -48.47 42.33 51.80
C LYS A 1311 -48.57 40.92 51.20
N MET A 1312 -48.68 39.92 52.08
CA MET A 1312 -48.77 38.53 51.67
C MET A 1312 -50.08 37.95 52.19
N LEU A 1313 -50.60 36.97 51.45
CA LEU A 1313 -51.82 36.30 51.86
C LEU A 1313 -51.52 35.21 52.88
N GLU A 1314 -52.48 34.97 53.77
CA GLU A 1314 -52.34 33.94 54.79
C GLU A 1314 -52.55 32.54 54.22
N THR A 1315 -53.54 32.36 53.36
CA THR A 1315 -53.82 31.07 52.74
C THR A 1315 -53.67 31.19 51.23
N VAL A 1316 -52.81 30.36 50.66
CA VAL A 1316 -52.60 30.35 49.21
C VAL A 1316 -53.67 29.48 48.58
N ARG A 1317 -54.44 30.05 47.65
CA ARG A 1317 -55.49 29.33 46.95
C ARG A 1317 -55.18 29.32 45.46
N THR A 1318 -54.99 28.14 44.90
CA THR A 1318 -54.72 28.02 43.47
C THR A 1318 -55.98 28.27 42.66
N PRO A 1319 -55.84 28.78 41.44
CA PRO A 1319 -57.02 29.01 40.59
C PRO A 1319 -57.75 27.71 40.25
N ALA A 1320 -58.96 27.55 40.75
CA ALA A 1320 -59.76 26.37 40.46
C ALA A 1320 -60.21 26.39 39.00
N LEU A 1321 -59.80 25.38 38.23
CA LEU A 1321 -60.05 25.35 36.80
C LEU A 1321 -61.19 24.38 36.52
N HIS A 1322 -62.29 24.90 35.99
CA HIS A 1322 -63.44 24.07 35.61
C HIS A 1322 -63.73 24.32 34.13
N PHE A 1323 -63.09 23.54 33.27
CA PHE A 1323 -63.27 23.67 31.83
C PHE A 1323 -64.24 22.60 31.33
N LYS A 1324 -65.43 23.03 30.94
CA LYS A 1324 -66.44 22.09 30.44
C LYS A 1324 -66.12 21.59 29.03
N SER A 1325 -65.30 22.32 28.27
CA SER A 1325 -64.99 21.89 26.91
C SER A 1325 -64.25 20.56 26.91
N VAL A 1326 -63.29 20.38 27.83
CA VAL A 1326 -62.55 19.14 27.95
C VAL A 1326 -62.87 18.41 29.24
N GLY A 1327 -63.77 18.94 30.06
CA GLY A 1327 -64.10 18.31 31.33
C GLY A 1327 -62.96 18.29 32.32
N PHE A 1328 -62.15 19.35 32.35
CA PHE A 1328 -61.03 19.45 33.28
C PHE A 1328 -61.52 20.04 34.59
N HIS A 1329 -61.28 19.34 35.69
CA HIS A 1329 -61.68 19.77 37.03
C HIS A 1329 -60.44 19.89 37.90
N LEU A 1330 -60.28 21.06 38.52
CA LEU A 1330 -59.14 21.33 39.41
C LEU A 1330 -59.64 22.19 40.56
N PRO A 1331 -59.91 21.61 41.73
CA PRO A 1331 -60.40 22.40 42.87
C PRO A 1331 -59.35 23.33 43.43
N SER A 1332 -59.74 24.18 44.37
CA SER A 1332 -58.82 25.12 44.99
C SER A 1332 -58.06 24.40 46.10
N ARG A 1333 -56.76 24.23 45.91
CA ARG A 1333 -55.91 23.60 46.93
C ARG A 1333 -55.46 24.67 47.91
N GLU A 1334 -56.00 24.65 49.12
CA GLU A 1334 -55.73 25.68 50.10
C GLU A 1334 -54.51 25.31 50.91
N PHE A 1335 -53.47 26.15 50.85
CA PHE A 1335 -52.22 25.92 51.53
C PHE A 1335 -52.08 26.94 52.66
N GLN A 1336 -51.81 26.46 53.87
CA GLN A 1336 -51.74 27.31 55.05
C GLN A 1336 -50.29 27.73 55.29
N VAL A 1337 -50.05 29.04 55.33
CA VAL A 1337 -48.72 29.58 55.59
C VAL A 1337 -48.56 29.76 57.09
N PRO A 1338 -47.51 29.20 57.69
CA PRO A 1338 -47.32 29.35 59.14
C PRO A 1338 -47.14 30.80 59.53
N THR A 1339 -48.03 31.27 60.41
CA THR A 1339 -48.01 32.66 60.82
C THR A 1339 -46.83 32.95 61.76
N PHE A 1340 -46.44 34.21 61.82
CA PHE A 1340 -45.35 34.65 62.69
C PHE A 1340 -45.58 36.12 63.04
N THR A 1341 -45.41 36.44 64.32
CA THR A 1341 -45.67 37.79 64.82
C THR A 1341 -44.34 38.47 65.17
N ILE A 1342 -44.19 39.71 64.72
CA ILE A 1342 -42.97 40.48 64.93
C ILE A 1342 -42.96 41.01 66.36
N PRO A 1343 -41.92 40.74 67.15
CA PRO A 1343 -41.84 41.30 68.50
C PRO A 1343 -41.67 42.81 68.46
N LYS A 1344 -42.25 43.48 69.46
CA LYS A 1344 -42.11 44.93 69.59
C LYS A 1344 -40.89 45.29 70.42
N LEU A 1345 -40.47 44.41 71.32
CA LEU A 1345 -39.30 44.63 72.16
C LEU A 1345 -38.44 43.37 72.16
N TYR A 1346 -37.15 43.54 72.43
CA TYR A 1346 -36.21 42.43 72.50
C TYR A 1346 -35.62 42.36 73.91
N GLN A 1347 -35.69 41.18 74.52
CA GLN A 1347 -35.10 40.92 75.82
C GLN A 1347 -33.69 40.39 75.63
N LEU A 1348 -32.69 41.15 76.07
CA LEU A 1348 -31.29 40.77 75.97
C LEU A 1348 -30.71 40.58 77.36
N GLN A 1349 -29.97 39.50 77.55
CA GLN A 1349 -29.38 39.17 78.84
C GLN A 1349 -27.90 39.54 78.81
N VAL A 1350 -27.51 40.48 79.67
CA VAL A 1350 -26.13 40.93 79.77
C VAL A 1350 -25.51 40.30 81.00
N PRO A 1351 -24.49 39.44 80.86
CA PRO A 1351 -23.97 38.71 82.03
C PRO A 1351 -23.08 39.53 82.95
N LEU A 1352 -22.53 38.86 83.96
CA LEU A 1352 -21.61 39.43 84.93
C LEU A 1352 -20.37 38.53 85.06
N LEU A 1353 -19.55 38.79 86.07
CA LEU A 1353 -18.26 38.11 86.25
C LEU A 1353 -18.48 36.84 87.07
N GLY A 1354 -17.43 36.21 87.59
CA GLY A 1354 -17.53 34.94 88.29
C GLY A 1354 -18.36 35.03 89.57
N VAL A 1355 -18.31 33.95 90.35
CA VAL A 1355 -17.41 32.80 90.30
C VAL A 1355 -17.83 31.77 89.25
N LEU A 1356 -16.84 31.05 88.71
CA LEU A 1356 -17.06 29.95 87.79
C LEU A 1356 -16.70 28.62 88.45
N ASP A 1357 -17.41 27.56 88.07
CA ASP A 1357 -17.19 26.24 88.62
C ASP A 1357 -17.69 25.18 87.66
N LEU A 1358 -16.92 24.10 87.52
CA LEU A 1358 -17.30 22.96 86.71
C LEU A 1358 -17.07 21.67 87.50
N SER A 1359 -17.86 20.65 87.19
CA SER A 1359 -17.63 19.32 87.73
C SER A 1359 -18.09 18.30 86.72
N THR A 1360 -17.31 17.23 86.58
CA THR A 1360 -17.61 16.16 85.62
C THR A 1360 -17.11 14.85 86.18
N ASN A 1361 -17.96 13.85 86.20
CA ASN A 1361 -17.64 12.54 86.74
C ASN A 1361 -18.07 11.47 85.77
N VAL A 1362 -17.18 10.50 85.54
CA VAL A 1362 -17.41 9.42 84.59
C VAL A 1362 -17.53 8.12 85.37
N TYR A 1363 -18.55 7.33 85.07
CA TYR A 1363 -18.77 6.05 85.72
C TYR A 1363 -18.99 4.99 84.65
N SER A 1364 -17.89 4.43 84.17
CA SER A 1364 -17.91 3.29 83.28
C SER A 1364 -17.69 2.03 84.10
N ASN A 1365 -17.89 0.87 83.46
CA ASN A 1365 -17.74 -0.39 84.16
C ASN A 1365 -16.34 -0.53 84.74
N LEU A 1366 -16.26 -0.72 86.05
CA LEU A 1366 -14.99 -0.79 86.77
C LEU A 1366 -14.14 0.46 86.55
N TYR A 1367 -14.81 1.62 86.54
CA TYR A 1367 -14.11 2.88 86.32
C TYR A 1367 -14.94 4.02 86.90
N ASN A 1368 -14.44 4.64 87.96
CA ASN A 1368 -15.12 5.75 88.64
C ASN A 1368 -14.16 6.92 88.70
N TRP A 1369 -14.21 7.78 87.69
CA TRP A 1369 -13.31 8.92 87.57
C TRP A 1369 -14.05 10.17 88.03
N SER A 1370 -13.43 10.92 88.93
CA SER A 1370 -14.03 12.15 89.47
C SER A 1370 -13.12 13.33 89.21
N ALA A 1371 -13.75 14.46 88.85
CA ALA A 1371 -13.03 15.71 88.65
C ALA A 1371 -13.88 16.85 89.19
N SER A 1372 -13.20 17.90 89.65
CA SER A 1372 -13.87 19.07 90.19
C SER A 1372 -12.91 20.25 90.18
N TYR A 1373 -13.32 21.36 89.58
CA TYR A 1373 -12.53 22.58 89.55
C TYR A 1373 -13.45 23.78 89.57
N SER A 1374 -13.20 24.71 90.50
CA SER A 1374 -13.94 25.96 90.62
C SER A 1374 -12.92 27.10 90.56
N GLY A 1375 -12.79 27.70 89.38
CA GLY A 1375 -11.91 28.82 89.20
C GLY A 1375 -12.56 30.15 89.50
N GLY A 1376 -11.80 31.22 89.27
CA GLY A 1376 -12.31 32.57 89.42
C GLY A 1376 -12.21 33.07 90.85
N ASN A 1377 -12.00 34.38 90.97
CA ASN A 1377 -11.97 35.03 92.27
C ASN A 1377 -13.34 34.89 92.93
N THR A 1378 -13.34 34.41 94.18
CA THR A 1378 -14.60 34.29 94.90
C THR A 1378 -15.18 35.65 95.26
N SER A 1379 -14.34 36.67 95.43
CA SER A 1379 -14.81 38.01 95.72
C SER A 1379 -14.04 39.00 94.84
N THR A 1380 -14.77 39.78 94.05
CA THR A 1380 -14.14 40.81 93.24
C THR A 1380 -13.57 41.92 94.11
N ASP A 1381 -14.36 42.42 95.07
CA ASP A 1381 -13.96 43.53 95.91
C ASP A 1381 -13.13 43.11 97.11
N HIS A 1382 -12.88 41.82 97.31
CA HIS A 1382 -12.06 41.34 98.40
C HIS A 1382 -10.93 40.41 97.98
N PHE A 1383 -10.86 40.02 96.71
CA PHE A 1383 -9.72 39.29 96.17
C PHE A 1383 -9.42 38.01 96.95
N SER A 1384 -10.41 37.14 97.09
CA SER A 1384 -10.23 35.85 97.73
C SER A 1384 -10.21 34.78 96.63
N LEU A 1385 -9.02 34.55 96.09
CA LEU A 1385 -8.88 33.60 94.99
C LEU A 1385 -8.63 32.19 95.53
N ARG A 1386 -9.44 31.24 95.08
CA ARG A 1386 -9.25 29.82 95.40
C ARG A 1386 -9.58 29.03 94.13
N ALA A 1387 -8.56 28.74 93.34
CA ALA A 1387 -8.69 27.94 92.14
C ALA A 1387 -8.04 26.59 92.42
N ARG A 1388 -8.81 25.67 92.99
CA ARG A 1388 -8.31 24.34 93.32
C ARG A 1388 -9.02 23.32 92.44
N TYR A 1389 -8.27 22.36 91.94
CA TYR A 1389 -8.77 21.27 91.13
C TYR A 1389 -8.57 19.95 91.86
N HIS A 1390 -9.02 18.87 91.23
CA HIS A 1390 -8.75 17.52 91.69
C HIS A 1390 -9.11 16.53 90.60
N MET A 1391 -8.23 15.55 90.39
CA MET A 1391 -8.48 14.46 89.46
C MET A 1391 -8.32 13.14 90.20
N LYS A 1392 -9.38 12.34 90.23
CA LYS A 1392 -9.38 11.01 90.81
C LYS A 1392 -9.85 10.02 89.76
N ALA A 1393 -9.17 8.87 89.69
CA ALA A 1393 -9.64 7.74 88.90
C ALA A 1393 -9.75 6.54 89.81
N ASP A 1394 -10.96 5.95 89.88
CA ASP A 1394 -11.19 4.74 90.65
C ASP A 1394 -11.45 3.61 89.66
N SER A 1395 -10.62 2.57 89.74
CA SER A 1395 -10.74 1.43 88.84
C SER A 1395 -10.00 0.26 89.46
N VAL A 1396 -10.25 -0.93 88.91
CA VAL A 1396 -9.58 -2.14 89.40
C VAL A 1396 -8.10 -2.18 89.07
N VAL A 1397 -7.62 -1.27 88.23
CA VAL A 1397 -6.22 -1.24 87.82
C VAL A 1397 -5.48 -0.24 88.69
N ASP A 1398 -4.36 -0.67 89.27
CA ASP A 1398 -3.55 0.23 90.08
C ASP A 1398 -2.99 1.37 89.23
N LEU A 1399 -2.42 1.05 88.06
CA LEU A 1399 -1.83 2.06 87.21
C LEU A 1399 -2.85 3.06 86.69
N LEU A 1400 -4.11 2.64 86.53
CA LEU A 1400 -5.15 3.55 86.08
C LEU A 1400 -5.61 4.46 87.22
N SER A 1401 -5.68 3.93 88.44
CA SER A 1401 -6.08 4.72 89.58
C SER A 1401 -4.92 5.61 90.03
N TYR A 1402 -5.23 6.88 90.27
CA TYR A 1402 -4.21 7.86 90.64
C TYR A 1402 -4.86 8.97 91.44
N ASN A 1403 -4.10 10.03 91.72
CA ASN A 1403 -4.65 11.25 92.28
C ASN A 1403 -3.77 12.41 91.82
N VAL A 1404 -4.39 13.42 91.23
CA VAL A 1404 -3.73 14.69 90.92
C VAL A 1404 -4.60 15.80 91.51
N GLN A 1405 -3.97 16.69 92.26
CA GLN A 1405 -4.69 17.74 92.95
C GLN A 1405 -3.74 18.89 93.25
N GLY A 1406 -4.32 20.08 93.47
CA GLY A 1406 -3.51 21.25 93.77
C GLY A 1406 -4.35 22.46 94.12
N SER A 1407 -3.98 23.15 95.20
CA SER A 1407 -4.72 24.31 95.69
C SER A 1407 -4.09 25.60 95.18
N GLY A 1408 -4.92 26.48 94.65
CA GLY A 1408 -4.46 27.74 94.12
C GLY A 1408 -4.90 28.91 94.98
N GLU A 1409 -4.81 28.77 96.29
CA GLU A 1409 -5.26 29.79 97.21
C GLU A 1409 -4.52 31.10 96.98
N THR A 1410 -5.25 32.21 97.05
CA THR A 1410 -4.66 33.55 96.94
C THR A 1410 -5.62 34.51 97.58
N THR A 1411 -5.23 35.13 98.70
CA THR A 1411 -6.10 35.99 99.48
C THR A 1411 -5.44 37.34 99.71
N TYR A 1412 -6.18 38.42 99.46
CA TYR A 1412 -5.77 39.77 99.80
C TYR A 1412 -6.84 40.41 100.68
N ASP A 1413 -6.50 40.65 101.94
CA ASP A 1413 -7.33 41.48 102.80
C ASP A 1413 -6.99 42.95 102.58
N HIS A 1414 -8.03 43.78 102.53
CA HIS A 1414 -7.88 45.22 102.33
C HIS A 1414 -7.09 45.89 103.46
N LYS A 1415 -6.64 45.13 104.45
CA LYS A 1415 -5.80 45.63 105.52
C LYS A 1415 -4.36 45.65 105.04
N ASN A 1416 -4.20 45.60 103.71
CA ASN A 1416 -2.89 45.45 103.08
C ASN A 1416 -2.26 44.13 103.50
N THR A 1417 -3.09 43.09 103.58
CA THR A 1417 -2.68 41.77 104.03
C THR A 1417 -2.69 40.80 102.86
N PHE A 1418 -1.64 40.00 102.74
CA PHE A 1418 -1.47 39.08 101.62
C PHE A 1418 -1.27 37.67 102.13
N THR A 1419 -1.78 36.68 101.40
CA THR A 1419 -1.61 35.27 101.75
C THR A 1419 -1.60 34.44 100.47
N LEU A 1420 -0.59 33.59 100.31
CA LEU A 1420 -0.47 32.70 99.18
C LEU A 1420 -0.26 31.27 99.66
N SER A 1421 -1.04 30.35 99.10
CA SER A 1421 -0.86 28.91 99.32
C SER A 1421 -0.82 28.22 97.97
N CYS A 1422 0.26 27.49 97.72
CA CYS A 1422 0.42 26.70 96.51
C CYS A 1422 0.67 25.25 96.93
N ASP A 1423 -0.39 24.45 96.94
CA ASP A 1423 -0.32 23.07 97.35
C ASP A 1423 -0.22 22.14 96.15
N GLY A 1424 0.54 21.07 96.30
CA GLY A 1424 0.63 20.05 95.27
C GLY A 1424 0.87 18.68 95.85
N SER A 1425 0.02 17.72 95.48
CA SER A 1425 0.14 16.35 95.93
C SER A 1425 -0.20 15.43 94.76
N LEU A 1426 0.80 14.73 94.26
CA LEU A 1426 0.65 13.82 93.12
C LEU A 1426 0.81 12.41 93.65
N ARG A 1427 -0.32 11.70 93.74
CA ARG A 1427 -0.36 10.38 94.34
C ARG A 1427 -0.35 9.35 93.21
N HIS A 1428 0.80 8.71 92.99
CA HIS A 1428 0.97 7.78 91.89
C HIS A 1428 1.90 6.66 92.32
N LYS A 1429 1.95 5.61 91.49
CA LYS A 1429 2.60 4.36 91.82
C LYS A 1429 4.12 4.42 91.68
N PHE A 1430 4.64 5.43 91.00
CA PHE A 1430 6.08 5.56 90.80
C PHE A 1430 6.69 6.75 91.52
N LEU A 1431 5.91 7.78 91.84
CA LEU A 1431 6.42 8.98 92.50
C LEU A 1431 5.33 9.52 93.39
N ASP A 1432 5.71 9.95 94.60
CA ASP A 1432 4.77 10.48 95.57
C ASP A 1432 5.18 11.93 95.87
N SER A 1433 4.68 12.84 95.04
CA SER A 1433 5.02 14.24 95.19
C SER A 1433 4.20 14.88 96.30
N ASN A 1434 4.86 15.72 97.09
CA ASN A 1434 4.18 16.49 98.13
C ASN A 1434 4.77 17.89 98.08
N ILE A 1435 4.12 18.76 97.32
CA ILE A 1435 4.60 20.12 97.07
C ILE A 1435 3.69 21.09 97.79
N LYS A 1436 4.28 21.99 98.57
CA LYS A 1436 3.51 23.00 99.28
C LYS A 1436 4.44 24.19 99.53
N PHE A 1437 3.95 25.38 99.23
CA PHE A 1437 4.72 26.60 99.41
C PHE A 1437 3.87 27.65 100.10
N SER A 1438 4.45 28.28 101.12
CA SER A 1438 3.81 29.35 101.86
C SER A 1438 4.48 30.67 101.55
N HIS A 1439 3.67 31.71 101.41
CA HIS A 1439 4.20 33.06 101.18
C HIS A 1439 3.14 34.05 101.65
N VAL A 1440 3.45 34.74 102.75
CA VAL A 1440 2.56 35.71 103.36
C VAL A 1440 3.29 37.03 103.50
N GLU A 1441 2.64 38.11 103.08
CA GLU A 1441 3.24 39.43 103.11
C GLU A 1441 2.28 40.43 103.76
N LYS A 1442 2.87 41.42 104.43
CA LYS A 1442 2.11 42.40 105.21
C LYS A 1442 2.44 43.77 104.61
N LEU A 1443 1.54 44.28 103.77
CA LEU A 1443 1.79 45.55 103.10
C LEU A 1443 1.50 46.76 103.99
N GLY A 1444 1.00 46.54 105.20
CA GLY A 1444 0.81 47.62 106.14
C GLY A 1444 2.07 47.88 106.94
N ASN A 1445 1.93 47.95 108.26
CA ASN A 1445 3.09 48.17 109.13
C ASN A 1445 3.90 46.88 109.27
N ASN A 1446 5.17 47.04 109.61
CA ASN A 1446 6.13 45.94 109.78
C ASN A 1446 6.12 45.04 108.54
N PRO A 1447 6.68 45.51 107.42
CA PRO A 1447 6.63 44.71 106.19
C PRO A 1447 7.48 43.46 106.28
N VAL A 1448 7.00 42.46 107.02
CA VAL A 1448 7.72 41.21 107.23
C VAL A 1448 7.52 40.34 106.00
N SER A 1449 8.62 39.81 105.47
CA SER A 1449 8.59 38.93 104.30
C SER A 1449 8.91 37.51 104.75
N LYS A 1450 7.97 36.60 104.50
CA LYS A 1450 8.10 35.21 104.89
C LYS A 1450 7.72 34.31 103.72
N GLY A 1451 8.49 33.22 103.59
CA GLY A 1451 8.21 32.24 102.56
C GLY A 1451 8.76 30.88 102.92
N LEU A 1452 7.92 29.86 102.87
CA LEU A 1452 8.33 28.49 103.19
C LEU A 1452 7.95 27.57 102.05
N LEU A 1453 8.93 26.85 101.52
CA LEU A 1453 8.70 25.83 100.51
C LEU A 1453 9.03 24.48 101.10
N ILE A 1454 8.10 23.54 100.98
CA ILE A 1454 8.30 22.17 101.42
C ILE A 1454 8.09 21.29 100.19
N PHE A 1455 9.18 20.74 99.67
CA PHE A 1455 9.16 19.93 98.46
C PHE A 1455 9.47 18.49 98.85
N ASP A 1456 8.50 17.60 98.65
CA ASP A 1456 8.64 16.19 99.03
C ASP A 1456 8.12 15.33 97.88
N ALA A 1457 9.01 15.03 96.94
CA ALA A 1457 8.68 14.14 95.82
C ALA A 1457 9.44 12.83 96.00
N SER A 1458 8.80 11.91 96.72
CA SER A 1458 9.39 10.60 96.97
C SER A 1458 8.95 9.62 95.89
N SER A 1459 9.91 9.17 95.08
CA SER A 1459 9.66 8.17 94.06
C SER A 1459 9.71 6.78 94.68
N SER A 1460 8.89 5.88 94.13
CA SER A 1460 8.84 4.51 94.62
C SER A 1460 9.74 3.59 93.81
N TRP A 1461 10.86 4.11 93.32
CA TRP A 1461 11.81 3.29 92.57
C TRP A 1461 13.26 3.54 92.94
N GLY A 1462 13.55 4.29 94.01
CA GLY A 1462 14.91 4.49 94.47
C GLY A 1462 15.35 5.94 94.58
N PRO A 1463 15.04 6.77 93.59
CA PRO A 1463 15.35 8.20 93.73
C PRO A 1463 14.47 8.86 94.78
N GLN A 1464 15.11 9.59 95.68
CA GLN A 1464 14.42 10.25 96.79
C GLN A 1464 14.86 11.72 96.81
N MET A 1465 13.95 12.60 96.40
CA MET A 1465 14.25 14.01 96.26
C MET A 1465 13.63 14.80 97.40
N SER A 1466 14.39 15.77 97.90
CA SER A 1466 13.88 16.62 98.98
C SER A 1466 14.56 17.97 98.92
N ALA A 1467 13.83 19.00 99.32
CA ALA A 1467 14.36 20.35 99.41
C ALA A 1467 13.37 21.21 100.20
N SER A 1468 13.91 22.20 100.92
CA SER A 1468 13.08 23.11 101.69
C SER A 1468 13.68 24.50 101.60
N VAL A 1469 12.84 25.51 101.41
CA VAL A 1469 13.27 26.90 101.29
C VAL A 1469 12.64 27.69 102.43
N HIS A 1470 13.46 28.40 103.18
CA HIS A 1470 13.03 29.18 104.33
C HIS A 1470 13.39 30.64 104.09
N LEU A 1471 12.37 31.49 104.00
CA LEU A 1471 12.55 32.91 103.70
C LEU A 1471 12.20 33.70 104.95
N ASP A 1472 13.21 34.30 105.58
CA ASP A 1472 13.02 35.06 106.80
C ASP A 1472 13.50 36.48 106.58
N SER A 1473 12.56 37.43 106.58
CA SER A 1473 12.89 38.84 106.36
C SER A 1473 11.95 39.66 107.25
N LYS A 1474 12.53 40.26 108.28
CA LYS A 1474 11.78 41.01 109.27
C LYS A 1474 12.42 42.38 109.50
N LYS A 1475 11.71 43.23 110.25
CA LYS A 1475 12.18 44.58 110.56
C LYS A 1475 12.37 44.67 112.08
N LYS A 1476 13.57 44.37 112.54
CA LYS A 1476 13.88 44.39 113.97
C LYS A 1476 13.87 45.84 114.45
N GLN A 1477 12.87 46.18 115.28
CA GLN A 1477 12.47 47.56 115.56
C GLN A 1477 12.53 48.42 114.30
N HIS A 1478 13.73 48.91 113.91
CA HIS A 1478 13.89 49.63 112.66
C HIS A 1478 15.01 48.98 111.87
N LEU A 1479 15.94 48.34 112.57
CA LEU A 1479 16.97 47.55 111.90
C LEU A 1479 16.31 46.42 111.11
N PHE A 1480 16.80 46.22 109.89
CA PHE A 1480 16.22 45.25 108.98
C PHE A 1480 17.07 43.98 109.01
N VAL A 1481 16.47 42.88 109.46
CA VAL A 1481 17.15 41.60 109.62
C VAL A 1481 16.54 40.63 108.63
N LYS A 1482 17.37 40.11 107.73
CA LYS A 1482 16.92 39.17 106.70
C LYS A 1482 17.81 37.93 106.76
N GLU A 1483 17.18 36.76 106.82
CA GLU A 1483 17.88 35.48 106.89
C GLU A 1483 17.32 34.55 105.83
N VAL A 1484 18.21 34.00 105.01
CA VAL A 1484 17.83 33.11 103.92
C VAL A 1484 18.47 31.76 104.17
N LYS A 1485 17.64 30.71 104.27
CA LYS A 1485 18.11 29.35 104.53
C LYS A 1485 17.57 28.46 103.43
N ILE A 1486 18.45 28.06 102.51
CA ILE A 1486 18.08 27.25 101.35
C ILE A 1486 18.98 26.02 101.33
N ASP A 1487 18.37 24.84 101.25
CA ASP A 1487 19.08 23.57 101.24
C ASP A 1487 18.49 22.67 100.15
N GLY A 1488 19.37 22.04 99.37
CA GLY A 1488 18.96 21.11 98.35
C GLY A 1488 19.66 19.78 98.45
N GLN A 1489 18.91 18.72 98.70
CA GLN A 1489 19.46 17.40 99.00
C GLN A 1489 18.87 16.37 98.06
N PHE A 1490 19.74 15.67 97.32
CA PHE A 1490 19.28 14.79 96.25
C PHE A 1490 20.23 13.61 96.10
N ARG A 1491 19.70 12.39 96.26
CA ARG A 1491 20.43 11.16 96.03
C ARG A 1491 19.53 10.19 95.28
N VAL A 1492 20.14 9.30 94.50
CA VAL A 1492 19.32 8.37 93.72
C VAL A 1492 19.50 6.94 94.22
N SER A 1493 20.68 6.35 94.05
CA SER A 1493 20.93 5.05 94.63
C SER A 1493 22.28 5.00 95.34
N SER A 1494 23.31 5.59 94.72
CA SER A 1494 24.65 5.61 95.26
C SER A 1494 25.32 6.97 95.12
N PHE A 1495 24.78 7.86 94.30
CA PHE A 1495 25.36 9.17 94.06
C PHE A 1495 24.85 10.14 95.11
N TYR A 1496 25.74 10.99 95.61
CA TYR A 1496 25.42 11.98 96.61
C TYR A 1496 25.50 13.38 96.01
N ALA A 1497 24.54 14.22 96.35
CA ALA A 1497 24.51 15.60 95.88
C ALA A 1497 23.87 16.47 96.95
N LYS A 1498 24.64 17.38 97.53
CA LYS A 1498 24.13 18.30 98.55
C LYS A 1498 24.89 19.60 98.48
N GLY A 1499 24.15 20.69 98.29
CA GLY A 1499 24.72 22.02 98.38
C GLY A 1499 23.95 22.89 99.35
N THR A 1500 24.61 23.30 100.44
CA THR A 1500 23.94 24.12 101.43
C THR A 1500 24.34 25.59 101.26
N TYR A 1501 23.46 26.47 101.72
CA TYR A 1501 23.66 27.90 101.55
C TYR A 1501 23.14 28.62 102.78
N GLY A 1502 23.80 29.73 103.13
CA GLY A 1502 23.37 30.58 104.21
C GLY A 1502 23.65 32.04 103.95
N LEU A 1503 22.62 32.88 104.02
CA LEU A 1503 22.76 34.30 103.75
C LEU A 1503 22.29 35.11 104.96
N SER A 1504 23.08 36.11 105.34
CA SER A 1504 22.73 37.02 106.42
C SER A 1504 23.04 38.44 105.96
N CYS A 1505 22.06 39.34 106.11
CA CYS A 1505 22.21 40.74 105.75
C CYS A 1505 21.82 41.60 106.94
N GLN A 1506 22.69 42.56 107.27
CA GLN A 1506 22.45 43.50 108.36
C GLN A 1506 22.78 44.91 107.85
N ARG A 1507 21.75 45.68 107.55
CA ARG A 1507 21.91 47.03 107.02
C ARG A 1507 21.43 48.04 108.03
N ASP A 1508 22.13 49.18 108.11
CA ASP A 1508 21.74 50.28 108.98
C ASP A 1508 21.28 51.45 108.11
N PRO A 1509 19.97 51.63 107.90
CA PRO A 1509 19.50 52.78 107.12
C PRO A 1509 19.82 54.12 107.75
N ASN A 1510 20.00 54.16 109.07
CA ASN A 1510 20.33 55.43 109.73
C ASN A 1510 21.66 55.97 109.25
N THR A 1511 22.64 55.09 109.04
CA THR A 1511 23.98 55.48 108.64
C THR A 1511 24.39 54.97 107.27
N GLY A 1512 23.51 54.25 106.57
CA GLY A 1512 23.87 53.70 105.29
C GLY A 1512 24.81 52.52 105.34
N ARG A 1513 25.04 51.97 106.54
CA ARG A 1513 25.92 50.83 106.71
C ARG A 1513 25.17 49.55 106.40
N LEU A 1514 25.82 48.63 105.68
CA LEU A 1514 25.24 47.34 105.36
C LEU A 1514 26.28 46.26 105.66
N ASN A 1515 25.80 45.13 106.17
CA ASN A 1515 26.66 43.98 106.49
C ASN A 1515 26.08 42.76 105.79
N GLY A 1516 26.67 42.38 104.66
CA GLY A 1516 26.19 41.24 103.90
C GLY A 1516 27.13 40.06 104.01
N GLU A 1517 26.61 38.93 104.51
CA GLU A 1517 27.41 37.74 104.74
C GLU A 1517 26.75 36.54 104.08
N SER A 1518 27.51 35.82 103.27
CA SER A 1518 26.99 34.68 102.53
C SER A 1518 27.94 33.50 102.67
N ASN A 1519 27.35 32.30 102.71
CA ASN A 1519 28.11 31.06 102.80
C ASN A 1519 27.62 30.08 101.75
N LEU A 1520 28.57 29.41 101.09
CA LEU A 1520 28.25 28.35 100.14
C LEU A 1520 29.05 27.11 100.50
N ARG A 1521 28.36 25.98 100.61
CA ARG A 1521 29.02 24.68 100.70
C ARG A 1521 28.24 23.71 99.83
N PHE A 1522 28.93 23.04 98.91
CA PHE A 1522 28.35 21.97 98.11
C PHE A 1522 29.19 20.72 98.29
N ASN A 1523 28.54 19.60 98.57
CA ASN A 1523 29.20 18.31 98.70
C ASN A 1523 28.55 17.33 97.73
N SER A 1524 29.39 16.61 96.99
CA SER A 1524 28.90 15.60 96.05
C SER A 1524 29.69 14.32 96.21
N SER A 1525 29.35 13.29 95.42
CA SER A 1525 30.09 12.04 95.45
C SER A 1525 31.53 12.24 94.99
N TYR A 1526 31.73 13.07 93.97
CA TYR A 1526 33.06 13.31 93.41
C TYR A 1526 33.34 14.80 93.25
N LEU A 1527 32.62 15.64 94.00
CA LEU A 1527 32.78 17.08 93.87
C LEU A 1527 32.58 17.74 95.23
N GLN A 1528 33.43 18.72 95.53
CA GLN A 1528 33.33 19.50 96.76
C GLN A 1528 33.29 20.98 96.42
N GLY A 1529 32.23 21.64 96.86
CA GLY A 1529 32.09 23.07 96.64
C GLY A 1529 32.03 23.84 97.95
N THR A 1530 32.89 24.83 98.10
CA THR A 1530 32.94 25.63 99.33
C THR A 1530 33.32 27.06 98.95
N ASN A 1531 32.43 27.99 99.24
CA ASN A 1531 32.64 29.39 98.92
C ASN A 1531 32.09 30.28 100.03
N GLN A 1532 32.74 31.42 100.24
CA GLN A 1532 32.25 32.41 101.19
C GLN A 1532 32.38 33.79 100.54
N ILE A 1533 31.35 34.62 100.73
CA ILE A 1533 31.34 35.99 100.26
C ILE A 1533 30.95 36.90 101.42
N THR A 1534 31.71 37.96 101.61
CA THR A 1534 31.39 38.97 102.61
C THR A 1534 31.53 40.36 102.00
N GLY A 1535 30.73 41.28 102.51
CA GLY A 1535 30.76 42.65 102.03
C GLY A 1535 30.37 43.65 103.10
N ARG A 1536 30.97 44.85 103.04
CA ARG A 1536 30.72 45.91 104.02
C ARG A 1536 30.45 47.20 103.26
N TYR A 1537 29.18 47.49 103.01
CA TYR A 1537 28.75 48.74 102.40
C TYR A 1537 28.37 49.72 103.51
N GLU A 1538 29.30 50.58 103.88
CA GLU A 1538 29.05 51.62 104.87
C GLU A 1538 28.82 52.95 104.16
N ASP A 1539 27.63 53.08 103.55
CA ASP A 1539 27.19 54.31 102.91
C ASP A 1539 28.19 54.80 101.87
N GLY A 1540 28.40 54.02 100.82
CA GLY A 1540 29.32 54.37 99.75
C GLY A 1540 30.63 53.60 99.77
N THR A 1541 31.11 53.30 100.96
CA THR A 1541 32.35 52.54 101.12
C THR A 1541 32.01 51.05 101.12
N LEU A 1542 32.43 50.34 100.08
CA LEU A 1542 32.16 48.92 99.93
C LEU A 1542 33.43 48.12 100.12
N SER A 1543 33.37 47.11 100.97
CA SER A 1543 34.50 46.23 101.27
C SER A 1543 34.10 44.80 100.90
N LEU A 1544 34.31 44.44 99.65
CA LEU A 1544 33.92 43.12 99.15
C LEU A 1544 35.11 42.18 99.16
N THR A 1545 34.90 40.97 99.69
CA THR A 1545 35.93 39.94 99.75
C THR A 1545 35.35 38.65 99.20
N SER A 1546 36.04 38.06 98.23
CA SER A 1546 35.60 36.82 97.60
C SER A 1546 36.67 35.75 97.72
N THR A 1547 36.24 34.53 98.01
CA THR A 1547 37.15 33.39 98.07
C THR A 1547 36.34 32.12 97.86
N SER A 1548 36.99 31.12 97.25
CA SER A 1548 36.33 29.85 96.97
C SER A 1548 37.36 28.74 97.06
N ASP A 1549 36.85 27.53 97.28
CA ASP A 1549 37.67 26.32 97.42
C ASP A 1549 37.26 25.37 96.31
N LEU A 1550 38.08 25.30 95.26
CA LEU A 1550 37.73 24.56 94.05
C LEU A 1550 38.26 23.14 94.16
N GLN A 1551 37.34 22.17 94.18
CA GLN A 1551 37.67 20.76 94.33
C GLN A 1551 38.60 20.56 95.52
N SER A 1552 38.09 20.85 96.71
CA SER A 1552 38.89 20.85 97.94
C SER A 1552 40.04 21.85 97.87
N GLY A 1553 39.84 22.94 97.14
CA GLY A 1553 40.81 24.01 97.10
C GLY A 1553 42.07 23.74 96.32
N ILE A 1554 42.05 22.77 95.41
CA ILE A 1554 43.21 22.53 94.56
C ILE A 1554 43.49 23.75 93.70
N ILE A 1555 42.45 24.49 93.33
CA ILE A 1555 42.59 25.74 92.60
C ILE A 1555 42.09 26.84 93.52
N LYS A 1556 43.00 27.71 93.93
CA LYS A 1556 42.63 28.79 94.84
C LYS A 1556 42.34 30.07 94.08
N ASN A 1557 41.16 30.64 94.37
CA ASN A 1557 40.75 31.90 93.74
C ASN A 1557 40.24 32.81 94.85
N THR A 1558 40.91 33.94 95.03
CA THR A 1558 40.52 34.95 96.00
C THR A 1558 40.42 36.30 95.31
N ALA A 1559 39.38 37.06 95.65
CA ALA A 1559 39.13 38.34 95.03
C ALA A 1559 38.85 39.40 96.10
N SER A 1560 39.20 40.64 95.77
CA SER A 1560 39.01 41.76 96.69
C SER A 1560 38.57 42.97 95.90
N LEU A 1561 37.40 43.50 96.23
CA LEU A 1561 36.83 44.65 95.53
C LEU A 1561 36.84 45.83 96.48
N LYS A 1562 37.41 46.94 96.04
CA LYS A 1562 37.45 48.17 96.83
C LYS A 1562 36.91 49.31 96.00
N TYR A 1563 35.84 49.95 96.50
CA TYR A 1563 35.27 51.15 95.89
C TYR A 1563 34.95 52.14 97.01
N GLU A 1564 35.78 53.17 97.14
CA GLU A 1564 35.56 54.25 98.07
C GLU A 1564 35.79 55.57 97.34
N ASN A 1565 35.07 56.61 97.76
CA ASN A 1565 35.20 57.97 97.23
C ASN A 1565 35.33 58.00 95.70
N TYR A 1566 34.47 57.21 95.03
CA TYR A 1566 34.36 57.22 93.57
C TYR A 1566 35.67 56.82 92.91
N GLU A 1567 36.33 55.80 93.45
CA GLU A 1567 37.61 55.30 92.95
C GLU A 1567 37.57 53.78 93.00
N LEU A 1568 37.36 53.15 91.84
CA LEU A 1568 37.23 51.70 91.79
C LEU A 1568 38.61 51.04 91.84
N THR A 1569 38.67 49.90 92.53
CA THR A 1569 39.91 49.17 92.75
C THR A 1569 39.57 47.70 92.93
N LEU A 1570 39.95 46.87 91.95
CA LEU A 1570 39.65 45.45 91.99
C LEU A 1570 40.96 44.67 92.03
N LYS A 1571 41.10 43.81 93.03
CA LYS A 1571 42.28 42.97 93.21
C LYS A 1571 41.81 41.53 93.38
N SER A 1572 42.49 40.61 92.71
CA SER A 1572 42.13 39.20 92.79
C SER A 1572 43.34 38.34 92.49
N ASP A 1573 43.28 37.09 92.95
CA ASP A 1573 44.35 36.14 92.72
C ASP A 1573 43.75 34.80 92.31
N THR A 1574 44.46 34.08 91.44
CA THR A 1574 44.09 32.72 91.05
C THR A 1574 45.35 31.89 90.97
N ASN A 1575 45.37 30.75 91.64
CA ASN A 1575 46.52 29.87 91.72
C ASN A 1575 46.10 28.44 91.44
N GLY A 1576 47.05 27.65 90.94
CA GLY A 1576 46.77 26.27 90.59
C GLY A 1576 47.71 25.29 91.24
N LYS A 1577 47.14 24.21 91.78
CA LYS A 1577 47.94 23.21 92.49
C LYS A 1577 47.73 21.83 91.90
N TYR A 1578 47.70 21.74 90.57
CA TYR A 1578 47.48 20.49 89.85
C TYR A 1578 48.79 20.07 89.20
N LYS A 1579 49.29 18.90 89.60
CA LYS A 1579 50.53 18.32 89.05
C LYS A 1579 51.66 19.32 89.31
N ASN A 1580 52.56 19.53 88.34
CA ASN A 1580 53.66 20.47 88.47
C ASN A 1580 53.28 21.88 88.07
N PHE A 1581 51.99 22.17 87.92
CA PHE A 1581 51.53 23.43 87.35
C PHE A 1581 51.51 24.47 88.47
N ALA A 1582 52.67 25.01 88.78
CA ALA A 1582 52.79 26.03 89.82
C ALA A 1582 52.34 27.38 89.27
N THR A 1583 51.08 27.40 88.85
CA THR A 1583 50.49 28.59 88.26
C THR A 1583 50.05 29.56 89.35
N SER A 1584 50.34 30.84 89.14
CA SER A 1584 49.96 31.86 90.09
C SER A 1584 49.84 33.19 89.35
N ASN A 1585 48.62 33.66 89.20
CA ASN A 1585 48.35 34.95 88.57
C ASN A 1585 47.63 35.84 89.58
N LYS A 1586 48.10 37.08 89.71
CA LYS A 1586 47.43 38.09 90.52
C LYS A 1586 47.08 39.24 89.59
N MET A 1587 45.86 39.21 89.06
CA MET A 1587 45.38 40.31 88.23
C MET A 1587 44.98 41.46 89.13
N ASP A 1588 45.28 42.67 88.70
CA ASP A 1588 45.01 43.87 89.47
C ASP A 1588 44.57 44.98 88.52
N MET A 1589 43.56 45.74 88.93
CA MET A 1589 43.04 46.82 88.11
C MET A 1589 42.45 47.88 89.03
N THR A 1590 42.73 49.14 88.73
CA THR A 1590 42.28 50.26 89.54
C THR A 1590 41.84 51.37 88.59
N PHE A 1591 40.86 52.16 89.03
CA PHE A 1591 40.24 53.16 88.18
C PHE A 1591 40.25 54.53 88.86
N SER A 1592 40.23 55.56 88.02
CA SER A 1592 40.11 56.94 88.48
C SER A 1592 39.29 57.75 87.49
N LYS A 1593 39.27 59.07 87.64
CA LYS A 1593 38.53 59.94 86.76
C LYS A 1593 39.14 60.06 85.37
N GLN A 1594 40.46 59.97 85.24
CA GLN A 1594 41.09 60.02 83.92
C GLN A 1594 41.95 58.79 83.67
N ASN A 1595 42.63 58.30 84.70
CA ASN A 1595 43.57 57.20 84.53
C ASN A 1595 43.01 55.91 85.15
N ALA A 1596 43.40 54.78 84.58
CA ALA A 1596 43.05 53.46 85.10
C ALA A 1596 44.26 52.55 84.88
N LEU A 1597 45.04 52.35 85.93
CA LEU A 1597 46.28 51.60 85.85
C LEU A 1597 46.00 50.16 85.43
N LEU A 1598 46.83 49.62 84.56
CA LEU A 1598 46.66 48.25 84.06
C LEU A 1598 47.97 47.49 84.27
N ARG A 1599 47.95 46.54 85.20
CA ARG A 1599 49.07 45.66 85.45
C ARG A 1599 48.57 44.21 85.53
N SER A 1600 49.41 43.27 85.11
CA SER A 1600 49.14 41.87 85.32
C SER A 1600 50.44 41.09 85.22
N GLU A 1601 50.50 39.96 85.93
CA GLU A 1601 51.65 39.07 85.90
C GLU A 1601 51.16 37.65 85.71
N TYR A 1602 52.08 36.76 85.37
CA TYR A 1602 51.80 35.34 85.39
C TYR A 1602 53.10 34.55 85.49
N GLN A 1603 53.05 33.46 86.27
CA GLN A 1603 54.14 32.50 86.34
C GLN A 1603 53.57 31.11 86.09
N ALA A 1604 54.13 30.41 85.11
CA ALA A 1604 53.73 29.02 84.85
C ALA A 1604 54.44 28.08 85.82
N ASP A 1605 55.77 28.10 85.80
CA ASP A 1605 56.61 27.32 86.71
C ASP A 1605 56.27 25.82 86.61
N TYR A 1606 56.52 25.30 85.43
CA TYR A 1606 56.33 23.88 85.14
C TYR A 1606 57.69 23.21 85.02
N GLU A 1607 57.95 22.26 85.93
CA GLU A 1607 59.19 21.50 85.93
C GLU A 1607 60.40 22.41 85.90
N SER A 1608 60.99 22.59 84.72
CA SER A 1608 62.16 23.43 84.54
C SER A 1608 61.83 24.70 83.76
N LEU A 1609 60.58 24.92 83.44
CA LEU A 1609 60.15 26.08 82.67
C LEU A 1609 59.66 27.15 83.64
N ARG A 1610 60.50 28.15 83.89
CA ARG A 1610 60.13 29.25 84.78
C ARG A 1610 59.68 30.44 83.92
N PHE A 1611 58.61 30.21 83.17
CA PHE A 1611 58.10 31.23 82.27
C PHE A 1611 57.50 32.39 83.04
N PHE A 1612 57.74 33.61 82.57
CA PHE A 1612 57.09 34.79 83.11
C PHE A 1612 56.66 35.71 81.97
N SER A 1613 55.53 36.38 82.17
CA SER A 1613 55.07 37.44 81.28
C SER A 1613 54.57 38.60 82.11
N LEU A 1614 54.97 39.81 81.75
CA LEU A 1614 54.50 41.02 82.40
C LEU A 1614 53.73 41.86 81.40
N LEU A 1615 52.58 42.38 81.82
CA LEU A 1615 51.82 43.34 81.05
C LEU A 1615 51.69 44.59 81.92
N SER A 1616 52.19 45.71 81.42
CA SER A 1616 52.17 46.97 82.15
C SER A 1616 51.74 48.09 81.21
N GLY A 1617 50.64 48.74 81.55
CA GLY A 1617 50.16 49.85 80.75
C GLY A 1617 49.23 50.71 81.57
N SER A 1618 48.99 51.92 81.06
CA SER A 1618 48.06 52.84 81.69
C SER A 1618 47.49 53.77 80.63
N LEU A 1619 46.36 54.38 80.95
CA LEU A 1619 45.60 55.16 79.98
C LEU A 1619 45.44 56.59 80.46
N ASN A 1620 45.46 57.51 79.50
CA ASN A 1620 45.25 58.93 79.80
C ASN A 1620 44.42 59.57 78.70
N SER A 1621 44.21 60.88 78.80
CA SER A 1621 43.55 61.63 77.74
C SER A 1621 44.51 62.08 76.65
N HIS A 1622 45.80 61.77 76.76
CA HIS A 1622 46.81 62.24 75.82
C HIS A 1622 47.50 61.12 75.06
N GLY A 1623 47.61 59.93 75.64
CA GLY A 1623 48.29 58.85 74.97
C GLY A 1623 48.09 57.55 75.70
N LEU A 1624 48.70 56.49 75.17
CA LEU A 1624 48.54 55.15 75.73
C LEU A 1624 49.90 54.49 75.79
N GLU A 1625 50.49 54.45 76.98
CA GLU A 1625 51.71 53.71 77.22
C GLU A 1625 51.38 52.27 77.63
N LEU A 1626 52.13 51.33 77.06
CA LEU A 1626 51.94 49.92 77.35
C LEU A 1626 53.26 49.21 77.16
N ASN A 1627 53.57 48.26 78.05
CA ASN A 1627 54.83 47.54 78.03
C ASN A 1627 54.56 46.09 78.42
N ALA A 1628 54.73 45.19 77.47
CA ALA A 1628 54.60 43.75 77.69
C ALA A 1628 55.99 43.15 77.80
N ASP A 1629 56.26 42.46 78.90
CA ASP A 1629 57.58 41.92 79.18
C ASP A 1629 57.42 40.43 79.43
N ILE A 1630 57.98 39.62 78.54
CA ILE A 1630 57.74 38.18 78.50
C ILE A 1630 59.08 37.47 78.60
N LEU A 1631 59.23 36.64 79.62
CA LEU A 1631 60.47 35.94 79.89
C LEU A 1631 60.19 34.46 80.07
N GLY A 1632 60.58 33.66 79.09
CA GLY A 1632 60.52 32.22 79.23
C GLY A 1632 61.90 31.62 79.40
N THR A 1633 62.23 31.22 80.63
CA THR A 1633 63.54 30.65 80.92
C THR A 1633 63.41 29.18 81.29
N ASP A 1634 64.44 28.42 80.92
CA ASP A 1634 64.46 26.99 81.17
C ASP A 1634 65.88 26.59 81.59
N LYS A 1635 66.15 25.30 81.69
CA LYS A 1635 67.45 24.82 82.15
C LYS A 1635 68.61 25.22 81.25
N ILE A 1636 68.45 25.15 79.93
CA ILE A 1636 69.52 25.48 78.99
C ILE A 1636 69.18 26.73 78.18
N ASN A 1637 68.02 26.74 77.52
CA ASN A 1637 67.62 27.86 76.70
C ASN A 1637 66.82 28.88 77.53
N SER A 1638 66.72 30.08 76.99
CA SER A 1638 66.02 31.17 77.66
C SER A 1638 65.37 32.07 76.62
N GLY A 1639 64.04 32.21 76.72
CA GLY A 1639 63.31 33.08 75.81
C GLY A 1639 63.06 34.44 76.44
N ALA A 1640 63.80 35.45 75.98
CA ALA A 1640 63.73 36.79 76.52
C ALA A 1640 63.20 37.75 75.47
N HIS A 1641 62.01 38.29 75.71
CA HIS A 1641 61.47 39.33 74.83
C HIS A 1641 60.93 40.46 75.69
N LYS A 1642 61.15 41.69 75.24
CA LYS A 1642 60.65 42.89 75.91
C LYS A 1642 59.95 43.74 74.86
N ALA A 1643 58.69 44.08 75.12
CA ALA A 1643 57.90 44.91 74.21
C ALA A 1643 57.65 46.26 74.86
N THR A 1644 58.10 47.32 74.20
CA THR A 1644 57.93 48.68 74.70
C THR A 1644 57.12 49.46 73.67
N LEU A 1645 56.01 50.03 74.11
CA LEU A 1645 55.11 50.79 73.25
C LEU A 1645 54.84 52.15 73.86
N ARG A 1646 55.39 53.20 73.26
CA ARG A 1646 55.09 54.56 73.66
C ARG A 1646 54.20 55.20 72.62
N ILE A 1647 53.03 55.67 73.05
CA ILE A 1647 52.09 56.37 72.19
C ILE A 1647 51.75 57.70 72.84
N GLY A 1648 51.99 58.78 72.11
CA GLY A 1648 51.69 60.12 72.57
C GLY A 1648 51.62 61.06 71.38
N GLN A 1649 51.13 62.27 71.63
CA GLN A 1649 51.01 63.27 70.59
C GLN A 1649 52.36 63.65 69.98
N ASP A 1650 53.45 63.53 70.74
CA ASP A 1650 54.77 63.83 70.21
C ASP A 1650 55.15 62.94 69.04
N GLY A 1651 54.92 61.64 69.16
CA GLY A 1651 55.29 60.72 68.12
C GLY A 1651 55.06 59.30 68.57
N ILE A 1652 55.20 58.39 67.62
CA ILE A 1652 54.99 56.96 67.84
C ILE A 1652 56.34 56.33 68.06
N SER A 1653 56.57 55.81 69.27
CA SER A 1653 57.83 55.17 69.62
C SER A 1653 57.56 53.78 70.17
N THR A 1654 58.25 52.79 69.62
CA THR A 1654 58.08 51.42 70.07
C THR A 1654 59.44 50.74 70.12
N SER A 1655 59.52 49.68 70.94
CA SER A 1655 60.76 48.94 71.10
C SER A 1655 60.40 47.51 71.49
N ALA A 1656 60.46 46.61 70.52
CA ALA A 1656 60.24 45.19 70.75
C ALA A 1656 61.62 44.53 70.81
N THR A 1657 62.14 44.36 72.03
CA THR A 1657 63.46 43.80 72.24
C THR A 1657 63.32 42.33 72.57
N THR A 1658 63.99 41.48 71.80
CA THR A 1658 63.93 40.03 71.99
C THR A 1658 65.34 39.49 71.97
N ASN A 1659 65.67 38.63 72.93
CA ASN A 1659 66.95 37.94 72.96
C ASN A 1659 66.71 36.46 73.25
N LEU A 1660 67.51 35.61 72.62
CA LEU A 1660 67.44 34.17 72.84
C LEU A 1660 68.86 33.65 73.07
N LYS A 1661 68.99 32.71 73.99
CA LYS A 1661 70.28 32.09 74.32
C LYS A 1661 70.11 30.59 74.25
N CYS A 1662 70.71 29.96 73.23
CA CYS A 1662 70.64 28.52 73.05
C CYS A 1662 72.08 27.98 73.03
N SER A 1663 72.62 27.73 74.22
CA SER A 1663 73.94 27.14 74.39
C SER A 1663 75.00 27.88 73.58
N LEU A 1664 75.35 27.33 72.42
CA LEU A 1664 76.35 27.93 71.54
C LEU A 1664 75.75 28.88 70.54
N LEU A 1665 74.49 29.28 70.72
CA LEU A 1665 73.80 30.20 69.82
C LEU A 1665 73.30 31.40 70.63
N VAL A 1666 73.60 32.60 70.15
CA VAL A 1666 73.03 33.83 70.67
C VAL A 1666 72.36 34.55 69.52
N LEU A 1667 71.11 34.95 69.70
CA LEU A 1667 70.41 35.81 68.75
C LEU A 1667 69.62 36.84 69.54
N GLU A 1668 69.85 38.11 69.24
CA GLU A 1668 69.16 39.21 69.88
C GLU A 1668 68.42 40.01 68.81
N ASN A 1669 67.23 40.49 69.15
CA ASN A 1669 66.29 41.03 68.17
C ASN A 1669 65.80 42.38 68.69
N GLU A 1670 66.35 43.46 68.13
CA GLU A 1670 66.10 44.81 68.62
C GLU A 1670 65.71 45.71 67.45
N LEU A 1671 64.70 46.55 67.68
CA LEU A 1671 64.25 47.52 66.69
C LEU A 1671 64.11 48.87 67.37
N ASN A 1672 64.30 49.93 66.59
CA ASN A 1672 64.02 51.28 67.02
C ASN A 1672 63.12 51.91 65.97
N ALA A 1673 61.83 51.97 66.25
CA ALA A 1673 60.84 52.54 65.33
C ALA A 1673 60.22 53.76 65.99
N GLU A 1674 60.59 54.94 65.50
CA GLU A 1674 60.01 56.20 65.96
C GLU A 1674 59.30 56.86 64.80
N LEU A 1675 58.08 57.33 65.03
CA LEU A 1675 57.28 57.99 64.01
C LEU A 1675 56.77 59.31 64.60
N GLY A 1676 57.51 60.38 64.32
CA GLY A 1676 57.11 61.69 64.79
C GLY A 1676 56.70 62.61 63.66
N LEU A 1677 56.43 63.88 63.99
CA LEU A 1677 56.05 64.85 62.97
C LEU A 1677 57.23 65.26 62.09
N SER A 1678 58.46 65.05 62.56
CA SER A 1678 59.64 65.42 61.79
C SER A 1678 60.05 64.35 60.79
N GLY A 1679 59.38 63.20 60.77
CA GLY A 1679 59.73 62.15 59.85
C GLY A 1679 59.89 60.80 60.52
N ALA A 1680 59.87 59.73 59.73
CA ALA A 1680 59.96 58.37 60.25
C ALA A 1680 61.44 57.98 60.33
N SER A 1681 61.88 57.61 61.53
CA SER A 1681 63.23 57.14 61.76
C SER A 1681 63.17 55.72 62.30
N MET A 1682 63.87 54.81 61.65
CA MET A 1682 63.90 53.42 62.05
C MET A 1682 65.32 52.95 62.32
N LYS A 1683 65.44 51.88 63.11
CA LYS A 1683 66.72 51.26 63.37
C LYS A 1683 66.50 49.79 63.71
N LEU A 1684 67.20 48.91 63.01
CA LEU A 1684 67.10 47.48 63.24
C LEU A 1684 68.45 46.96 63.71
N THR A 1685 68.43 46.21 64.81
CA THR A 1685 69.66 45.67 65.39
C THR A 1685 69.46 44.19 65.65
N THR A 1686 70.33 43.37 65.04
CA THR A 1686 70.24 41.92 65.16
C THR A 1686 71.56 41.32 64.69
N ASN A 1687 72.16 40.48 65.54
CA ASN A 1687 73.42 39.83 65.23
C ASN A 1687 73.31 38.34 65.54
N GLY A 1688 73.84 37.51 64.65
CA GLY A 1688 73.79 36.08 64.84
C GLY A 1688 75.07 35.50 65.41
N ARG A 1689 75.07 35.21 66.71
CA ARG A 1689 76.22 34.59 67.37
C ARG A 1689 75.97 33.08 67.48
N PHE A 1690 76.71 32.30 66.70
CA PHE A 1690 76.68 30.85 66.80
C PHE A 1690 78.11 30.35 66.97
N ARG A 1691 78.36 29.62 68.06
CA ARG A 1691 79.68 29.11 68.39
C ARG A 1691 80.72 30.22 68.30
N GLU A 1692 81.45 30.26 67.18
CA GLU A 1692 82.38 31.33 66.88
C GLU A 1692 81.93 32.17 65.70
N HIS A 1693 81.38 31.55 64.67
CA HIS A 1693 80.95 32.27 63.49
C HIS A 1693 79.83 33.23 63.84
N ASN A 1694 79.98 34.49 63.48
CA ASN A 1694 79.06 35.53 63.87
C ASN A 1694 78.56 36.30 62.65
N ALA A 1695 77.34 36.81 62.76
CA ALA A 1695 76.67 37.52 61.67
C ALA A 1695 76.15 38.84 62.23
N LYS A 1696 77.01 39.86 62.24
CA LYS A 1696 76.64 41.16 62.77
C LYS A 1696 75.92 41.97 61.70
N PHE A 1697 74.72 42.43 62.02
CA PHE A 1697 73.92 43.21 61.09
C PHE A 1697 73.29 44.41 61.78
N SER A 1698 73.15 45.49 61.02
CA SER A 1698 72.48 46.70 61.48
C SER A 1698 71.70 47.28 60.31
N LEU A 1699 70.67 48.06 60.61
CA LEU A 1699 69.85 48.70 59.57
C LEU A 1699 69.22 49.96 60.14
N ASP A 1700 69.55 51.11 59.55
CA ASP A 1700 69.01 52.39 59.94
C ASP A 1700 68.21 53.01 58.80
N GLY A 1701 67.29 53.90 59.16
CA GLY A 1701 66.49 54.58 58.17
C GLY A 1701 65.97 55.90 58.70
N LYS A 1702 65.84 56.87 57.79
CA LYS A 1702 65.35 58.19 58.15
C LYS A 1702 64.50 58.69 57.00
N ALA A 1703 63.17 58.58 57.15
CA ALA A 1703 62.23 59.06 56.15
C ALA A 1703 61.82 60.48 56.51
N ALA A 1704 62.46 61.45 55.86
CA ALA A 1704 62.14 62.85 56.07
C ALA A 1704 61.98 63.54 54.72
N LEU A 1705 61.10 64.54 54.69
CA LEU A 1705 60.85 65.27 53.46
C LEU A 1705 62.09 65.97 52.93
N THR A 1706 62.91 66.53 53.83
CA THR A 1706 64.13 67.21 53.39
C THR A 1706 65.09 66.24 52.72
N GLU A 1707 65.32 65.10 53.34
CA GLU A 1707 66.27 64.13 52.81
C GLU A 1707 65.96 62.75 53.38
N LEU A 1708 66.19 61.72 52.55
CA LEU A 1708 66.00 60.35 52.97
C LEU A 1708 67.35 59.72 53.29
N SER A 1709 67.48 59.14 54.48
CA SER A 1709 68.71 58.47 54.91
C SER A 1709 68.42 56.99 55.07
N LEU A 1710 68.91 56.19 54.13
CA LEU A 1710 68.81 54.74 54.19
C LEU A 1710 70.18 54.16 53.91
N GLY A 1711 70.78 53.55 54.91
CA GLY A 1711 72.08 52.91 54.76
C GLY A 1711 72.03 51.47 55.22
N SER A 1712 72.81 50.63 54.55
CA SER A 1712 72.89 49.21 54.90
C SER A 1712 74.34 48.75 54.87
N ALA A 1713 74.66 47.87 55.81
CA ALA A 1713 75.99 47.28 55.88
C ALA A 1713 75.89 46.00 56.69
N TYR A 1714 76.64 44.98 56.27
CA TYR A 1714 76.62 43.69 56.93
C TYR A 1714 77.93 42.98 56.65
N GLN A 1715 78.46 42.27 57.63
CA GLN A 1715 79.71 41.54 57.49
C GLN A 1715 79.69 40.31 58.37
N ALA A 1716 80.40 39.27 57.93
CA ALA A 1716 80.48 38.03 58.67
C ALA A 1716 81.78 37.32 58.32
N MET A 1717 82.18 36.40 59.19
CA MET A 1717 83.41 35.62 59.03
C MET A 1717 83.06 34.16 58.80
N ILE A 1718 81.84 33.94 58.32
CA ILE A 1718 81.26 32.60 58.29
C ILE A 1718 82.15 31.67 57.46
N LEU A 1719 82.52 30.54 58.05
CA LEU A 1719 83.33 29.51 57.40
C LEU A 1719 84.64 30.08 56.86
N GLY A 1720 85.20 31.08 57.55
CA GLY A 1720 86.42 31.71 57.11
C GLY A 1720 86.27 32.63 55.92
N VAL A 1721 85.04 32.82 55.42
CA VAL A 1721 84.81 33.66 54.26
C VAL A 1721 84.61 35.09 54.71
N ASP A 1722 85.32 36.02 54.06
CA ASP A 1722 85.19 37.45 54.36
C ASP A 1722 84.00 38.00 53.58
N SER A 1723 82.82 37.84 54.16
CA SER A 1723 81.58 38.37 53.59
C SER A 1723 81.36 39.77 54.12
N LYS A 1724 81.12 40.74 53.23
CA LYS A 1724 80.86 42.11 53.64
C LYS A 1724 80.20 42.85 52.48
N ASN A 1725 79.25 43.73 52.80
CA ASN A 1725 78.65 44.62 51.83
C ASN A 1725 78.54 46.02 52.41
N ILE A 1726 78.60 47.02 51.52
CA ILE A 1726 78.42 48.42 51.89
C ILE A 1726 77.32 48.99 51.03
N PHE A 1727 76.14 49.14 51.61
CA PHE A 1727 74.95 49.55 50.85
C PHE A 1727 74.43 50.84 51.47
N ASN A 1728 74.98 51.96 51.04
CA ASN A 1728 74.63 53.26 51.61
C ASN A 1728 74.36 54.23 50.47
N PHE A 1729 73.27 54.99 50.59
CA PHE A 1729 72.76 55.83 49.53
C PHE A 1729 71.81 56.86 50.12
N LYS A 1730 71.90 58.10 49.64
CA LYS A 1730 71.08 59.19 50.15
C LYS A 1730 70.44 59.93 48.98
N VAL A 1731 69.26 60.46 49.21
CA VAL A 1731 68.48 61.18 48.19
C VAL A 1731 68.30 62.60 48.71
N SER A 1732 68.82 63.58 47.96
CA SER A 1732 68.72 64.98 48.33
C SER A 1732 68.28 65.80 47.13
N GLN A 1733 67.95 67.07 47.39
CA GLN A 1733 67.54 67.97 46.32
C GLN A 1733 68.64 68.20 45.31
N GLU A 1734 69.91 68.20 45.75
CA GLU A 1734 71.02 68.33 44.82
C GLU A 1734 71.06 67.18 43.84
N GLY A 1735 70.85 65.96 44.32
CA GLY A 1735 70.86 64.80 43.45
C GLY A 1735 70.97 63.53 44.26
N LEU A 1736 70.92 62.42 43.53
CA LEU A 1736 71.02 61.09 44.12
C LEU A 1736 72.47 60.69 44.29
N LYS A 1737 72.81 60.12 45.44
CA LYS A 1737 74.08 59.48 45.66
C LYS A 1737 73.87 57.99 45.90
N LEU A 1738 74.61 57.16 45.16
CA LEU A 1738 74.59 55.73 45.35
C LEU A 1738 76.03 55.22 45.38
N SER A 1739 76.36 54.45 46.42
CA SER A 1739 77.68 53.83 46.54
C SER A 1739 77.47 52.46 47.15
N ASN A 1740 77.82 51.42 46.40
CA ASN A 1740 77.66 50.04 46.84
C ASN A 1740 79.00 49.32 46.72
N ASP A 1741 79.50 48.80 47.84
CA ASP A 1741 80.79 48.15 47.89
C ASP A 1741 80.62 46.77 48.47
N MET A 1742 80.86 45.75 47.65
CA MET A 1742 80.79 44.35 48.10
C MET A 1742 82.20 43.79 48.06
N MET A 1743 82.69 43.35 49.22
CA MET A 1743 83.96 42.66 49.31
C MET A 1743 83.72 41.17 49.50
N GLY A 1744 84.73 40.39 49.13
CA GLY A 1744 84.68 38.96 49.33
C GLY A 1744 86.06 38.35 49.21
N SER A 1745 86.46 37.55 50.19
CA SER A 1745 87.80 36.99 50.25
C SER A 1745 87.78 35.64 50.95
N TYR A 1746 88.49 34.68 50.34
CA TYR A 1746 88.66 33.36 50.94
C TYR A 1746 89.80 32.65 50.23
N ALA A 1747 90.78 32.18 51.01
CA ALA A 1747 91.92 31.44 50.48
C ALA A 1747 92.65 32.23 49.39
N GLU A 1748 92.43 31.87 48.14
CA GLU A 1748 93.11 32.50 47.01
C GLU A 1748 92.22 33.43 46.20
N MET A 1749 90.93 33.10 46.06
CA MET A 1749 90.02 33.90 45.26
C MET A 1749 89.46 35.02 46.13
N LYS A 1750 89.79 36.26 45.76
CA LYS A 1750 89.36 37.44 46.50
C LYS A 1750 88.67 38.41 45.56
N PHE A 1751 87.53 38.94 46.02
CA PHE A 1751 86.67 39.76 45.18
C PHE A 1751 86.52 41.14 45.81
N ASP A 1752 86.81 42.17 45.02
CA ASP A 1752 86.81 43.57 45.48
C ASP A 1752 85.99 44.37 44.47
N HIS A 1753 84.74 44.65 44.84
CA HIS A 1753 83.80 45.30 43.93
C HIS A 1753 83.17 46.51 44.61
N THR A 1754 83.16 47.63 43.89
CA THR A 1754 82.65 48.88 44.41
C THR A 1754 81.99 49.68 43.30
N ASN A 1755 81.02 50.50 43.67
CA ASN A 1755 80.30 51.35 42.74
C ASN A 1755 80.32 52.79 43.22
N SER A 1756 80.23 53.72 42.27
CA SER A 1756 80.26 55.14 42.57
C SER A 1756 79.22 55.82 41.68
N LEU A 1757 78.08 56.19 42.26
CA LEU A 1757 76.97 56.76 41.51
C LEU A 1757 76.44 57.98 42.24
N ASN A 1758 76.67 59.16 41.66
CA ASN A 1758 76.19 60.40 42.25
C ASN A 1758 75.60 61.28 41.15
N ILE A 1759 74.70 62.18 41.54
CA ILE A 1759 74.08 63.12 40.61
C ILE A 1759 74.43 64.52 41.06
N ALA A 1760 75.01 65.29 40.14
CA ALA A 1760 75.35 66.70 40.39
C ALA A 1760 74.70 67.56 39.30
N GLY A 1761 73.45 67.93 39.52
CA GLY A 1761 72.78 68.88 38.65
C GLY A 1761 72.37 68.31 37.31
N LEU A 1762 73.34 68.15 36.43
CA LEU A 1762 73.14 67.59 35.09
C LEU A 1762 74.33 66.71 34.70
N SER A 1763 74.90 66.02 35.68
CA SER A 1763 76.11 65.25 35.44
C SER A 1763 76.06 63.95 36.23
N LEU A 1764 76.76 62.94 35.70
CA LEU A 1764 76.88 61.66 36.37
C LEU A 1764 78.36 61.30 36.48
N ASP A 1765 78.77 60.88 37.68
CA ASP A 1765 80.13 60.44 37.95
C ASP A 1765 80.08 58.96 38.31
N PHE A 1766 80.16 58.12 37.28
CA PHE A 1766 80.10 56.68 37.47
C PHE A 1766 81.50 56.09 37.58
N SER A 1767 81.65 55.11 38.46
CA SER A 1767 82.92 54.40 38.61
C SER A 1767 82.62 53.05 39.27
N SER A 1768 82.79 51.97 38.51
CA SER A 1768 82.68 50.61 39.04
C SER A 1768 84.05 49.96 38.91
N LYS A 1769 84.75 49.85 40.03
CA LYS A 1769 86.08 49.23 40.06
C LYS A 1769 85.88 47.76 40.40
N LEU A 1770 85.80 46.94 39.36
CA LEU A 1770 85.50 45.52 39.51
C LEU A 1770 86.81 44.73 39.40
N ASP A 1771 87.16 44.05 40.48
CA ASP A 1771 88.44 43.35 40.58
C ASP A 1771 88.18 41.92 41.03
N ASN A 1772 88.59 40.96 40.21
CA ASN A 1772 88.43 39.54 40.49
C ASN A 1772 89.81 38.89 40.48
N ILE A 1773 90.41 38.79 41.65
CA ILE A 1773 91.74 38.20 41.80
C ILE A 1773 91.55 36.76 42.27
N TYR A 1774 91.82 35.82 41.35
CA TYR A 1774 91.70 34.40 41.67
C TYR A 1774 93.05 33.80 42.05
N SER A 1775 94.06 34.05 41.23
CA SER A 1775 95.44 33.65 41.52
C SER A 1775 96.34 34.78 41.08
N SER A 1776 97.66 34.57 41.18
CA SER A 1776 98.61 35.63 40.85
C SER A 1776 98.59 35.93 39.35
N ASP A 1777 98.95 34.94 38.54
CA ASP A 1777 98.87 35.07 37.09
C ASP A 1777 97.49 34.77 36.56
N LYS A 1778 96.57 34.34 37.42
CA LYS A 1778 95.24 33.91 37.02
C LYS A 1778 94.22 34.80 37.74
N PHE A 1779 93.77 35.85 37.06
CA PHE A 1779 92.88 36.83 37.66
C PHE A 1779 92.12 37.53 36.54
N TYR A 1780 91.39 38.58 36.90
CA TYR A 1780 90.71 39.41 35.92
C TYR A 1780 90.52 40.80 36.50
N LYS A 1781 90.61 41.82 35.64
CA LYS A 1781 90.36 43.20 36.02
C LYS A 1781 89.38 43.85 35.07
N GLN A 1782 88.61 44.80 35.59
CA GLN A 1782 87.63 45.53 34.79
C GLN A 1782 87.49 46.93 35.39
N THR A 1783 87.72 47.94 34.56
CA THR A 1783 87.59 49.33 34.97
C THR A 1783 86.55 49.99 34.08
N VAL A 1784 85.34 50.16 34.61
CA VAL A 1784 84.24 50.79 33.89
C VAL A 1784 83.97 52.14 34.57
N ASN A 1785 84.21 53.22 33.84
CA ASN A 1785 84.07 54.56 34.38
C ASN A 1785 83.35 55.43 33.37
N LEU A 1786 82.20 55.98 33.77
CA LEU A 1786 81.36 56.79 32.91
C LEU A 1786 81.19 58.18 33.51
N GLN A 1787 81.35 59.20 32.68
CA GLN A 1787 81.18 60.59 33.10
C GLN A 1787 80.22 61.25 32.13
N LEU A 1788 79.13 61.80 32.65
CA LEU A 1788 78.11 62.43 31.84
C LEU A 1788 78.16 63.94 32.05
N GLN A 1789 78.21 64.69 30.96
CA GLN A 1789 78.25 66.14 30.99
C GLN A 1789 77.65 66.66 29.70
N PRO A 1790 77.07 67.86 29.71
CA PRO A 1790 76.50 68.39 28.46
C PRO A 1790 77.59 68.62 27.41
N TYR A 1791 77.21 68.38 26.15
CA TYR A 1791 78.05 68.67 24.99
C TYR A 1791 79.33 67.84 24.97
N SER A 1792 79.39 66.77 25.77
CA SER A 1792 80.61 65.96 25.82
C SER A 1792 80.26 64.60 26.41
N LEU A 1793 81.19 63.67 26.27
CA LEU A 1793 81.06 62.33 26.85
C LEU A 1793 82.43 61.83 27.26
N VAL A 1794 82.53 61.27 28.46
CA VAL A 1794 83.76 60.65 28.93
C VAL A 1794 83.42 59.20 29.28
N THR A 1795 84.18 58.27 28.69
CA THR A 1795 83.96 56.85 28.87
C THR A 1795 85.32 56.15 28.84
N THR A 1796 85.69 55.51 29.94
CA THR A 1796 86.96 54.80 30.05
C THR A 1796 86.67 53.33 30.31
N LEU A 1797 87.17 52.47 29.43
CA LEU A 1797 86.90 51.04 29.48
C LEU A 1797 88.22 50.30 29.33
N ASN A 1798 88.77 49.83 30.44
CA ASN A 1798 90.02 49.08 30.43
C ASN A 1798 89.85 47.81 31.24
N SER A 1799 90.29 46.70 30.67
CA SER A 1799 90.18 45.39 31.32
C SER A 1799 91.51 44.66 31.20
N ASP A 1800 91.81 43.85 32.20
CA ASP A 1800 93.05 43.09 32.25
C ASP A 1800 92.74 41.63 32.49
N LEU A 1801 93.46 40.75 31.80
CA LEU A 1801 93.20 39.30 31.87
C LEU A 1801 94.51 38.57 31.64
N LYS A 1802 94.88 37.70 32.57
CA LYS A 1802 96.09 36.89 32.48
C LYS A 1802 95.79 35.46 32.91
N TYR A 1803 96.58 34.52 32.38
CA TYR A 1803 96.56 33.13 32.86
C TYR A 1803 97.95 32.53 32.63
N ASN A 1804 98.77 32.55 33.68
CA ASN A 1804 100.08 31.91 33.66
C ASN A 1804 100.90 32.34 32.47
N ALA A 1805 100.90 31.50 31.42
CA ALA A 1805 101.62 31.80 30.19
C ALA A 1805 100.80 32.59 29.19
N LEU A 1806 99.52 32.83 29.46
CA LEU A 1806 98.64 33.49 28.51
C LEU A 1806 98.28 34.89 28.99
N ASP A 1807 98.27 35.85 28.07
CA ASP A 1807 97.92 37.23 28.36
C ASP A 1807 96.97 37.76 27.30
N LEU A 1808 96.06 38.64 27.72
CA LEU A 1808 95.15 39.31 26.80
C LEU A 1808 94.74 40.63 27.44
N THR A 1809 95.07 41.73 26.78
CA THR A 1809 94.75 43.06 27.27
C THR A 1809 94.04 43.86 26.20
N ASN A 1810 93.27 44.85 26.66
CA ASN A 1810 92.48 45.68 25.75
C ASN A 1810 92.24 47.03 26.40
N ASN A 1811 92.01 48.03 25.55
CA ASN A 1811 91.75 49.40 25.99
C ASN A 1811 90.77 50.04 25.02
N GLY A 1812 90.13 51.11 25.47
CA GLY A 1812 89.18 51.82 24.62
C GLY A 1812 88.92 53.24 25.06
N LYS A 1813 89.01 54.17 24.11
CA LYS A 1813 88.77 55.59 24.37
C LYS A 1813 87.58 56.01 23.52
N LEU A 1814 86.58 56.61 24.17
CA LEU A 1814 85.38 57.06 23.50
C LEU A 1814 85.12 58.53 23.81
N ARG A 1815 85.42 59.39 22.84
CA ARG A 1815 85.12 60.82 22.95
C ARG A 1815 84.08 61.15 21.87
N LEU A 1816 82.80 61.05 22.24
CA LEU A 1816 81.71 61.45 21.36
C LEU A 1816 81.32 62.87 21.73
N GLU A 1817 81.50 63.79 20.80
CA GLU A 1817 81.18 65.19 20.98
C GLU A 1817 80.40 65.70 19.77
N PRO A 1818 79.61 66.75 19.93
CA PRO A 1818 78.81 67.24 18.80
C PRO A 1818 79.68 67.62 17.61
N LEU A 1819 79.19 67.27 16.41
CA LEU A 1819 79.82 67.61 15.14
C LEU A 1819 81.20 66.98 14.98
N LYS A 1820 81.48 65.88 15.69
CA LYS A 1820 82.80 65.27 15.64
C LYS A 1820 82.71 63.86 16.21
N LEU A 1821 83.85 63.16 16.20
CA LEU A 1821 83.94 61.81 16.72
C LEU A 1821 85.40 61.52 17.02
N HIS A 1822 85.67 60.85 18.13
CA HIS A 1822 87.04 60.52 18.54
C HIS A 1822 87.00 59.19 19.28
N VAL A 1823 87.41 58.12 18.60
CA VAL A 1823 87.43 56.78 19.16
C VAL A 1823 88.85 56.24 19.01
N ALA A 1824 89.40 55.72 20.10
CA ALA A 1824 90.70 55.07 20.09
C ALA A 1824 90.73 54.01 21.18
N GLY A 1825 91.90 53.37 21.29
CA GLY A 1825 92.08 52.33 22.28
C GLY A 1825 93.17 51.39 21.84
N ASN A 1826 93.31 50.30 22.59
CA ASN A 1826 94.31 49.31 22.25
C ASN A 1826 93.74 47.91 22.46
N LEU A 1827 94.21 46.97 21.64
CA LEU A 1827 93.98 45.55 21.86
C LEU A 1827 95.30 44.83 21.59
N LYS A 1828 95.66 43.91 22.49
CA LYS A 1828 96.88 43.13 22.31
C LYS A 1828 96.71 41.78 22.97
N GLY A 1829 97.04 40.73 22.22
CA GLY A 1829 97.01 39.38 22.76
C GLY A 1829 98.35 38.70 22.59
N ALA A 1830 98.99 38.34 23.71
CA ALA A 1830 100.30 37.70 23.67
C ALA A 1830 100.29 36.40 24.46
N TYR A 1831 101.11 35.45 24.01
CA TYR A 1831 101.22 34.16 24.68
C TYR A 1831 102.66 33.69 24.50
N GLN A 1832 103.43 33.72 25.59
CA GLN A 1832 104.80 33.21 25.60
C GLN A 1832 105.66 33.89 24.54
N ASN A 1833 105.78 33.27 23.38
CA ASN A 1833 106.60 33.79 22.29
C ASN A 1833 105.79 34.56 21.24
N ASN A 1834 104.61 34.07 20.88
CA ASN A 1834 103.83 34.68 19.80
C ASN A 1834 102.99 35.83 20.36
N GLU A 1835 103.32 37.05 19.95
CA GLU A 1835 102.62 38.24 20.39
C GLU A 1835 101.94 38.89 19.19
N ILE A 1836 100.67 39.27 19.36
CA ILE A 1836 99.90 39.94 18.33
C ILE A 1836 99.50 41.29 18.86
N LYS A 1837 99.90 42.36 18.17
CA LYS A 1837 99.60 43.72 18.56
C LYS A 1837 98.71 44.38 17.52
N HIS A 1838 97.66 45.07 17.97
CA HIS A 1838 96.76 45.78 17.08
C HIS A 1838 96.64 47.23 17.51
N ILE A 1839 96.49 48.12 16.55
CA ILE A 1839 96.33 49.55 16.78
C ILE A 1839 95.10 50.02 16.01
N TYR A 1840 94.20 50.73 16.71
CA TYR A 1840 93.01 51.27 16.08
C TYR A 1840 92.71 52.65 16.62
N ALA A 1841 92.19 53.52 15.75
CA ALA A 1841 91.78 54.86 16.15
C ALA A 1841 90.77 55.36 15.13
N ILE A 1842 89.62 55.82 15.61
CA ILE A 1842 88.53 56.27 14.76
C ILE A 1842 88.22 57.72 15.12
N SER A 1843 88.22 58.58 14.11
CA SER A 1843 87.93 59.99 14.30
C SER A 1843 87.04 60.48 13.17
N SER A 1844 86.34 61.58 13.43
CA SER A 1844 85.53 62.24 12.41
C SER A 1844 85.49 63.72 12.71
N ALA A 1845 85.75 64.53 11.70
CA ALA A 1845 85.76 65.98 11.86
C ALA A 1845 85.47 66.63 10.51
N ALA A 1846 84.78 67.78 10.56
CA ALA A 1846 84.36 68.50 9.36
C ALA A 1846 83.58 67.59 8.41
N LEU A 1847 82.72 66.74 8.99
CA LEU A 1847 81.92 65.78 8.24
C LEU A 1847 82.79 64.89 7.35
N SER A 1848 83.92 64.45 7.89
CA SER A 1848 84.85 63.60 7.17
C SER A 1848 85.35 62.52 8.12
N ALA A 1849 85.12 61.25 7.76
CA ALA A 1849 85.53 60.15 8.61
C ALA A 1849 87.06 59.98 8.56
N SER A 1850 87.59 59.39 9.63
CA SER A 1850 89.02 59.12 9.72
C SER A 1850 89.21 57.79 10.42
N TYR A 1851 89.88 56.87 9.75
CA TYR A 1851 90.11 55.53 10.28
C TYR A 1851 91.54 55.09 10.01
N LYS A 1852 92.10 54.30 10.92
CA LYS A 1852 93.44 53.75 10.75
C LYS A 1852 93.55 52.51 11.62
N ALA A 1853 93.99 51.40 11.02
CA ALA A 1853 94.14 50.13 11.71
C ALA A 1853 95.52 49.57 11.45
N ASP A 1854 96.15 49.05 12.50
CA ASP A 1854 97.45 48.41 12.40
C ASP A 1854 97.37 47.04 13.06
N THR A 1855 97.82 46.01 12.36
CA THR A 1855 97.79 44.64 12.85
C THR A 1855 99.18 44.03 12.66
N VAL A 1856 99.85 43.74 13.76
CA VAL A 1856 101.18 43.15 13.74
C VAL A 1856 101.09 41.76 14.36
N ALA A 1857 101.39 40.74 13.58
CA ALA A 1857 101.37 39.36 14.03
C ALA A 1857 102.78 38.78 13.89
N LYS A 1858 103.26 38.15 14.96
CA LYS A 1858 104.60 37.54 15.01
C LYS A 1858 104.46 36.18 15.69
N VAL A 1859 104.28 35.13 14.88
CA VAL A 1859 104.06 33.78 15.38
C VAL A 1859 105.19 32.90 14.87
N GLN A 1860 105.91 32.27 15.80
CA GLN A 1860 107.00 31.34 15.48
C GLN A 1860 108.04 31.99 14.58
N GLY A 1861 108.27 33.28 14.76
CA GLY A 1861 109.23 34.02 13.98
C GLY A 1861 108.74 34.52 12.64
N VAL A 1862 107.51 34.21 12.26
CA VAL A 1862 106.96 34.65 10.98
C VAL A 1862 106.12 35.89 11.23
N GLU A 1863 106.54 37.02 10.67
CA GLU A 1863 105.85 38.29 10.87
C GLU A 1863 104.75 38.42 9.82
N PHE A 1864 103.80 39.32 10.08
CA PHE A 1864 102.78 39.68 9.10
C PHE A 1864 102.51 41.17 9.23
N SER A 1865 103.18 41.95 8.38
CA SER A 1865 103.03 43.41 8.39
C SER A 1865 101.97 43.80 7.36
N HIS A 1866 100.74 43.97 7.82
CA HIS A 1866 99.62 44.40 6.97
C HIS A 1866 99.22 45.80 7.41
N ARG A 1867 99.46 46.76 6.52
CA ARG A 1867 99.22 48.16 6.87
C ARG A 1867 98.03 48.73 6.09
N LEU A 1868 97.17 49.44 6.82
CA LEU A 1868 96.07 50.16 6.22
C LEU A 1868 96.23 51.64 6.57
N ASN A 1869 96.22 52.49 5.56
CA ASN A 1869 96.52 53.89 5.79
C ASN A 1869 95.25 54.65 6.16
N THR A 1870 95.45 55.89 6.59
CA THR A 1870 94.37 56.78 7.03
C THR A 1870 93.77 57.46 5.80
N ASP A 1871 93.00 58.53 6.00
CA ASP A 1871 92.26 59.21 4.94
C ASP A 1871 91.16 58.30 4.40
N ILE A 1872 90.35 57.78 5.33
CA ILE A 1872 89.20 56.95 5.02
C ILE A 1872 87.98 57.73 5.47
N ALA A 1873 87.40 58.49 4.54
CA ALA A 1873 86.28 59.37 4.84
C ALA A 1873 84.98 58.92 4.21
N GLY A 1874 85.02 58.41 2.98
CA GLY A 1874 83.83 57.92 2.32
C GLY A 1874 83.49 58.64 1.02
N LEU A 1875 83.63 59.96 1.01
CA LEU A 1875 83.27 60.76 -0.18
C LEU A 1875 84.56 61.29 -0.79
N ALA A 1876 84.87 60.84 -2.01
CA ALA A 1876 86.07 61.24 -2.73
C ALA A 1876 87.32 61.03 -1.89
N SER A 1877 87.32 59.91 -1.17
CA SER A 1877 88.42 59.57 -0.27
C SER A 1877 89.51 58.80 -1.02
N ALA A 1878 90.42 58.18 -0.27
CA ALA A 1878 91.48 57.38 -0.86
C ALA A 1878 91.68 56.13 -0.04
N ILE A 1879 92.34 55.15 -0.64
CA ILE A 1879 92.66 53.90 0.03
C ILE A 1879 94.09 53.52 -0.31
N ASP A 1880 94.79 52.91 0.65
CA ASP A 1880 96.17 52.48 0.45
C ASP A 1880 96.43 51.31 1.39
N MET A 1881 96.69 50.15 0.82
CA MET A 1881 96.93 48.93 1.58
C MET A 1881 98.38 48.51 1.40
N SER A 1882 98.99 48.03 2.48
CA SER A 1882 100.38 47.58 2.45
C SER A 1882 100.51 46.33 3.30
N THR A 1883 100.49 45.16 2.67
CA THR A 1883 100.67 43.89 3.35
C THR A 1883 102.08 43.38 3.07
N ASN A 1884 102.80 43.03 4.13
CA ASN A 1884 104.18 42.58 4.01
C ASN A 1884 104.30 41.24 4.72
N TYR A 1885 104.64 40.19 3.96
CA TYR A 1885 104.84 38.86 4.50
C TYR A 1885 106.30 38.48 4.28
N ASN A 1886 106.99 38.15 5.37
CA ASN A 1886 108.38 37.72 5.33
C ASN A 1886 108.50 36.36 5.99
N SER A 1887 109.12 35.42 5.29
CA SER A 1887 109.33 34.08 5.82
C SER A 1887 110.60 33.51 5.21
N ASP A 1888 111.08 32.41 5.80
CA ASP A 1888 112.29 31.74 5.34
C ASP A 1888 112.12 31.05 4.00
N SER A 1889 110.88 30.86 3.55
CA SER A 1889 110.61 30.25 2.26
C SER A 1889 109.85 31.15 1.31
N LEU A 1890 109.18 32.18 1.79
CA LEU A 1890 108.40 33.07 0.93
C LEU A 1890 108.46 34.48 1.48
N HIS A 1891 108.87 35.42 0.65
CA HIS A 1891 108.73 36.85 0.94
C HIS A 1891 107.67 37.41 0.01
N PHE A 1892 106.61 37.95 0.60
CA PHE A 1892 105.55 38.56 -0.18
C PHE A 1892 105.44 40.04 0.16
N SER A 1893 105.17 40.85 -0.87
CA SER A 1893 105.01 42.29 -0.68
C SER A 1893 104.12 42.83 -1.78
N ASN A 1894 103.03 43.49 -1.38
CA ASN A 1894 102.14 44.15 -2.33
C ASN A 1894 101.88 45.57 -1.84
N VAL A 1895 101.82 46.51 -2.78
CA VAL A 1895 101.51 47.90 -2.49
C VAL A 1895 100.36 48.32 -3.40
N PHE A 1896 99.23 48.67 -2.81
CA PHE A 1896 98.07 49.12 -3.56
C PHE A 1896 97.73 50.56 -3.17
N ARG A 1897 97.38 51.37 -4.17
CA ARG A 1897 97.03 52.76 -3.94
C ARG A 1897 96.04 53.17 -5.03
N SER A 1898 94.86 53.60 -4.61
CA SER A 1898 93.83 54.00 -5.56
C SER A 1898 92.92 55.05 -4.92
N VAL A 1899 92.32 55.88 -5.77
CA VAL A 1899 91.42 56.95 -5.35
C VAL A 1899 90.14 56.83 -6.16
N MET A 1900 89.00 56.72 -5.48
CA MET A 1900 87.71 56.63 -6.14
C MET A 1900 87.10 58.02 -6.31
N ALA A 1901 87.82 58.85 -7.06
CA ALA A 1901 87.34 60.18 -7.38
C ALA A 1901 86.11 60.13 -8.27
N PRO A 1902 85.19 61.08 -8.13
CA PRO A 1902 83.96 61.03 -8.95
C PRO A 1902 84.19 61.07 -10.45
N PHE A 1903 85.21 61.79 -10.92
CA PHE A 1903 85.46 61.91 -12.35
C PHE A 1903 86.63 61.06 -12.82
N THR A 1904 87.80 61.24 -12.22
CA THR A 1904 88.97 60.47 -12.61
C THR A 1904 89.09 59.22 -11.74
N MET A 1905 89.93 58.29 -12.19
CA MET A 1905 90.10 57.03 -11.48
C MET A 1905 91.49 56.49 -11.75
N THR A 1906 92.18 56.07 -10.70
CA THR A 1906 93.54 55.54 -10.82
C THR A 1906 93.67 54.24 -10.04
N ILE A 1907 94.53 53.37 -10.56
CA ILE A 1907 94.81 52.08 -9.92
C ILE A 1907 96.31 51.86 -9.94
N ASP A 1908 96.89 51.53 -8.79
CA ASP A 1908 98.32 51.25 -8.66
C ASP A 1908 98.49 49.92 -7.94
N ALA A 1909 98.80 48.87 -8.70
CA ALA A 1909 99.02 47.54 -8.13
C ALA A 1909 100.46 47.13 -8.38
N HIS A 1910 101.16 46.77 -7.30
CA HIS A 1910 102.57 46.41 -7.37
C HIS A 1910 102.81 45.26 -6.42
N THR A 1911 102.86 44.04 -6.95
CA THR A 1911 102.98 42.83 -6.15
C THR A 1911 104.28 42.12 -6.47
N ASN A 1912 105.05 41.80 -5.44
CA ASN A 1912 106.33 41.10 -5.59
C ASN A 1912 106.36 39.93 -4.63
N GLY A 1913 106.72 38.75 -5.15
CA GLY A 1913 106.80 37.57 -4.33
C GLY A 1913 107.98 36.72 -4.76
N ASN A 1914 108.45 35.89 -3.82
CA ASN A 1914 109.59 35.02 -4.07
C ASN A 1914 109.43 33.76 -3.22
N GLY A 1915 109.04 32.67 -3.87
CA GLY A 1915 108.90 31.38 -3.20
C GLY A 1915 110.21 30.61 -3.23
N LYS A 1916 110.57 30.04 -2.08
CA LYS A 1916 111.77 29.21 -1.93
C LYS A 1916 111.33 27.87 -1.35
N LEU A 1917 110.95 26.95 -2.21
CA LEU A 1917 110.48 25.64 -1.80
C LEU A 1917 111.56 24.60 -2.08
N ALA A 1918 111.85 23.76 -1.09
CA ALA A 1918 112.85 22.72 -1.21
C ALA A 1918 112.28 21.31 -1.09
N LEU A 1919 110.98 21.19 -0.83
CA LEU A 1919 110.35 19.87 -0.71
C LEU A 1919 110.36 19.20 -2.07
N TRP A 1920 111.12 18.10 -2.18
CA TRP A 1920 111.25 17.34 -3.43
C TRP A 1920 111.75 18.23 -4.55
N GLY A 1921 112.96 18.75 -4.41
CA GLY A 1921 113.51 19.63 -5.43
C GLY A 1921 113.30 21.10 -5.11
N GLU A 1922 114.11 21.93 -5.75
CA GLU A 1922 114.04 23.37 -5.52
C GLU A 1922 113.03 24.01 -6.45
N HIS A 1923 112.23 24.92 -5.90
CA HIS A 1923 111.18 25.62 -6.64
C HIS A 1923 111.28 27.10 -6.30
N THR A 1924 111.69 27.92 -7.27
CA THR A 1924 111.81 29.36 -7.07
C THR A 1924 110.51 30.01 -7.49
N GLY A 1925 109.59 30.15 -6.55
CA GLY A 1925 108.30 30.78 -6.83
C GLY A 1925 108.41 32.29 -6.92
N GLN A 1926 109.19 32.77 -7.88
CA GLN A 1926 109.37 34.20 -8.02
C GLN A 1926 108.12 34.84 -8.60
N LEU A 1927 107.67 35.93 -8.00
CA LEU A 1927 106.46 36.61 -8.45
C LEU A 1927 106.77 38.07 -8.79
N TYR A 1928 106.48 38.44 -10.03
CA TYR A 1928 106.53 39.82 -10.48
C TYR A 1928 105.15 40.21 -10.99
N SER A 1929 104.56 41.23 -10.37
CA SER A 1929 103.24 41.68 -10.77
C SER A 1929 103.18 43.20 -10.72
N LYS A 1930 102.58 43.79 -11.75
CA LYS A 1930 102.37 45.23 -11.80
C LYS A 1930 101.12 45.50 -12.62
N PHE A 1931 100.11 46.11 -12.00
CA PHE A 1931 98.93 46.56 -12.72
C PHE A 1931 98.71 48.04 -12.44
N LEU A 1932 98.47 48.80 -13.51
CA LEU A 1932 98.13 50.21 -13.41
C LEU A 1932 96.92 50.48 -14.30
N LEU A 1933 96.12 51.46 -13.90
CA LEU A 1933 94.92 51.80 -14.66
C LEU A 1933 94.57 53.26 -14.40
N LYS A 1934 94.19 53.96 -15.47
CA LYS A 1934 93.74 55.35 -15.39
C LYS A 1934 92.41 55.44 -16.14
N ALA A 1935 91.34 55.70 -15.40
CA ALA A 1935 90.00 55.79 -15.97
C ALA A 1935 89.47 57.20 -15.85
N GLU A 1936 88.91 57.70 -16.94
CA GLU A 1936 88.31 59.02 -16.99
C GLU A 1936 87.30 59.04 -18.13
N PRO A 1937 86.33 59.96 -18.12
CA PRO A 1937 85.28 59.95 -19.14
C PRO A 1937 85.85 60.04 -20.56
N LEU A 1938 85.31 59.20 -21.44
CA LEU A 1938 85.65 59.19 -22.87
C LEU A 1938 87.14 58.95 -23.12
N ALA A 1939 87.85 58.45 -22.11
CA ALA A 1939 89.27 58.11 -22.29
C ALA A 1939 89.61 57.08 -21.22
N PHE A 1940 89.65 55.82 -21.62
CA PHE A 1940 90.00 54.73 -20.72
C PHE A 1940 91.29 54.08 -21.19
N THR A 1941 92.14 53.72 -20.23
CA THR A 1941 93.40 53.07 -20.54
C THR A 1941 93.85 52.29 -19.31
N PHE A 1942 94.80 51.38 -19.54
CA PHE A 1942 95.28 50.50 -18.49
C PHE A 1942 96.56 49.83 -18.96
N SER A 1943 97.49 49.63 -18.03
CA SER A 1943 98.73 48.92 -18.30
C SER A 1943 98.88 47.79 -17.30
N HIS A 1944 98.97 46.57 -17.80
CA HIS A 1944 99.33 45.43 -16.98
C HIS A 1944 100.60 44.80 -17.54
N ASP A 1945 101.57 44.57 -16.66
CA ASP A 1945 102.77 43.83 -17.00
C ASP A 1945 102.91 42.67 -16.03
N TYR A 1946 103.15 41.48 -16.56
CA TYR A 1946 103.35 40.31 -15.72
C TYR A 1946 104.63 39.60 -16.14
N LYS A 1947 105.41 39.17 -15.14
CA LYS A 1947 106.70 38.53 -15.35
C LYS A 1947 106.72 37.28 -14.48
N GLY A 1948 106.26 36.16 -15.03
CA GLY A 1948 106.25 34.93 -14.27
C GLY A 1948 107.35 33.98 -14.71
N SER A 1949 108.40 33.89 -13.91
CA SER A 1949 109.50 32.96 -14.14
C SER A 1949 109.69 32.11 -12.90
N THR A 1950 109.65 30.80 -13.06
CA THR A 1950 109.79 29.86 -11.95
C THR A 1950 110.61 28.68 -12.43
N SER A 1951 111.66 28.35 -11.68
CA SER A 1951 112.53 27.23 -12.01
C SER A 1951 112.29 26.09 -11.02
N HIS A 1952 112.28 24.87 -11.54
CA HIS A 1952 111.98 23.67 -10.76
C HIS A 1952 113.16 22.73 -10.91
N HIS A 1953 114.06 22.72 -9.92
CA HIS A 1953 115.24 21.87 -9.95
C HIS A 1953 114.96 20.62 -9.13
N LEU A 1954 114.31 19.66 -9.78
CA LEU A 1954 113.88 18.43 -9.11
C LEU A 1954 115.04 17.44 -9.03
N VAL A 1955 114.71 16.21 -8.62
CA VAL A 1955 115.68 15.13 -8.55
C VAL A 1955 115.86 14.53 -9.95
N SER A 1956 117.04 13.96 -10.19
CA SER A 1956 117.40 13.34 -11.47
C SER A 1956 117.36 14.37 -12.60
N ARG A 1957 118.20 15.40 -12.43
CA ARG A 1957 118.42 16.50 -13.36
C ARG A 1957 117.13 16.96 -14.05
N LYS A 1958 116.04 16.99 -13.30
CA LYS A 1958 114.75 17.48 -13.82
C LYS A 1958 114.62 18.98 -13.59
N SER A 1959 115.61 19.72 -14.08
CA SER A 1959 115.62 21.17 -13.97
C SER A 1959 114.60 21.74 -14.95
N ILE A 1960 113.48 22.22 -14.42
CA ILE A 1960 112.38 22.72 -15.23
C ILE A 1960 112.31 24.23 -15.05
N SER A 1961 112.48 24.96 -16.14
CA SER A 1961 112.41 26.41 -16.15
C SER A 1961 111.10 26.83 -16.79
N ALA A 1962 110.22 27.44 -16.00
CA ALA A 1962 108.93 27.94 -16.47
C ALA A 1962 108.98 29.45 -16.51
N ALA A 1963 108.88 30.02 -17.71
CA ALA A 1963 108.93 31.46 -17.90
C ALA A 1963 107.69 31.91 -18.66
N LEU A 1964 106.84 32.68 -17.99
CA LEU A 1964 105.63 33.21 -18.60
C LEU A 1964 105.64 34.72 -18.43
N GLU A 1965 105.71 35.45 -19.55
CA GLU A 1965 105.82 36.90 -19.53
C GLU A 1965 104.80 37.49 -20.48
N HIS A 1966 103.86 38.26 -19.95
CA HIS A 1966 102.83 38.89 -20.75
C HIS A 1966 102.61 40.33 -20.30
N LYS A 1967 102.28 41.19 -21.24
CA LYS A 1967 101.92 42.57 -20.97
C LYS A 1967 100.56 42.86 -21.57
N VAL A 1968 99.69 43.50 -20.80
CA VAL A 1968 98.33 43.82 -21.22
C VAL A 1968 98.22 45.32 -21.37
N SER A 1969 97.78 45.77 -22.54
CA SER A 1969 97.70 47.20 -22.82
C SER A 1969 96.64 47.43 -23.90
N ALA A 1970 95.76 48.39 -23.67
CA ALA A 1970 94.79 48.81 -24.66
C ALA A 1970 94.34 50.24 -24.36
N LEU A 1971 94.06 50.98 -25.43
CA LEU A 1971 93.63 52.37 -25.32
C LEU A 1971 92.15 52.43 -25.71
N LEU A 1972 91.32 52.93 -24.80
CA LEU A 1972 89.88 52.94 -24.99
C LEU A 1972 89.38 54.38 -24.94
N THR A 1973 89.15 54.95 -26.12
CA THR A 1973 88.58 56.28 -26.25
C THR A 1973 87.81 56.33 -27.56
N PRO A 1974 86.75 57.14 -27.65
CA PRO A 1974 85.98 57.20 -28.91
C PRO A 1974 86.80 57.65 -30.10
N ALA A 1975 87.88 58.42 -29.89
CA ALA A 1975 88.71 58.85 -31.01
C ALA A 1975 89.39 57.66 -31.67
N GLU A 1976 89.89 56.72 -30.88
CA GLU A 1976 90.61 55.57 -31.44
C GLU A 1976 90.52 54.42 -30.45
N GLN A 1977 90.45 53.20 -30.98
CA GLN A 1977 90.41 52.00 -30.18
C GLN A 1977 91.54 51.06 -30.64
N THR A 1978 92.27 50.51 -29.68
CA THR A 1978 93.39 49.64 -30.00
C THR A 1978 93.82 48.90 -28.74
N GLY A 1979 94.75 47.97 -28.92
CA GLY A 1979 95.31 47.24 -27.80
C GLY A 1979 96.43 46.31 -28.21
N THR A 1980 97.40 46.11 -27.32
CA THR A 1980 98.56 45.29 -27.59
C THR A 1980 98.76 44.29 -26.46
N TRP A 1981 99.07 43.05 -26.81
CA TRP A 1981 99.21 41.97 -25.85
C TRP A 1981 100.27 41.01 -26.37
N LYS A 1982 101.38 40.90 -25.65
CA LYS A 1982 102.51 40.07 -26.05
C LYS A 1982 102.64 38.91 -25.07
N LEU A 1983 102.07 37.78 -25.43
CA LEU A 1983 102.15 36.57 -24.60
C LEU A 1983 103.45 35.87 -24.93
N LYS A 1984 104.42 35.95 -24.01
CA LYS A 1984 105.74 35.37 -24.21
C LYS A 1984 105.95 34.29 -23.16
N THR A 1985 106.07 33.05 -23.61
CA THR A 1985 106.21 31.91 -22.72
C THR A 1985 107.26 30.96 -23.27
N GLN A 1986 107.85 30.16 -22.38
CA GLN A 1986 108.85 29.18 -22.77
C GLN A 1986 108.89 28.08 -21.73
N PHE A 1987 109.05 26.84 -22.20
CA PHE A 1987 109.17 25.66 -21.33
C PHE A 1987 110.46 24.94 -21.71
N ASN A 1988 111.50 25.14 -20.91
CA ASN A 1988 112.80 24.51 -21.13
C ASN A 1988 113.31 24.81 -22.52
N ASN A 1989 113.11 23.88 -23.45
CA ASN A 1989 113.56 24.04 -24.83
C ASN A 1989 112.45 24.43 -25.79
N ASN A 1990 111.21 24.48 -25.32
CA ASN A 1990 110.06 24.77 -26.16
C ASN A 1990 109.54 26.16 -25.81
N GLU A 1991 109.64 27.08 -26.76
CA GLU A 1991 109.23 28.47 -26.56
C GLU A 1991 108.16 28.83 -27.58
N TYR A 1992 107.16 29.57 -27.11
CA TYR A 1992 106.13 30.11 -27.99
C TYR A 1992 105.99 31.61 -27.75
N SER A 1993 105.72 32.34 -28.82
CA SER A 1993 105.44 33.77 -28.74
C SER A 1993 104.25 34.10 -29.62
N GLN A 1994 103.46 35.07 -29.17
CA GLN A 1994 102.34 35.58 -29.96
C GLN A 1994 102.30 37.10 -29.79
N ASP A 1995 102.30 37.80 -30.92
CA ASP A 1995 102.25 39.27 -30.93
C ASP A 1995 100.82 39.67 -31.29
N LEU A 1996 100.00 39.89 -30.28
CA LEU A 1996 98.59 40.20 -30.47
C LEU A 1996 98.38 41.71 -30.32
N ASP A 1997 97.95 42.35 -31.40
CA ASP A 1997 97.67 43.78 -31.41
C ASP A 1997 96.31 44.03 -32.06
N ALA A 1998 95.53 44.89 -31.42
CA ALA A 1998 94.23 45.29 -31.93
C ALA A 1998 94.31 46.72 -32.46
N TYR A 1999 93.56 47.00 -33.52
CA TYR A 1999 93.53 48.32 -34.12
C TYR A 1999 92.11 48.64 -34.54
N ASN A 2000 91.67 49.87 -34.23
CA ASN A 2000 90.33 50.31 -34.59
C ASN A 2000 90.34 51.84 -34.67
N THR A 2001 90.35 52.36 -35.89
CA THR A 2001 90.32 53.79 -36.14
C THR A 2001 89.28 54.09 -37.21
N LYS A 2002 89.03 55.38 -37.43
CA LYS A 2002 88.01 55.81 -38.38
C LYS A 2002 88.43 55.57 -39.83
N ASP A 2003 89.69 55.20 -40.07
CA ASP A 2003 90.16 54.91 -41.41
C ASP A 2003 90.37 53.43 -41.68
N LYS A 2004 90.68 52.64 -40.65
CA LYS A 2004 90.95 51.22 -40.85
C LYS A 2004 90.75 50.51 -39.53
N ILE A 2005 90.57 49.19 -39.63
CA ILE A 2005 90.37 48.33 -38.47
C ILE A 2005 90.83 46.92 -38.83
N GLY A 2006 91.50 46.27 -37.89
CA GLY A 2006 91.97 44.91 -38.11
C GLY A 2006 93.03 44.56 -37.09
N VAL A 2007 93.42 43.29 -37.13
CA VAL A 2007 94.40 42.77 -36.19
C VAL A 2007 95.45 41.97 -36.96
N GLU A 2008 96.47 41.55 -36.23
CA GLU A 2008 97.62 40.85 -36.80
C GLU A 2008 97.94 39.62 -35.96
N LEU A 2009 98.26 38.52 -36.62
CA LEU A 2009 98.55 37.25 -35.96
C LEU A 2009 99.96 36.82 -36.33
N THR A 2010 100.71 36.34 -35.34
CA THR A 2010 102.06 35.84 -35.56
C THR A 2010 102.35 34.76 -34.53
N GLY A 2011 102.25 33.49 -34.95
CA GLY A 2011 102.51 32.39 -34.04
C GLY A 2011 103.82 31.69 -34.32
N ARG A 2012 104.78 31.81 -33.40
CA ARG A 2012 106.08 31.17 -33.52
C ARG A 2012 106.16 30.04 -32.50
N THR A 2013 106.24 28.80 -32.99
CA THR A 2013 106.32 27.64 -32.13
C THR A 2013 107.63 26.91 -32.37
N LEU A 2014 108.30 26.52 -31.29
CA LEU A 2014 109.54 25.75 -31.35
C LEU A 2014 109.32 24.47 -30.56
N ALA A 2015 109.11 23.36 -31.27
CA ALA A 2015 108.79 22.09 -30.65
C ALA A 2015 109.88 21.06 -30.90
N ASP A 2016 110.23 20.32 -29.86
CA ASP A 2016 111.25 19.27 -29.94
C ASP A 2016 110.63 17.91 -30.26
N LEU A 2017 111.42 16.86 -30.07
CA LEU A 2017 110.99 15.48 -30.27
C LEU A 2017 110.65 15.19 -31.73
N THR A 2018 109.99 14.05 -31.97
CA THR A 2018 109.64 13.62 -33.32
C THR A 2018 108.15 13.43 -33.55
N LEU A 2019 107.35 13.30 -32.48
CA LEU A 2019 105.91 13.14 -32.66
C LEU A 2019 105.30 14.34 -33.35
N LEU A 2020 105.88 15.52 -33.18
CA LEU A 2020 105.41 16.73 -33.83
C LEU A 2020 105.98 16.91 -35.23
N ASP A 2021 106.85 16.01 -35.69
CA ASP A 2021 107.45 16.09 -37.01
C ASP A 2021 106.68 15.31 -38.06
N SER A 2022 105.37 15.12 -37.85
CA SER A 2022 104.54 14.40 -38.80
C SER A 2022 104.34 15.23 -40.06
N PRO A 2023 104.25 14.58 -41.23
CA PRO A 2023 104.04 15.33 -42.47
C PRO A 2023 102.64 15.92 -42.57
N ILE A 2024 102.54 17.24 -42.51
CA ILE A 2024 101.27 17.95 -42.63
C ILE A 2024 101.07 18.34 -44.08
N LYS A 2025 99.96 17.92 -44.68
CA LYS A 2025 99.69 18.17 -46.08
C LYS A 2025 98.19 18.13 -46.31
N VAL A 2026 97.76 18.67 -47.44
CA VAL A 2026 96.34 18.72 -47.79
C VAL A 2026 95.86 17.32 -48.15
N PRO A 2027 94.73 16.87 -47.61
CA PRO A 2027 94.23 15.53 -47.94
C PRO A 2027 93.61 15.46 -49.32
N LEU A 2028 94.44 15.28 -50.35
CA LEU A 2028 93.99 15.13 -51.72
C LEU A 2028 94.18 13.71 -52.26
N LEU A 2029 95.35 13.12 -52.05
CA LEU A 2029 95.66 11.78 -52.53
C LEU A 2029 96.00 10.88 -51.34
N LEU A 2030 95.49 9.65 -51.38
CA LEU A 2030 95.68 8.73 -50.26
C LEU A 2030 97.08 8.14 -50.25
N SER A 2031 97.65 7.84 -51.42
CA SER A 2031 98.94 7.18 -51.51
C SER A 2031 100.03 8.18 -51.88
N GLU A 2032 101.15 8.09 -51.17
CA GLU A 2032 102.28 8.99 -51.37
C GLU A 2032 103.51 8.20 -51.79
N PRO A 2033 103.89 8.21 -53.07
CA PRO A 2033 105.12 7.50 -53.47
C PRO A 2033 106.37 8.03 -52.78
N ILE A 2034 106.44 9.33 -52.54
CA ILE A 2034 107.58 9.97 -51.87
C ILE A 2034 107.04 10.82 -50.73
N ASN A 2035 107.64 10.66 -49.55
CA ASN A 2035 107.18 11.37 -48.37
C ASN A 2035 107.81 12.76 -48.30
N ILE A 2036 107.25 13.61 -47.44
CA ILE A 2036 107.76 14.97 -47.29
C ILE A 2036 109.15 14.97 -46.67
N ILE A 2037 109.36 14.18 -45.63
CA ILE A 2037 110.69 14.10 -45.01
C ILE A 2037 111.68 13.45 -45.98
N ASP A 2038 111.24 12.41 -46.70
CA ASP A 2038 112.11 11.76 -47.67
C ASP A 2038 112.56 12.72 -48.76
N ALA A 2039 111.66 13.60 -49.21
CA ALA A 2039 112.04 14.61 -50.19
C ALA A 2039 112.88 15.73 -49.59
N LEU A 2040 112.62 16.10 -48.34
CA LEU A 2040 113.37 17.16 -47.69
C LEU A 2040 114.75 16.71 -47.23
N GLU A 2041 114.97 15.40 -47.12
CA GLU A 2041 116.29 14.83 -46.84
C GLU A 2041 116.89 15.37 -45.53
N MET A 2042 116.04 15.49 -44.51
CA MET A 2042 116.50 15.88 -43.18
C MET A 2042 116.39 14.70 -42.23
N ARG A 2043 117.38 14.56 -41.35
CA ARG A 2043 117.42 13.50 -40.34
C ARG A 2043 117.05 14.17 -39.01
N ASP A 2044 115.87 13.83 -38.50
CA ASP A 2044 115.33 14.46 -37.30
C ASP A 2044 115.35 13.47 -36.14
N ALA A 2045 115.70 13.98 -34.96
CA ALA A 2045 115.76 13.17 -33.75
C ALA A 2045 114.90 13.85 -32.69
N VAL A 2046 114.99 13.34 -31.45
CA VAL A 2046 114.19 13.89 -30.35
C VAL A 2046 114.65 15.25 -29.88
N GLU A 2047 115.81 15.72 -30.35
CA GLU A 2047 116.38 16.99 -29.91
C GLU A 2047 116.45 18.02 -31.04
N LYS A 2048 115.66 17.84 -32.09
CA LYS A 2048 115.66 18.78 -33.20
C LYS A 2048 114.43 19.68 -33.11
N PRO A 2049 114.59 20.97 -32.79
CA PRO A 2049 113.43 21.86 -32.74
C PRO A 2049 112.94 22.20 -34.14
N GLN A 2050 111.66 21.93 -34.40
CA GLN A 2050 111.08 22.21 -35.70
C GLN A 2050 110.44 23.59 -35.69
N GLU A 2051 110.74 24.37 -36.72
CA GLU A 2051 110.31 25.76 -36.78
C GLU A 2051 108.90 25.88 -37.34
N PHE A 2052 108.09 26.69 -36.68
CA PHE A 2052 106.73 26.98 -37.12
C PHE A 2052 106.47 28.47 -36.96
N THR A 2053 106.05 29.11 -38.04
CA THR A 2053 105.67 30.52 -38.00
C THR A 2053 104.45 30.73 -38.87
N ILE A 2054 103.39 31.27 -38.28
CA ILE A 2054 102.17 31.60 -39.00
C ILE A 2054 101.91 33.09 -38.84
N VAL A 2055 101.58 33.76 -39.93
CA VAL A 2055 101.31 35.19 -39.94
C VAL A 2055 100.05 35.46 -40.73
N ALA A 2056 99.09 36.13 -40.11
CA ALA A 2056 97.84 36.51 -40.75
C ALA A 2056 97.63 38.01 -40.53
N PHE A 2057 97.51 38.76 -41.62
CA PHE A 2057 97.36 40.21 -41.56
C PHE A 2057 96.04 40.60 -42.21
N VAL A 2058 95.22 41.37 -41.49
CA VAL A 2058 93.94 41.82 -41.98
C VAL A 2058 93.71 43.25 -41.52
N LYS A 2059 93.20 44.09 -42.42
CA LYS A 2059 92.78 45.45 -42.11
C LYS A 2059 91.60 45.83 -42.98
N TYR A 2060 90.55 46.34 -42.35
CA TYR A 2060 89.36 46.82 -43.05
C TYR A 2060 89.54 48.32 -43.31
N ASP A 2061 90.11 48.61 -44.48
CA ASP A 2061 90.43 49.99 -44.82
C ASP A 2061 89.16 50.76 -45.19
N LYS A 2062 89.04 51.96 -44.64
CA LYS A 2062 87.92 52.85 -44.91
C LYS A 2062 88.44 54.17 -45.45
N ASN A 2063 87.66 54.79 -46.32
CA ASN A 2063 88.00 56.11 -46.81
C ASN A 2063 87.86 57.14 -45.70
N GLN A 2064 88.93 57.90 -45.45
CA GLN A 2064 88.86 58.98 -44.47
C GLN A 2064 87.95 60.09 -44.95
N ASP A 2065 87.84 60.29 -46.27
CA ASP A 2065 86.94 61.29 -46.82
C ASP A 2065 85.52 60.79 -46.65
N VAL A 2066 84.87 61.21 -45.57
CA VAL A 2066 83.52 60.75 -45.28
C VAL A 2066 82.56 61.36 -46.29
N HIS A 2067 81.74 60.50 -46.90
CA HIS A 2067 80.77 60.96 -47.88
C HIS A 2067 79.65 61.73 -47.19
N SER A 2068 79.15 62.74 -47.87
CA SER A 2068 78.08 63.59 -47.36
C SER A 2068 76.80 63.24 -48.11
N ILE A 2069 76.02 62.33 -47.54
CA ILE A 2069 74.74 61.95 -48.12
C ILE A 2069 73.70 62.98 -47.72
N ASN A 2070 73.03 63.55 -48.71
CA ASN A 2070 72.02 64.58 -48.49
C ASN A 2070 70.72 64.18 -49.17
N LEU A 2071 69.61 64.49 -48.51
CA LEU A 2071 68.29 64.08 -49.00
C LEU A 2071 67.37 65.30 -49.06
N PRO A 2072 66.41 65.31 -50.00
CA PRO A 2072 65.55 66.50 -50.15
C PRO A 2072 64.71 66.79 -48.92
N PHE A 2073 64.39 65.79 -48.10
CA PHE A 2073 63.64 66.05 -46.87
C PHE A 2073 64.41 66.96 -45.94
N PHE A 2074 65.73 66.89 -45.96
CA PHE A 2074 66.54 67.77 -45.12
C PHE A 2074 66.27 69.23 -45.46
N GLU A 2075 66.38 69.60 -46.74
CA GLU A 2075 66.16 71.00 -47.12
C GLU A 2075 64.69 71.37 -47.03
N THR A 2076 63.77 70.42 -47.24
CA THR A 2076 62.36 70.72 -47.03
C THR A 2076 62.11 71.12 -45.58
N LEU A 2077 62.65 70.34 -44.64
CA LEU A 2077 62.54 70.70 -43.23
C LEU A 2077 63.25 72.02 -42.94
N GLN A 2078 64.40 72.25 -43.58
CA GLN A 2078 65.13 73.50 -43.34
C GLN A 2078 64.32 74.71 -43.79
N GLU A 2079 63.66 74.63 -44.94
CA GLU A 2079 62.89 75.78 -45.42
C GLU A 2079 61.59 75.94 -44.64
N TYR A 2080 60.98 74.84 -44.21
CA TYR A 2080 59.84 74.96 -43.29
C TYR A 2080 60.27 75.63 -41.99
N PHE A 2081 61.42 75.24 -41.44
CA PHE A 2081 61.93 75.84 -40.22
C PHE A 2081 62.24 77.31 -40.44
N GLU A 2082 62.80 77.66 -41.59
CA GLU A 2082 63.09 79.05 -41.90
C GLU A 2082 61.81 79.88 -41.98
N ARG A 2083 60.78 79.34 -42.66
CA ARG A 2083 59.50 80.03 -42.71
C ARG A 2083 58.92 80.23 -41.32
N ASN A 2084 58.97 79.19 -40.48
CA ASN A 2084 58.42 79.30 -39.13
C ASN A 2084 59.18 80.33 -38.31
N ARG A 2085 60.50 80.34 -38.41
CA ARG A 2085 61.29 81.33 -37.68
C ARG A 2085 60.98 82.74 -38.16
N GLN A 2086 60.83 82.92 -39.47
CA GLN A 2086 60.47 84.23 -39.99
C GLN A 2086 59.12 84.68 -39.45
N THR A 2087 58.13 83.80 -39.45
CA THR A 2087 56.81 84.16 -38.94
C THR A 2087 56.84 84.48 -37.46
N ILE A 2088 57.63 83.72 -36.69
CA ILE A 2088 57.69 83.96 -35.25
C ILE A 2088 58.41 85.27 -34.96
N ILE A 2089 59.48 85.57 -35.72
CA ILE A 2089 60.13 86.87 -35.57
C ILE A 2089 59.17 87.99 -35.90
N VAL A 2090 58.36 87.82 -36.95
CA VAL A 2090 57.37 88.83 -37.31
C VAL A 2090 56.37 89.02 -36.18
N VAL A 2091 55.88 87.93 -35.60
CA VAL A 2091 54.91 88.03 -34.51
C VAL A 2091 55.53 88.69 -33.29
N LEU A 2092 56.77 88.34 -32.96
CA LEU A 2092 57.46 88.96 -31.84
C LEU A 2092 57.65 90.46 -32.06
N GLU A 2093 58.04 90.85 -33.27
CA GLU A 2093 58.18 92.26 -33.58
C GLU A 2093 56.83 92.98 -33.49
N ASN A 2094 55.76 92.32 -33.94
CA ASN A 2094 54.42 92.89 -33.81
C ASN A 2094 54.08 93.13 -32.34
N VAL A 2095 54.34 92.14 -31.49
CA VAL A 2095 54.03 92.28 -30.07
C VAL A 2095 54.88 93.39 -29.44
N GLN A 2096 56.16 93.44 -29.79
CA GLN A 2096 57.03 94.48 -29.23
C GLN A 2096 56.59 95.86 -29.68
N ARG A 2097 56.20 96.02 -30.94
CA ARG A 2097 55.71 97.30 -31.42
C ARG A 2097 54.40 97.68 -30.73
N ASN A 2098 53.51 96.71 -30.54
CA ASN A 2098 52.27 97.00 -29.83
C ASN A 2098 52.52 97.43 -28.39
N LEU A 2099 53.50 96.80 -27.73
CA LEU A 2099 53.82 97.19 -26.36
C LEU A 2099 54.47 98.57 -26.31
N LYS A 2100 55.44 98.83 -27.20
CA LYS A 2100 56.08 100.14 -27.22
C LYS A 2100 55.11 101.25 -27.64
N HIS A 2101 54.06 100.90 -28.39
CA HIS A 2101 53.03 101.87 -28.74
C HIS A 2101 52.32 102.40 -27.50
N ILE A 2102 51.99 101.52 -26.56
CA ILE A 2102 51.34 101.90 -25.31
C ILE A 2102 52.42 101.80 -24.24
N ASN A 2103 53.10 102.91 -23.96
CA ASN A 2103 54.19 102.91 -23.01
C ASN A 2103 53.65 102.68 -21.59
N ILE A 2104 54.58 102.38 -20.67
CA ILE A 2104 54.20 102.10 -19.29
C ILE A 2104 53.51 103.30 -18.64
N ASP A 2105 53.79 104.52 -19.11
CA ASP A 2105 53.13 105.68 -18.54
C ASP A 2105 51.62 105.65 -18.74
N GLN A 2106 51.16 105.16 -19.89
CA GLN A 2106 49.72 105.05 -20.11
C GLN A 2106 49.10 104.07 -19.13
N PHE A 2107 49.76 102.94 -18.88
CA PHE A 2107 49.25 101.99 -17.90
C PHE A 2107 49.22 102.60 -16.51
N VAL A 2108 50.26 103.36 -16.14
CA VAL A 2108 50.30 104.00 -14.83
C VAL A 2108 49.16 104.99 -14.68
N ARG A 2109 48.92 105.81 -15.72
CA ARG A 2109 47.85 106.79 -15.66
C ARG A 2109 46.48 106.11 -15.59
N LYS A 2110 46.29 105.04 -16.36
CA LYS A 2110 45.03 104.31 -16.30
C LYS A 2110 44.81 103.68 -14.92
N TYR A 2111 45.87 103.14 -14.32
CA TYR A 2111 45.77 102.56 -12.99
C TYR A 2111 45.43 103.63 -11.95
N ARG A 2112 46.06 104.81 -12.05
CA ARG A 2112 45.74 105.89 -11.12
C ARG A 2112 44.31 106.38 -11.29
N ALA A 2113 43.84 106.46 -12.54
CA ALA A 2113 42.45 106.85 -12.78
C ALA A 2113 41.49 105.82 -12.20
N ALA A 2114 41.79 104.53 -12.36
CA ALA A 2114 40.95 103.50 -11.76
C ALA A 2114 40.95 103.58 -10.24
N LEU A 2115 42.11 103.87 -9.64
CA LEU A 2115 42.18 104.03 -8.19
C LEU A 2115 41.36 105.23 -7.72
N GLY A 2116 41.43 106.34 -8.45
CA GLY A 2116 40.69 107.53 -8.07
C GLY A 2116 39.21 107.49 -8.36
N LYS A 2117 38.78 106.61 -9.27
CA LYS A 2117 37.35 106.54 -9.60
C LYS A 2117 36.53 105.93 -8.46
N LEU A 2118 37.14 105.08 -7.64
CA LEU A 2118 36.38 104.38 -6.59
C LEU A 2118 35.76 105.33 -5.58
N PRO A 2119 36.48 106.29 -4.97
CA PRO A 2119 35.79 107.22 -4.06
C PRO A 2119 34.73 108.07 -4.76
N GLN A 2120 34.98 108.47 -6.00
CA GLN A 2120 33.99 109.24 -6.74
C GLN A 2120 32.72 108.43 -6.98
N GLN A 2121 32.89 107.16 -7.37
CA GLN A 2121 31.73 106.29 -7.57
C GLN A 2121 30.99 106.05 -6.26
N ALA A 2122 31.73 105.89 -5.16
CA ALA A 2122 31.09 105.72 -3.86
C ALA A 2122 30.28 106.94 -3.47
N ASN A 2123 30.82 108.13 -3.70
CA ASN A 2123 30.08 109.35 -3.38
C ASN A 2123 28.87 109.51 -4.29
N ASP A 2124 28.99 109.15 -5.57
CA ASP A 2124 27.84 109.22 -6.46
C ASP A 2124 26.74 108.26 -6.01
N TYR A 2125 27.13 107.05 -5.59
CA TYR A 2125 26.15 106.12 -5.05
C TYR A 2125 25.50 106.66 -3.77
N LEU A 2126 26.31 107.26 -2.89
CA LEU A 2126 25.77 107.77 -1.63
C LEU A 2126 24.79 108.92 -1.86
N ASN A 2127 25.14 109.86 -2.74
CA ASN A 2127 24.29 111.03 -2.92
C ASN A 2127 23.10 110.76 -3.84
N SER A 2128 23.21 109.75 -4.73
CA SER A 2128 22.06 109.39 -5.55
C SER A 2128 20.95 108.78 -4.70
N PHE A 2129 21.30 107.86 -3.80
CA PHE A 2129 20.33 107.23 -2.91
C PHE A 2129 20.32 107.92 -1.54
N ASN A 2130 20.07 109.23 -1.57
CA ASN A 2130 20.04 110.03 -0.36
C ASN A 2130 18.63 110.08 0.22
N TRP A 2131 18.40 110.98 1.18
CA TRP A 2131 17.11 111.01 1.86
C TRP A 2131 15.98 111.45 0.94
N GLU A 2132 16.29 112.04 -0.22
CA GLU A 2132 15.24 112.38 -1.18
C GLU A 2132 14.48 111.14 -1.62
N ARG A 2133 15.20 110.09 -2.01
CA ARG A 2133 14.55 108.85 -2.43
C ARG A 2133 13.81 108.19 -1.28
N GLN A 2134 14.38 108.26 -0.07
CA GLN A 2134 13.72 107.69 1.10
C GLN A 2134 12.39 108.39 1.37
N VAL A 2135 12.38 109.73 1.33
CA VAL A 2135 11.14 110.48 1.56
C VAL A 2135 10.15 110.23 0.44
N SER A 2136 10.64 110.14 -0.81
CA SER A 2136 9.74 109.86 -1.93
C SER A 2136 9.06 108.51 -1.78
N HIS A 2137 9.83 107.48 -1.41
CA HIS A 2137 9.24 106.15 -1.26
C HIS A 2137 8.32 106.10 -0.04
N ALA A 2138 8.66 106.83 1.03
CA ALA A 2138 7.78 106.91 2.18
C ALA A 2138 6.45 107.55 1.81
N LYS A 2139 6.49 108.63 1.03
CA LYS A 2139 5.25 109.28 0.59
C LYS A 2139 4.46 108.36 -0.35
N GLU A 2140 5.15 107.61 -1.21
CA GLU A 2140 4.46 106.64 -2.05
C GLU A 2140 3.75 105.60 -1.22
N LYS A 2141 4.42 105.07 -0.19
CA LYS A 2141 3.80 104.08 0.68
C LYS A 2141 2.62 104.66 1.44
N LEU A 2142 2.75 105.90 1.94
CA LEU A 2142 1.65 106.54 2.64
C LEU A 2142 0.46 106.75 1.72
N THR A 2143 0.71 107.17 0.48
CA THR A 2143 -0.38 107.36 -0.48
C THR A 2143 -1.06 106.03 -0.79
N ALA A 2144 -0.27 104.97 -0.98
CA ALA A 2144 -0.87 103.65 -1.23
C ALA A 2144 -1.70 103.18 -0.04
N LEU A 2145 -1.21 103.41 1.18
CA LEU A 2145 -1.96 103.02 2.37
C LEU A 2145 -3.25 103.81 2.51
N THR A 2146 -3.22 105.12 2.22
CA THR A 2146 -4.39 105.97 2.38
C THR A 2146 -5.38 105.84 1.23
N LYS A 2147 -4.96 105.33 0.08
CA LYS A 2147 -5.85 105.16 -1.06
C LYS A 2147 -6.06 103.69 -1.43
N LYS A 2148 -4.99 102.97 -1.74
CA LYS A 2148 -5.13 101.58 -2.17
C LYS A 2148 -5.47 100.67 -1.01
N TYR A 2149 -4.87 100.91 0.16
CA TYR A 2149 -5.12 100.09 1.35
C TYR A 2149 -6.26 100.66 2.17
N ARG A 2150 -7.40 100.90 1.53
CA ARG A 2150 -8.60 101.37 2.20
C ARG A 2150 -9.80 100.62 1.65
N ILE A 2151 -10.56 99.99 2.54
CA ILE A 2151 -11.74 99.23 2.14
C ILE A 2151 -12.87 100.23 1.87
N THR A 2152 -13.28 100.32 0.62
CA THR A 2152 -14.34 101.25 0.24
C THR A 2152 -15.69 100.72 0.73
N GLU A 2153 -16.30 101.44 1.68
CA GLU A 2153 -17.63 101.06 2.14
C GLU A 2153 -18.67 101.19 1.04
N ASN A 2154 -18.42 102.02 0.03
CA ASN A 2154 -19.36 102.15 -1.08
C ASN A 2154 -19.55 100.83 -1.81
N ASP A 2155 -18.45 100.15 -2.14
CA ASP A 2155 -18.54 98.86 -2.80
C ASP A 2155 -19.23 97.83 -1.90
N ILE A 2156 -18.95 97.89 -0.59
CA ILE A 2156 -19.58 96.97 0.34
C ILE A 2156 -21.09 97.16 0.33
N GLN A 2157 -21.55 98.41 0.38
CA GLN A 2157 -22.98 98.67 0.41
C GLN A 2157 -23.63 98.34 -0.93
N ILE A 2158 -22.93 98.58 -2.05
CA ILE A 2158 -23.46 98.20 -3.34
C ILE A 2158 -23.64 96.69 -3.43
N ALA A 2159 -22.64 95.93 -2.96
CA ALA A 2159 -22.76 94.48 -2.96
C ALA A 2159 -23.90 94.01 -2.06
N LEU A 2160 -24.03 94.64 -0.88
CA LEU A 2160 -25.12 94.26 0.03
C LEU A 2160 -26.47 94.53 -0.60
N ASP A 2161 -26.64 95.69 -1.23
CA ASP A 2161 -27.92 96.03 -1.85
C ASP A 2161 -28.20 95.11 -3.04
N ASP A 2162 -27.17 94.78 -3.82
CA ASP A 2162 -27.37 93.86 -4.94
C ASP A 2162 -27.80 92.48 -4.44
N ALA A 2163 -27.17 92.00 -3.37
CA ALA A 2163 -27.56 90.72 -2.79
C ALA A 2163 -28.99 90.77 -2.26
N LYS A 2164 -29.36 91.87 -1.62
CA LYS A 2164 -30.73 92.01 -1.11
C LYS A 2164 -31.74 92.03 -2.24
N ILE A 2165 -31.44 92.73 -3.33
CA ILE A 2165 -32.34 92.74 -4.49
C ILE A 2165 -32.46 91.35 -5.09
N ASN A 2166 -31.34 90.64 -5.21
CA ASN A 2166 -31.39 89.29 -5.76
C ASN A 2166 -32.21 88.37 -4.87
N PHE A 2167 -32.07 88.49 -3.54
CA PHE A 2167 -32.84 87.68 -2.63
C PHE A 2167 -34.33 87.99 -2.73
N ASN A 2168 -34.68 89.27 -2.85
CA ASN A 2168 -36.08 89.65 -3.02
C ASN A 2168 -36.64 89.10 -4.33
N GLU A 2169 -35.85 89.15 -5.41
CA GLU A 2169 -36.28 88.56 -6.68
C GLU A 2169 -36.51 87.07 -6.54
N LYS A 2170 -35.61 86.37 -5.86
CA LYS A 2170 -35.77 84.93 -5.67
C LYS A 2170 -37.00 84.62 -4.83
N LEU A 2171 -37.26 85.40 -3.79
CA LEU A 2171 -38.44 85.20 -2.96
C LEU A 2171 -39.72 85.43 -3.78
N SER A 2172 -39.73 86.48 -4.60
CA SER A 2172 -40.90 86.73 -5.45
C SER A 2172 -41.10 85.60 -6.45
N GLN A 2173 -40.01 85.09 -7.02
CA GLN A 2173 -40.11 83.98 -7.96
C GLN A 2173 -40.66 82.72 -7.28
N LEU A 2174 -40.20 82.44 -6.06
CA LEU A 2174 -40.71 81.29 -5.32
C LEU A 2174 -42.19 81.46 -4.99
N GLN A 2175 -42.59 82.68 -4.59
CA GLN A 2175 -44.00 82.93 -4.32
C GLN A 2175 -44.85 82.73 -5.57
N THR A 2176 -44.37 83.22 -6.72
CA THR A 2176 -45.10 83.03 -7.96
C THR A 2176 -45.20 81.56 -8.33
N TYR A 2177 -44.12 80.80 -8.12
CA TYR A 2177 -44.16 79.36 -8.40
C TYR A 2177 -45.16 78.66 -7.50
N MET A 2178 -45.21 79.04 -6.21
CA MET A 2178 -46.17 78.44 -5.30
C MET A 2178 -47.60 78.80 -5.69
N ILE A 2179 -47.84 80.03 -6.13
CA ILE A 2179 -49.16 80.42 -6.62
C ILE A 2179 -49.54 79.58 -7.83
N GLN A 2180 -48.61 79.42 -8.77
CA GLN A 2180 -48.88 78.62 -9.96
C GLN A 2180 -49.18 77.17 -9.60
N PHE A 2181 -48.43 76.62 -8.65
CA PHE A 2181 -48.67 75.23 -8.24
C PHE A 2181 -50.03 75.09 -7.58
N ASP A 2182 -50.42 76.03 -6.73
CA ASP A 2182 -51.75 75.99 -6.13
C ASP A 2182 -52.84 76.08 -7.20
N GLN A 2183 -52.65 76.96 -8.19
CA GLN A 2183 -53.62 77.07 -9.28
C GLN A 2183 -53.73 75.76 -10.06
N TYR A 2184 -52.60 75.12 -10.34
CA TYR A 2184 -52.63 73.88 -11.09
C TYR A 2184 -53.30 72.77 -10.28
N ILE A 2185 -53.06 72.72 -8.97
CA ILE A 2185 -53.74 71.75 -8.12
C ILE A 2185 -55.24 71.98 -8.13
N LYS A 2186 -55.66 73.25 -7.99
CA LYS A 2186 -57.09 73.54 -7.98
C LYS A 2186 -57.75 73.19 -9.31
N ASP A 2187 -57.08 73.46 -10.43
CA ASP A 2187 -57.65 73.22 -11.75
C ASP A 2187 -57.31 71.83 -12.27
N SER A 2188 -57.50 70.80 -11.43
CA SER A 2188 -57.34 69.42 -11.87
C SER A 2188 -58.28 68.56 -11.03
N TYR A 2189 -59.47 68.32 -11.57
CA TYR A 2189 -60.47 67.49 -10.90
C TYR A 2189 -61.25 66.67 -11.92
N ASP A 2190 -60.65 66.41 -13.07
CA ASP A 2190 -61.35 65.66 -14.11
C ASP A 2190 -61.52 64.20 -13.73
N LEU A 2191 -60.46 63.56 -13.23
CA LEU A 2191 -60.51 62.13 -12.95
C LEU A 2191 -61.56 61.80 -11.91
N HIS A 2192 -61.86 62.73 -11.00
CA HIS A 2192 -62.91 62.49 -10.03
C HIS A 2192 -64.24 62.17 -10.70
N ASP A 2193 -64.54 62.83 -11.82
CA ASP A 2193 -65.72 62.46 -12.58
C ASP A 2193 -65.59 61.05 -13.13
N LEU A 2194 -64.41 60.72 -13.70
CA LEU A 2194 -64.23 59.42 -14.33
C LEU A 2194 -64.51 58.29 -13.35
N LYS A 2195 -63.96 58.38 -12.14
CA LYS A 2195 -64.22 57.37 -11.13
C LYS A 2195 -65.71 57.23 -10.88
N ILE A 2196 -66.42 58.35 -10.75
CA ILE A 2196 -67.87 58.31 -10.60
C ILE A 2196 -68.49 57.61 -11.80
N ALA A 2197 -68.04 57.97 -13.00
CA ALA A 2197 -68.52 57.30 -14.21
C ALA A 2197 -68.26 55.80 -14.14
N ILE A 2198 -67.11 55.41 -13.57
CA ILE A 2198 -66.82 53.98 -13.39
C ILE A 2198 -67.94 53.32 -12.59
N ALA A 2199 -68.35 53.95 -11.49
CA ALA A 2199 -69.44 53.40 -10.69
C ALA A 2199 -70.69 53.23 -11.53
N ASN A 2200 -70.95 54.19 -12.45
CA ASN A 2200 -72.09 54.06 -13.35
C ASN A 2200 -72.04 52.74 -14.10
N ILE A 2201 -70.90 52.41 -14.70
CA ILE A 2201 -70.80 51.19 -15.49
C ILE A 2201 -71.04 49.98 -14.59
N ILE A 2202 -70.72 50.11 -13.31
CA ILE A 2202 -70.95 49.02 -12.36
C ILE A 2202 -72.42 48.64 -12.35
N ASP A 2203 -73.31 49.64 -12.33
CA ASP A 2203 -74.73 49.37 -12.32
C ASP A 2203 -75.14 48.58 -13.57
N GLU A 2204 -74.47 48.82 -14.70
CA GLU A 2204 -74.72 48.03 -15.89
C GLU A 2204 -74.48 46.55 -15.59
N ILE A 2205 -73.35 46.23 -14.98
CA ILE A 2205 -73.09 44.86 -14.54
C ILE A 2205 -74.20 44.40 -13.61
N ILE A 2206 -74.61 45.28 -12.70
CA ILE A 2206 -75.73 44.95 -11.81
C ILE A 2206 -76.97 44.61 -12.62
N GLU A 2207 -77.24 45.39 -13.67
CA GLU A 2207 -78.34 45.06 -14.57
C GLU A 2207 -78.17 43.65 -15.11
N LYS A 2208 -76.96 43.34 -15.60
CA LYS A 2208 -76.66 41.98 -16.02
C LYS A 2208 -76.92 41.01 -14.88
N LEU A 2209 -76.43 41.34 -13.68
CA LEU A 2209 -76.73 40.53 -12.51
C LEU A 2209 -78.24 40.39 -12.34
N LYS A 2210 -78.97 41.50 -12.46
CA LYS A 2210 -80.41 41.47 -12.26
C LYS A 2210 -81.09 40.52 -13.22
N SER A 2211 -80.43 40.20 -14.33
CA SER A 2211 -80.93 39.19 -15.25
C SER A 2211 -80.29 37.82 -15.04
N LEU A 2212 -78.99 37.78 -14.67
CA LEU A 2212 -78.24 36.53 -14.74
C LEU A 2212 -78.85 35.45 -13.85
N ASP A 2213 -79.16 35.80 -12.60
CA ASP A 2213 -79.80 34.85 -11.71
C ASP A 2213 -81.13 34.37 -12.31
N GLU A 2214 -81.94 35.30 -12.80
CA GLU A 2214 -83.20 34.94 -13.42
C GLU A 2214 -83.02 34.08 -14.65
N HIS A 2215 -81.80 34.02 -15.19
CA HIS A 2215 -81.51 33.15 -16.32
C HIS A 2215 -80.64 31.96 -15.94
N TYR A 2216 -80.09 31.92 -14.71
CA TYR A 2216 -79.15 30.85 -14.38
C TYR A 2216 -79.41 30.23 -13.01
N HIS A 2217 -80.07 30.98 -12.12
CA HIS A 2217 -80.35 30.52 -10.75
C HIS A 2217 -79.08 30.16 -10.00
N ILE A 2218 -77.97 30.81 -10.36
CA ILE A 2218 -76.70 30.52 -9.71
C ILE A 2218 -76.74 30.91 -8.23
N ARG A 2219 -77.37 32.05 -7.92
CA ARG A 2219 -77.48 32.48 -6.53
C ARG A 2219 -78.28 31.48 -5.70
N VAL A 2220 -79.36 30.94 -6.27
CA VAL A 2220 -80.15 29.94 -5.56
C VAL A 2220 -79.32 28.71 -5.26
N ASN A 2221 -78.55 28.24 -6.25
CA ASN A 2221 -77.71 27.08 -6.05
C ASN A 2221 -76.65 27.34 -5.00
N LEU A 2222 -76.04 28.54 -5.01
CA LEU A 2222 -75.02 28.86 -4.02
C LEU A 2222 -75.60 28.96 -2.62
N VAL A 2223 -76.80 29.53 -2.48
CA VAL A 2223 -77.44 29.60 -1.17
C VAL A 2223 -77.77 28.20 -0.67
N LYS A 2224 -78.26 27.33 -1.56
CA LYS A 2224 -78.52 25.95 -1.19
C LYS A 2224 -77.24 25.26 -0.76
N THR A 2225 -76.14 25.51 -1.46
CA THR A 2225 -74.86 24.94 -1.08
C THR A 2225 -74.41 25.41 0.29
N ILE A 2226 -74.57 26.70 0.57
CA ILE A 2226 -74.21 27.24 1.88
C ILE A 2226 -75.03 26.59 2.98
N HIS A 2227 -76.34 26.47 2.76
CA HIS A 2227 -77.20 25.85 3.76
C HIS A 2227 -76.83 24.38 3.98
N ASP A 2228 -76.55 23.66 2.89
CA ASP A 2228 -76.18 22.25 3.01
C ASP A 2228 -74.86 22.09 3.75
N LEU A 2229 -73.88 22.95 3.46
CA LEU A 2229 -72.61 22.88 4.18
C LEU A 2229 -72.80 23.17 5.66
N HIS A 2230 -73.62 24.17 5.98
CA HIS A 2230 -73.88 24.47 7.40
C HIS A 2230 -74.59 23.31 8.08
N LEU A 2231 -75.51 22.64 7.37
CA LEU A 2231 -76.19 21.49 7.95
C LEU A 2231 -75.22 20.33 8.18
N PHE A 2232 -74.30 20.10 7.25
CA PHE A 2232 -73.30 19.05 7.44
C PHE A 2232 -72.39 19.38 8.62
N ILE A 2233 -71.99 20.64 8.75
CA ILE A 2233 -71.17 21.04 9.89
C ILE A 2233 -71.94 20.85 11.20
N GLU A 2234 -73.23 21.18 11.20
CA GLU A 2234 -74.05 21.00 12.40
C GLU A 2234 -74.26 19.52 12.72
N ASN A 2235 -74.23 18.65 11.70
CA ASN A 2235 -74.51 17.23 11.90
C ASN A 2235 -73.33 16.46 12.47
N ILE A 2236 -72.13 17.04 12.47
CA ILE A 2236 -70.94 16.33 12.94
C ILE A 2236 -71.15 15.97 14.40
N ASP A 2237 -71.30 14.69 14.69
CA ASP A 2237 -71.63 14.22 16.02
C ASP A 2237 -70.36 13.83 16.78
N PHE A 2238 -70.13 14.49 17.90
CA PHE A 2238 -68.96 14.24 18.72
C PHE A 2238 -69.14 13.09 19.71
N ASN A 2239 -70.36 12.56 19.82
CA ASN A 2239 -70.62 11.45 20.73
C ASN A 2239 -69.88 10.18 20.33
N LYS A 2240 -69.87 9.85 19.03
CA LYS A 2240 -69.31 8.60 18.55
C LYS A 2240 -67.91 8.76 17.97
N SER A 2241 -67.29 9.92 18.18
CA SER A 2241 -65.95 10.17 17.66
C SER A 2241 -64.90 9.60 18.61
N GLY A 2242 -63.63 9.88 18.34
CA GLY A 2242 -62.57 9.42 19.21
C GLY A 2242 -62.59 10.13 20.55
N SER A 2243 -61.70 9.68 21.44
CA SER A 2243 -61.65 10.19 22.80
C SER A 2243 -63.02 10.05 23.46
N SER A 2244 -63.45 8.80 23.65
CA SER A 2244 -64.81 8.52 24.10
C SER A 2244 -65.13 9.24 25.41
N THR A 2245 -64.14 9.36 26.30
CA THR A 2245 -64.37 10.09 27.55
C THR A 2245 -64.75 11.54 27.27
N ALA A 2246 -64.04 12.19 26.35
CA ALA A 2246 -64.42 13.53 25.94
C ALA A 2246 -65.78 13.54 25.26
N SER A 2247 -66.18 12.42 24.65
CA SER A 2247 -67.51 12.33 24.08
C SER A 2247 -68.58 12.40 25.16
N TRP A 2248 -68.24 12.03 26.40
CA TRP A 2248 -69.16 12.23 27.51
C TRP A 2248 -69.50 13.71 27.69
N ILE A 2249 -68.57 14.59 27.31
CA ILE A 2249 -68.85 16.03 27.35
C ILE A 2249 -70.07 16.35 26.49
N GLN A 2250 -70.26 15.62 25.39
CA GLN A 2250 -71.45 15.81 24.58
C GLN A 2250 -72.72 15.59 25.38
N ASN A 2251 -72.73 14.54 26.22
CA ASN A 2251 -73.87 14.33 27.11
C ASN A 2251 -74.02 15.49 28.10
N VAL A 2252 -72.89 16.06 28.52
CA VAL A 2252 -72.94 17.28 29.32
C VAL A 2252 -73.62 18.39 28.53
N ASP A 2253 -73.34 18.47 27.23
CA ASP A 2253 -74.07 19.40 26.38
C ASP A 2253 -75.57 19.13 26.44
N THR A 2254 -75.97 17.86 26.53
CA THR A 2254 -77.37 17.51 26.65
C THR A 2254 -78.01 18.17 27.86
N LYS A 2255 -77.22 18.43 28.91
CA LYS A 2255 -77.72 19.10 30.10
C LYS A 2255 -77.21 20.53 30.24
N TYR A 2256 -76.60 21.08 29.18
CA TYR A 2256 -76.10 22.44 29.25
C TYR A 2256 -76.34 23.24 27.97
N GLN A 2257 -77.20 22.76 27.06
CA GLN A 2257 -77.58 23.42 25.81
C GLN A 2257 -76.40 24.10 25.11
N ILE A 2258 -75.25 23.43 25.11
CA ILE A 2258 -74.08 24.00 24.43
C ILE A 2258 -74.17 23.77 22.93
N ARG A 2259 -74.54 22.56 22.51
CA ARG A 2259 -74.70 22.29 21.08
C ARG A 2259 -75.81 23.12 20.48
N ILE A 2260 -76.85 23.44 21.26
CA ILE A 2260 -77.89 24.34 20.80
C ILE A 2260 -77.32 25.72 20.51
N GLN A 2261 -76.45 26.22 21.40
CA GLN A 2261 -75.80 27.50 21.17
C GLN A 2261 -74.91 27.45 19.93
N ILE A 2262 -74.20 26.33 19.74
CA ILE A 2262 -73.36 26.18 18.56
C ILE A 2262 -74.20 26.22 17.29
N GLN A 2263 -75.33 25.51 17.29
CA GLN A 2263 -76.21 25.52 16.13
C GLN A 2263 -76.79 26.91 15.88
N GLU A 2264 -77.16 27.62 16.95
CA GLU A 2264 -77.69 28.97 16.78
C GLU A 2264 -76.64 29.90 16.18
N LYS A 2265 -75.40 29.82 16.66
CA LYS A 2265 -74.35 30.66 16.12
C LYS A 2265 -74.06 30.30 14.66
N LEU A 2266 -74.06 29.00 14.34
CA LEU A 2266 -73.86 28.59 12.95
C LEU A 2266 -74.97 29.10 12.04
N GLN A 2267 -76.21 29.06 12.50
CA GLN A 2267 -77.32 29.56 11.69
C GLN A 2267 -77.28 31.07 11.57
N GLN A 2268 -76.82 31.76 12.61
CA GLN A 2268 -76.63 33.21 12.52
C GLN A 2268 -75.57 33.55 11.49
N LEU A 2269 -74.45 32.81 11.50
CA LEU A 2269 -73.44 32.99 10.47
C LEU A 2269 -74.00 32.70 9.08
N LYS A 2270 -74.82 31.66 8.98
CA LYS A 2270 -75.43 31.30 7.69
C LYS A 2270 -76.31 32.43 7.17
N ARG A 2271 -77.14 33.01 8.04
CA ARG A 2271 -78.02 34.08 7.58
C ARG A 2271 -77.24 35.35 7.28
N HIS A 2272 -76.15 35.61 8.00
CA HIS A 2272 -75.33 36.77 7.68
C HIS A 2272 -74.64 36.60 6.33
N ILE A 2273 -74.10 35.41 6.05
CA ILE A 2273 -73.44 35.18 4.77
C ILE A 2273 -74.45 35.21 3.63
N GLN A 2274 -75.62 34.59 3.81
CA GLN A 2274 -76.62 34.58 2.76
C GLN A 2274 -77.17 35.98 2.49
N ASN A 2275 -76.96 36.91 3.42
CA ASN A 2275 -77.27 38.32 3.18
C ASN A 2275 -76.09 39.07 2.57
N ILE A 2276 -74.99 38.39 2.30
CA ILE A 2276 -73.81 38.98 1.68
C ILE A 2276 -73.69 38.38 0.29
N ASP A 2277 -74.08 39.12 -0.73
CA ASP A 2277 -74.07 38.67 -2.11
C ASP A 2277 -73.30 39.67 -2.98
N ILE A 2278 -73.32 39.42 -4.29
CA ILE A 2278 -72.66 40.33 -5.22
C ILE A 2278 -73.37 41.67 -5.27
N GLN A 2279 -74.70 41.67 -5.09
CA GLN A 2279 -75.48 42.91 -5.14
C GLN A 2279 -75.01 43.89 -4.08
N HIS A 2280 -74.91 43.44 -2.83
CA HIS A 2280 -74.47 44.33 -1.75
C HIS A 2280 -73.04 44.79 -1.96
N LEU A 2281 -72.16 43.91 -2.44
CA LEU A 2281 -70.78 44.31 -2.70
C LEU A 2281 -70.72 45.41 -3.75
N ALA A 2282 -71.46 45.24 -4.85
CA ALA A 2282 -71.47 46.26 -5.90
C ALA A 2282 -72.06 47.57 -5.39
N GLY A 2283 -73.14 47.49 -4.62
CA GLY A 2283 -73.73 48.71 -4.08
C GLY A 2283 -72.81 49.45 -3.14
N LYS A 2284 -72.16 48.73 -2.23
CA LYS A 2284 -71.23 49.35 -1.30
C LYS A 2284 -70.01 49.92 -2.04
N LEU A 2285 -69.54 49.22 -3.07
CA LEU A 2285 -68.44 49.74 -3.87
C LEU A 2285 -68.82 51.03 -4.57
N LYS A 2286 -70.02 51.08 -5.14
CA LYS A 2286 -70.49 52.32 -5.77
C LYS A 2286 -70.62 53.44 -4.75
N GLN A 2287 -71.13 53.12 -3.57
CA GLN A 2287 -71.25 54.11 -2.50
C GLN A 2287 -69.88 54.67 -2.12
N HIS A 2288 -68.88 53.80 -1.98
CA HIS A 2288 -67.54 54.26 -1.63
C HIS A 2288 -66.92 55.09 -2.75
N ILE A 2289 -67.12 54.69 -4.01
CA ILE A 2289 -66.57 55.47 -5.13
C ILE A 2289 -67.20 56.85 -5.17
N GLU A 2290 -68.52 56.93 -5.03
CA GLU A 2290 -69.19 58.23 -5.12
C GLU A 2290 -69.03 59.08 -3.87
N ALA A 2291 -68.74 58.47 -2.72
CA ALA A 2291 -68.60 59.24 -1.49
C ALA A 2291 -67.27 59.98 -1.42
N ILE A 2292 -66.21 59.39 -1.97
CA ILE A 2292 -64.89 60.00 -1.94
C ILE A 2292 -64.87 61.16 -2.94
N ASP A 2293 -64.63 62.37 -2.45
CA ASP A 2293 -64.58 63.57 -3.28
C ASP A 2293 -63.18 64.17 -3.15
N VAL A 2294 -62.36 63.97 -4.18
CA VAL A 2294 -60.99 64.48 -4.14
C VAL A 2294 -60.91 65.99 -4.35
N ARG A 2295 -61.98 66.62 -4.85
CA ARG A 2295 -61.97 68.06 -5.04
C ARG A 2295 -61.88 68.79 -3.70
N VAL A 2296 -62.62 68.31 -2.70
CA VAL A 2296 -62.55 68.91 -1.37
C VAL A 2296 -61.15 68.74 -0.79
N LEU A 2297 -60.55 67.56 -0.99
CA LEU A 2297 -59.20 67.31 -0.48
C LEU A 2297 -58.20 68.24 -1.15
N LEU A 2298 -58.32 68.44 -2.47
CA LEU A 2298 -57.41 69.33 -3.18
C LEU A 2298 -57.59 70.77 -2.71
N ASP A 2299 -58.84 71.20 -2.50
CA ASP A 2299 -59.08 72.55 -2.00
C ASP A 2299 -58.47 72.74 -0.61
N GLN A 2300 -58.65 71.76 0.27
CA GLN A 2300 -58.06 71.85 1.61
C GLN A 2300 -56.54 71.88 1.54
N LEU A 2301 -55.94 71.06 0.67
CA LEU A 2301 -54.49 71.05 0.52
C LEU A 2301 -53.98 72.39 -0.01
N GLY A 2302 -54.67 72.98 -0.97
CA GLY A 2302 -54.23 74.24 -1.53
C GLY A 2302 -54.46 75.43 -0.62
N THR A 2303 -55.44 75.33 0.28
CA THR A 2303 -55.74 76.45 1.16
C THR A 2303 -54.92 76.40 2.45
N THR A 2304 -54.83 75.22 3.08
CA THR A 2304 -54.10 75.12 4.34
C THR A 2304 -52.61 75.39 4.14
N ILE A 2305 -52.04 74.88 3.06
CA ILE A 2305 -50.62 75.06 2.79
C ILE A 2305 -50.40 76.41 2.12
N SER A 2306 -49.58 77.26 2.75
CA SER A 2306 -49.24 78.56 2.19
C SER A 2306 -47.99 79.08 2.89
N PHE A 2307 -46.96 79.38 2.12
CA PHE A 2307 -45.69 79.89 2.64
C PHE A 2307 -45.53 81.39 2.43
N GLU A 2308 -46.63 82.08 2.12
CA GLU A 2308 -46.56 83.53 1.94
C GLU A 2308 -46.12 84.22 3.23
N ARG A 2309 -46.73 83.83 4.36
CA ARG A 2309 -46.28 84.34 5.65
C ARG A 2309 -44.85 83.91 5.96
N ILE A 2310 -44.51 82.66 5.64
CA ILE A 2310 -43.14 82.18 5.87
C ILE A 2310 -42.15 83.00 5.04
N ASN A 2311 -42.49 83.23 3.77
CA ASN A 2311 -41.60 84.01 2.91
C ASN A 2311 -41.47 85.45 3.40
N ASP A 2312 -42.58 86.05 3.84
CA ASP A 2312 -42.51 87.41 4.35
C ASP A 2312 -41.65 87.50 5.61
N ILE A 2313 -41.80 86.55 6.53
CA ILE A 2313 -41.01 86.54 7.75
C ILE A 2313 -39.53 86.34 7.41
N LEU A 2314 -39.24 85.45 6.46
CA LEU A 2314 -37.85 85.24 6.05
C LEU A 2314 -37.26 86.51 5.43
N GLU A 2315 -38.05 87.21 4.61
CA GLU A 2315 -37.57 88.46 4.02
C GLU A 2315 -37.30 89.50 5.09
N HIS A 2316 -38.19 89.61 6.09
CA HIS A 2316 -37.98 90.56 7.17
C HIS A 2316 -36.73 90.22 7.97
N VAL A 2317 -36.51 88.94 8.26
CA VAL A 2317 -35.32 88.53 8.99
C VAL A 2317 -34.06 88.83 8.19
N LYS A 2318 -34.10 88.55 6.89
CA LYS A 2318 -32.95 88.85 6.03
C LYS A 2318 -32.66 90.35 6.02
N HIS A 2319 -33.70 91.17 5.93
CA HIS A 2319 -33.50 92.62 5.93
C HIS A 2319 -32.93 93.09 7.26
N PHE A 2320 -33.41 92.53 8.37
CA PHE A 2320 -32.87 92.89 9.68
C PHE A 2320 -31.40 92.51 9.79
N VAL A 2321 -31.03 91.33 9.29
CA VAL A 2321 -29.63 90.91 9.33
C VAL A 2321 -28.77 91.83 8.48
N ILE A 2322 -29.25 92.20 7.29
CA ILE A 2322 -28.50 93.10 6.42
C ILE A 2322 -28.31 94.46 7.10
N ASN A 2323 -29.37 94.98 7.72
CA ASN A 2323 -29.27 96.27 8.39
C ASN A 2323 -28.32 96.20 9.58
N LEU A 2324 -28.35 95.10 10.33
CA LEU A 2324 -27.43 94.94 11.45
C LEU A 2324 -25.99 94.89 10.98
N ILE A 2325 -25.72 94.16 9.90
CA ILE A 2325 -24.37 94.09 9.35
C ILE A 2325 -23.92 95.46 8.86
N GLY A 2326 -24.81 96.19 8.18
CA GLY A 2326 -24.47 97.53 7.74
C GLY A 2326 -24.19 98.48 8.88
N ASP A 2327 -24.94 98.36 9.98
CA ASP A 2327 -24.69 99.17 11.15
C ASP A 2327 -23.36 98.82 11.81
N PHE A 2328 -23.02 97.54 11.89
CA PHE A 2328 -21.78 97.07 12.49
C PHE A 2328 -20.87 96.60 11.36
N GLU A 2329 -20.14 97.54 10.78
CA GLU A 2329 -19.21 97.26 9.70
C GLU A 2329 -17.79 97.17 10.25
N VAL A 2330 -16.87 96.72 9.40
CA VAL A 2330 -15.46 96.67 9.78
C VAL A 2330 -14.59 97.64 8.98
N ALA A 2331 -15.05 98.13 7.82
CA ALA A 2331 -14.26 99.07 7.05
C ALA A 2331 -14.08 100.39 7.78
N GLU A 2332 -15.08 100.80 8.56
CA GLU A 2332 -14.92 102.00 9.38
C GLU A 2332 -13.82 101.81 10.42
N LYS A 2333 -13.78 100.64 11.06
CA LYS A 2333 -12.71 100.35 12.01
C LYS A 2333 -11.35 100.32 11.33
N ILE A 2334 -11.27 99.75 10.13
CA ILE A 2334 -10.01 99.70 9.40
C ILE A 2334 -9.56 101.12 9.03
N ASN A 2335 -10.49 101.96 8.60
CA ASN A 2335 -10.15 103.34 8.27
C ASN A 2335 -9.66 104.11 9.49
N ALA A 2336 -10.32 103.91 10.63
CA ALA A 2336 -9.87 104.55 11.87
C ALA A 2336 -8.48 104.07 12.27
N PHE A 2337 -8.24 102.77 12.12
CA PHE A 2337 -6.92 102.22 12.46
C PHE A 2337 -5.84 102.77 11.53
N ARG A 2338 -6.16 102.89 10.24
CA ARG A 2338 -5.21 103.46 9.30
C ARG A 2338 -4.92 104.93 9.62
N ALA A 2339 -5.96 105.67 10.02
CA ALA A 2339 -5.76 107.05 10.46
C ALA A 2339 -4.85 107.10 11.68
N LYS A 2340 -5.06 106.20 12.64
CA LYS A 2340 -4.21 106.15 13.83
C LYS A 2340 -2.76 105.85 13.43
N VAL A 2341 -2.56 104.91 12.51
CA VAL A 2341 -1.21 104.54 12.08
C VAL A 2341 -0.55 105.71 11.39
N HIS A 2342 -1.27 106.41 10.51
CA HIS A 2342 -0.71 107.58 9.85
C HIS A 2342 -0.34 108.67 10.85
N GLU A 2343 -1.19 108.89 11.85
CA GLU A 2343 -0.90 109.88 12.88
C GLU A 2343 0.35 109.49 13.66
N LEU A 2344 0.50 108.21 13.99
CA LEU A 2344 1.68 107.78 14.73
C LEU A 2344 2.94 107.92 13.88
N ILE A 2345 2.86 107.60 12.59
CA ILE A 2345 4.01 107.75 11.71
C ILE A 2345 4.41 109.21 11.60
N GLU A 2346 3.43 110.10 11.44
CA GLU A 2346 3.73 111.53 11.39
C GLU A 2346 4.32 112.02 12.71
N ARG A 2347 3.81 111.52 13.84
CA ARG A 2347 4.35 111.91 15.14
C ARG A 2347 5.80 111.47 15.29
N TYR A 2348 6.13 110.25 14.86
CA TYR A 2348 7.50 109.76 15.00
C TYR A 2348 8.43 110.41 13.99
N GLU A 2349 7.89 110.93 12.88
CA GLU A 2349 8.65 111.69 11.91
C GLU A 2349 9.83 110.90 11.35
N VAL A 2350 9.54 109.83 10.62
CA VAL A 2350 10.59 108.97 10.08
C VAL A 2350 11.49 109.71 9.10
N ASP A 2351 10.95 110.69 8.37
CA ASP A 2351 11.76 111.42 7.40
C ASP A 2351 12.89 112.20 8.07
N GLN A 2352 12.60 112.85 9.20
CA GLN A 2352 13.65 113.55 9.93
C GLN A 2352 14.70 112.58 10.42
N GLN A 2353 14.27 111.42 10.93
CA GLN A 2353 15.23 110.43 11.43
C GLN A 2353 16.14 109.93 10.33
N ILE A 2354 15.57 109.63 9.15
CA ILE A 2354 16.39 109.12 8.06
C ILE A 2354 17.32 110.19 7.54
N GLN A 2355 16.87 111.46 7.50
CA GLN A 2355 17.77 112.54 7.10
C GLN A 2355 18.93 112.68 8.07
N VAL A 2356 18.64 112.61 9.38
CA VAL A 2356 19.71 112.68 10.38
C VAL A 2356 20.68 111.52 10.21
N LEU A 2357 20.15 110.33 9.98
CA LEU A 2357 21.01 109.16 9.80
C LEU A 2357 21.92 109.32 8.59
N MET A 2358 21.38 109.78 7.46
CA MET A 2358 22.22 109.90 6.27
C MET A 2358 23.23 111.02 6.43
N ASP A 2359 22.86 112.10 7.13
CA ASP A 2359 23.81 113.17 7.38
C ASP A 2359 24.95 112.69 8.26
N LYS A 2360 24.64 111.90 9.29
CA LYS A 2360 25.68 111.31 10.12
C LYS A 2360 26.57 110.39 9.31
N LEU A 2361 25.96 109.60 8.42
CA LEU A 2361 26.75 108.72 7.56
C LEU A 2361 27.68 109.52 6.64
N VAL A 2362 27.18 110.62 6.08
CA VAL A 2362 27.99 111.47 5.22
C VAL A 2362 29.15 112.07 6.00
N GLU A 2363 28.88 112.56 7.21
CA GLU A 2363 29.94 113.10 8.05
C GLU A 2363 30.99 112.03 8.38
N LEU A 2364 30.54 110.82 8.72
CA LEU A 2364 31.47 109.75 9.05
C LEU A 2364 32.32 109.38 7.85
N ALA A 2365 31.71 109.28 6.67
CA ALA A 2365 32.46 108.95 5.46
C ALA A 2365 33.47 110.04 5.11
N HIS A 2366 33.09 111.31 5.28
CA HIS A 2366 33.99 112.41 4.97
C HIS A 2366 35.07 112.59 6.02
N GLN A 2367 34.87 112.07 7.24
CA GLN A 2367 35.91 112.14 8.26
C GLN A 2367 37.17 111.41 7.83
N TYR A 2368 37.03 110.28 7.12
CA TYR A 2368 38.19 109.50 6.73
C TYR A 2368 39.00 110.19 5.62
N LYS A 2369 38.33 110.99 4.79
CA LYS A 2369 38.98 111.70 3.69
C LYS A 2369 39.69 110.72 2.75
N LEU A 2370 38.91 109.87 2.09
CA LEU A 2370 39.49 108.85 1.21
C LEU A 2370 40.27 109.48 0.06
N LYS A 2371 39.90 110.70 -0.35
CA LYS A 2371 40.60 111.34 -1.46
C LYS A 2371 42.05 111.65 -1.11
N GLU A 2372 42.31 112.03 0.14
CA GLU A 2372 43.68 112.25 0.58
C GLU A 2372 44.49 110.97 0.50
N THR A 2373 43.89 109.85 0.91
CA THR A 2373 44.58 108.56 0.79
C THR A 2373 44.85 108.22 -0.67
N ILE A 2374 43.88 108.45 -1.55
CA ILE A 2374 44.07 108.15 -2.97
C ILE A 2374 45.20 108.99 -3.56
N GLN A 2375 45.23 110.29 -3.23
CA GLN A 2375 46.26 111.14 -3.81
C GLN A 2375 47.63 110.83 -3.23
N LYS A 2376 47.70 110.48 -1.94
CA LYS A 2376 48.98 110.04 -1.38
C LYS A 2376 49.46 108.77 -2.05
N LEU A 2377 48.55 107.82 -2.29
CA LEU A 2377 48.92 106.59 -2.99
C LEU A 2377 49.40 106.89 -4.40
N SER A 2378 48.73 107.79 -5.11
CA SER A 2378 49.15 108.14 -6.47
C SER A 2378 50.52 108.80 -6.46
N ASN A 2379 50.75 109.70 -5.50
CA ASN A 2379 52.06 110.36 -5.40
C ASN A 2379 53.17 109.36 -5.12
N VAL A 2380 52.91 108.41 -4.22
CA VAL A 2380 53.91 107.37 -3.93
C VAL A 2380 54.16 106.51 -5.17
N LEU A 2381 53.08 106.13 -5.87
CA LEU A 2381 53.22 105.32 -7.07
C LEU A 2381 53.98 106.05 -8.17
N GLN A 2382 53.89 107.37 -8.20
CA GLN A 2382 54.61 108.16 -9.19
C GLN A 2382 56.09 108.32 -8.87
N GLN A 2383 56.53 107.87 -7.70
CA GLN A 2383 57.94 107.96 -7.30
C GLN A 2383 58.73 106.72 -7.71
N VAL A 2384 58.10 105.73 -8.32
CA VAL A 2384 58.78 104.50 -8.71
C VAL A 2384 59.50 104.73 -10.04
N LYS A 2385 60.36 103.80 -10.41
CA LYS A 2385 61.18 103.90 -11.62
C LYS A 2385 60.56 103.01 -12.69
N ILE A 2386 59.61 103.55 -13.43
CA ILE A 2386 58.97 102.80 -14.51
C ILE A 2386 59.84 102.79 -15.77
N LYS A 2387 60.60 103.84 -16.02
CA LYS A 2387 61.43 103.91 -17.22
C LYS A 2387 62.51 102.84 -17.21
N ASP A 2388 63.12 102.60 -16.05
CA ASP A 2388 64.13 101.55 -15.95
C ASP A 2388 63.55 100.18 -16.28
N TYR A 2389 62.35 99.89 -15.75
CA TYR A 2389 61.72 98.62 -16.03
C TYR A 2389 61.34 98.48 -17.50
N PHE A 2390 60.84 99.57 -18.10
CA PHE A 2390 60.52 99.53 -19.53
C PHE A 2390 61.78 99.30 -20.36
N GLU A 2391 62.88 99.95 -20.01
CA GLU A 2391 64.14 99.75 -20.73
C GLU A 2391 64.63 98.32 -20.58
N LYS A 2392 64.52 97.75 -19.38
CA LYS A 2392 64.92 96.36 -19.18
C LYS A 2392 64.07 95.41 -20.01
N LEU A 2393 62.75 95.64 -20.04
CA LEU A 2393 61.88 94.79 -20.84
C LEU A 2393 62.19 94.90 -22.33
N VAL A 2394 62.45 96.12 -22.80
CA VAL A 2394 62.82 96.31 -24.20
C VAL A 2394 64.13 95.59 -24.51
N GLY A 2395 65.11 95.70 -23.62
CA GLY A 2395 66.37 95.00 -23.83
C GLY A 2395 66.19 93.49 -23.84
N PHE A 2396 65.35 92.96 -22.96
CA PHE A 2396 65.13 91.52 -22.89
C PHE A 2396 64.41 91.01 -24.14
N ILE A 2397 63.40 91.75 -24.60
CA ILE A 2397 62.71 91.32 -25.82
C ILE A 2397 63.62 91.44 -27.03
N ASP A 2398 64.48 92.46 -27.06
CA ASP A 2398 65.45 92.57 -28.15
C ASP A 2398 66.44 91.41 -28.12
N ASP A 2399 66.90 91.02 -26.93
CA ASP A 2399 67.78 89.87 -26.82
C ASP A 2399 67.09 88.60 -27.29
N ALA A 2400 65.81 88.43 -26.93
CA ALA A 2400 65.07 87.25 -27.38
C ALA A 2400 64.93 87.25 -28.90
N VAL A 2401 64.63 88.40 -29.50
CA VAL A 2401 64.50 88.47 -30.95
C VAL A 2401 65.84 88.17 -31.63
N LYS A 2402 66.93 88.71 -31.08
CA LYS A 2402 68.25 88.46 -31.65
C LYS A 2402 68.61 86.98 -31.57
N LYS A 2403 68.34 86.36 -30.41
CA LYS A 2403 68.61 84.93 -30.26
C LYS A 2403 67.77 84.10 -31.23
N LEU A 2404 66.49 84.45 -31.39
CA LEU A 2404 65.64 83.71 -32.32
C LEU A 2404 66.12 83.86 -33.76
N ASN A 2405 66.52 85.08 -34.15
CA ASN A 2405 67.04 85.29 -35.49
C ASN A 2405 68.32 84.51 -35.72
N GLU A 2406 69.21 84.49 -34.71
CA GLU A 2406 70.46 83.76 -34.82
C GLU A 2406 70.27 82.26 -34.65
N LEU A 2407 69.12 81.83 -34.14
CA LEU A 2407 68.87 80.41 -33.90
C LEU A 2407 68.56 79.70 -35.21
N SER A 2408 69.52 78.92 -35.69
CA SER A 2408 69.34 78.10 -36.88
C SER A 2408 69.74 76.66 -36.55
N PHE A 2409 69.13 75.71 -37.25
CA PHE A 2409 69.40 74.30 -36.99
C PHE A 2409 70.89 74.00 -37.08
N LYS A 2410 71.52 74.41 -38.17
CA LYS A 2410 72.96 74.21 -38.31
C LYS A 2410 73.72 74.96 -37.23
N THR A 2411 73.36 76.22 -36.98
CA THR A 2411 74.04 76.99 -35.95
C THR A 2411 73.79 76.41 -34.57
N PHE A 2412 72.57 75.96 -34.29
CA PHE A 2412 72.28 75.39 -32.98
C PHE A 2412 73.05 74.09 -32.76
N ILE A 2413 73.07 73.21 -33.76
CA ILE A 2413 73.82 71.97 -33.61
C ILE A 2413 75.31 72.26 -33.50
N GLU A 2414 75.80 73.27 -34.21
CA GLU A 2414 77.21 73.65 -34.07
C GLU A 2414 77.53 74.15 -32.66
N ASP A 2415 76.64 74.99 -32.10
CA ASP A 2415 76.82 75.46 -30.74
C ASP A 2415 76.79 74.31 -29.74
N VAL A 2416 75.87 73.36 -29.94
CA VAL A 2416 75.79 72.21 -29.05
C VAL A 2416 77.07 71.38 -29.13
N ASN A 2417 77.57 71.14 -30.33
CA ASN A 2417 78.81 70.39 -30.48
C ASN A 2417 79.98 71.12 -29.83
N LYS A 2418 80.04 72.44 -30.01
CA LYS A 2418 81.09 73.23 -29.36
C LYS A 2418 81.01 73.11 -27.84
N PHE A 2419 79.82 73.25 -27.27
CA PHE A 2419 79.70 73.22 -25.82
C PHE A 2419 80.02 71.84 -25.27
N LEU A 2420 79.57 70.78 -25.94
CA LEU A 2420 79.90 69.44 -25.48
C LEU A 2420 81.40 69.19 -25.58
N ASP A 2421 82.03 69.67 -26.65
CA ASP A 2421 83.47 69.48 -26.80
C ASP A 2421 84.24 70.21 -25.70
N MET A 2422 83.86 71.46 -25.40
CA MET A 2422 84.55 72.19 -24.35
C MET A 2422 84.29 71.56 -22.98
N LEU A 2423 83.07 71.05 -22.76
CA LEU A 2423 82.78 70.37 -21.50
C LEU A 2423 83.62 69.11 -21.34
N ILE A 2424 83.76 68.32 -22.41
CA ILE A 2424 84.60 67.13 -22.34
C ILE A 2424 86.06 67.51 -22.11
N LYS A 2425 86.52 68.57 -22.78
CA LYS A 2425 87.89 69.02 -22.56
C LYS A 2425 88.12 69.47 -21.12
N LYS A 2426 87.15 70.15 -20.52
CA LYS A 2426 87.27 70.55 -19.12
C LYS A 2426 87.25 69.33 -18.20
N LEU A 2427 86.40 68.34 -18.50
CA LEU A 2427 86.32 67.14 -17.68
C LEU A 2427 87.60 66.32 -17.75
N LYS A 2428 88.21 66.23 -18.94
CA LYS A 2428 89.46 65.49 -19.07
C LYS A 2428 90.59 66.14 -18.27
N SER A 2429 90.67 67.48 -18.29
CA SER A 2429 91.66 68.21 -17.54
C SER A 2429 91.14 68.65 -16.17
N PHE A 2430 90.16 67.94 -15.64
CA PHE A 2430 89.57 68.29 -14.36
C PHE A 2430 90.55 67.94 -13.24
N ASP A 2431 90.97 68.95 -12.49
CA ASP A 2431 91.93 68.75 -11.42
C ASP A 2431 91.21 68.63 -10.08
N TYR A 2432 91.56 67.60 -9.31
CA TYR A 2432 90.93 67.42 -8.00
C TYR A 2432 91.28 68.55 -7.05
N HIS A 2433 92.56 68.91 -6.96
CA HIS A 2433 92.96 69.94 -6.02
C HIS A 2433 92.44 71.31 -6.45
N GLN A 2434 92.41 71.58 -7.76
CA GLN A 2434 91.78 72.80 -8.25
C GLN A 2434 90.32 72.87 -7.84
N PHE A 2435 89.58 71.78 -8.02
CA PHE A 2435 88.17 71.76 -7.63
C PHE A 2435 88.01 71.93 -6.14
N VAL A 2436 88.88 71.29 -5.34
CA VAL A 2436 88.77 71.42 -3.89
C VAL A 2436 89.01 72.86 -3.46
N ASP A 2437 90.02 73.50 -4.03
CA ASP A 2437 90.28 74.91 -3.72
C ASP A 2437 89.14 75.80 -4.18
N GLU A 2438 88.56 75.49 -5.34
CA GLU A 2438 87.40 76.25 -5.81
C GLU A 2438 86.23 76.11 -4.85
N THR A 2439 85.98 74.89 -4.35
CA THR A 2439 84.93 74.69 -3.38
C THR A 2439 85.22 75.43 -2.08
N ASN A 2440 86.47 75.40 -1.63
CA ASN A 2440 86.84 76.15 -0.43
C ASN A 2440 86.59 77.64 -0.63
N ASP A 2441 86.99 78.17 -1.79
CA ASP A 2441 86.75 79.57 -2.09
C ASP A 2441 85.27 79.91 -2.09
N LYS A 2442 84.45 79.06 -2.70
CA LYS A 2442 83.03 79.33 -2.77
C LYS A 2442 82.37 79.27 -1.40
N ILE A 2443 82.76 78.28 -0.58
CA ILE A 2443 82.19 78.18 0.76
C ILE A 2443 82.62 79.37 1.62
N ARG A 2444 83.88 79.78 1.49
CA ARG A 2444 84.32 80.97 2.22
C ARG A 2444 83.58 82.22 1.77
N GLU A 2445 83.34 82.34 0.46
CA GLU A 2445 82.57 83.47 -0.06
C GLU A 2445 81.14 83.47 0.50
N VAL A 2446 80.50 82.31 0.52
CA VAL A 2446 79.15 82.21 1.07
C VAL A 2446 79.16 82.54 2.55
N THR A 2447 80.17 82.06 3.27
CA THR A 2447 80.28 82.35 4.70
C THR A 2447 80.42 83.84 4.95
N GLN A 2448 81.28 84.51 4.17
CA GLN A 2448 81.46 85.95 4.31
C GLN A 2448 80.18 86.70 3.97
N ARG A 2449 79.49 86.28 2.90
CA ARG A 2449 78.24 86.92 2.53
C ARG A 2449 77.19 86.79 3.61
N LEU A 2450 77.04 85.58 4.17
CA LEU A 2450 76.04 85.38 5.21
C LEU A 2450 76.40 86.13 6.49
N ASN A 2451 77.69 86.17 6.83
CA ASN A 2451 78.10 86.93 8.01
C ASN A 2451 77.83 88.41 7.82
N GLY A 2452 78.12 88.94 6.64
CA GLY A 2452 77.83 90.34 6.37
C GLY A 2452 76.35 90.64 6.40
N GLU A 2453 75.52 89.71 5.92
CA GLU A 2453 74.08 89.90 5.97
C GLU A 2453 73.55 89.84 7.40
N ILE A 2454 74.08 88.92 8.22
CA ILE A 2454 73.70 88.86 9.62
C ILE A 2454 74.07 90.16 10.34
N GLN A 2455 75.29 90.65 10.12
CA GLN A 2455 75.73 91.87 10.76
C GLN A 2455 75.01 93.10 10.20
N ALA A 2456 74.51 93.02 8.97
CA ALA A 2456 73.80 94.15 8.38
C ALA A 2456 72.40 94.31 8.95
N LEU A 2457 71.79 93.23 9.41
CA LEU A 2457 70.44 93.26 9.97
C LEU A 2457 70.45 93.36 11.49
N GLU A 2458 71.58 93.72 12.09
CA GLU A 2458 71.77 93.85 13.54
C GLU A 2458 71.02 92.75 14.30
N LEU A 2459 71.19 91.51 13.83
CA LEU A 2459 70.54 90.36 14.43
C LEU A 2459 70.99 90.12 15.87
N PRO A 2460 72.30 90.15 16.17
CA PRO A 2460 72.69 90.01 17.59
C PRO A 2460 72.13 91.11 18.48
N GLN A 2461 72.06 92.35 17.99
CA GLN A 2461 71.51 93.43 18.79
C GLN A 2461 70.02 93.21 19.06
N LYS A 2462 69.29 92.78 18.03
CA LYS A 2462 67.87 92.49 18.22
C LYS A 2462 67.67 91.34 19.20
N ALA A 2463 68.52 90.31 19.12
CA ALA A 2463 68.44 89.20 20.05
C ALA A 2463 68.70 89.66 21.48
N GLU A 2464 69.71 90.53 21.66
CA GLU A 2464 70.01 91.05 23.00
C GLU A 2464 68.85 91.88 23.53
N ALA A 2465 68.27 92.73 22.68
CA ALA A 2465 67.13 93.55 23.11
C ALA A 2465 65.94 92.69 23.49
N LEU A 2466 65.66 91.65 22.69
CA LEU A 2466 64.58 90.74 23.02
C LEU A 2466 64.83 90.00 24.31
N LYS A 2467 66.08 89.56 24.53
CA LYS A 2467 66.42 88.88 25.78
C LYS A 2467 66.21 89.81 26.97
N LEU A 2468 66.66 91.05 26.86
CA LEU A 2468 66.49 92.00 27.96
C LEU A 2468 65.02 92.29 28.23
N PHE A 2469 64.23 92.46 27.16
CA PHE A 2469 62.80 92.72 27.35
C PHE A 2469 62.11 91.52 27.99
N LEU A 2470 62.47 90.30 27.55
CA LEU A 2470 61.90 89.10 28.16
C LEU A 2470 62.28 88.99 29.63
N GLU A 2471 63.53 89.31 29.97
CA GLU A 2471 63.95 89.27 31.38
C GLU A 2471 63.19 90.31 32.21
N GLU A 2472 62.99 91.50 31.65
CA GLU A 2472 62.21 92.52 32.35
C GLU A 2472 60.77 92.06 32.57
N THR A 2473 60.17 91.45 31.54
CA THR A 2473 58.80 90.95 31.67
C THR A 2473 58.72 89.84 32.71
N LYS A 2474 59.71 88.94 32.73
CA LYS A 2474 59.73 87.87 33.72
C LYS A 2474 59.88 88.43 35.12
N ALA A 2475 60.73 89.44 35.31
CA ALA A 2475 60.88 90.06 36.62
C ALA A 2475 59.57 90.71 37.07
N THR A 2476 58.90 91.43 36.16
CA THR A 2476 57.62 92.05 36.51
C THR A 2476 56.58 90.99 36.87
N VAL A 2477 56.53 89.90 36.11
CA VAL A 2477 55.58 88.83 36.38
C VAL A 2477 55.86 88.19 37.74
N ALA A 2478 57.14 87.96 38.05
CA ALA A 2478 57.49 87.40 39.34
C ALA A 2478 57.10 88.32 40.48
N VAL A 2479 57.32 89.64 40.31
CA VAL A 2479 56.92 90.59 41.33
C VAL A 2479 55.41 90.58 41.52
N TYR A 2480 54.66 90.54 40.41
CA TYR A 2480 53.20 90.50 40.49
C TYR A 2480 52.72 89.24 41.19
N LEU A 2481 53.33 88.09 40.87
CA LEU A 2481 52.96 86.83 41.51
C LEU A 2481 53.27 86.85 43.01
N GLU A 2482 54.43 87.40 43.39
CA GLU A 2482 54.75 87.54 44.80
C GLU A 2482 53.76 88.46 45.53
N SER A 2483 53.34 89.54 44.88
CA SER A 2483 52.33 90.41 45.45
C SER A 2483 50.96 89.75 45.57
N LEU A 2484 50.60 88.89 44.62
CA LEU A 2484 49.29 88.25 44.65
C LEU A 2484 49.27 87.06 45.59
N GLN A 2485 50.19 86.12 45.41
CA GLN A 2485 50.23 84.94 46.26
C GLN A 2485 50.59 85.31 47.69
N ASP A 2486 49.93 84.64 48.63
CA ASP A 2486 50.15 84.86 50.06
C ASP A 2486 51.07 83.77 50.59
N THR A 2487 52.27 84.16 51.02
CA THR A 2487 53.25 83.24 51.58
C THR A 2487 53.13 83.13 53.10
N LYS A 2488 52.00 83.53 53.67
CA LYS A 2488 51.80 83.49 55.10
C LYS A 2488 50.33 83.20 55.39
N ILE A 2489 50.08 82.49 56.49
CA ILE A 2489 48.72 82.14 56.87
C ILE A 2489 47.91 83.40 57.19
N THR A 2490 48.51 84.31 57.97
CA THR A 2490 47.78 85.48 58.44
C THR A 2490 47.33 86.37 57.27
N LEU A 2491 48.19 86.52 56.26
CA LEU A 2491 47.81 87.29 55.09
C LEU A 2491 46.59 86.70 54.41
N ILE A 2492 46.41 85.38 54.49
CA ILE A 2492 45.17 84.78 54.01
C ILE A 2492 44.01 85.13 54.94
N ILE A 2493 44.24 85.06 56.25
CA ILE A 2493 43.19 85.40 57.21
C ILE A 2493 42.81 86.86 57.06
N ASN A 2494 43.80 87.74 56.90
CA ASN A 2494 43.52 89.15 56.63
C ASN A 2494 42.68 89.32 55.37
N TRP A 2495 42.83 88.41 54.40
CA TRP A 2495 42.00 88.46 53.21
C TRP A 2495 40.53 88.30 53.57
N LEU A 2496 40.22 87.45 54.55
CA LEU A 2496 38.85 87.33 55.04
C LEU A 2496 38.33 88.66 55.56
N GLN A 2497 39.22 89.47 56.17
CA GLN A 2497 38.81 90.79 56.65
C GLN A 2497 38.40 91.72 55.52
N GLU A 2498 38.86 91.45 54.30
CA GLU A 2498 38.44 92.20 53.13
C GLU A 2498 37.17 91.65 52.49
N ALA A 2499 36.64 90.55 53.02
CA ALA A 2499 35.41 89.95 52.50
C ALA A 2499 34.23 90.03 53.45
N LEU A 2500 34.47 90.22 54.75
CA LEU A 2500 33.39 90.34 55.73
C LEU A 2500 33.21 91.76 56.24
N SER A 2501 34.01 92.71 55.76
CA SER A 2501 33.94 94.09 56.22
C SER A 2501 34.06 95.06 55.05
N SER A 2502 33.45 94.71 53.92
CA SER A 2502 33.48 95.57 52.74
C SER A 2502 32.27 96.50 52.77
N ALA A 2503 32.06 97.26 51.70
CA ALA A 2503 30.97 98.23 51.67
C ALA A 2503 29.60 97.55 51.65
N SER A 2504 29.50 96.35 51.08
CA SER A 2504 28.25 95.63 50.97
C SER A 2504 28.00 94.69 52.15
N LEU A 2505 28.86 94.73 53.17
CA LEU A 2505 28.77 93.80 54.30
C LEU A 2505 28.18 94.43 55.55
N ALA A 2506 28.10 95.77 55.61
CA ALA A 2506 27.51 96.41 56.78
C ALA A 2506 26.02 96.06 56.92
N HIS A 2507 25.31 96.01 55.80
CA HIS A 2507 23.90 95.60 55.83
C HIS A 2507 23.78 94.17 56.35
N MET A 2508 24.66 93.28 55.90
CA MET A 2508 24.64 91.90 56.39
C MET A 2508 24.90 91.84 57.88
N LYS A 2509 25.88 92.61 58.36
CA LYS A 2509 26.18 92.61 59.78
C LYS A 2509 25.00 93.12 60.61
N ALA A 2510 24.38 94.21 60.16
CA ALA A 2510 23.23 94.75 60.87
C ALA A 2510 22.06 93.76 60.86
N LYS A 2511 21.82 93.11 59.72
CA LYS A 2511 20.75 92.12 59.64
C LYS A 2511 21.01 90.95 60.56
N PHE A 2512 22.26 90.49 60.65
CA PHE A 2512 22.56 89.39 61.56
C PHE A 2512 22.43 89.80 63.02
N ARG A 2513 22.79 91.04 63.34
CA ARG A 2513 22.57 91.52 64.71
C ARG A 2513 21.08 91.56 65.05
N GLU A 2514 20.27 92.07 64.12
CA GLU A 2514 18.82 92.08 64.32
C GLU A 2514 18.27 90.67 64.47
N THR A 2515 18.77 89.74 63.65
CA THR A 2515 18.34 88.36 63.75
C THR A 2515 18.71 87.74 65.09
N LEU A 2516 19.91 88.02 65.60
CA LEU A 2516 20.30 87.53 66.91
C LEU A 2516 19.38 88.08 67.99
N GLU A 2517 19.05 89.37 67.91
CA GLU A 2517 18.17 89.97 68.90
C GLU A 2517 16.77 89.35 68.85
N ASP A 2518 16.22 89.19 67.65
CA ASP A 2518 14.88 88.58 67.53
C ASP A 2518 14.89 87.13 67.98
N THR A 2519 15.95 86.40 67.66
CA THR A 2519 16.08 85.01 68.10
C THR A 2519 16.14 84.92 69.62
N ARG A 2520 16.88 85.83 70.25
CA ARG A 2520 16.91 85.88 71.71
C ARG A 2520 15.53 86.19 72.27
N ASP A 2521 14.80 87.11 71.63
CA ASP A 2521 13.44 87.40 72.07
C ASP A 2521 12.55 86.16 72.00
N ARG A 2522 12.69 85.36 70.95
CA ARG A 2522 11.87 84.16 70.82
C ARG A 2522 12.26 83.07 71.81
N MET A 2523 13.56 82.85 72.02
CA MET A 2523 13.96 81.82 72.98
C MET A 2523 13.87 82.30 74.43
N TYR A 2524 13.62 83.59 74.65
CA TYR A 2524 13.14 84.03 75.95
C TYR A 2524 11.73 83.54 76.21
N GLN A 2525 10.98 83.21 75.14
CA GLN A 2525 9.60 82.78 75.26
C GLN A 2525 9.44 81.27 75.20
N MET A 2526 10.30 80.56 74.47
CA MET A 2526 10.14 79.09 74.42
C MET A 2526 10.78 78.41 75.63
N ASP A 2527 10.42 78.90 76.82
CA ASP A 2527 10.96 78.33 78.06
C ASP A 2527 10.23 77.05 78.42
N ILE A 2528 10.45 76.53 79.62
CA ILE A 2528 9.80 75.29 80.04
C ILE A 2528 8.36 75.60 80.38
N GLN A 2529 8.17 76.43 81.41
CA GLN A 2529 6.82 76.68 81.90
C GLN A 2529 6.04 77.59 80.96
N GLN A 2530 6.72 78.54 80.33
CA GLN A 2530 6.05 79.39 79.34
C GLN A 2530 5.48 78.58 78.20
N GLU A 2531 6.29 77.69 77.62
CA GLU A 2531 5.82 76.87 76.51
C GLU A 2531 4.77 75.87 76.97
N LEU A 2532 4.92 75.32 78.17
CA LEU A 2532 3.91 74.42 78.71
C LEU A 2532 2.56 75.12 78.84
N GLN A 2533 2.55 76.32 79.42
CA GLN A 2533 1.31 77.08 79.58
C GLN A 2533 0.72 77.45 78.23
N ARG A 2534 1.54 77.89 77.28
CA ARG A 2534 1.02 78.25 75.97
C ARG A 2534 0.41 77.05 75.26
N TYR A 2535 1.09 75.89 75.31
CA TYR A 2535 0.55 74.69 74.67
C TYR A 2535 -0.75 74.27 75.32
N LEU A 2536 -0.81 74.29 76.66
CA LEU A 2536 -2.03 73.88 77.34
C LEU A 2536 -3.18 74.82 77.02
N SER A 2537 -2.91 76.13 76.97
CA SER A 2537 -3.95 77.09 76.62
C SER A 2537 -4.45 76.87 75.19
N LEU A 2538 -3.53 76.64 74.25
CA LEU A 2538 -3.95 76.39 72.87
C LEU A 2538 -4.77 75.11 72.76
N VAL A 2539 -4.35 74.06 73.47
CA VAL A 2539 -5.09 72.81 73.45
C VAL A 2539 -6.49 73.00 74.03
N GLY A 2540 -6.60 73.75 75.12
CA GLY A 2540 -7.91 74.01 75.69
C GLY A 2540 -8.80 74.80 74.75
N GLN A 2541 -8.24 75.81 74.08
CA GLN A 2541 -9.02 76.62 73.15
C GLN A 2541 -9.53 75.77 71.99
N VAL A 2542 -8.65 74.99 71.37
CA VAL A 2542 -9.08 74.15 70.26
C VAL A 2542 -10.05 73.09 70.73
N TYR A 2543 -9.90 72.61 71.97
CA TYR A 2543 -10.82 71.63 72.51
C TYR A 2543 -12.21 72.23 72.67
N SER A 2544 -12.30 73.45 73.20
CA SER A 2544 -13.60 74.10 73.34
C SER A 2544 -14.25 74.36 71.99
N THR A 2545 -13.45 74.82 71.02
CA THR A 2545 -13.99 75.04 69.68
C THR A 2545 -14.49 73.74 69.07
N LEU A 2546 -13.74 72.65 69.24
CA LEU A 2546 -14.16 71.37 68.71
C LEU A 2546 -15.42 70.86 69.42
N VAL A 2547 -15.53 71.11 70.73
CA VAL A 2547 -16.74 70.72 71.46
C VAL A 2547 -17.95 71.44 70.89
N THR A 2548 -17.82 72.75 70.64
CA THR A 2548 -18.93 73.50 70.06
C THR A 2548 -19.27 72.96 68.67
N TYR A 2549 -18.27 72.72 67.83
CA TYR A 2549 -18.52 72.26 66.47
C TYR A 2549 -19.19 70.90 66.46
N ILE A 2550 -18.71 69.97 67.30
CA ILE A 2550 -19.30 68.64 67.35
C ILE A 2550 -20.71 68.69 67.94
N SER A 2551 -20.94 69.58 68.91
CA SER A 2551 -22.28 69.73 69.44
C SER A 2551 -23.26 70.20 68.37
N ASP A 2552 -22.81 71.11 67.50
CA ASP A 2552 -23.67 71.53 66.39
C ASP A 2552 -23.85 70.40 65.38
N TRP A 2553 -22.76 69.72 65.03
CA TRP A 2553 -22.80 68.73 63.95
C TRP A 2553 -23.60 67.49 64.35
N TRP A 2554 -23.54 67.08 65.61
CA TRP A 2554 -24.34 65.94 66.06
C TRP A 2554 -25.83 66.24 65.93
N THR A 2555 -26.26 67.43 66.33
CA THR A 2555 -27.66 67.81 66.17
C THR A 2555 -28.05 67.86 64.69
N LEU A 2556 -27.19 68.45 63.86
CA LEU A 2556 -27.50 68.55 62.44
C LEU A 2556 -27.62 67.16 61.80
N ALA A 2557 -26.68 66.27 62.12
CA ALA A 2557 -26.70 64.93 61.54
C ALA A 2557 -27.88 64.11 62.05
N ALA A 2558 -28.24 64.30 63.33
CA ALA A 2558 -29.41 63.62 63.86
C ALA A 2558 -30.68 64.08 63.16
N LYS A 2559 -30.81 65.40 62.93
CA LYS A 2559 -31.96 65.91 62.20
C LYS A 2559 -32.00 65.35 60.77
N ASN A 2560 -30.85 65.31 60.10
CA ASN A 2560 -30.80 64.78 58.75
C ASN A 2560 -31.18 63.30 58.72
N LEU A 2561 -30.67 62.53 59.68
CA LEU A 2561 -30.98 61.10 59.73
C LEU A 2561 -32.45 60.87 60.03
N THR A 2562 -33.04 61.65 60.92
CA THR A 2562 -34.47 61.52 61.21
C THR A 2562 -35.30 61.87 59.98
N ASP A 2563 -34.94 62.94 59.27
CA ASP A 2563 -35.67 63.31 58.06
C ASP A 2563 -35.56 62.23 56.99
N PHE A 2564 -34.38 61.64 56.82
CA PHE A 2564 -34.20 60.57 55.84
C PHE A 2564 -34.95 59.31 56.23
N ALA A 2565 -34.99 58.98 57.52
CA ALA A 2565 -35.67 57.76 57.98
C ALA A 2565 -37.17 57.90 57.95
N GLU A 2566 -37.70 59.13 58.08
CA GLU A 2566 -39.14 59.34 58.01
C GLU A 2566 -39.69 59.25 56.59
N GLN A 2567 -38.88 58.83 55.62
CA GLN A 2567 -39.35 58.73 54.24
C GLN A 2567 -39.00 57.37 53.63
N TYR A 2568 -37.95 56.71 54.15
CA TYR A 2568 -37.48 55.45 53.61
C TYR A 2568 -37.73 54.27 54.54
N SER A 2569 -38.42 54.49 55.66
CA SER A 2569 -38.80 53.43 56.60
C SER A 2569 -37.57 52.64 57.08
N ILE A 2570 -36.57 53.39 57.53
CA ILE A 2570 -35.34 52.81 58.05
C ILE A 2570 -35.10 53.33 59.46
N GLN A 2571 -36.17 53.65 60.17
CA GLN A 2571 -36.06 54.23 61.51
C GLN A 2571 -35.38 53.30 62.49
N ASP A 2572 -35.47 51.97 62.27
CA ASP A 2572 -34.85 51.03 63.19
C ASP A 2572 -33.34 51.20 63.24
N TRP A 2573 -32.70 51.35 62.08
CA TRP A 2573 -31.26 51.55 62.06
C TRP A 2573 -30.86 52.87 62.70
N ALA A 2574 -31.65 53.92 62.47
CA ALA A 2574 -31.39 55.21 63.10
C ALA A 2574 -31.48 55.12 64.62
N LYS A 2575 -32.50 54.41 65.12
CA LYS A 2575 -32.63 54.22 66.56
C LYS A 2575 -31.46 53.40 67.11
N ARG A 2576 -31.05 52.37 66.38
CA ARG A 2576 -29.90 51.57 66.82
C ARG A 2576 -28.64 52.43 66.91
N MET A 2577 -28.40 53.27 65.90
CA MET A 2577 -27.22 54.12 65.91
C MET A 2577 -27.28 55.15 67.03
N LYS A 2578 -28.45 55.73 67.26
CA LYS A 2578 -28.60 56.70 68.35
C LYS A 2578 -28.35 56.05 69.70
N ALA A 2579 -28.88 54.83 69.90
CA ALA A 2579 -28.64 54.12 71.14
C ALA A 2579 -27.16 53.76 71.31
N LEU A 2580 -26.50 53.36 70.23
CA LEU A 2580 -25.09 52.98 70.33
C LEU A 2580 -24.17 54.17 70.55
N VAL A 2581 -24.52 55.34 70.03
CA VAL A 2581 -23.64 56.51 70.14
C VAL A 2581 -23.93 57.32 71.39
N GLU A 2582 -25.20 57.68 71.61
CA GLU A 2582 -25.53 58.53 72.76
C GLU A 2582 -25.26 57.83 74.08
N GLN A 2583 -25.55 56.53 74.17
CA GLN A 2583 -25.38 55.81 75.42
C GLN A 2583 -23.92 55.35 75.60
N GLY A 2584 -23.31 54.84 74.54
CA GLY A 2584 -21.96 54.31 74.63
C GLY A 2584 -21.88 53.12 75.56
N PHE A 2585 -20.98 53.15 76.53
CA PHE A 2585 -20.89 52.06 77.49
C PHE A 2585 -20.29 52.58 78.79
N THR A 2586 -20.81 52.09 79.91
CA THR A 2586 -20.37 52.53 81.23
C THR A 2586 -19.57 51.40 81.89
N VAL A 2587 -18.26 51.58 81.96
CA VAL A 2587 -17.40 50.63 82.67
C VAL A 2587 -17.53 50.89 84.16
N PRO A 2588 -17.89 49.89 84.97
CA PRO A 2588 -18.08 50.13 86.41
C PRO A 2588 -16.77 50.28 87.15
N GLU A 2589 -16.84 50.44 88.46
CA GLU A 2589 -15.64 50.53 89.29
C GLU A 2589 -14.84 49.23 89.17
N ILE A 2590 -13.55 49.35 88.91
CA ILE A 2590 -12.70 48.20 88.67
C ILE A 2590 -11.82 47.98 89.90
N LYS A 2591 -11.87 46.77 90.45
CA LYS A 2591 -11.10 46.41 91.65
C LYS A 2591 -9.87 45.63 91.19
N THR A 2592 -8.69 46.25 91.31
CA THR A 2592 -7.45 45.65 90.86
C THR A 2592 -6.34 45.93 91.88
N ILE A 2593 -5.18 45.35 91.62
CA ILE A 2593 -4.02 45.49 92.51
C ILE A 2593 -3.66 46.97 92.66
N LEU A 2594 -3.74 47.74 91.58
CA LEU A 2594 -3.46 49.16 91.66
C LEU A 2594 -4.47 49.88 92.55
N GLY A 2595 -5.72 49.45 92.54
CA GLY A 2595 -6.73 50.05 93.41
C GLY A 2595 -8.15 49.98 92.90
N THR A 2596 -8.92 51.03 93.17
CA THR A 2596 -10.33 51.09 92.80
C THR A 2596 -10.50 52.17 91.73
N MET A 2597 -10.88 51.75 90.54
CA MET A 2597 -11.11 52.67 89.44
C MET A 2597 -12.57 53.09 89.43
N PRO A 2598 -12.87 54.39 89.56
CA PRO A 2598 -14.27 54.83 89.53
C PRO A 2598 -14.91 54.56 88.18
N ALA A 2599 -16.22 54.31 88.22
CA ALA A 2599 -16.97 54.02 87.02
C ALA A 2599 -16.97 55.21 86.07
N PHE A 2600 -16.84 54.92 84.78
CA PHE A 2600 -16.81 55.97 83.77
C PHE A 2600 -17.61 55.53 82.56
N GLU A 2601 -18.33 56.47 81.97
CA GLU A 2601 -19.16 56.22 80.80
C GLU A 2601 -18.48 56.83 79.60
N VAL A 2602 -18.27 56.03 78.55
CA VAL A 2602 -17.71 56.50 77.30
C VAL A 2602 -18.85 56.65 76.33
N SER A 2603 -19.10 57.90 75.93
CA SER A 2603 -20.25 58.30 75.13
C SER A 2603 -19.84 59.56 74.36
N LEU A 2604 -20.80 60.37 73.93
CA LEU A 2604 -20.46 61.55 73.16
C LEU A 2604 -20.60 62.77 74.06
N GLN A 2605 -21.57 62.72 74.97
CA GLN A 2605 -21.80 63.84 75.87
C GLN A 2605 -20.73 63.91 76.95
N ALA A 2606 -20.25 62.77 77.43
CA ALA A 2606 -19.17 62.76 78.40
C ALA A 2606 -17.90 63.38 77.82
N LEU A 2607 -17.65 63.17 76.53
CA LEU A 2607 -16.53 63.82 75.87
C LEU A 2607 -16.83 65.30 75.56
N GLN A 2608 -18.09 65.63 75.29
CA GLN A 2608 -18.45 67.04 75.09
C GLN A 2608 -18.20 67.84 76.35
N LYS A 2609 -18.53 67.28 77.51
CA LYS A 2609 -18.38 68.02 78.76
C LYS A 2609 -16.93 68.08 79.25
N ALA A 2610 -16.05 67.24 78.70
CA ALA A 2610 -14.63 67.24 79.04
C ALA A 2610 -14.41 66.99 80.53
N THR A 2611 -14.85 65.82 80.99
CA THR A 2611 -14.75 65.42 82.40
C THR A 2611 -14.05 64.07 82.45
N PHE A 2612 -12.80 64.05 82.93
CA PHE A 2612 -12.04 62.82 83.03
C PHE A 2612 -11.76 62.48 84.49
N GLN A 2613 -12.02 61.23 84.85
CA GLN A 2613 -11.68 60.67 86.15
C GLN A 2613 -10.31 60.03 86.07
N THR A 2614 -9.32 60.65 86.71
CA THR A 2614 -8.00 60.05 86.73
C THR A 2614 -8.01 58.78 87.59
N PRO A 2615 -7.12 57.83 87.34
CA PRO A 2615 -7.11 56.61 88.15
C PRO A 2615 -6.83 56.91 89.62
N ASP A 2616 -7.52 56.18 90.49
CA ASP A 2616 -7.30 56.27 91.94
C ASP A 2616 -6.52 55.03 92.35
N PHE A 2617 -5.21 55.10 92.23
CA PHE A 2617 -4.32 53.98 92.51
C PHE A 2617 -3.40 54.32 93.67
N ILE A 2618 -3.06 53.30 94.45
CA ILE A 2618 -2.14 53.44 95.58
C ILE A 2618 -0.93 52.56 95.29
N VAL A 2619 0.22 53.19 95.08
CA VAL A 2619 1.45 52.44 94.83
C VAL A 2619 2.02 51.99 96.17
N PRO A 2620 2.27 50.69 96.35
CA PRO A 2620 2.78 50.22 97.64
C PRO A 2620 4.17 50.77 97.96
N LEU A 2621 4.43 50.92 99.26
CA LEU A 2621 5.73 51.38 99.76
C LEU A 2621 6.10 52.74 99.20
N THR A 2622 5.13 53.66 99.17
CA THR A 2622 5.35 55.00 98.65
C THR A 2622 4.84 56.03 99.64
N ASP A 2623 5.48 57.19 99.63
CA ASP A 2623 5.06 58.32 100.45
C ASP A 2623 4.06 59.24 99.77
N LEU A 2624 4.00 59.21 98.44
CA LEU A 2624 3.06 60.04 97.70
C LEU A 2624 1.95 59.19 97.12
N ARG A 2625 0.71 59.64 97.31
CA ARG A 2625 -0.47 58.97 96.77
C ARG A 2625 -1.07 59.82 95.66
N ILE A 2626 -1.61 59.15 94.65
CA ILE A 2626 -2.23 59.84 93.52
C ILE A 2626 -3.72 59.53 93.50
N PRO A 2627 -4.58 60.48 93.87
CA PRO A 2627 -6.03 60.19 93.91
C PRO A 2627 -6.68 60.33 92.55
N SER A 2628 -8.01 60.18 92.51
CA SER A 2628 -8.80 60.34 91.30
C SER A 2628 -9.13 61.82 91.17
N VAL A 2629 -8.34 62.54 90.36
CA VAL A 2629 -8.48 63.98 90.18
C VAL A 2629 -9.31 64.24 88.93
N GLN A 2630 -10.30 65.11 89.05
CA GLN A 2630 -11.11 65.50 87.91
C GLN A 2630 -10.29 66.37 86.96
N ILE A 2631 -10.29 66.01 85.68
CA ILE A 2631 -9.56 66.76 84.65
C ILE A 2631 -10.55 67.33 83.65
N ASN A 2632 -10.44 68.63 83.38
CA ASN A 2632 -11.27 69.31 82.38
C ASN A 2632 -10.37 69.64 81.20
N PHE A 2633 -10.71 69.09 80.03
CA PHE A 2633 -9.88 69.30 78.85
C PHE A 2633 -10.08 70.68 78.23
N LYS A 2634 -11.23 71.32 78.46
CA LYS A 2634 -11.46 72.64 77.92
C LYS A 2634 -10.51 73.66 78.55
N ASP A 2635 -10.20 73.50 79.83
CA ASP A 2635 -9.28 74.38 80.54
C ASP A 2635 -8.10 73.54 81.01
N LEU A 2636 -6.98 73.62 80.28
CA LEU A 2636 -5.78 72.87 80.62
C LEU A 2636 -4.60 73.77 80.98
N LYS A 2637 -4.67 75.06 80.69
CA LYS A 2637 -3.59 75.97 81.09
C LYS A 2637 -3.46 76.08 82.61
N ASN A 2638 -4.48 75.67 83.36
CA ASN A 2638 -4.47 75.76 84.81
C ASN A 2638 -4.56 74.42 85.51
N ILE A 2639 -4.54 73.31 84.76
CA ILE A 2639 -4.71 71.97 85.33
C ILE A 2639 -3.44 71.16 85.09
N LYS A 2640 -2.93 70.54 86.14
CA LYS A 2640 -1.80 69.62 86.07
C LYS A 2640 -0.58 70.30 85.45
N ILE A 2641 -0.06 71.32 86.13
CA ILE A 2641 1.09 72.08 85.65
C ILE A 2641 2.34 71.47 86.27
N PRO A 2642 3.17 70.77 85.51
CA PRO A 2642 4.39 70.22 86.09
C PRO A 2642 5.46 71.29 86.25
N SER A 2643 5.64 71.78 87.46
CA SER A 2643 6.72 72.70 87.79
C SER A 2643 7.54 72.12 88.93
N ARG A 2644 6.85 71.68 89.97
CA ARG A 2644 7.47 71.11 91.16
C ARG A 2644 7.05 69.64 91.25
N PHE A 2645 8.01 68.74 91.08
CA PHE A 2645 7.75 67.32 91.24
C PHE A 2645 8.86 66.69 92.06
N SER A 2646 8.47 65.83 93.00
CA SER A 2646 9.43 65.15 93.86
C SER A 2646 9.06 63.67 93.91
N THR A 2647 10.08 62.83 93.89
CA THR A 2647 9.84 61.40 93.99
C THR A 2647 9.60 61.00 95.44
N PRO A 2648 8.63 60.15 95.72
CA PRO A 2648 8.46 59.61 97.07
C PRO A 2648 9.57 58.63 97.41
N GLU A 2649 9.81 58.48 98.71
CA GLU A 2649 10.81 57.55 99.19
C GLU A 2649 10.25 56.12 99.17
N PHE A 2650 11.02 55.20 98.60
CA PHE A 2650 10.52 53.85 98.40
C PHE A 2650 11.62 52.83 98.67
N THR A 2651 11.22 51.64 99.13
CA THR A 2651 12.14 50.55 99.44
C THR A 2651 11.83 49.36 98.54
N ILE A 2652 12.86 48.86 97.86
CA ILE A 2652 12.74 47.71 96.97
C ILE A 2652 13.67 46.61 97.47
N LEU A 2653 13.15 45.37 97.47
CA LEU A 2653 13.87 44.18 97.94
C LEU A 2653 14.33 44.32 99.38
N ASN A 2654 13.73 45.23 100.14
CA ASN A 2654 14.08 45.51 101.53
C ASN A 2654 15.55 45.89 101.69
N THR A 2655 16.22 46.25 100.59
CA THR A 2655 17.65 46.55 100.64
C THR A 2655 17.96 47.87 99.96
N PHE A 2656 17.15 48.27 98.97
CA PHE A 2656 17.40 49.50 98.23
C PHE A 2656 16.35 50.53 98.60
N HIS A 2657 16.72 51.47 99.47
CA HIS A 2657 15.81 52.53 99.92
C HIS A 2657 16.24 53.84 99.27
N ILE A 2658 15.41 54.33 98.35
CA ILE A 2658 15.65 55.58 97.65
C ILE A 2658 14.87 56.68 98.36
N PRO A 2659 15.53 57.75 98.83
CA PRO A 2659 14.80 58.85 99.47
C PRO A 2659 14.14 59.77 98.46
N SER A 2660 13.56 60.86 98.93
CA SER A 2660 12.85 61.81 98.09
C SER A 2660 13.85 62.66 97.31
N PHE A 2661 13.62 62.79 96.00
CA PHE A 2661 14.43 63.63 95.13
C PHE A 2661 13.50 64.57 94.37
N THR A 2662 13.76 65.87 94.46
CA THR A 2662 12.91 66.88 93.85
C THR A 2662 13.34 67.14 92.40
N ILE A 2663 12.63 66.52 91.45
CA ILE A 2663 12.89 66.76 90.03
C ILE A 2663 12.03 67.94 89.61
N ASP A 2664 12.61 69.12 89.61
CA ASP A 2664 11.87 70.37 89.42
C ASP A 2664 12.32 71.05 88.13
N PHE A 2665 11.33 71.55 87.39
CA PHE A 2665 11.56 72.11 86.07
C PHE A 2665 12.19 73.50 86.10
N VAL A 2666 12.29 74.12 87.27
CA VAL A 2666 12.98 75.40 87.37
C VAL A 2666 14.46 75.23 87.08
N GLU A 2667 15.05 74.11 87.52
CA GLU A 2667 16.46 73.84 87.25
C GLU A 2667 16.71 73.73 85.74
N MET A 2668 15.88 72.95 85.05
CA MET A 2668 16.03 72.81 83.61
C MET A 2668 15.76 74.14 82.90
N LYS A 2669 14.79 74.92 83.39
CA LYS A 2669 14.54 76.22 82.79
C LYS A 2669 15.75 77.14 82.94
N VAL A 2670 16.40 77.12 84.10
CA VAL A 2670 17.60 77.91 84.31
C VAL A 2670 18.71 77.45 83.38
N LYS A 2671 18.87 76.12 83.23
CA LYS A 2671 19.90 75.60 82.33
C LYS A 2671 19.63 76.03 80.89
N ILE A 2672 18.38 75.98 80.46
CA ILE A 2672 18.03 76.41 79.11
C ILE A 2672 18.33 77.89 78.93
N ILE A 2673 17.98 78.72 79.91
CA ILE A 2673 18.25 80.16 79.79
C ILE A 2673 19.76 80.41 79.74
N ARG A 2674 20.55 79.64 80.50
CA ARG A 2674 21.99 79.77 80.44
C ARG A 2674 22.51 79.39 79.05
N THR A 2675 21.98 78.33 78.46
CA THR A 2675 22.38 77.96 77.11
C THR A 2675 22.00 79.04 76.11
N ILE A 2676 20.81 79.64 76.27
CA ILE A 2676 20.41 80.76 75.43
C ILE A 2676 21.41 81.90 75.51
N ASP A 2677 21.78 82.29 76.73
CA ASP A 2677 22.72 83.38 76.90
C ASP A 2677 24.08 83.04 76.30
N GLN A 2678 24.55 81.81 76.50
CA GLN A 2678 25.83 81.40 75.94
C GLN A 2678 25.82 81.41 74.42
N MET A 2679 24.72 80.96 73.80
CA MET A 2679 24.66 80.96 72.34
C MET A 2679 24.57 82.39 71.80
N LEU A 2680 23.77 83.24 72.45
CA LEU A 2680 23.65 84.61 71.99
C LEU A 2680 24.97 85.37 72.12
N ASN A 2681 25.70 85.14 73.20
CA ASN A 2681 27.00 85.79 73.37
C ASN A 2681 28.01 85.35 72.32
N SER A 2682 27.80 84.20 71.68
CA SER A 2682 28.72 83.70 70.67
C SER A 2682 28.27 84.18 69.30
N GLU A 2683 29.10 85.01 68.66
CA GLU A 2683 28.87 85.49 67.31
C GLU A 2683 29.73 84.71 66.33
N LEU A 2684 29.34 84.75 65.06
CA LEU A 2684 30.07 84.08 63.99
C LEU A 2684 30.87 85.12 63.23
N GLN A 2685 32.18 85.06 63.34
CA GLN A 2685 33.07 85.98 62.65
C GLN A 2685 34.10 85.22 61.84
N TRP A 2686 35.05 85.94 61.24
CA TRP A 2686 36.11 85.28 60.49
C TRP A 2686 37.00 84.46 61.44
N PRO A 2687 37.38 83.26 61.04
CA PRO A 2687 38.18 82.41 61.93
C PRO A 2687 39.56 82.98 62.18
N VAL A 2688 40.09 82.68 63.37
CA VAL A 2688 41.44 83.10 63.75
C VAL A 2688 42.45 82.21 63.04
N PRO A 2689 43.68 82.68 62.83
CA PRO A 2689 44.69 81.82 62.19
C PRO A 2689 45.03 80.57 63.00
N ASP A 2690 44.80 80.60 64.33
CA ASP A 2690 45.11 79.43 65.15
C ASP A 2690 44.26 78.24 64.76
N ILE A 2691 42.95 78.44 64.55
CA ILE A 2691 42.08 77.36 64.11
C ILE A 2691 42.44 76.93 62.70
N TYR A 2692 42.79 77.88 61.85
CA TYR A 2692 43.17 77.57 60.47
C TYR A 2692 44.49 76.82 60.44
N LEU A 2693 44.71 76.10 59.35
CA LEU A 2693 45.93 75.33 59.18
C LEU A 2693 47.14 76.25 59.06
N ARG A 2694 48.31 75.69 59.37
CA ARG A 2694 49.54 76.48 59.45
C ARG A 2694 50.61 76.03 58.47
N ASP A 2695 50.39 74.96 57.72
CA ASP A 2695 51.39 74.41 56.81
C ASP A 2695 51.03 74.77 55.37
N LEU A 2696 51.99 75.32 54.64
CA LEU A 2696 51.81 75.70 53.24
C LEU A 2696 52.98 75.16 52.42
N LYS A 2697 52.81 75.21 51.10
CA LYS A 2697 53.87 74.80 50.17
C LYS A 2697 54.34 75.96 49.30
N VAL A 2698 53.65 77.11 49.36
CA VAL A 2698 54.14 78.30 48.68
C VAL A 2698 55.48 78.73 49.27
N GLU A 2699 55.72 78.44 50.55
CA GLU A 2699 56.96 78.82 51.20
C GLU A 2699 58.13 77.96 50.75
N ASP A 2700 57.87 76.80 50.15
CA ASP A 2700 58.93 75.97 49.62
C ASP A 2700 59.39 76.37 48.22
N ILE A 2701 58.59 77.16 47.51
CA ILE A 2701 58.88 77.53 46.13
C ILE A 2701 59.77 78.77 46.10
N PRO A 2702 60.96 78.71 45.50
CA PRO A 2702 61.79 79.92 45.36
C PRO A 2702 61.20 80.97 44.43
N LEU A 2703 60.36 80.56 43.47
CA LEU A 2703 59.77 81.54 42.55
C LEU A 2703 58.85 82.51 43.29
N ALA A 2704 58.06 82.00 44.23
CA ALA A 2704 57.16 82.85 45.01
C ALA A 2704 57.89 83.74 46.00
N ARG A 2705 59.19 83.55 46.18
CA ARG A 2705 60.00 84.33 47.11
C ARG A 2705 60.92 85.32 46.43
N ILE A 2706 61.66 84.88 45.41
CA ILE A 2706 62.62 85.71 44.71
C ILE A 2706 62.34 85.65 43.23
N THR A 2707 62.59 86.76 42.53
CA THR A 2707 62.40 86.78 41.09
C THR A 2707 63.51 85.99 40.39
N LEU A 2708 63.16 85.37 39.28
CA LEU A 2708 64.09 84.56 38.49
C LEU A 2708 63.99 84.96 37.03
N PRO A 2709 64.87 85.85 36.56
CA PRO A 2709 64.84 86.25 35.15
C PRO A 2709 65.39 85.16 34.23
N ASP A 2710 64.59 84.10 34.03
CA ASP A 2710 64.98 82.99 33.19
C ASP A 2710 64.63 83.31 31.73
N PHE A 2711 64.61 82.26 30.89
CA PHE A 2711 64.23 82.38 29.49
C PHE A 2711 65.10 83.38 28.75
N ARG A 2712 66.40 83.09 28.67
CA ARG A 2712 67.36 83.95 27.99
C ARG A 2712 67.54 83.49 26.55
N LEU A 2713 68.00 84.41 25.71
CA LEU A 2713 68.19 84.14 24.28
C LEU A 2713 69.66 84.31 23.91
N PRO A 2714 70.32 83.27 23.41
CA PRO A 2714 71.71 83.43 22.95
C PRO A 2714 71.78 84.32 21.73
N GLU A 2715 72.95 84.94 21.56
CA GLU A 2715 73.16 85.85 20.44
C GLU A 2715 73.06 85.12 19.11
N ILE A 2716 72.58 85.83 18.09
CA ILE A 2716 72.42 85.24 16.76
C ILE A 2716 73.79 85.13 16.13
N ALA A 2717 74.37 83.92 16.17
CA ALA A 2717 75.66 83.68 15.54
C ALA A 2717 75.54 82.54 14.54
N ILE A 2718 76.64 82.15 13.91
CA ILE A 2718 76.62 81.07 12.94
C ILE A 2718 77.84 80.18 13.17
N PRO A 2719 77.67 78.87 13.23
CA PRO A 2719 78.84 77.98 13.34
C PRO A 2719 79.57 77.84 12.01
N GLU A 2720 80.74 78.47 11.90
CA GLU A 2720 81.52 78.42 10.67
C GLU A 2720 82.46 77.23 10.74
N PHE A 2721 82.27 76.27 9.84
CA PHE A 2721 83.10 75.07 9.78
C PHE A 2721 83.36 74.75 8.31
N ILE A 2722 84.61 74.89 7.90
CA ILE A 2722 84.99 74.73 6.51
C ILE A 2722 85.58 73.33 6.32
N ILE A 2723 85.24 72.70 5.20
CA ILE A 2723 85.80 71.39 4.86
C ILE A 2723 87.29 71.56 4.57
N PRO A 2724 88.12 70.62 4.99
CA PRO A 2724 89.57 70.75 4.72
C PRO A 2724 89.89 70.53 3.25
N THR A 2725 91.02 71.11 2.84
CA THR A 2725 91.54 70.92 1.48
C THR A 2725 92.33 69.63 1.43
N LEU A 2726 91.76 68.62 0.78
CA LEU A 2726 92.39 67.30 0.70
C LEU A 2726 93.16 67.21 -0.61
N ASN A 2727 94.46 66.96 -0.52
CA ASN A 2727 95.34 66.86 -1.67
C ASN A 2727 95.84 65.44 -1.82
N LEU A 2728 95.85 64.94 -3.06
CA LEU A 2728 96.22 63.55 -3.32
C LEU A 2728 97.21 63.42 -4.48
N ASN A 2729 97.45 64.49 -5.24
CA ASN A 2729 98.39 64.44 -6.35
C ASN A 2729 99.82 64.23 -5.89
N ASP A 2730 100.13 64.54 -4.63
CA ASP A 2730 101.46 64.32 -4.08
C ASP A 2730 101.75 62.86 -3.77
N PHE A 2731 100.72 62.02 -3.72
CA PHE A 2731 100.89 60.60 -3.38
C PHE A 2731 101.17 59.80 -4.65
N GLN A 2732 100.31 59.95 -5.65
CA GLN A 2732 100.42 59.25 -6.92
C GLN A 2732 100.58 60.24 -8.05
N VAL A 2733 101.36 59.86 -9.06
CA VAL A 2733 101.61 60.68 -10.23
C VAL A 2733 101.26 59.87 -11.47
N PRO A 2734 100.26 60.29 -12.26
CA PRO A 2734 99.93 59.53 -13.48
C PRO A 2734 101.02 59.67 -14.52
N ASP A 2735 101.76 58.58 -14.75
CA ASP A 2735 102.84 58.55 -15.72
C ASP A 2735 102.39 58.04 -17.08
N LEU A 2736 101.10 57.80 -17.26
CA LEU A 2736 100.58 57.23 -18.50
C LEU A 2736 99.99 58.32 -19.37
N HIS A 2737 100.43 58.38 -20.63
CA HIS A 2737 99.87 59.32 -21.58
C HIS A 2737 98.48 58.87 -22.01
N ILE A 2738 97.56 59.82 -22.14
CA ILE A 2738 96.19 59.56 -22.54
C ILE A 2738 95.88 60.39 -23.78
N PRO A 2739 95.35 59.79 -24.85
CA PRO A 2739 95.02 60.57 -26.04
C PRO A 2739 93.89 61.55 -25.80
N GLU A 2740 93.92 62.65 -26.54
CA GLU A 2740 92.86 63.64 -26.48
C GLU A 2740 91.63 63.17 -27.24
N PHE A 2741 90.50 63.81 -26.96
CA PHE A 2741 89.24 63.42 -27.57
C PHE A 2741 89.04 64.11 -28.91
N GLN A 2742 88.54 63.35 -29.88
CA GLN A 2742 88.23 63.87 -31.21
C GLN A 2742 86.80 63.54 -31.58
N LEU A 2743 86.07 64.55 -32.05
CA LEU A 2743 84.71 64.34 -32.53
C LEU A 2743 84.48 65.14 -33.81
N PRO A 2744 84.18 64.48 -34.92
CA PRO A 2744 83.79 65.21 -36.12
C PRO A 2744 82.51 66.02 -35.90
N HIS A 2745 82.45 67.16 -36.57
CA HIS A 2745 81.31 68.06 -36.42
C HIS A 2745 80.05 67.44 -36.99
N ILE A 2746 78.91 67.87 -36.47
CA ILE A 2746 77.61 67.35 -36.86
C ILE A 2746 76.91 68.40 -37.72
N SER A 2747 76.53 68.02 -38.94
CA SER A 2747 75.84 68.87 -39.88
C SER A 2747 74.42 68.36 -40.07
N HIS A 2748 73.59 69.13 -40.77
CA HIS A 2748 72.26 68.66 -41.14
C HIS A 2748 72.29 67.53 -42.16
N THR A 2749 73.43 67.31 -42.80
CA THR A 2749 73.59 66.24 -43.77
C THR A 2749 73.95 64.94 -43.04
N ILE A 2750 74.25 63.89 -43.79
CA ILE A 2750 74.58 62.58 -43.25
C ILE A 2750 76.03 62.27 -43.56
N GLU A 2751 76.79 61.88 -42.54
CA GLU A 2751 78.21 61.58 -42.70
C GLU A 2751 78.38 60.06 -42.77
N VAL A 2752 78.53 59.54 -43.97
CA VAL A 2752 78.76 58.11 -44.20
C VAL A 2752 80.07 57.93 -44.95
N PRO A 2753 81.13 57.47 -44.31
CA PRO A 2753 82.39 57.26 -45.02
C PRO A 2753 82.28 56.08 -45.98
N THR A 2754 82.79 56.29 -47.21
CA THR A 2754 82.77 55.24 -48.21
C THR A 2754 83.79 54.16 -47.86
N PHE A 2755 83.47 52.92 -48.24
CA PHE A 2755 84.35 51.79 -47.99
C PHE A 2755 85.59 51.86 -48.86
N GLY A 2756 86.71 51.36 -48.33
CA GLY A 2756 87.95 51.31 -49.07
C GLY A 2756 88.11 49.97 -49.77
N LYS A 2757 89.04 49.15 -49.29
CA LYS A 2757 89.25 47.83 -49.85
C LYS A 2757 89.62 46.86 -48.72
N LEU A 2758 89.32 45.59 -48.94
CA LEU A 2758 89.46 44.57 -47.90
C LEU A 2758 90.39 43.48 -48.42
N TYR A 2759 91.38 43.12 -47.61
CA TYR A 2759 92.32 42.07 -47.94
C TYR A 2759 92.50 41.12 -46.76
N SER A 2760 92.83 39.88 -47.07
CA SER A 2760 93.10 38.86 -46.06
C SER A 2760 94.49 38.29 -46.33
N ILE A 2761 95.51 38.94 -45.78
CA ILE A 2761 96.89 38.49 -45.96
C ILE A 2761 97.17 37.39 -44.95
N LEU A 2762 97.42 36.19 -45.45
CA LEU A 2762 97.77 35.04 -44.61
C LEU A 2762 99.02 34.40 -45.19
N LYS A 2763 99.95 34.02 -44.33
CA LYS A 2763 101.20 33.41 -44.75
C LYS A 2763 101.68 32.45 -43.67
N ILE A 2764 102.13 31.28 -44.09
CA ILE A 2764 102.54 30.22 -43.17
C ILE A 2764 103.97 29.84 -43.50
N GLN A 2765 104.83 29.85 -42.48
CA GLN A 2765 106.26 29.59 -42.62
C GLN A 2765 106.61 28.32 -41.86
N SER A 2766 106.80 27.23 -42.59
CA SER A 2766 107.25 25.98 -42.02
C SER A 2766 107.90 25.18 -43.13
N PRO A 2767 109.08 24.59 -42.92
CA PRO A 2767 109.70 23.78 -43.98
C PRO A 2767 108.88 22.56 -44.35
N LEU A 2768 107.97 22.12 -43.48
CA LEU A 2768 107.09 21.02 -43.83
C LEU A 2768 106.11 21.43 -44.91
N PHE A 2769 105.50 22.61 -44.77
CA PHE A 2769 104.62 23.15 -45.81
C PHE A 2769 104.60 24.66 -45.67
N THR A 2770 104.56 25.35 -46.81
CA THR A 2770 104.47 26.80 -46.85
C THR A 2770 103.17 27.19 -47.54
N LEU A 2771 102.38 28.04 -46.89
CA LEU A 2771 101.11 28.51 -47.43
C LEU A 2771 101.10 30.03 -47.37
N ASP A 2772 100.77 30.66 -48.49
CA ASP A 2772 100.80 32.12 -48.60
C ASP A 2772 99.59 32.60 -49.40
N ALA A 2773 98.44 31.98 -49.18
CA ALA A 2773 97.24 32.36 -49.89
C ALA A 2773 96.81 33.78 -49.50
N ASN A 2774 95.92 34.36 -50.29
CA ASN A 2774 95.48 35.72 -50.04
C ASN A 2774 94.06 35.90 -50.55
N ALA A 2775 93.27 36.65 -49.80
CA ALA A 2775 91.89 36.98 -50.17
C ALA A 2775 91.74 38.48 -50.17
N ASP A 2776 91.32 39.04 -51.30
CA ASP A 2776 91.23 40.47 -51.49
C ASP A 2776 89.88 40.83 -52.11
N ILE A 2777 89.32 41.95 -51.67
CA ILE A 2777 88.02 42.41 -52.17
C ILE A 2777 87.84 43.89 -51.89
N GLY A 2778 87.14 44.60 -52.79
CA GLY A 2778 86.87 46.00 -52.61
C GLY A 2778 85.58 46.39 -53.31
N ASN A 2779 85.16 47.63 -53.05
CA ASN A 2779 83.96 48.20 -53.65
C ASN A 2779 84.35 49.16 -54.76
N GLY A 2780 83.57 49.16 -55.83
CA GLY A 2780 83.80 50.08 -56.93
C GLY A 2780 83.55 51.52 -56.53
N THR A 2781 84.63 52.30 -56.40
CA THR A 2781 84.55 53.70 -56.05
C THR A 2781 84.84 54.62 -57.23
N THR A 2782 84.74 54.10 -58.46
CA THR A 2782 84.97 54.93 -59.64
C THR A 2782 83.94 56.04 -59.73
N SER A 2783 82.67 55.71 -59.45
CA SER A 2783 81.60 56.70 -59.45
C SER A 2783 80.59 56.33 -58.38
N ALA A 2784 79.88 57.35 -57.88
CA ALA A 2784 78.85 57.11 -56.87
C ALA A 2784 77.68 56.32 -57.43
N ASN A 2785 77.26 56.63 -58.66
CA ASN A 2785 76.12 55.94 -59.26
C ASN A 2785 76.42 54.48 -59.55
N GLU A 2786 77.61 54.16 -60.02
CA GLU A 2786 77.99 52.79 -60.28
C GLU A 2786 78.34 52.08 -58.98
N ALA A 2787 77.91 50.82 -58.89
CA ALA A 2787 78.22 49.97 -57.73
C ALA A 2787 78.82 48.67 -58.24
N GLY A 2788 80.08 48.44 -57.93
CA GLY A 2788 80.76 47.23 -58.36
C GLY A 2788 81.65 46.70 -57.26
N ILE A 2789 81.88 45.40 -57.30
CA ILE A 2789 82.70 44.71 -56.30
C ILE A 2789 83.79 43.95 -57.04
N ALA A 2790 85.04 44.22 -56.70
CA ALA A 2790 86.19 43.52 -57.25
C ALA A 2790 86.66 42.50 -56.21
N ALA A 2791 86.26 41.25 -56.38
CA ALA A 2791 86.66 40.18 -55.49
C ALA A 2791 87.71 39.31 -56.17
N SER A 2792 88.81 39.09 -55.46
CA SER A 2792 89.95 38.38 -56.02
C SER A 2792 90.51 37.44 -54.96
N ILE A 2793 90.71 36.18 -55.35
CA ILE A 2793 91.24 35.16 -54.46
C ILE A 2793 92.41 34.50 -55.16
N THR A 2794 93.49 34.25 -54.42
CA THR A 2794 94.69 33.65 -54.96
C THR A 2794 95.29 32.74 -53.90
N ALA A 2795 95.23 31.44 -54.13
CA ALA A 2795 95.67 30.43 -53.16
C ALA A 2795 96.91 29.72 -53.72
N LYS A 2796 97.97 29.66 -52.91
CA LYS A 2796 99.23 29.07 -53.31
C LYS A 2796 99.62 27.99 -52.32
N GLY A 2797 99.73 26.76 -52.80
CA GLY A 2797 100.07 25.64 -51.95
C GLY A 2797 101.45 25.08 -52.23
N GLU A 2798 102.42 25.98 -52.36
CA GLU A 2798 103.79 25.59 -52.68
C GLU A 2798 104.32 24.61 -51.63
N SER A 2799 104.90 23.50 -52.10
CA SER A 2799 105.38 22.45 -51.22
C SER A 2799 106.21 21.43 -51.99
N LYS A 2800 106.51 20.31 -51.35
CA LYS A 2800 107.12 19.16 -52.00
C LYS A 2800 106.09 18.45 -52.87
N LEU A 2801 106.60 17.70 -53.86
CA LEU A 2801 105.80 16.87 -54.75
C LEU A 2801 104.98 17.70 -55.72
N GLU A 2802 105.15 17.45 -57.02
CA GLU A 2802 104.44 18.20 -58.05
C GLU A 2802 102.95 17.91 -58.06
N VAL A 2803 102.54 16.66 -57.81
CA VAL A 2803 101.12 16.31 -57.78
C VAL A 2803 100.40 16.97 -56.62
N LEU A 2804 101.12 17.45 -55.61
CA LEU A 2804 100.53 18.02 -54.41
C LEU A 2804 100.48 19.54 -54.43
N ASN A 2805 101.50 20.18 -54.99
CA ASN A 2805 101.53 21.63 -55.04
C ASN A 2805 100.44 22.16 -55.96
N PHE A 2806 99.92 23.33 -55.61
CA PHE A 2806 98.83 23.93 -56.36
C PHE A 2806 98.92 25.44 -56.29
N ASP A 2807 98.40 26.10 -57.32
CA ASP A 2807 98.36 27.56 -57.42
C ASP A 2807 96.96 27.95 -57.86
N PHE A 2808 96.08 28.16 -56.89
CA PHE A 2808 94.70 28.53 -57.20
C PHE A 2808 94.54 30.05 -57.23
N GLN A 2809 93.70 30.52 -58.13
CA GLN A 2809 93.34 31.93 -58.22
C GLN A 2809 91.85 32.05 -58.53
N ALA A 2810 91.24 33.12 -58.07
CA ALA A 2810 89.84 33.38 -58.33
C ALA A 2810 89.62 34.87 -58.51
N ASN A 2811 88.52 35.21 -59.17
CA ASN A 2811 88.21 36.61 -59.47
C ASN A 2811 86.69 36.77 -59.51
N ALA A 2812 86.25 38.01 -59.33
CA ALA A 2812 84.83 38.32 -59.41
C ALA A 2812 84.67 39.81 -59.67
N GLN A 2813 83.82 40.15 -60.63
CA GLN A 2813 83.59 41.53 -61.02
C GLN A 2813 82.11 41.80 -61.14
N LEU A 2814 81.73 43.06 -60.94
CA LEU A 2814 80.32 43.44 -60.92
C LEU A 2814 80.18 44.86 -61.47
N SER A 2815 78.98 45.15 -61.99
CA SER A 2815 78.68 46.48 -62.51
C SER A 2815 77.17 46.64 -62.60
N ASN A 2816 76.66 47.74 -62.06
CA ASN A 2816 75.22 48.01 -62.05
C ASN A 2816 74.99 49.50 -61.78
N PRO A 2817 75.32 50.37 -62.74
CA PRO A 2817 75.16 51.80 -62.49
C PRO A 2817 73.73 52.24 -62.22
N LYS A 2818 72.86 52.17 -63.22
CA LYS A 2818 71.44 52.47 -63.00
C LYS A 2818 70.49 51.51 -63.70
N ILE A 2819 70.85 51.11 -64.93
CA ILE A 2819 69.88 50.51 -65.85
C ILE A 2819 69.98 48.99 -65.82
N ASN A 2820 70.65 48.46 -64.80
CA ASN A 2820 70.88 47.03 -64.65
C ASN A 2820 71.55 46.40 -65.88
N PRO A 2821 72.70 46.94 -66.33
CA PRO A 2821 73.42 46.28 -67.44
C PRO A 2821 74.43 45.27 -66.90
N LEU A 2822 73.92 44.23 -66.24
CA LEU A 2822 74.79 43.31 -65.51
C LEU A 2822 75.66 42.52 -66.46
N ALA A 2823 76.97 42.50 -66.18
CA ALA A 2823 77.95 41.77 -66.97
C ALA A 2823 78.76 40.89 -66.02
N LEU A 2824 78.04 40.17 -65.15
CA LEU A 2824 78.67 39.35 -64.14
C LEU A 2824 79.55 38.29 -64.79
N LYS A 2825 80.73 38.07 -64.22
CA LYS A 2825 81.75 37.23 -64.82
C LYS A 2825 82.48 36.45 -63.74
N GLU A 2826 83.07 35.32 -64.15
CA GLU A 2826 83.81 34.48 -63.22
C GLU A 2826 84.86 33.70 -64.00
N SER A 2827 86.02 33.51 -63.39
CA SER A 2827 87.06 32.66 -63.95
C SER A 2827 87.65 31.81 -62.83
N VAL A 2828 87.50 30.50 -62.94
CA VAL A 2828 88.01 29.55 -61.96
C VAL A 2828 89.27 28.93 -62.54
N LYS A 2829 90.39 29.08 -61.83
CA LYS A 2829 91.70 28.73 -62.36
C LYS A 2829 92.58 28.20 -61.24
N PHE A 2830 93.34 27.15 -61.54
CA PHE A 2830 94.28 26.58 -60.58
C PHE A 2830 95.26 25.69 -61.33
N SER A 2831 96.44 25.53 -60.75
CA SER A 2831 97.45 24.64 -61.29
C SER A 2831 97.63 23.46 -60.33
N SER A 2832 97.66 22.25 -60.89
CA SER A 2832 97.96 21.06 -60.10
C SER A 2832 98.36 19.95 -61.06
N LYS A 2833 99.60 19.48 -60.95
CA LYS A 2833 100.09 18.46 -61.89
C LYS A 2833 99.17 17.26 -61.94
N TYR A 2834 98.55 16.91 -60.81
CA TYR A 2834 97.65 15.77 -60.80
C TYR A 2834 96.45 16.00 -61.71
N LEU A 2835 95.89 17.20 -61.72
CA LEU A 2835 94.76 17.50 -62.59
C LEU A 2835 94.72 19.00 -62.87
N ARG A 2836 94.51 19.34 -64.14
CA ARG A 2836 94.36 20.73 -64.56
C ARG A 2836 92.94 20.92 -65.08
N THR A 2837 92.17 21.77 -64.41
CA THR A 2837 90.81 22.07 -64.83
C THR A 2837 90.62 23.58 -64.80
N GLU A 2838 89.89 24.10 -65.78
CA GLU A 2838 89.67 25.52 -65.91
C GLU A 2838 88.19 25.79 -66.19
N HIS A 2839 87.73 26.97 -65.78
CA HIS A 2839 86.36 27.37 -66.01
C HIS A 2839 86.26 28.89 -66.13
N GLY A 2840 85.38 29.35 -67.00
CA GLY A 2840 85.03 30.74 -67.07
C GLY A 2840 83.57 30.92 -67.42
N SER A 2841 82.84 31.63 -66.56
CA SER A 2841 81.42 31.90 -66.77
C SER A 2841 81.20 33.40 -66.72
N GLU A 2842 80.60 33.93 -67.78
CA GLU A 2842 80.37 35.37 -67.92
C GLU A 2842 78.91 35.56 -68.32
N MET A 2843 78.11 36.05 -67.38
CA MET A 2843 76.68 36.20 -67.57
C MET A 2843 76.36 37.64 -67.94
N LEU A 2844 75.49 37.81 -68.94
CA LEU A 2844 75.15 39.13 -69.45
C LEU A 2844 73.65 39.34 -69.35
N PHE A 2845 73.26 40.56 -68.94
CA PHE A 2845 71.86 40.89 -68.70
C PHE A 2845 71.62 42.32 -69.12
N PHE A 2846 70.59 42.55 -69.94
CA PHE A 2846 70.20 43.89 -70.36
C PHE A 2846 68.68 44.03 -70.36
N GLY A 2847 68.05 43.54 -69.30
CA GLY A 2847 66.61 43.61 -69.15
C GLY A 2847 65.90 42.49 -69.90
N ASN A 2848 65.81 42.63 -71.23
CA ASN A 2848 65.35 41.54 -72.08
C ASN A 2848 66.48 40.83 -72.79
N ALA A 2849 67.64 41.47 -72.92
CA ALA A 2849 68.82 40.86 -73.52
C ALA A 2849 69.59 40.16 -72.42
N ILE A 2850 69.36 38.86 -72.28
CA ILE A 2850 69.99 38.04 -71.25
C ILE A 2850 70.85 37.01 -71.95
N GLU A 2851 72.13 36.96 -71.58
CA GLU A 2851 73.10 36.12 -72.26
C GLU A 2851 73.92 35.35 -71.24
N GLY A 2852 74.28 34.12 -71.59
CA GLY A 2852 75.08 33.29 -70.72
C GLY A 2852 76.09 32.44 -71.45
N LYS A 2853 77.36 32.56 -71.09
CA LYS A 2853 78.44 31.77 -71.68
C LYS A 2853 79.27 31.19 -70.54
N SER A 2854 79.24 29.87 -70.39
CA SER A 2854 80.04 29.16 -69.41
C SER A 2854 80.81 28.04 -70.08
N ASN A 2855 82.05 27.84 -69.64
CA ASN A 2855 82.87 26.77 -70.17
C ASN A 2855 83.60 26.08 -69.02
N THR A 2856 83.67 24.76 -69.10
CA THR A 2856 84.43 23.98 -68.12
C THR A 2856 85.17 22.89 -68.89
N VAL A 2857 86.49 22.96 -68.88
CA VAL A 2857 87.35 22.01 -69.58
C VAL A 2857 88.31 21.41 -68.57
N ALA A 2858 88.42 20.08 -68.56
CA ALA A 2858 89.33 19.37 -67.68
C ALA A 2858 90.12 18.35 -68.48
N SER A 2859 91.33 18.07 -68.03
CA SER A 2859 92.21 17.15 -68.72
C SER A 2859 93.01 16.36 -67.71
N LEU A 2860 92.75 15.06 -67.64
CA LEU A 2860 93.46 14.16 -66.72
C LEU A 2860 94.65 13.58 -67.45
N HIS A 2861 95.82 13.65 -66.80
CA HIS A 2861 97.06 13.12 -67.36
C HIS A 2861 97.86 12.45 -66.27
N THR A 2862 98.31 11.23 -66.57
CA THR A 2862 99.18 10.50 -65.66
C THR A 2862 100.13 9.60 -66.44
N GLU A 2863 100.79 8.67 -65.74
CA GLU A 2863 101.81 7.83 -66.33
C GLU A 2863 101.22 6.65 -67.11
N LYS A 2864 99.90 6.46 -67.06
CA LYS A 2864 99.27 5.35 -67.74
C LYS A 2864 98.04 5.80 -68.52
N ASN A 2865 97.46 6.92 -68.14
CA ASN A 2865 96.18 7.37 -68.67
C ASN A 2865 96.27 8.83 -69.09
N THR A 2866 95.43 9.19 -70.06
CA THR A 2866 95.37 10.54 -70.60
C THR A 2866 93.93 10.82 -71.00
N LEU A 2867 93.22 11.56 -70.14
CA LEU A 2867 91.80 11.83 -70.31
C LEU A 2867 91.55 13.32 -70.39
N GLU A 2868 90.62 13.73 -71.26
CA GLU A 2868 90.27 15.13 -71.43
C GLU A 2868 88.77 15.27 -71.58
N LEU A 2869 88.28 16.47 -71.28
CA LEU A 2869 86.87 16.78 -71.41
C LEU A 2869 86.71 18.28 -71.61
N SER A 2870 85.77 18.66 -72.46
CA SER A 2870 85.48 20.07 -72.73
C SER A 2870 83.98 20.28 -72.80
N ASN A 2871 83.56 21.46 -72.37
CA ASN A 2871 82.13 21.79 -72.32
C ASN A 2871 81.95 23.27 -72.60
N GLY A 2872 81.02 23.60 -73.48
CA GLY A 2872 80.70 24.97 -73.78
C GLY A 2872 79.23 25.29 -73.62
N VAL A 2873 78.89 26.17 -72.68
CA VAL A 2873 77.51 26.56 -72.44
C VAL A 2873 77.24 27.84 -73.23
N ILE A 2874 76.36 27.75 -74.22
CA ILE A 2874 75.98 28.89 -75.06
C ILE A 2874 74.49 29.08 -74.90
N VAL A 2875 74.08 29.91 -73.95
CA VAL A 2875 72.68 30.18 -73.69
C VAL A 2875 72.44 31.68 -73.79
N LYS A 2876 71.41 32.07 -74.54
CA LYS A 2876 71.07 33.46 -74.75
C LYS A 2876 69.56 33.62 -74.66
N ILE A 2877 69.11 34.63 -73.93
CA ILE A 2877 67.69 34.84 -73.71
C ILE A 2877 67.33 36.26 -74.14
N ASN A 2878 66.76 36.40 -75.33
CA ASN A 2878 66.35 37.72 -75.79
C ASN A 2878 64.84 37.78 -75.96
N ASN A 2879 64.29 36.91 -76.81
CA ASN A 2879 62.85 36.76 -76.97
C ASN A 2879 62.37 35.34 -76.74
N GLN A 2880 63.09 34.34 -77.26
CA GLN A 2880 62.75 32.95 -77.04
C GLN A 2880 63.88 32.26 -76.30
N LEU A 2881 63.77 30.96 -76.10
CA LEU A 2881 64.76 30.19 -75.34
C LEU A 2881 65.47 29.23 -76.28
N THR A 2882 66.80 29.19 -76.18
CA THR A 2882 67.59 28.29 -77.00
C THR A 2882 68.93 28.03 -76.30
N LEU A 2883 69.47 26.83 -76.52
CA LEU A 2883 70.72 26.43 -75.91
C LEU A 2883 71.46 25.50 -76.85
N ASP A 2884 72.78 25.67 -76.93
CA ASP A 2884 73.67 24.73 -77.60
C ASP A 2884 74.82 24.43 -76.65
N SER A 2885 74.87 23.21 -76.16
CA SER A 2885 75.96 22.76 -75.29
C SER A 2885 76.65 21.56 -75.91
N ASN A 2886 77.97 21.54 -75.82
CA ASN A 2886 78.79 20.49 -76.39
C ASN A 2886 79.51 19.73 -75.28
N THR A 2887 79.67 18.43 -75.51
CA THR A 2887 80.47 17.59 -74.63
C THR A 2887 81.55 16.92 -75.47
N LYS A 2888 82.79 17.33 -75.24
CA LYS A 2888 83.96 16.77 -75.89
C LYS A 2888 84.58 15.79 -74.90
N TYR A 2889 84.44 14.49 -75.15
CA TYR A 2889 85.02 13.49 -74.27
C TYR A 2889 86.17 12.77 -74.96
N PHE A 2890 87.31 12.71 -74.29
CA PHE A 2890 88.45 11.93 -74.74
C PHE A 2890 88.92 11.02 -73.63
N HIS A 2891 89.46 9.87 -74.02
CA HIS A 2891 90.06 8.90 -73.11
C HIS A 2891 91.10 8.08 -73.84
N LYS A 2892 92.31 8.05 -73.31
CA LYS A 2892 93.38 7.19 -73.83
C LYS A 2892 94.02 6.49 -72.64
N LEU A 2893 93.80 5.19 -72.52
CA LEU A 2893 94.41 4.38 -71.49
C LEU A 2893 95.47 3.48 -72.11
N ASN A 2894 96.65 3.45 -71.51
CA ASN A 2894 97.74 2.60 -71.98
C ASN A 2894 98.34 1.90 -70.76
N ILE A 2895 98.05 0.61 -70.63
CA ILE A 2895 98.57 -0.21 -69.54
C ILE A 2895 99.52 -1.24 -70.12
N PRO A 2896 100.83 -1.07 -69.97
CA PRO A 2896 101.78 -2.04 -70.52
C PRO A 2896 101.90 -3.33 -69.71
N LYS A 2897 101.21 -3.43 -68.57
CA LYS A 2897 101.29 -4.64 -67.77
C LYS A 2897 100.75 -5.85 -68.52
N LEU A 2898 99.64 -5.68 -69.24
CA LEU A 2898 99.04 -6.77 -70.02
C LEU A 2898 98.85 -6.38 -71.47
N ASP A 2899 99.58 -5.37 -71.95
CA ASP A 2899 99.49 -4.89 -73.33
C ASP A 2899 98.07 -4.44 -73.66
N PHE A 2900 97.64 -3.41 -72.96
CA PHE A 2900 96.30 -2.85 -73.10
C PHE A 2900 96.39 -1.42 -73.58
N SER A 2901 95.54 -1.05 -74.54
CA SER A 2901 95.47 0.31 -75.07
C SER A 2901 94.04 0.55 -75.51
N SER A 2902 93.32 1.42 -74.79
CA SER A 2902 91.93 1.72 -75.08
C SER A 2902 91.79 3.19 -75.44
N GLN A 2903 90.96 3.45 -76.46
CA GLN A 2903 90.66 4.80 -76.89
C GLN A 2903 89.15 4.98 -76.94
N ALA A 2904 88.67 6.01 -76.26
CA ALA A 2904 87.26 6.38 -76.29
C ALA A 2904 87.17 7.86 -76.60
N ASP A 2905 86.19 8.25 -77.42
CA ASP A 2905 86.16 9.62 -77.89
C ASP A 2905 84.74 9.95 -78.34
N LEU A 2906 84.04 10.76 -77.54
CA LEU A 2906 82.59 10.91 -77.68
C LEU A 2906 82.18 12.37 -77.88
N ARG A 2907 81.27 12.58 -78.82
CA ARG A 2907 80.66 13.88 -79.09
C ARG A 2907 79.23 13.84 -78.59
N ASN A 2908 78.92 14.69 -77.62
CA ASN A 2908 77.59 14.80 -77.05
C ASN A 2908 77.17 16.27 -77.12
N GLU A 2909 76.35 16.61 -78.10
CA GLU A 2909 75.96 17.98 -78.35
C GLU A 2909 74.44 18.10 -78.33
N ILE A 2910 73.95 19.14 -77.66
CA ILE A 2910 72.52 19.41 -77.57
C ILE A 2910 72.26 20.77 -78.20
N LYS A 2911 71.21 20.86 -79.00
CA LYS A 2911 70.74 22.13 -79.56
C LYS A 2911 69.22 22.15 -79.42
N THR A 2912 68.73 23.08 -78.63
CA THR A 2912 67.31 23.20 -78.36
C THR A 2912 66.80 24.57 -78.78
N LEU A 2913 65.48 24.65 -79.01
CA LEU A 2913 64.85 25.90 -79.37
C LEU A 2913 63.43 25.89 -78.81
N LEU A 2914 63.19 26.71 -77.79
CA LEU A 2914 61.87 26.89 -77.21
C LEU A 2914 61.31 28.22 -77.71
N LYS A 2915 60.12 28.18 -78.31
CA LYS A 2915 59.45 29.36 -78.79
C LYS A 2915 57.96 29.29 -78.40
N ALA A 2916 57.25 30.37 -78.72
CA ALA A 2916 55.81 30.46 -78.40
C ALA A 2916 55.05 29.55 -79.37
N GLY A 2917 54.92 28.29 -78.99
CA GLY A 2917 54.24 27.30 -79.80
C GLY A 2917 55.14 26.49 -80.71
N HIS A 2918 56.46 26.61 -80.59
CA HIS A 2918 57.40 25.92 -81.45
C HIS A 2918 58.41 25.14 -80.62
N ILE A 2919 58.69 23.91 -81.04
CA ILE A 2919 59.74 23.08 -80.45
C ILE A 2919 60.67 22.65 -81.56
N ALA A 2920 61.97 22.83 -81.34
CA ALA A 2920 63.00 22.40 -82.30
C ALA A 2920 64.11 21.71 -81.50
N TRP A 2921 64.02 20.38 -81.42
CA TRP A 2921 64.93 19.60 -80.59
C TRP A 2921 65.65 18.57 -81.44
N THR A 2922 66.97 18.53 -81.33
CA THR A 2922 67.77 17.56 -82.06
C THR A 2922 69.07 17.31 -81.31
N SER A 2923 69.64 16.14 -81.55
CA SER A 2923 70.90 15.76 -80.93
C SER A 2923 71.55 14.67 -81.78
N SER A 2924 72.86 14.51 -81.59
CA SER A 2924 73.61 13.51 -82.33
C SER A 2924 74.61 12.85 -81.38
N GLY A 2925 74.36 11.60 -81.04
CA GLY A 2925 75.26 10.86 -80.18
C GLY A 2925 76.38 10.20 -80.96
N LYS A 2926 77.22 11.01 -81.60
CA LYS A 2926 78.30 10.48 -82.43
C LYS A 2926 79.46 10.05 -81.55
N GLY A 2927 80.07 8.92 -81.90
CA GLY A 2927 81.23 8.42 -81.18
C GLY A 2927 81.76 7.17 -81.83
N SER A 2928 82.88 6.69 -81.28
CA SER A 2928 83.50 5.47 -81.79
C SER A 2928 84.32 4.85 -80.67
N TRP A 2929 84.67 3.58 -80.87
CA TRP A 2929 85.40 2.81 -79.86
C TRP A 2929 86.45 1.95 -80.53
N LYS A 2930 87.52 1.65 -79.78
CA LYS A 2930 88.63 0.86 -80.30
C LYS A 2930 89.54 0.48 -79.15
N TRP A 2931 90.06 -0.74 -79.20
CA TRP A 2931 91.01 -1.23 -78.20
C TRP A 2931 91.58 -2.56 -78.68
N ALA A 2932 92.75 -2.90 -78.16
CA ALA A 2932 93.41 -4.17 -78.45
C ALA A 2932 93.72 -4.87 -77.12
N CYS A 2933 93.10 -6.04 -76.92
CA CYS A 2933 93.34 -6.83 -75.72
C CYS A 2933 93.00 -8.27 -76.04
N PRO A 2934 93.81 -9.23 -75.62
CA PRO A 2934 93.52 -10.64 -75.96
C PRO A 2934 92.17 -11.12 -75.46
N ARG A 2935 91.76 -10.70 -74.26
CA ARG A 2935 90.47 -11.14 -73.74
C ARG A 2935 89.31 -10.31 -74.25
N PHE A 2936 89.57 -9.14 -74.82
CA PHE A 2936 88.50 -8.27 -75.29
C PHE A 2936 89.07 -7.32 -76.34
N SER A 2937 88.76 -7.59 -77.61
CA SER A 2937 89.24 -6.76 -78.72
C SER A 2937 88.06 -6.40 -79.60
N ASP A 2938 87.71 -5.11 -79.63
CA ASP A 2938 86.58 -4.65 -80.41
C ASP A 2938 86.86 -3.24 -80.90
N GLU A 2939 86.24 -2.87 -82.01
CA GLU A 2939 86.39 -1.55 -82.58
C GLU A 2939 85.20 -1.26 -83.48
N GLY A 2940 84.69 -0.04 -83.40
CA GLY A 2940 83.56 0.35 -84.22
C GLY A 2940 83.19 1.80 -83.97
N THR A 2941 82.12 2.23 -84.63
CA THR A 2941 81.67 3.61 -84.57
C THR A 2941 80.21 3.67 -84.20
N HIS A 2942 79.87 4.53 -83.25
CA HIS A 2942 78.48 4.73 -82.83
C HIS A 2942 77.96 6.01 -83.47
N GLU A 2943 76.82 5.91 -84.13
CA GLU A 2943 76.22 7.05 -84.82
C GLU A 2943 74.76 7.16 -84.40
N SER A 2944 74.42 8.23 -83.71
CA SER A 2944 73.06 8.48 -83.26
C SER A 2944 72.61 9.86 -83.72
N GLN A 2945 71.31 9.98 -83.94
CA GLN A 2945 70.70 11.26 -84.29
C GLN A 2945 69.28 11.27 -83.79
N ILE A 2946 68.90 12.36 -83.12
CA ILE A 2946 67.56 12.51 -82.55
C ILE A 2946 66.88 13.67 -83.25
N SER A 2947 65.66 13.44 -83.74
CA SER A 2947 64.85 14.47 -84.38
C SER A 2947 63.55 14.61 -83.63
N PHE A 2948 63.21 15.85 -83.27
CA PHE A 2948 61.94 16.14 -82.58
C PHE A 2948 61.58 17.59 -82.85
N THR A 2949 60.32 17.82 -83.20
CA THR A 2949 59.83 19.15 -83.54
C THR A 2949 58.33 19.20 -83.32
N ILE A 2950 57.85 20.26 -82.67
CA ILE A 2950 56.43 20.48 -82.42
C ILE A 2950 56.04 21.82 -83.01
N GLU A 2951 54.98 21.83 -83.81
CA GLU A 2951 54.42 23.03 -84.41
C GLU A 2951 52.91 22.84 -84.51
N GLY A 2952 52.16 23.47 -83.63
CA GLY A 2952 50.73 23.34 -83.60
C GLY A 2952 50.28 21.97 -83.18
N PRO A 2953 49.09 21.55 -83.62
CA PRO A 2953 48.57 20.23 -83.23
C PRO A 2953 49.39 19.07 -83.79
N LEU A 2954 50.21 19.29 -84.80
CA LEU A 2954 50.99 18.22 -85.42
C LEU A 2954 52.28 17.98 -84.66
N THR A 2955 52.70 16.72 -84.60
CA THR A 2955 53.94 16.32 -83.94
C THR A 2955 54.85 15.59 -84.92
N SER A 2956 56.16 15.74 -84.69
CA SER A 2956 57.17 15.08 -85.52
C SER A 2956 58.24 14.50 -84.62
N PHE A 2957 58.70 13.28 -84.96
CA PHE A 2957 59.65 12.58 -84.12
C PHE A 2957 60.31 11.46 -84.92
N GLY A 2958 61.60 11.57 -85.14
CA GLY A 2958 62.33 10.57 -85.92
C GLY A 2958 63.71 10.26 -85.39
N LEU A 2959 64.10 8.99 -85.44
CA LEU A 2959 65.40 8.55 -84.95
C LEU A 2959 66.13 7.81 -86.06
N SER A 2960 67.44 8.05 -86.17
CA SER A 2960 68.31 7.37 -87.12
C SER A 2960 69.49 6.82 -86.34
N ASN A 2961 69.38 5.55 -85.93
CA ASN A 2961 70.44 4.90 -85.15
C ASN A 2961 71.28 4.03 -86.06
N LYS A 2962 72.56 4.35 -86.15
CA LYS A 2962 73.52 3.55 -86.93
C LYS A 2962 74.64 3.12 -85.99
N ILE A 2963 74.73 1.81 -85.76
CA ILE A 2963 75.75 1.24 -84.89
C ILE A 2963 76.49 0.18 -85.68
N ASN A 2964 77.82 0.25 -85.65
CA ASN A 2964 78.67 -0.64 -86.43
C ASN A 2964 79.86 -1.07 -85.60
N SER A 2965 80.16 -2.37 -85.65
CA SER A 2965 81.30 -2.92 -84.94
C SER A 2965 81.93 -3.99 -85.82
N LYS A 2966 82.97 -4.66 -85.31
CA LYS A 2966 83.62 -5.74 -86.02
C LYS A 2966 82.89 -7.07 -85.88
N HIS A 2967 81.94 -7.17 -84.97
CA HIS A 2967 81.22 -8.42 -84.78
C HIS A 2967 79.71 -8.24 -84.85
N LEU A 2968 79.20 -7.06 -84.51
CA LEU A 2968 77.78 -6.77 -84.55
C LEU A 2968 77.55 -5.53 -85.39
N ARG A 2969 76.55 -5.57 -86.27
CA ARG A 2969 76.20 -4.46 -87.16
C ARG A 2969 74.69 -4.34 -87.13
N VAL A 2970 74.18 -3.28 -86.51
CA VAL A 2970 72.75 -3.05 -86.41
C VAL A 2970 72.41 -1.68 -86.97
N ASN A 2971 71.39 -1.62 -87.81
CA ASN A 2971 70.84 -0.37 -88.32
C ASN A 2971 69.44 -0.21 -87.74
N GLN A 2972 69.16 0.96 -87.17
CA GLN A 2972 67.87 1.24 -86.57
C GLN A 2972 67.36 2.59 -87.04
N ASN A 2973 66.07 2.63 -87.37
CA ASN A 2973 65.41 3.87 -87.77
C ASN A 2973 64.05 3.91 -87.11
N LEU A 2974 63.66 5.10 -86.65
CA LEU A 2974 62.34 5.33 -86.10
C LEU A 2974 61.65 6.39 -86.95
N VAL A 2975 60.42 6.12 -87.36
CA VAL A 2975 59.59 7.07 -88.07
C VAL A 2975 58.26 7.17 -87.35
N TYR A 2976 57.96 8.34 -86.80
CA TYR A 2976 56.71 8.59 -86.11
C TYR A 2976 56.08 9.85 -86.66
N GLU A 2977 54.76 9.84 -86.80
CA GLU A 2977 54.03 11.01 -87.29
C GLU A 2977 52.56 10.85 -86.96
N SER A 2978 51.94 11.93 -86.47
CA SER A 2978 50.52 11.92 -86.14
C SER A 2978 50.02 13.36 -86.11
N GLY A 2979 49.06 13.66 -86.96
CA GLY A 2979 48.49 14.99 -87.04
C GLY A 2979 47.30 15.20 -86.14
N SER A 2980 47.53 15.24 -84.83
CA SER A 2980 46.47 15.40 -83.82
C SER A 2980 45.54 14.20 -83.97
N LEU A 2981 44.22 14.38 -83.88
CA LEU A 2981 43.27 13.27 -84.00
C LEU A 2981 42.84 13.07 -85.45
N ASN A 2982 43.81 12.96 -86.35
CA ASN A 2982 43.55 12.74 -87.77
C ASN A 2982 44.21 11.48 -88.29
N PHE A 2983 45.51 11.29 -88.04
CA PHE A 2983 46.23 10.13 -88.50
C PHE A 2983 47.34 9.80 -87.51
N SER A 2984 47.98 8.66 -87.73
CA SER A 2984 49.13 8.26 -86.92
C SER A 2984 49.99 7.33 -87.75
N LYS A 2985 51.22 7.74 -88.02
CA LYS A 2985 52.15 6.99 -88.86
C LYS A 2985 53.11 6.21 -87.98
N LEU A 2986 53.17 4.90 -88.20
CA LEU A 2986 53.94 3.98 -87.36
C LEU A 2986 54.87 3.19 -88.28
N GLU A 2987 56.15 3.55 -88.28
CA GLU A 2987 57.14 2.90 -89.14
C GLU A 2987 58.38 2.56 -88.32
N ILE A 2988 58.75 1.29 -88.34
CA ILE A 2988 59.90 0.79 -87.60
C ILE A 2988 60.87 0.18 -88.59
N GLN A 2989 62.16 0.35 -88.33
CA GLN A 2989 63.21 -0.17 -89.20
C GLN A 2989 64.33 -0.75 -88.35
N SER A 2990 64.43 -2.08 -88.34
CA SER A 2990 65.43 -2.77 -87.52
C SER A 2990 66.19 -3.76 -88.42
N GLN A 2991 67.49 -3.55 -88.54
CA GLN A 2991 68.33 -4.36 -89.42
C GLN A 2991 69.54 -4.82 -88.63
N VAL A 2992 69.53 -6.09 -88.21
CA VAL A 2992 70.59 -6.65 -87.39
C VAL A 2992 71.46 -7.54 -88.27
N ASP A 2993 72.76 -7.26 -88.28
CA ASP A 2993 73.73 -8.01 -89.07
C ASP A 2993 74.81 -8.55 -88.15
N SER A 2994 74.96 -9.87 -88.14
CA SER A 2994 76.01 -10.51 -87.35
C SER A 2994 76.43 -11.78 -88.06
N GLN A 2995 77.74 -12.06 -88.04
CA GLN A 2995 78.30 -13.18 -88.77
C GLN A 2995 78.04 -14.53 -88.11
N HIS A 2996 78.05 -14.60 -86.78
CA HIS A 2996 77.94 -15.88 -86.09
C HIS A 2996 76.51 -16.44 -86.13
N VAL A 2997 75.50 -15.57 -86.06
CA VAL A 2997 74.12 -16.02 -85.97
C VAL A 2997 73.43 -15.89 -87.32
N GLY A 2998 73.84 -14.90 -88.11
CA GLY A 2998 73.21 -14.66 -89.39
C GLY A 2998 72.54 -13.30 -89.39
N HIS A 2999 71.51 -13.20 -90.23
CA HIS A 2999 70.83 -11.93 -90.49
C HIS A 2999 69.41 -12.01 -89.95
N SER A 3000 68.96 -10.90 -89.36
CA SER A 3000 67.58 -10.75 -88.93
C SER A 3000 66.99 -9.51 -89.59
N VAL A 3001 65.80 -9.67 -90.16
CA VAL A 3001 65.14 -8.61 -90.90
C VAL A 3001 63.81 -8.31 -90.24
N LEU A 3002 63.71 -7.17 -89.55
CA LEU A 3002 62.49 -6.76 -88.86
C LEU A 3002 62.17 -5.33 -89.26
N THR A 3003 61.05 -5.15 -89.96
CA THR A 3003 60.61 -3.83 -90.40
C THR A 3003 59.11 -3.92 -90.70
N ALA A 3004 58.34 -2.98 -90.16
CA ALA A 3004 56.90 -3.07 -90.22
C ALA A 3004 56.29 -1.67 -90.24
N LYS A 3005 55.08 -1.56 -90.77
CA LYS A 3005 54.40 -0.29 -90.93
C LYS A 3005 53.01 -0.33 -90.32
N GLY A 3006 52.51 0.84 -89.95
CA GLY A 3006 51.17 0.96 -89.41
C GLY A 3006 50.53 2.26 -89.83
N MET A 3007 49.34 2.15 -90.42
CA MET A 3007 48.61 3.32 -90.89
C MET A 3007 47.33 3.42 -90.06
N ALA A 3008 47.26 4.45 -89.22
CA ALA A 3008 46.12 4.64 -88.32
C ALA A 3008 45.45 5.97 -88.60
N LEU A 3009 44.11 5.94 -88.66
CA LEU A 3009 43.30 7.11 -88.95
C LEU A 3009 42.25 7.27 -87.87
N PHE A 3010 41.93 8.51 -87.52
CA PHE A 3010 40.99 8.79 -86.45
C PHE A 3010 39.68 9.35 -87.00
N GLY A 3011 38.65 9.23 -86.18
CA GLY A 3011 37.32 9.75 -86.51
C GLY A 3011 36.36 8.74 -87.10
N GLU A 3012 36.89 7.73 -87.79
CA GLU A 3012 36.06 6.73 -88.45
C GLU A 3012 36.26 5.33 -87.90
N GLY A 3013 37.47 4.99 -87.45
CA GLY A 3013 37.75 3.66 -86.95
C GLY A 3013 38.56 2.83 -87.91
N LYS A 3014 39.56 3.44 -88.54
CA LYS A 3014 40.44 2.74 -89.47
C LYS A 3014 41.81 2.57 -88.83
N ALA A 3015 42.34 1.35 -88.90
CA ALA A 3015 43.67 1.06 -88.36
C ALA A 3015 44.19 -0.20 -89.05
N GLU A 3016 45.27 -0.05 -89.82
CA GLU A 3016 45.87 -1.17 -90.53
C GLU A 3016 47.37 -1.12 -90.33
N PHE A 3017 47.92 -2.19 -89.76
CA PHE A 3017 49.35 -2.30 -89.51
C PHE A 3017 49.90 -3.42 -90.39
N THR A 3018 51.00 -3.15 -91.07
CA THR A 3018 51.69 -4.16 -91.85
C THR A 3018 52.75 -4.82 -90.97
N GLY A 3019 52.45 -5.99 -90.43
CA GLY A 3019 53.37 -6.64 -89.53
C GLY A 3019 53.99 -7.90 -90.11
N ARG A 3020 55.33 -7.97 -90.07
CA ARG A 3020 56.04 -9.10 -90.63
C ARG A 3020 57.40 -9.22 -89.98
N HIS A 3021 58.05 -10.37 -90.18
CA HIS A 3021 59.45 -10.52 -89.79
C HIS A 3021 60.06 -11.71 -90.52
N ASP A 3022 61.33 -11.57 -90.89
CA ASP A 3022 62.11 -12.65 -91.48
C ASP A 3022 63.44 -12.73 -90.74
N ALA A 3023 63.79 -13.91 -90.25
CA ALA A 3023 65.01 -14.11 -89.49
C ALA A 3023 65.79 -15.31 -90.00
N HIS A 3024 67.11 -15.24 -89.85
CA HIS A 3024 68.01 -16.35 -90.15
C HIS A 3024 68.84 -16.66 -88.92
N LEU A 3025 69.06 -17.96 -88.67
CA LEU A 3025 69.86 -18.41 -87.55
C LEU A 3025 70.99 -19.30 -88.05
N ASN A 3026 72.18 -19.05 -87.54
CA ASN A 3026 73.37 -19.79 -87.94
C ASN A 3026 74.18 -20.14 -86.70
N GLY A 3027 74.90 -21.25 -86.78
CA GLY A 3027 75.72 -21.71 -85.68
C GLY A 3027 75.14 -22.91 -84.96
N LYS A 3028 74.96 -22.79 -83.64
CA LYS A 3028 74.37 -23.87 -82.87
C LYS A 3028 72.91 -24.13 -83.24
N VAL A 3029 72.27 -23.18 -83.92
CA VAL A 3029 70.87 -23.31 -84.33
C VAL A 3029 70.74 -22.79 -85.75
N ILE A 3030 69.84 -23.41 -86.52
CA ILE A 3030 69.61 -23.02 -87.91
C ILE A 3030 68.12 -23.20 -88.21
N GLY A 3031 67.58 -22.31 -89.04
CA GLY A 3031 66.17 -22.37 -89.37
C GLY A 3031 65.68 -21.04 -89.91
N THR A 3032 64.38 -20.82 -89.77
CA THR A 3032 63.76 -19.58 -90.24
C THR A 3032 62.65 -19.17 -89.30
N LEU A 3033 62.39 -17.86 -89.25
CA LEU A 3033 61.31 -17.28 -88.46
C LEU A 3033 60.49 -16.40 -89.40
N LYS A 3034 59.36 -16.92 -89.86
CA LYS A 3034 58.41 -16.14 -90.65
C LYS A 3034 57.24 -15.76 -89.76
N ASN A 3035 56.88 -14.48 -89.77
CA ASN A 3035 55.80 -13.96 -88.95
C ASN A 3035 54.91 -13.09 -89.82
N SER A 3036 53.63 -13.42 -89.88
CA SER A 3036 52.64 -12.65 -90.64
C SER A 3036 51.68 -12.00 -89.66
N LEU A 3037 51.63 -10.68 -89.69
CA LEU A 3037 50.75 -9.91 -88.82
C LEU A 3037 50.00 -8.89 -89.66
N PHE A 3038 48.94 -9.34 -90.32
CA PHE A 3038 48.20 -8.51 -91.28
C PHE A 3038 46.74 -8.48 -90.86
N PHE A 3039 46.13 -7.30 -90.93
CA PHE A 3039 44.79 -7.09 -90.44
C PHE A 3039 44.33 -5.70 -90.82
N SER A 3040 43.01 -5.51 -90.83
CA SER A 3040 42.41 -4.20 -91.08
C SER A 3040 41.30 -3.96 -90.08
N ALA A 3041 41.37 -2.83 -89.39
CA ALA A 3041 40.33 -2.42 -88.45
C ALA A 3041 39.38 -1.47 -89.19
N GLN A 3042 38.16 -1.92 -89.41
CA GLN A 3042 37.20 -1.14 -90.16
C GLN A 3042 35.86 -1.10 -89.44
N PRO A 3043 35.05 -0.07 -89.68
CA PRO A 3043 33.70 -0.04 -89.10
C PRO A 3043 32.87 -1.19 -89.63
N PHE A 3044 32.27 -1.94 -88.70
CA PHE A 3044 31.41 -3.08 -89.02
C PHE A 3044 32.14 -4.16 -89.80
N GLU A 3045 33.48 -4.17 -89.73
CA GLU A 3045 34.27 -5.18 -90.44
C GLU A 3045 35.62 -5.28 -89.72
N ILE A 3046 35.87 -6.42 -89.09
CA ILE A 3046 37.11 -6.68 -88.39
C ILE A 3046 37.68 -7.98 -88.95
N THR A 3047 38.93 -7.93 -89.41
CA THR A 3047 39.61 -9.08 -90.00
C THR A 3047 41.06 -9.07 -89.55
N ALA A 3048 41.53 -10.21 -89.05
CA ALA A 3048 42.90 -10.35 -88.60
C ALA A 3048 43.51 -11.63 -89.16
N SER A 3049 44.76 -11.55 -89.59
CA SER A 3049 45.49 -12.68 -90.14
C SER A 3049 46.83 -12.78 -89.44
N THR A 3050 47.02 -13.87 -88.68
CA THR A 3050 48.26 -14.11 -87.96
C THR A 3050 48.82 -15.45 -88.38
N ASN A 3051 50.08 -15.46 -88.82
CA ASN A 3051 50.75 -16.68 -89.25
C ASN A 3051 52.18 -16.68 -88.73
N ASN A 3052 52.59 -17.80 -88.16
CA ASN A 3052 53.88 -17.92 -87.49
C ASN A 3052 54.52 -19.22 -87.92
N GLU A 3053 55.71 -19.14 -88.51
CA GLU A 3053 56.37 -20.28 -89.11
C GLU A 3053 57.80 -20.41 -88.61
N GLY A 3054 58.20 -21.63 -88.29
CA GLY A 3054 59.55 -21.90 -87.84
C GLY A 3054 59.94 -23.35 -88.04
N ASN A 3055 61.15 -23.58 -88.57
CA ASN A 3055 61.64 -24.92 -88.89
C ASN A 3055 63.04 -25.07 -88.31
N LEU A 3056 63.19 -24.68 -87.05
CA LEU A 3056 64.50 -24.61 -86.42
C LEU A 3056 65.03 -26.00 -86.14
N LYS A 3057 66.36 -26.14 -86.20
CA LYS A 3057 67.06 -27.39 -85.95
C LYS A 3057 68.16 -27.12 -84.93
N VAL A 3058 67.88 -27.45 -83.67
CA VAL A 3058 68.81 -27.18 -82.58
C VAL A 3058 69.91 -28.23 -82.57
N ARG A 3059 71.16 -27.78 -82.49
CA ARG A 3059 72.31 -28.67 -82.43
C ARG A 3059 72.69 -28.84 -80.97
N PHE A 3060 72.01 -29.78 -80.29
CA PHE A 3060 72.30 -30.03 -78.89
C PHE A 3060 73.69 -30.63 -78.73
N PRO A 3061 74.33 -30.43 -77.57
CA PRO A 3061 75.63 -31.08 -77.32
C PRO A 3061 75.50 -32.58 -77.25
N LEU A 3062 76.64 -33.27 -77.13
CA LEU A 3062 76.70 -34.73 -77.14
C LEU A 3062 76.10 -35.32 -78.40
N ARG A 3063 76.18 -34.57 -79.51
CA ARG A 3063 75.71 -34.99 -80.82
C ARG A 3063 74.23 -35.39 -80.78
N LEU A 3064 73.40 -34.42 -80.42
CA LEU A 3064 71.95 -34.58 -80.45
C LEU A 3064 71.36 -33.43 -81.25
N THR A 3065 70.38 -33.74 -82.09
CA THR A 3065 69.73 -32.75 -82.95
C THR A 3065 68.24 -32.73 -82.64
N GLY A 3066 67.72 -31.55 -82.35
CA GLY A 3066 66.29 -31.38 -82.15
C GLY A 3066 65.64 -30.80 -83.39
N LYS A 3067 64.69 -31.54 -83.96
CA LYS A 3067 63.99 -31.11 -85.17
C LYS A 3067 62.65 -30.53 -84.77
N ILE A 3068 62.51 -29.21 -84.93
CA ILE A 3068 61.33 -28.48 -84.49
C ILE A 3068 60.67 -27.86 -85.71
N ASP A 3069 59.44 -28.28 -86.00
CA ASP A 3069 58.62 -27.66 -87.03
C ASP A 3069 57.24 -27.41 -86.45
N PHE A 3070 56.86 -26.14 -86.35
CA PHE A 3070 55.57 -25.74 -85.82
C PHE A 3070 54.86 -24.86 -86.83
N LEU A 3071 53.55 -25.08 -86.99
CA LEU A 3071 52.73 -24.31 -87.93
C LEU A 3071 51.62 -23.64 -87.13
N ASN A 3072 51.80 -22.36 -86.84
CA ASN A 3072 50.82 -21.59 -86.10
C ASN A 3072 50.21 -20.54 -87.03
N ASN A 3073 48.90 -20.59 -87.20
CA ASN A 3073 48.19 -19.73 -88.12
C ASN A 3073 46.98 -19.13 -87.43
N TYR A 3074 46.39 -18.12 -88.06
CA TYR A 3074 45.17 -17.53 -87.56
C TYR A 3074 44.48 -16.71 -88.64
N ALA A 3075 43.15 -16.76 -88.62
CA ALA A 3075 42.33 -15.95 -89.52
C ALA A 3075 41.09 -15.50 -88.76
N LEU A 3076 40.83 -14.20 -88.78
CA LEU A 3076 39.69 -13.61 -88.08
C LEU A 3076 38.76 -12.95 -89.08
N PHE A 3077 37.46 -12.97 -88.79
CA PHE A 3077 36.50 -12.12 -89.49
C PHE A 3077 35.35 -11.83 -88.53
N LEU A 3078 35.23 -10.57 -88.12
CA LEU A 3078 34.12 -10.11 -87.29
C LEU A 3078 33.25 -9.17 -88.10
N SER A 3079 31.94 -9.39 -88.05
CA SER A 3079 30.98 -8.55 -88.75
C SER A 3079 29.65 -8.64 -88.03
N PRO A 3080 28.80 -7.62 -88.13
CA PRO A 3080 27.49 -7.70 -87.45
C PRO A 3080 26.63 -8.86 -87.91
N SER A 3081 26.78 -9.30 -89.16
CA SER A 3081 25.96 -10.40 -89.67
C SER A 3081 26.50 -11.75 -89.22
N ALA A 3082 27.74 -12.07 -89.61
CA ALA A 3082 28.33 -13.36 -89.29
C ALA A 3082 29.78 -13.16 -88.87
N GLN A 3083 30.29 -14.10 -88.08
CA GLN A 3083 31.64 -14.04 -87.54
C GLN A 3083 32.30 -15.40 -87.67
N GLN A 3084 33.63 -15.40 -87.68
CA GLN A 3084 34.38 -16.65 -87.81
C GLN A 3084 35.76 -16.50 -87.20
N ALA A 3085 36.40 -17.64 -86.97
CA ALA A 3085 37.77 -17.69 -86.48
C ALA A 3085 38.37 -19.03 -86.89
N SER A 3086 39.70 -19.12 -86.81
CA SER A 3086 40.38 -20.35 -87.19
C SER A 3086 41.65 -20.51 -86.38
N TRP A 3087 41.87 -21.73 -85.89
CA TRP A 3087 43.10 -22.05 -85.17
C TRP A 3087 43.57 -23.44 -85.62
N GLN A 3088 44.76 -23.50 -86.21
CA GLN A 3088 45.37 -24.74 -86.63
C GLN A 3088 46.81 -24.78 -86.17
N VAL A 3089 47.19 -25.84 -85.47
CA VAL A 3089 48.54 -26.02 -84.96
C VAL A 3089 49.08 -27.33 -85.49
N SER A 3090 50.29 -27.29 -86.05
CA SER A 3090 50.99 -28.47 -86.53
C SER A 3090 52.37 -28.56 -85.87
N ALA A 3091 52.41 -28.31 -84.57
CA ALA A 3091 53.64 -28.39 -83.82
C ALA A 3091 54.19 -29.81 -83.86
N ARG A 3092 55.46 -29.95 -84.21
CA ARG A 3092 56.09 -31.26 -84.32
C ARG A 3092 57.49 -31.16 -83.73
N PHE A 3093 57.85 -32.11 -82.87
CA PHE A 3093 59.17 -32.18 -82.27
C PHE A 3093 59.82 -33.50 -82.66
N ASN A 3094 60.88 -33.41 -83.47
CA ASN A 3094 61.68 -34.57 -83.85
C ASN A 3094 60.81 -35.68 -84.42
N GLN A 3095 60.43 -36.65 -83.58
CA GLN A 3095 59.59 -37.76 -83.99
C GLN A 3095 58.18 -37.67 -83.43
N TYR A 3096 57.82 -36.55 -82.81
CA TYR A 3096 56.52 -36.39 -82.15
C TYR A 3096 55.74 -35.31 -82.89
N LYS A 3097 54.72 -35.73 -83.63
CA LYS A 3097 53.90 -34.84 -84.44
C LYS A 3097 52.53 -34.64 -83.80
N TYR A 3098 52.03 -33.42 -83.89
CA TYR A 3098 50.73 -33.08 -83.35
C TYR A 3098 50.06 -32.04 -84.23
N ASN A 3099 48.86 -32.37 -84.70
CA ASN A 3099 48.04 -31.46 -85.50
C ASN A 3099 46.75 -31.21 -84.74
N GLN A 3100 46.48 -29.94 -84.44
CA GLN A 3100 45.29 -29.56 -83.68
C GLN A 3100 44.39 -28.73 -84.56
N ASN A 3101 43.13 -29.15 -84.68
CA ASN A 3101 42.17 -28.54 -85.60
C ASN A 3101 41.09 -27.84 -84.81
N PHE A 3102 40.89 -26.55 -85.09
CA PHE A 3102 39.89 -25.74 -84.40
C PHE A 3102 39.34 -24.71 -85.38
N SER A 3103 38.06 -24.86 -85.74
CA SER A 3103 37.38 -23.93 -86.62
C SER A 3103 36.20 -23.33 -85.87
N ALA A 3104 36.13 -22.00 -85.84
CA ALA A 3104 35.05 -21.30 -85.14
C ALA A 3104 34.37 -20.35 -86.10
N GLY A 3105 33.04 -20.43 -86.17
CA GLY A 3105 32.29 -19.58 -87.05
C GLY A 3105 30.80 -19.58 -86.76
N ASN A 3106 30.21 -18.39 -86.69
CA ASN A 3106 28.78 -18.25 -86.44
C ASN A 3106 28.11 -17.69 -87.68
N ASN A 3107 27.12 -18.42 -88.19
CA ASN A 3107 26.32 -17.96 -89.31
C ASN A 3107 24.86 -18.26 -89.02
N GLU A 3108 23.97 -17.39 -89.51
CA GLU A 3108 22.55 -17.53 -89.24
C GLU A 3108 21.96 -18.78 -89.90
N ASN A 3109 22.38 -19.10 -91.13
CA ASN A 3109 21.91 -20.31 -91.79
C ASN A 3109 22.35 -21.57 -91.05
N ILE A 3110 23.58 -21.59 -90.56
CA ILE A 3110 24.14 -22.76 -89.90
C ILE A 3110 25.30 -22.32 -89.01
N MET A 3111 25.45 -22.99 -87.88
CA MET A 3111 26.64 -22.85 -87.04
C MET A 3111 27.40 -24.17 -87.06
N GLU A 3112 28.70 -24.11 -87.30
CA GLU A 3112 29.56 -25.28 -87.25
C GLU A 3112 30.23 -25.36 -85.89
N ALA A 3113 30.45 -26.57 -85.41
CA ALA A 3113 31.14 -26.78 -84.14
C ALA A 3113 31.89 -28.10 -84.22
N HIS A 3114 33.17 -28.03 -84.55
CA HIS A 3114 34.02 -29.20 -84.66
C HIS A 3114 35.28 -28.99 -83.83
N VAL A 3115 35.73 -30.06 -83.17
CA VAL A 3115 36.95 -30.04 -82.38
C VAL A 3115 37.86 -31.13 -82.91
N GLY A 3116 39.01 -30.74 -83.45
CA GLY A 3116 39.96 -31.70 -83.95
C GLY A 3116 41.11 -31.93 -82.98
N ILE A 3117 41.06 -33.05 -82.28
CA ILE A 3117 42.07 -33.41 -81.28
C ILE A 3117 42.81 -34.63 -81.83
N ASN A 3118 43.95 -34.40 -82.44
CA ASN A 3118 44.74 -35.47 -83.04
C ASN A 3118 46.20 -35.30 -82.66
N GLY A 3119 46.86 -36.43 -82.41
CA GLY A 3119 48.27 -36.40 -82.06
C GLY A 3119 48.80 -37.81 -81.96
N GLU A 3120 50.13 -37.90 -82.06
CA GLU A 3120 50.81 -39.20 -81.99
C GLU A 3120 52.11 -39.02 -81.24
N ALA A 3121 52.36 -39.90 -80.27
CA ALA A 3121 53.59 -39.90 -79.49
C ALA A 3121 54.24 -41.27 -79.63
N ASN A 3122 55.36 -41.33 -80.35
CA ASN A 3122 56.07 -42.58 -80.53
C ASN A 3122 56.70 -43.01 -79.21
N LEU A 3123 56.64 -44.32 -78.93
CA LEU A 3123 57.13 -44.88 -77.67
C LEU A 3123 58.04 -46.06 -77.96
N ASP A 3124 58.88 -45.90 -78.98
CA ASP A 3124 59.85 -46.94 -79.34
C ASP A 3124 61.03 -47.01 -78.37
N PHE A 3125 61.37 -45.91 -77.71
CA PHE A 3125 62.43 -45.93 -76.71
C PHE A 3125 62.09 -46.83 -75.54
N LEU A 3126 60.80 -46.94 -75.20
CA LEU A 3126 60.37 -47.81 -74.12
C LEU A 3126 60.51 -49.28 -74.47
N ASN A 3127 60.28 -49.66 -75.72
CA ASN A 3127 60.48 -51.02 -76.18
C ASN A 3127 61.93 -51.45 -76.17
N ILE A 3128 62.87 -50.52 -76.03
CA ILE A 3128 64.30 -50.83 -76.07
C ILE A 3128 64.68 -51.57 -74.80
N PRO A 3129 65.21 -52.79 -74.92
CA PRO A 3129 65.60 -53.55 -73.72
C PRO A 3129 66.89 -53.04 -73.11
N LEU A 3130 66.80 -51.99 -72.30
CA LEU A 3130 67.99 -51.41 -71.68
C LEU A 3130 68.63 -52.40 -70.73
N THR A 3131 69.94 -52.62 -70.88
CA THR A 3131 70.68 -53.53 -70.03
C THR A 3131 71.25 -52.74 -68.86
N ILE A 3132 70.66 -52.92 -67.68
CA ILE A 3132 71.10 -52.21 -66.48
C ILE A 3132 72.16 -53.05 -65.77
N PRO A 3133 73.36 -52.50 -65.54
CA PRO A 3133 74.41 -53.28 -64.89
C PRO A 3133 74.20 -53.43 -63.39
N GLU A 3134 75.14 -54.07 -62.71
CA GLU A 3134 75.08 -54.29 -61.27
C GLU A 3134 75.97 -53.25 -60.60
N MET A 3135 75.38 -52.13 -60.20
CA MET A 3135 76.09 -51.07 -59.51
C MET A 3135 76.01 -51.33 -58.00
N ARG A 3136 76.55 -50.40 -57.20
CA ARG A 3136 76.49 -50.51 -55.75
C ARG A 3136 76.05 -49.17 -55.19
N LEU A 3137 75.01 -49.19 -54.36
CA LEU A 3137 74.50 -47.96 -53.77
C LEU A 3137 75.50 -47.41 -52.76
N PRO A 3138 75.79 -46.11 -52.80
CA PRO A 3138 76.72 -45.54 -51.84
C PRO A 3138 76.14 -45.54 -50.42
N TYR A 3139 77.06 -45.42 -49.45
CA TYR A 3139 76.73 -45.34 -48.03
C TYR A 3139 76.05 -46.61 -47.52
N THR A 3140 76.22 -47.74 -48.21
CA THR A 3140 75.64 -49.00 -47.77
C THR A 3140 76.38 -50.14 -48.47
N ILE A 3141 76.00 -51.37 -48.12
CA ILE A 3141 76.55 -52.57 -48.73
C ILE A 3141 75.52 -53.31 -49.59
N ILE A 3142 74.34 -52.72 -49.78
CA ILE A 3142 73.28 -53.35 -50.56
C ILE A 3142 73.65 -53.21 -52.04
N THR A 3143 73.82 -54.34 -52.71
CA THR A 3143 74.20 -54.36 -54.12
C THR A 3143 72.97 -54.64 -54.97
N THR A 3144 72.57 -53.67 -55.79
CA THR A 3144 71.38 -53.80 -56.61
C THR A 3144 71.60 -54.84 -57.71
N PRO A 3145 70.65 -55.76 -57.89
CA PRO A 3145 70.80 -56.75 -58.95
C PRO A 3145 70.77 -56.09 -60.32
N PRO A 3146 71.58 -56.58 -61.27
CA PRO A 3146 71.52 -56.03 -62.63
C PRO A 3146 70.23 -56.41 -63.32
N LEU A 3147 69.84 -55.57 -64.28
CA LEU A 3147 68.63 -55.79 -65.07
C LEU A 3147 69.05 -55.97 -66.52
N LYS A 3148 68.91 -57.20 -67.03
CA LYS A 3148 69.32 -57.53 -68.39
C LYS A 3148 68.12 -57.42 -69.32
N ASP A 3149 68.26 -56.62 -70.38
CA ASP A 3149 67.23 -56.45 -71.40
C ASP A 3149 65.92 -55.95 -70.77
N PHE A 3150 66.03 -54.86 -70.03
CA PHE A 3150 64.89 -54.29 -69.32
C PHE A 3150 64.09 -53.41 -70.28
N SER A 3151 62.89 -53.84 -70.63
CA SER A 3151 61.97 -53.07 -71.46
C SER A 3151 60.68 -52.88 -70.67
N LEU A 3152 60.45 -51.66 -70.18
CA LEU A 3152 59.26 -51.38 -69.39
C LEU A 3152 57.98 -51.54 -70.19
N TRP A 3153 58.00 -51.19 -71.47
CA TRP A 3153 56.83 -51.34 -72.33
C TRP A 3153 56.44 -52.78 -72.58
N GLU A 3154 57.37 -53.73 -72.43
CA GLU A 3154 57.13 -55.12 -72.79
C GLU A 3154 57.20 -56.08 -71.61
N LYS A 3155 58.21 -55.94 -70.75
CA LYS A 3155 58.33 -56.85 -69.61
C LYS A 3155 57.15 -56.75 -68.67
N THR A 3156 56.66 -55.53 -68.42
CA THR A 3156 55.48 -55.36 -67.59
C THR A 3156 54.22 -55.91 -68.25
N GLY A 3157 54.25 -56.11 -69.57
CA GLY A 3157 53.12 -56.67 -70.28
C GLY A 3157 52.19 -55.69 -70.94
N LEU A 3158 52.55 -54.40 -70.97
CA LEU A 3158 51.66 -53.39 -71.55
C LEU A 3158 51.62 -53.47 -73.08
N LYS A 3159 52.73 -53.86 -73.71
CA LYS A 3159 52.75 -54.01 -75.16
C LYS A 3159 51.69 -54.99 -75.63
N GLU A 3160 51.54 -56.11 -74.92
CA GLU A 3160 50.56 -57.12 -75.29
C GLU A 3160 49.13 -56.67 -75.00
N PHE A 3161 48.91 -56.01 -73.85
CA PHE A 3161 47.57 -55.56 -73.50
C PHE A 3161 47.06 -54.50 -74.46
N LEU A 3162 47.87 -53.47 -74.72
CA LEU A 3162 47.48 -52.42 -75.65
C LEU A 3162 47.75 -52.79 -77.10
N LYS A 3163 48.33 -53.97 -77.34
CA LYS A 3163 48.67 -54.45 -78.69
C LYS A 3163 49.33 -53.36 -79.54
N THR A 3164 50.21 -52.58 -78.91
CA THR A 3164 50.90 -51.49 -79.60
C THR A 3164 52.25 -51.26 -78.93
N THR A 3165 53.11 -50.53 -79.63
CA THR A 3165 54.42 -50.14 -79.11
C THR A 3165 54.55 -48.64 -78.95
N LYS A 3166 53.50 -47.88 -79.25
CA LYS A 3166 53.54 -46.42 -79.18
C LYS A 3166 52.14 -45.91 -78.83
N GLN A 3167 51.93 -44.61 -79.01
CA GLN A 3167 50.64 -43.99 -78.75
C GLN A 3167 50.22 -43.20 -79.98
N SER A 3168 48.97 -43.40 -80.42
CA SER A 3168 48.43 -42.67 -81.56
C SER A 3168 46.93 -42.60 -81.38
N PHE A 3169 46.43 -41.41 -81.01
CA PHE A 3169 45.02 -41.21 -80.73
C PHE A 3169 44.48 -40.09 -81.62
N ASP A 3170 43.27 -40.31 -82.15
CA ASP A 3170 42.57 -39.32 -82.95
C ASP A 3170 41.19 -39.10 -82.37
N LEU A 3171 40.86 -37.85 -82.06
CA LEU A 3171 39.55 -37.47 -81.55
C LEU A 3171 38.92 -36.48 -82.50
N SER A 3172 37.65 -36.70 -82.83
CA SER A 3172 36.89 -35.80 -83.69
C SER A 3172 35.48 -35.72 -83.12
N VAL A 3173 35.09 -34.52 -82.66
CA VAL A 3173 33.79 -34.30 -82.06
C VAL A 3173 32.98 -33.39 -82.97
N LYS A 3174 31.76 -33.81 -83.30
CA LYS A 3174 30.91 -33.07 -84.22
C LYS A 3174 29.72 -32.49 -83.45
N ALA A 3175 29.50 -31.19 -83.61
CA ALA A 3175 28.37 -30.54 -82.97
C ALA A 3175 27.74 -29.52 -83.92
N GLN A 3176 27.62 -29.88 -85.19
CA GLN A 3176 27.09 -28.98 -86.20
C GLN A 3176 25.58 -28.82 -86.01
N TYR A 3177 25.05 -27.67 -86.43
CA TYR A 3177 23.67 -27.31 -86.11
C TYR A 3177 23.18 -26.27 -87.10
N LYS A 3178 22.23 -26.66 -87.95
CA LYS A 3178 21.70 -25.78 -88.99
C LYS A 3178 20.52 -25.01 -88.42
N LYS A 3179 20.77 -23.77 -88.00
CA LYS A 3179 19.73 -23.00 -87.31
C LYS A 3179 18.59 -22.68 -88.24
N ASN A 3180 17.36 -22.88 -87.77
CA ASN A 3180 16.15 -22.54 -88.51
C ASN A 3180 15.19 -21.84 -87.54
N LYS A 3181 15.08 -20.52 -87.68
CA LYS A 3181 14.20 -19.76 -86.79
C LYS A 3181 12.74 -19.80 -87.18
N HIS A 3182 12.41 -20.40 -88.32
CA HIS A 3182 11.03 -20.47 -88.77
C HIS A 3182 10.24 -21.45 -87.93
N ARG A 3183 8.97 -21.14 -87.69
CA ARG A 3183 8.10 -21.95 -86.85
C ARG A 3183 6.69 -21.97 -87.42
N HIS A 3184 5.97 -23.05 -87.13
CA HIS A 3184 4.57 -23.19 -87.51
C HIS A 3184 3.69 -22.43 -86.51
N SER A 3185 2.67 -21.76 -87.04
CA SER A 3185 1.70 -21.02 -86.22
C SER A 3185 0.34 -21.67 -86.43
N ILE A 3186 0.01 -22.64 -85.59
CA ILE A 3186 -1.24 -23.37 -85.70
C ILE A 3186 -2.35 -22.53 -85.08
N THR A 3187 -3.39 -22.26 -85.86
CA THR A 3187 -4.54 -21.50 -85.35
C THR A 3187 -5.36 -22.39 -84.43
N ASN A 3188 -5.70 -21.86 -83.25
CA ASN A 3188 -6.47 -22.60 -82.25
C ASN A 3188 -7.74 -21.83 -81.96
N PRO A 3189 -8.92 -22.42 -82.16
CA PRO A 3189 -10.17 -21.71 -81.88
C PRO A 3189 -10.47 -21.65 -80.39
N LEU A 3190 -11.08 -20.54 -79.98
CA LEU A 3190 -11.54 -20.35 -78.61
C LEU A 3190 -13.02 -20.06 -78.53
N ALA A 3191 -13.74 -20.02 -79.66
CA ALA A 3191 -15.15 -19.70 -79.66
C ALA A 3191 -15.96 -20.71 -78.86
N VAL A 3192 -15.49 -21.96 -78.80
CA VAL A 3192 -16.15 -22.97 -77.97
C VAL A 3192 -16.22 -22.50 -76.53
N LEU A 3193 -15.14 -21.89 -76.02
CA LEU A 3193 -15.20 -21.26 -74.72
C LEU A 3193 -16.05 -20.00 -74.75
N CYS A 3194 -15.94 -19.21 -75.82
CA CYS A 3194 -16.65 -17.93 -75.89
C CYS A 3194 -18.16 -18.11 -75.80
N GLU A 3195 -18.70 -19.11 -76.49
CA GLU A 3195 -20.12 -19.40 -76.35
C GLU A 3195 -20.45 -20.03 -75.01
N PHE A 3196 -19.51 -20.80 -74.44
CA PHE A 3196 -19.77 -21.58 -73.25
C PHE A 3196 -20.28 -20.72 -72.09
N ILE A 3197 -19.47 -19.74 -71.67
CA ILE A 3197 -19.92 -18.82 -70.63
C ILE A 3197 -21.16 -18.08 -71.10
N SER A 3198 -21.25 -17.78 -72.39
CA SER A 3198 -22.45 -17.12 -72.93
C SER A 3198 -23.69 -17.96 -72.66
N GLN A 3199 -23.55 -19.29 -72.74
CA GLN A 3199 -24.66 -20.17 -72.39
C GLN A 3199 -25.14 -19.89 -70.98
N SER A 3200 -24.21 -19.81 -70.01
CA SER A 3200 -24.58 -19.44 -68.66
C SER A 3200 -25.36 -18.13 -68.66
N ILE A 3201 -24.90 -17.17 -69.48
CA ILE A 3201 -25.57 -15.87 -69.57
C ILE A 3201 -27.04 -16.06 -69.90
N LYS A 3202 -27.35 -16.94 -70.87
CA LYS A 3202 -28.74 -17.12 -71.25
C LYS A 3202 -29.54 -17.63 -70.07
N SER A 3203 -28.96 -18.56 -69.30
CA SER A 3203 -29.60 -18.99 -68.07
C SER A 3203 -29.76 -17.81 -67.12
N PHE A 3204 -28.69 -17.04 -66.95
CA PHE A 3204 -28.79 -15.81 -66.18
C PHE A 3204 -29.93 -14.95 -66.68
N ASP A 3205 -30.08 -14.87 -68.01
CA ASP A 3205 -31.17 -14.09 -68.58
C ASP A 3205 -32.51 -14.53 -68.00
N ARG A 3206 -32.80 -15.83 -68.08
CA ARG A 3206 -34.04 -16.30 -67.48
C ARG A 3206 -34.00 -16.16 -65.97
N HIS A 3207 -32.84 -16.34 -65.36
CA HIS A 3207 -32.74 -16.09 -63.93
C HIS A 3207 -33.15 -14.66 -63.63
N PHE A 3208 -32.75 -13.73 -64.50
CA PHE A 3208 -33.14 -12.33 -64.31
C PHE A 3208 -34.64 -12.19 -64.20
N GLU A 3209 -35.39 -12.82 -65.11
CA GLU A 3209 -36.84 -12.67 -65.04
C GLU A 3209 -37.38 -13.34 -63.79
N LYS A 3210 -36.72 -14.42 -63.33
CA LYS A 3210 -37.06 -14.98 -62.03
C LYS A 3210 -36.91 -13.93 -60.94
N ASN A 3211 -35.78 -13.20 -60.96
CA ASN A 3211 -35.63 -12.07 -60.05
C ASN A 3211 -36.78 -11.10 -60.20
N ARG A 3212 -37.14 -10.80 -61.45
CA ARG A 3212 -38.28 -9.91 -61.68
C ARG A 3212 -39.53 -10.46 -61.02
N ASN A 3213 -39.76 -11.77 -61.14
CA ASN A 3213 -40.90 -12.39 -60.47
C ASN A 3213 -40.86 -12.10 -58.98
N ASN A 3214 -39.69 -12.27 -58.35
CA ASN A 3214 -39.54 -11.88 -56.95
C ASN A 3214 -39.88 -10.41 -56.77
N ALA A 3215 -39.29 -9.55 -57.60
CA ALA A 3215 -39.65 -8.14 -57.57
C ALA A 3215 -41.13 -7.95 -57.83
N LEU A 3216 -41.70 -8.76 -58.72
CA LEU A 3216 -43.13 -8.72 -58.96
C LEU A 3216 -43.90 -8.89 -57.67
N ASP A 3217 -43.50 -9.87 -56.84
CA ASP A 3217 -44.21 -10.14 -55.59
C ASP A 3217 -44.25 -8.92 -54.68
N PHE A 3218 -43.42 -7.92 -54.95
CA PHE A 3218 -43.48 -6.65 -54.25
C PHE A 3218 -44.11 -5.53 -55.06
N VAL A 3219 -43.88 -5.49 -56.38
CA VAL A 3219 -44.22 -4.28 -57.16
C VAL A 3219 -45.71 -3.97 -57.04
N THR A 3220 -46.55 -4.97 -57.27
CA THR A 3220 -47.99 -4.76 -57.12
C THR A 3220 -48.33 -4.25 -55.73
N LYS A 3221 -47.76 -4.89 -54.70
CA LYS A 3221 -47.97 -4.42 -53.34
C LYS A 3221 -47.44 -3.00 -53.16
N SER A 3222 -46.29 -2.69 -53.78
CA SER A 3222 -45.79 -1.33 -53.73
C SER A 3222 -46.76 -0.38 -54.40
N TYR A 3223 -47.40 -0.83 -55.49
CA TYR A 3223 -48.46 -0.04 -56.09
C TYR A 3223 -49.57 0.23 -55.09
N ASN A 3224 -49.93 -0.80 -54.31
CA ASN A 3224 -50.91 -0.66 -53.25
C ASN A 3224 -50.51 0.39 -52.23
N GLU A 3225 -49.21 0.68 -52.09
CA GLU A 3225 -48.73 1.68 -51.15
C GLU A 3225 -48.45 3.03 -51.80
N THR A 3226 -48.71 3.18 -53.10
CA THR A 3226 -48.44 4.44 -53.79
C THR A 3226 -49.69 5.28 -53.98
N LYS A 3227 -50.71 4.70 -54.64
CA LYS A 3227 -51.89 5.46 -55.02
C LYS A 3227 -52.54 6.15 -53.83
N ILE A 3228 -52.99 5.37 -52.85
CA ILE A 3228 -53.64 5.91 -51.67
C ILE A 3228 -52.75 6.87 -50.90
N LYS A 3229 -51.47 6.95 -51.23
CA LYS A 3229 -50.55 7.89 -50.60
C LYS A 3229 -50.18 9.07 -51.50
N PHE A 3230 -50.28 8.90 -52.82
CA PHE A 3230 -49.81 9.96 -53.71
C PHE A 3230 -50.89 10.39 -54.71
N ASP A 3231 -51.64 9.44 -55.24
CA ASP A 3231 -52.64 9.76 -56.25
C ASP A 3231 -53.86 10.46 -55.65
N LYS A 3232 -54.35 9.97 -54.52
CA LYS A 3232 -55.49 10.57 -53.84
C LYS A 3232 -55.05 11.64 -52.85
N TYR A 3233 -54.16 11.29 -51.93
CA TYR A 3233 -53.66 12.24 -50.95
C TYR A 3233 -52.79 13.29 -51.64
N LYS A 3234 -52.93 14.54 -51.19
CA LYS A 3234 -52.14 15.64 -51.74
C LYS A 3234 -50.74 15.57 -51.14
N ALA A 3235 -49.88 14.75 -51.77
CA ALA A 3235 -48.51 14.64 -51.30
C ALA A 3235 -47.49 14.65 -52.42
N GLU A 3236 -47.90 14.93 -53.67
CA GLU A 3236 -47.00 14.97 -54.81
C GLU A 3236 -47.11 16.32 -55.49
N LYS A 3237 -46.27 16.52 -56.50
CA LYS A 3237 -46.24 17.75 -57.28
C LYS A 3237 -46.03 18.97 -56.40
N SER A 3238 -45.12 18.85 -55.43
CA SER A 3238 -44.77 19.94 -54.53
C SER A 3238 -43.28 20.21 -54.66
N HIS A 3239 -42.96 21.40 -55.21
CA HIS A 3239 -41.58 21.82 -55.46
C HIS A 3239 -40.83 20.77 -56.29
N ASP A 3240 -41.33 20.59 -57.51
CA ASP A 3240 -40.76 19.62 -58.42
C ASP A 3240 -39.37 20.05 -58.86
N GLU A 3241 -38.56 19.05 -59.25
CA GLU A 3241 -37.18 19.28 -59.64
C GLU A 3241 -36.95 18.70 -61.03
N LEU A 3242 -35.95 19.25 -61.71
CA LEU A 3242 -35.58 18.75 -63.03
C LEU A 3242 -34.99 17.35 -62.91
N PRO A 3243 -35.42 16.40 -63.75
CA PRO A 3243 -34.85 15.05 -63.67
C PRO A 3243 -33.35 15.07 -63.95
N ARG A 3244 -32.62 14.21 -63.26
CA ARG A 3244 -31.17 14.15 -63.39
C ARG A 3244 -30.81 13.49 -64.71
N THR A 3245 -30.17 14.25 -65.60
CA THR A 3245 -29.72 13.74 -66.90
C THR A 3245 -28.26 14.11 -67.07
N PHE A 3246 -27.39 13.11 -67.07
CA PHE A 3246 -25.95 13.31 -67.19
C PHE A 3246 -25.48 12.78 -68.54
N GLN A 3247 -24.85 13.64 -69.33
CA GLN A 3247 -24.38 13.29 -70.66
C GLN A 3247 -22.85 13.30 -70.70
N ILE A 3248 -22.28 12.28 -71.34
CA ILE A 3248 -20.84 12.18 -71.50
C ILE A 3248 -20.53 12.06 -72.99
N PRO A 3249 -19.90 13.05 -73.61
CA PRO A 3249 -19.57 12.95 -75.04
C PRO A 3249 -18.54 11.88 -75.31
N GLY A 3250 -18.58 11.35 -76.53
CA GLY A 3250 -17.66 10.31 -76.93
C GLY A 3250 -16.24 10.82 -77.05
N TYR A 3251 -15.31 9.86 -77.11
CA TYR A 3251 -13.89 10.17 -77.18
C TYR A 3251 -13.22 9.22 -78.17
N THR A 3252 -12.08 9.66 -78.70
CA THR A 3252 -11.30 8.86 -79.64
C THR A 3252 -9.88 8.71 -79.12
N VAL A 3253 -9.38 7.49 -79.12
CA VAL A 3253 -8.02 7.17 -78.72
C VAL A 3253 -7.32 6.50 -79.89
N PRO A 3254 -6.48 7.23 -80.64
CA PRO A 3254 -5.81 6.63 -81.80
C PRO A 3254 -4.69 5.68 -81.45
N VAL A 3255 -4.06 5.81 -80.27
CA VAL A 3255 -2.95 4.93 -79.91
C VAL A 3255 -3.44 3.50 -79.79
N VAL A 3256 -4.53 3.29 -79.05
CA VAL A 3256 -5.15 1.97 -78.96
C VAL A 3256 -6.42 1.91 -79.80
N ASN A 3257 -6.80 3.01 -80.45
CA ASN A 3257 -7.91 3.04 -81.41
C ASN A 3257 -9.22 2.59 -80.76
N VAL A 3258 -9.67 3.38 -79.79
CA VAL A 3258 -10.91 3.12 -79.06
C VAL A 3258 -11.84 4.30 -79.24
N GLU A 3259 -13.08 4.03 -79.63
CA GLU A 3259 -14.12 5.04 -79.77
C GLU A 3259 -15.13 4.82 -78.65
N VAL A 3260 -15.32 5.83 -77.81
CA VAL A 3260 -16.29 5.78 -76.73
C VAL A 3260 -17.50 6.61 -77.15
N SER A 3261 -18.64 5.95 -77.31
CA SER A 3261 -19.86 6.64 -77.68
C SER A 3261 -20.36 7.48 -76.50
N PRO A 3262 -21.08 8.57 -76.78
CA PRO A 3262 -21.66 9.37 -75.69
C PRO A 3262 -22.64 8.52 -74.87
N PHE A 3263 -22.60 8.71 -73.56
CA PHE A 3263 -23.39 7.91 -72.63
C PHE A 3263 -24.30 8.82 -71.81
N THR A 3264 -25.56 8.42 -71.69
CA THR A 3264 -26.58 9.22 -70.99
C THR A 3264 -27.08 8.43 -69.79
N ILE A 3265 -27.11 9.09 -68.64
CA ILE A 3265 -27.58 8.50 -67.39
C ILE A 3265 -28.77 9.30 -66.89
N GLU A 3266 -29.88 8.62 -66.62
CA GLU A 3266 -31.13 9.27 -66.27
C GLU A 3266 -31.64 8.76 -64.93
N MET A 3267 -31.86 9.68 -63.99
CA MET A 3267 -32.57 9.41 -62.75
C MET A 3267 -33.78 10.33 -62.67
N SER A 3268 -34.89 9.80 -62.18
CA SER A 3268 -36.06 10.63 -61.93
C SER A 3268 -35.81 11.53 -60.73
N ALA A 3269 -36.21 12.80 -60.86
CA ALA A 3269 -36.01 13.75 -59.77
C ALA A 3269 -36.90 13.45 -58.56
N PHE A 3270 -38.13 12.99 -58.81
CA PHE A 3270 -39.04 12.68 -57.71
C PHE A 3270 -38.55 11.45 -56.95
N GLY A 3271 -38.51 11.57 -55.63
CA GLY A 3271 -38.10 10.46 -54.79
C GLY A 3271 -36.70 10.63 -54.22
N TYR A 3272 -35.93 9.54 -54.23
CA TYR A 3272 -34.57 9.53 -53.68
C TYR A 3272 -33.68 8.74 -54.63
N VAL A 3273 -32.99 9.45 -55.53
CA VAL A 3273 -32.12 8.92 -56.58
C VAL A 3273 -32.61 7.56 -57.08
N PHE A 3274 -33.91 7.46 -57.36
CA PHE A 3274 -34.46 6.21 -57.85
C PHE A 3274 -33.98 5.94 -59.27
N PRO A 3275 -33.58 4.71 -59.59
CA PRO A 3275 -33.12 4.40 -60.93
C PRO A 3275 -34.23 4.54 -61.96
N LYS A 3276 -33.82 4.86 -63.19
CA LYS A 3276 -34.75 5.03 -64.30
C LYS A 3276 -34.30 4.10 -65.43
N ALA A 3277 -34.92 4.25 -66.60
CA ALA A 3277 -34.58 3.42 -67.74
C ALA A 3277 -33.17 3.73 -68.23
N VAL A 3278 -32.30 2.72 -68.22
CA VAL A 3278 -30.93 2.84 -68.68
C VAL A 3278 -30.78 2.06 -69.98
N SER A 3279 -30.00 2.61 -70.91
CA SER A 3279 -29.76 1.94 -72.19
C SER A 3279 -28.35 2.27 -72.64
N MET A 3280 -27.50 1.25 -72.75
CA MET A 3280 -26.11 1.52 -73.10
C MET A 3280 -25.65 0.60 -74.22
N PRO A 3281 -25.33 1.13 -75.39
CA PRO A 3281 -24.84 0.28 -76.48
C PRO A 3281 -23.37 -0.06 -76.35
N SER A 3282 -22.82 -0.75 -77.33
CA SER A 3282 -21.41 -1.12 -77.35
C SER A 3282 -20.59 -0.01 -78.01
N PHE A 3283 -19.31 0.04 -77.62
CA PHE A 3283 -18.38 1.04 -78.13
C PHE A 3283 -17.59 0.44 -79.30
N SER A 3284 -16.56 1.15 -79.76
CA SER A 3284 -15.73 0.70 -80.87
C SER A 3284 -14.27 0.71 -80.40
N ILE A 3285 -13.68 -0.47 -80.29
CA ILE A 3285 -12.30 -0.61 -79.83
C ILE A 3285 -11.49 -1.31 -80.92
N LEU A 3286 -10.20 -1.50 -80.64
CA LEU A 3286 -9.30 -2.20 -81.54
C LEU A 3286 -9.10 -3.62 -81.07
N GLY A 3287 -9.19 -4.58 -81.99
CA GLY A 3287 -9.05 -5.97 -81.65
C GLY A 3287 -10.25 -6.50 -80.87
N SER A 3288 -10.05 -7.63 -80.20
CA SER A 3288 -11.10 -8.26 -79.40
C SER A 3288 -10.50 -8.62 -78.04
N ASP A 3289 -10.55 -7.66 -77.12
CA ASP A 3289 -10.00 -7.85 -75.79
C ASP A 3289 -11.11 -7.87 -74.74
N VAL A 3290 -11.92 -6.84 -74.73
CA VAL A 3290 -13.04 -6.74 -73.79
C VAL A 3290 -14.33 -6.54 -74.59
N ARG A 3291 -15.45 -6.69 -73.91
CA ARG A 3291 -16.77 -6.54 -74.51
C ARG A 3291 -17.56 -5.49 -73.73
N VAL A 3292 -18.10 -4.52 -74.45
CA VAL A 3292 -18.87 -3.44 -73.82
C VAL A 3292 -20.24 -3.98 -73.42
N PRO A 3293 -20.68 -3.77 -72.18
CA PRO A 3293 -21.99 -4.29 -71.76
C PRO A 3293 -23.16 -3.51 -72.33
N SER A 3294 -23.57 -3.84 -73.55
CA SER A 3294 -24.71 -3.20 -74.19
C SER A 3294 -26.00 -3.86 -73.72
N TYR A 3295 -26.89 -3.06 -73.14
CA TYR A 3295 -28.14 -3.59 -72.60
C TYR A 3295 -29.17 -2.46 -72.58
N THR A 3296 -30.38 -2.80 -72.14
CA THR A 3296 -31.46 -1.83 -71.98
C THR A 3296 -32.35 -2.34 -70.84
N LEU A 3297 -32.24 -1.70 -69.68
CA LEU A 3297 -33.04 -2.02 -68.52
C LEU A 3297 -34.11 -0.94 -68.35
N ILE A 3298 -35.35 -1.36 -68.16
CA ILE A 3298 -36.48 -0.45 -68.02
C ILE A 3298 -37.02 -0.59 -66.61
N LEU A 3299 -37.09 0.53 -65.89
CA LEU A 3299 -37.58 0.54 -64.53
C LEU A 3299 -38.65 1.61 -64.35
N PRO A 3300 -39.62 1.40 -63.46
CA PRO A 3300 -40.67 2.41 -63.26
C PRO A 3300 -40.11 3.68 -62.63
N SER A 3301 -40.80 4.78 -62.93
CA SER A 3301 -40.43 6.09 -62.41
C SER A 3301 -41.43 6.54 -61.35
N LEU A 3302 -40.91 7.14 -60.29
CA LEU A 3302 -41.73 7.61 -59.18
C LEU A 3302 -42.48 8.90 -59.51
N GLU A 3303 -42.21 9.52 -60.66
CA GLU A 3303 -42.93 10.74 -61.03
C GLU A 3303 -44.40 10.47 -61.29
N LEU A 3304 -44.77 9.21 -61.54
CA LEU A 3304 -46.16 8.82 -61.73
C LEU A 3304 -46.52 7.71 -60.76
N PRO A 3305 -47.77 7.65 -60.29
CA PRO A 3305 -48.16 6.61 -59.34
C PRO A 3305 -48.11 5.20 -59.90
N VAL A 3306 -48.12 5.03 -61.22
CA VAL A 3306 -48.14 3.71 -61.83
C VAL A 3306 -46.72 3.14 -61.80
N LEU A 3307 -46.52 2.06 -61.05
CA LEU A 3307 -45.25 1.37 -60.98
C LEU A 3307 -45.46 -0.07 -61.44
N HIS A 3308 -44.73 -0.48 -62.48
CA HIS A 3308 -44.86 -1.83 -63.02
C HIS A 3308 -43.56 -2.21 -63.71
N VAL A 3309 -42.77 -3.05 -63.05
CA VAL A 3309 -41.54 -3.55 -63.66
C VAL A 3309 -41.89 -4.58 -64.73
N PRO A 3310 -41.42 -4.41 -65.97
CA PRO A 3310 -41.71 -5.40 -67.01
C PRO A 3310 -40.91 -6.68 -66.77
N ARG A 3311 -41.60 -7.72 -66.30
CA ARG A 3311 -40.99 -9.03 -66.12
C ARG A 3311 -40.52 -9.62 -67.44
N ASN A 3312 -41.28 -9.42 -68.51
CA ASN A 3312 -40.89 -9.93 -69.82
C ASN A 3312 -39.58 -9.31 -70.30
N LEU A 3313 -39.41 -7.99 -70.10
CA LEU A 3313 -38.20 -7.30 -70.53
C LEU A 3313 -37.07 -7.67 -69.57
N LYS A 3314 -36.15 -8.50 -70.04
CA LYS A 3314 -35.00 -8.94 -69.25
C LYS A 3314 -33.75 -8.21 -69.71
N LEU A 3315 -32.64 -8.49 -69.01
CA LEU A 3315 -31.35 -7.88 -69.29
C LEU A 3315 -30.44 -8.96 -69.87
N SER A 3316 -30.08 -8.80 -71.15
CA SER A 3316 -29.23 -9.76 -71.85
C SER A 3316 -27.97 -9.03 -72.31
N LEU A 3317 -26.84 -9.37 -71.68
CA LEU A 3317 -25.56 -8.78 -72.04
C LEU A 3317 -24.94 -9.51 -73.24
N PRO A 3318 -24.22 -8.79 -74.08
CA PRO A 3318 -23.51 -9.45 -75.18
C PRO A 3318 -22.36 -10.31 -74.67
N ASP A 3319 -22.15 -11.43 -75.36
CA ASP A 3319 -21.11 -12.36 -74.93
C ASP A 3319 -19.72 -11.75 -75.12
N PHE A 3320 -18.79 -12.17 -74.27
CA PHE A 3320 -17.43 -11.64 -74.29
C PHE A 3320 -16.64 -12.28 -75.42
N LYS A 3321 -16.15 -11.47 -76.34
CA LYS A 3321 -15.32 -11.94 -77.44
C LYS A 3321 -13.85 -11.70 -77.14
N GLU A 3322 -13.30 -12.60 -76.33
CA GLU A 3322 -11.90 -12.50 -75.90
C GLU A 3322 -11.02 -13.41 -76.79
N LEU A 3323 -10.81 -12.94 -78.02
CA LEU A 3323 -9.98 -13.62 -79.01
C LEU A 3323 -10.44 -15.06 -79.22
N CYS A 3324 -11.70 -15.18 -79.62
CA CYS A 3324 -12.31 -16.49 -79.86
C CYS A 3324 -11.69 -17.22 -81.05
N THR A 3325 -11.06 -16.50 -81.98
CA THR A 3325 -10.43 -17.17 -83.12
C THR A 3325 -8.97 -16.79 -83.32
N ILE A 3326 -8.42 -15.88 -82.52
CA ILE A 3326 -7.05 -15.40 -82.74
C ILE A 3326 -6.12 -16.04 -81.72
N SER A 3327 -5.38 -17.07 -82.16
CA SER A 3327 -4.39 -17.73 -81.31
C SER A 3327 -3.49 -18.56 -82.21
N HIS A 3328 -2.19 -18.30 -82.14
CA HIS A 3328 -1.20 -18.99 -82.98
C HIS A 3328 -0.27 -19.78 -82.08
N ILE A 3329 -0.62 -21.05 -81.85
CA ILE A 3329 0.27 -21.96 -81.14
C ILE A 3329 1.56 -22.11 -81.93
N PHE A 3330 2.69 -21.89 -81.27
CA PHE A 3330 3.98 -21.92 -81.92
C PHE A 3330 4.58 -23.32 -81.83
N ILE A 3331 4.91 -23.90 -83.00
CA ILE A 3331 5.51 -25.22 -83.07
C ILE A 3331 6.87 -25.07 -83.76
N PRO A 3332 7.96 -25.52 -83.15
CA PRO A 3332 9.27 -25.34 -83.80
C PRO A 3332 9.38 -26.10 -85.11
N ALA A 3333 9.99 -25.45 -86.09
CA ALA A 3333 10.32 -26.06 -87.37
C ALA A 3333 11.85 -26.11 -87.48
N MET A 3334 12.42 -27.17 -86.94
CA MET A 3334 13.84 -27.24 -86.69
C MET A 3334 14.49 -28.23 -87.67
N GLY A 3335 15.82 -28.19 -87.75
CA GLY A 3335 16.55 -29.07 -88.62
C GLY A 3335 16.90 -30.39 -87.95
N ASN A 3336 18.15 -30.81 -88.08
CA ASN A 3336 18.65 -32.03 -87.43
C ASN A 3336 19.70 -31.62 -86.41
N ILE A 3337 19.52 -32.07 -85.17
CA ILE A 3337 20.51 -31.84 -84.12
C ILE A 3337 21.59 -32.91 -84.29
N THR A 3338 22.72 -32.53 -84.86
CA THR A 3338 23.79 -33.46 -85.20
C THR A 3338 24.87 -33.42 -84.15
N TYR A 3339 25.19 -34.58 -83.58
CA TYR A 3339 26.28 -34.69 -82.62
C TYR A 3339 26.82 -36.12 -82.69
N ASP A 3340 27.98 -36.27 -83.33
CA ASP A 3340 28.67 -37.55 -83.42
C ASP A 3340 29.96 -37.48 -82.62
N PHE A 3341 30.25 -38.56 -81.89
CA PHE A 3341 31.49 -38.67 -81.11
C PHE A 3341 32.25 -39.88 -81.62
N SER A 3342 33.39 -39.65 -82.25
CA SER A 3342 34.25 -40.70 -82.74
C SER A 3342 35.66 -40.49 -82.21
N PHE A 3343 36.29 -41.58 -81.76
CA PHE A 3343 37.64 -41.52 -81.24
C PHE A 3343 38.41 -42.75 -81.72
N LYS A 3344 39.68 -42.55 -82.07
CA LYS A 3344 40.54 -43.62 -82.55
C LYS A 3344 41.65 -43.89 -81.54
N SER A 3345 41.91 -45.17 -81.27
CA SER A 3345 43.04 -45.57 -80.46
C SER A 3345 43.50 -46.97 -80.84
N SER A 3346 44.29 -47.60 -79.98
CA SER A 3346 44.73 -48.96 -80.25
C SER A 3346 44.10 -50.01 -79.32
N VAL A 3347 43.33 -49.61 -78.30
CA VAL A 3347 42.72 -50.59 -77.41
C VAL A 3347 41.23 -50.31 -77.24
N ILE A 3348 40.81 -49.08 -77.54
CA ILE A 3348 39.41 -48.68 -77.38
C ILE A 3348 38.98 -47.95 -78.65
N THR A 3349 37.70 -48.11 -79.01
CA THR A 3349 37.14 -47.47 -80.19
C THR A 3349 35.67 -47.20 -79.93
N LEU A 3350 35.33 -45.93 -79.69
CA LEU A 3350 33.96 -45.52 -79.42
C LEU A 3350 33.47 -44.63 -80.55
N ASN A 3351 32.28 -44.93 -81.06
CA ASN A 3351 31.65 -44.15 -82.13
C ASN A 3351 30.17 -44.01 -81.78
N THR A 3352 29.85 -42.95 -81.05
CA THR A 3352 28.48 -42.68 -80.61
C THR A 3352 27.88 -41.61 -81.51
N ASN A 3353 26.74 -41.90 -82.12
CA ASN A 3353 26.04 -40.97 -83.00
C ASN A 3353 24.67 -40.68 -82.43
N ALA A 3354 24.36 -39.39 -82.24
CA ALA A 3354 23.06 -38.96 -81.74
C ALA A 3354 22.47 -37.98 -82.74
N GLU A 3355 21.26 -38.26 -83.20
CA GLU A 3355 20.58 -37.43 -84.17
C GLU A 3355 19.13 -37.23 -83.75
N LEU A 3356 18.56 -36.09 -84.15
CA LEU A 3356 17.21 -35.73 -83.76
C LEU A 3356 16.54 -34.99 -84.90
N PHE A 3357 15.32 -35.39 -85.23
CA PHE A 3357 14.57 -34.79 -86.33
C PHE A 3357 13.44 -33.95 -85.75
N ASN A 3358 13.42 -32.67 -86.09
CA ASN A 3358 12.49 -31.72 -85.50
C ASN A 3358 11.84 -30.82 -86.55
N GLN A 3359 11.71 -31.32 -87.78
CA GLN A 3359 11.06 -30.53 -88.82
C GLN A 3359 9.59 -30.27 -88.52
N SER A 3360 8.82 -31.32 -88.25
CA SER A 3360 7.42 -31.14 -87.85
C SER A 3360 7.09 -31.95 -86.60
N ASP A 3361 7.66 -33.15 -86.48
CA ASP A 3361 7.33 -34.07 -85.41
C ASP A 3361 8.59 -34.36 -84.58
N ILE A 3362 8.48 -35.32 -83.66
CA ILE A 3362 9.57 -35.70 -82.76
C ILE A 3362 10.05 -37.08 -83.20
N VAL A 3363 11.21 -37.14 -83.85
CA VAL A 3363 11.83 -38.39 -84.27
C VAL A 3363 13.26 -38.39 -83.75
N ALA A 3364 13.54 -39.25 -82.78
CA ALA A 3364 14.85 -39.33 -82.16
C ALA A 3364 15.39 -40.75 -82.25
N HIS A 3365 16.71 -40.84 -82.42
CA HIS A 3365 17.39 -42.13 -82.41
C HIS A 3365 18.81 -41.93 -81.91
N LEU A 3366 19.27 -42.86 -81.07
CA LEU A 3366 20.62 -42.83 -80.53
C LEU A 3366 21.34 -44.11 -80.92
N LEU A 3367 22.60 -43.97 -81.33
CA LEU A 3367 23.44 -45.12 -81.66
C LEU A 3367 24.83 -44.89 -81.06
N SER A 3368 25.27 -45.80 -80.21
CA SER A 3368 26.60 -45.76 -79.62
C SER A 3368 27.30 -47.07 -79.96
N SER A 3369 28.46 -46.96 -80.61
CA SER A 3369 29.25 -48.12 -81.03
C SER A 3369 30.54 -48.14 -80.23
N SER A 3370 30.72 -49.19 -79.43
CA SER A 3370 31.90 -49.36 -78.60
C SER A 3370 32.66 -50.60 -79.06
N SER A 3371 33.95 -50.44 -79.34
CA SER A 3371 34.81 -51.54 -79.75
C SER A 3371 36.05 -51.52 -78.88
N SER A 3372 36.41 -52.68 -78.32
CA SER A 3372 37.56 -52.76 -77.42
C SER A 3372 38.08 -54.19 -77.41
N VAL A 3373 39.31 -54.34 -76.92
CA VAL A 3373 39.89 -55.67 -76.73
C VAL A 3373 39.11 -56.44 -75.66
N ILE A 3374 38.76 -55.77 -74.56
CA ILE A 3374 38.07 -56.44 -73.47
C ILE A 3374 36.61 -56.65 -73.85
N ASP A 3375 36.08 -57.84 -73.54
CA ASP A 3375 34.69 -58.14 -73.85
C ASP A 3375 33.73 -57.23 -73.09
N ALA A 3376 33.99 -56.97 -71.81
CA ALA A 3376 33.13 -56.11 -71.02
C ALA A 3376 33.10 -54.68 -71.56
N LEU A 3377 34.21 -54.20 -72.13
CA LEU A 3377 34.29 -52.85 -72.67
C LEU A 3377 33.75 -52.75 -74.09
N GLN A 3378 33.42 -53.87 -74.73
CA GLN A 3378 32.88 -53.88 -76.07
C GLN A 3378 31.43 -54.32 -76.00
N TYR A 3379 30.53 -53.49 -76.55
CA TYR A 3379 29.11 -53.77 -76.53
C TYR A 3379 28.45 -52.91 -77.60
N LYS A 3380 27.12 -52.88 -77.59
CA LYS A 3380 26.37 -52.05 -78.53
C LYS A 3380 25.14 -51.50 -77.84
N LEU A 3381 24.91 -50.20 -78.01
CA LEU A 3381 23.74 -49.53 -77.45
C LEU A 3381 23.01 -48.81 -78.56
N GLU A 3382 21.70 -49.00 -78.63
CA GLU A 3382 20.87 -48.42 -79.67
C GLU A 3382 19.47 -48.17 -79.13
N GLY A 3383 18.74 -47.27 -79.78
CA GLY A 3383 17.39 -46.96 -79.37
C GLY A 3383 16.66 -46.02 -80.30
N THR A 3384 15.37 -46.25 -80.48
CA THR A 3384 14.52 -45.43 -81.33
C THR A 3384 13.47 -44.72 -80.48
N THR A 3385 13.11 -43.52 -80.93
CA THR A 3385 12.12 -42.72 -80.21
C THR A 3385 11.35 -41.90 -81.24
N ARG A 3386 10.05 -42.14 -81.34
CA ARG A 3386 9.19 -41.44 -82.29
C ARG A 3386 7.97 -40.88 -81.58
N LEU A 3387 7.59 -39.67 -81.96
CA LEU A 3387 6.42 -39.00 -81.38
C LEU A 3387 5.84 -38.07 -82.42
N THR A 3388 4.63 -38.38 -82.89
CA THR A 3388 3.94 -37.54 -83.85
C THR A 3388 3.13 -36.48 -83.11
N ARG A 3389 2.69 -35.45 -83.84
CA ARG A 3389 1.86 -34.40 -83.27
C ARG A 3389 0.65 -34.13 -84.15
N LYS A 3390 0.75 -34.51 -85.43
CA LYS A 3390 -0.34 -34.23 -86.37
C LYS A 3390 -1.64 -34.91 -85.93
N ARG A 3391 -1.57 -36.18 -85.55
CA ARG A 3391 -2.74 -36.94 -85.14
C ARG A 3391 -2.47 -37.51 -83.75
N GLY A 3392 -2.77 -36.72 -82.73
CA GLY A 3392 -2.46 -37.10 -81.36
C GLY A 3392 -0.98 -37.18 -81.11
N LEU A 3393 -0.63 -37.32 -79.84
CA LEU A 3393 0.76 -37.47 -79.43
C LEU A 3393 1.09 -38.94 -79.25
N LYS A 3394 1.14 -39.65 -80.37
CA LYS A 3394 1.40 -41.08 -80.38
C LYS A 3394 2.90 -41.32 -80.22
N LEU A 3395 3.29 -41.92 -79.11
CA LEU A 3395 4.68 -42.18 -78.80
C LEU A 3395 4.97 -43.68 -78.87
N ALA A 3396 6.15 -44.03 -79.37
CA ALA A 3396 6.58 -45.43 -79.43
C ALA A 3396 8.09 -45.44 -79.27
N THR A 3397 8.56 -45.70 -78.06
CA THR A 3397 9.98 -45.72 -77.74
C THR A 3397 10.39 -47.12 -77.29
N ALA A 3398 11.38 -47.68 -77.97
CA ALA A 3398 11.89 -49.01 -77.66
C ALA A 3398 13.40 -48.93 -77.50
N LEU A 3399 13.93 -49.63 -76.51
CA LEU A 3399 15.35 -49.62 -76.22
C LEU A 3399 15.89 -51.05 -76.23
N SER A 3400 17.17 -51.17 -76.59
CA SER A 3400 17.84 -52.47 -76.62
C SER A 3400 19.32 -52.26 -76.33
N LEU A 3401 19.84 -52.95 -75.33
CA LEU A 3401 21.26 -52.93 -75.01
C LEU A 3401 21.87 -54.26 -75.38
N SER A 3402 22.97 -54.22 -76.13
CA SER A 3402 23.69 -55.42 -76.54
C SER A 3402 24.98 -55.49 -75.71
N ASN A 3403 24.86 -56.05 -74.51
CA ASN A 3403 25.98 -56.20 -73.59
C ASN A 3403 26.02 -57.62 -73.05
N LYS A 3404 27.23 -58.09 -72.77
CA LYS A 3404 27.42 -59.45 -72.28
C LYS A 3404 26.90 -59.65 -70.86
N PHE A 3405 26.72 -58.58 -70.10
CA PHE A 3405 26.25 -58.66 -68.72
C PHE A 3405 24.86 -58.11 -68.51
N VAL A 3406 24.43 -57.14 -69.31
CA VAL A 3406 23.08 -56.58 -69.24
C VAL A 3406 22.42 -56.79 -70.58
N GLU A 3407 21.24 -57.42 -70.58
CA GLU A 3407 20.46 -57.68 -71.80
C GLU A 3407 19.10 -57.02 -71.61
N GLY A 3408 19.01 -55.75 -71.97
CA GLY A 3408 17.81 -54.98 -71.75
C GLY A 3408 16.96 -54.79 -72.99
N SER A 3409 15.66 -55.00 -72.80
CA SER A 3409 14.69 -54.76 -73.86
C SER A 3409 13.49 -54.02 -73.30
N HIS A 3410 13.54 -52.70 -73.34
CA HIS A 3410 12.49 -51.88 -72.74
C HIS A 3410 11.60 -51.32 -73.84
N ASN A 3411 10.30 -51.55 -73.71
CA ASN A 3411 9.35 -51.26 -74.78
C ASN A 3411 8.21 -50.44 -74.21
N SER A 3412 8.17 -49.16 -74.54
CA SER A 3412 7.12 -48.27 -74.08
C SER A 3412 6.48 -47.61 -75.29
N THR A 3413 5.17 -47.81 -75.44
CA THR A 3413 4.41 -47.21 -76.53
C THR A 3413 3.15 -46.58 -75.97
N VAL A 3414 2.98 -45.29 -76.20
CA VAL A 3414 1.79 -44.55 -75.79
C VAL A 3414 1.13 -44.03 -77.04
N SER A 3415 -0.11 -44.47 -77.29
CA SER A 3415 -0.85 -44.11 -78.48
C SER A 3415 -2.01 -43.19 -78.12
N LEU A 3416 -2.13 -42.09 -78.84
CA LEU A 3416 -3.21 -41.12 -78.67
C LEU A 3416 -3.89 -40.94 -80.02
N THR A 3417 -4.96 -41.69 -80.24
CA THR A 3417 -5.70 -41.66 -81.50
C THR A 3417 -6.78 -40.60 -81.53
N THR A 3418 -6.62 -39.54 -80.73
CA THR A 3418 -7.54 -38.40 -80.64
C THR A 3418 -8.90 -38.80 -80.07
N LYS A 3419 -9.11 -40.07 -79.75
CA LYS A 3419 -10.35 -40.47 -79.11
C LYS A 3419 -10.11 -41.35 -77.88
N ASN A 3420 -9.04 -42.15 -77.91
CA ASN A 3420 -8.74 -43.07 -76.83
C ASN A 3420 -7.23 -43.20 -76.66
N MET A 3421 -6.81 -43.39 -75.41
CA MET A 3421 -5.41 -43.50 -75.05
C MET A 3421 -5.04 -44.97 -74.83
N GLU A 3422 -3.79 -45.30 -75.14
CA GLU A 3422 -3.26 -46.64 -74.89
C GLU A 3422 -1.84 -46.52 -74.36
N VAL A 3423 -1.51 -47.35 -73.38
CA VAL A 3423 -0.16 -47.45 -72.84
C VAL A 3423 0.24 -48.92 -72.84
N SER A 3424 1.44 -49.21 -73.37
CA SER A 3424 1.98 -50.56 -73.37
C SER A 3424 3.45 -50.48 -72.93
N VAL A 3425 3.75 -51.08 -71.79
CA VAL A 3425 5.11 -51.08 -71.24
C VAL A 3425 5.56 -52.53 -71.17
N ALA A 3426 6.42 -52.92 -72.10
CA ALA A 3426 6.98 -54.27 -72.15
C ALA A 3426 8.44 -54.17 -71.73
N THR A 3427 8.69 -54.24 -70.43
CA THR A 3427 10.04 -54.15 -69.88
C THR A 3427 10.60 -55.56 -69.74
N THR A 3428 11.71 -55.83 -70.43
CA THR A 3428 12.32 -57.16 -70.46
C THR A 3428 13.83 -57.00 -70.34
N THR A 3429 14.37 -57.37 -69.19
CA THR A 3429 15.81 -57.29 -68.95
C THR A 3429 16.21 -58.44 -68.03
N LYS A 3430 17.41 -58.96 -68.23
CA LYS A 3430 17.91 -60.07 -67.44
C LYS A 3430 19.36 -59.82 -67.05
N ALA A 3431 19.78 -60.45 -65.96
CA ALA A 3431 21.12 -60.30 -65.42
C ALA A 3431 22.02 -61.44 -65.90
N GLN A 3432 23.32 -61.16 -65.99
CA GLN A 3432 24.31 -62.13 -66.42
C GLN A 3432 25.42 -62.33 -65.38
N ILE A 3433 25.10 -62.20 -64.11
CA ILE A 3433 26.07 -62.45 -63.03
C ILE A 3433 26.12 -63.95 -62.76
N PRO A 3434 27.30 -64.58 -62.84
CA PRO A 3434 27.39 -66.03 -62.58
C PRO A 3434 26.90 -66.43 -61.20
N ILE A 3435 27.17 -65.62 -60.17
CA ILE A 3435 26.78 -66.00 -58.82
C ILE A 3435 25.35 -65.61 -58.48
N LEU A 3436 24.71 -64.79 -59.32
CA LEU A 3436 23.34 -64.37 -59.04
C LEU A 3436 22.60 -64.26 -60.38
N ARG A 3437 21.78 -65.26 -60.67
CA ARG A 3437 21.00 -65.33 -61.90
C ARG A 3437 19.63 -64.73 -61.62
N MET A 3438 19.51 -63.41 -61.82
CA MET A 3438 18.24 -62.72 -61.64
C MET A 3438 17.58 -62.51 -62.99
N ASN A 3439 16.28 -62.74 -63.05
CA ASN A 3439 15.50 -62.55 -64.28
C ASN A 3439 14.12 -62.07 -63.89
N PHE A 3440 13.78 -60.85 -64.28
CA PHE A 3440 12.50 -60.25 -63.96
C PHE A 3440 11.72 -59.98 -65.23
N LYS A 3441 10.53 -59.40 -65.07
CA LYS A 3441 9.71 -59.01 -66.20
C LYS A 3441 8.64 -58.04 -65.74
N GLN A 3442 8.44 -56.97 -66.51
CA GLN A 3442 7.45 -55.94 -66.20
C GLN A 3442 6.58 -55.66 -67.41
N GLU A 3443 5.26 -55.76 -67.23
CA GLU A 3443 4.30 -55.47 -68.28
C GLU A 3443 3.21 -54.59 -67.73
N LEU A 3444 2.93 -53.49 -68.43
CA LEU A 3444 1.92 -52.50 -68.04
C LEU A 3444 1.13 -52.11 -69.27
N ASN A 3445 -0.18 -52.39 -69.23
CA ASN A 3445 -1.09 -52.03 -70.32
C ASN A 3445 -2.27 -51.27 -69.73
N GLY A 3446 -2.13 -49.95 -69.64
CA GLY A 3446 -3.19 -49.11 -69.12
C GLY A 3446 -4.24 -48.82 -70.16
N ASN A 3447 -4.93 -49.86 -70.62
CA ASN A 3447 -5.91 -49.70 -71.67
C ASN A 3447 -7.16 -49.02 -71.13
N THR A 3448 -7.72 -48.11 -71.92
CA THR A 3448 -8.92 -47.36 -71.54
C THR A 3448 -9.64 -46.92 -72.81
N LYS A 3449 -10.73 -47.61 -73.15
CA LYS A 3449 -11.55 -47.26 -74.30
C LYS A 3449 -12.93 -46.80 -73.84
N SER A 3450 -13.66 -47.63 -73.10
CA SER A 3450 -14.97 -47.28 -72.57
C SER A 3450 -14.96 -47.18 -71.06
N LYS A 3451 -14.37 -48.16 -70.38
CA LYS A 3451 -14.14 -48.09 -68.95
C LYS A 3451 -12.63 -48.21 -68.66
N PRO A 3452 -12.08 -47.30 -67.87
CA PRO A 3452 -10.66 -47.41 -67.51
C PRO A 3452 -10.39 -48.70 -66.77
N THR A 3453 -9.25 -49.32 -67.05
CA THR A 3453 -8.87 -50.56 -66.41
C THR A 3453 -7.35 -50.64 -66.35
N VAL A 3454 -6.87 -51.36 -65.34
CA VAL A 3454 -5.43 -51.50 -65.09
C VAL A 3454 -5.07 -52.97 -65.16
N SER A 3455 -4.10 -53.29 -66.00
CA SER A 3455 -3.59 -54.65 -66.16
C SER A 3455 -2.12 -54.63 -65.74
N SER A 3456 -1.86 -54.95 -64.48
CA SER A 3456 -0.51 -54.94 -63.93
C SER A 3456 -0.17 -56.30 -63.35
N SER A 3457 0.92 -56.87 -63.85
CA SER A 3457 1.43 -58.14 -63.34
C SER A 3457 2.95 -58.04 -63.32
N MET A 3458 3.53 -58.11 -62.12
CA MET A 3458 4.96 -57.93 -61.95
C MET A 3458 5.62 -59.29 -61.70
N GLU A 3459 6.65 -59.59 -62.47
CA GLU A 3459 7.32 -60.88 -62.45
C GLU A 3459 8.77 -60.70 -62.06
N PHE A 3460 9.26 -61.56 -61.18
CA PHE A 3460 10.64 -61.45 -60.70
C PHE A 3460 11.13 -62.84 -60.31
N LYS A 3461 12.29 -63.21 -60.84
CA LYS A 3461 12.96 -64.45 -60.49
C LYS A 3461 14.40 -64.16 -60.13
N TYR A 3462 14.96 -64.96 -59.23
CA TYR A 3462 16.31 -64.78 -58.74
C TYR A 3462 16.92 -66.13 -58.44
N ASP A 3463 18.24 -66.20 -58.54
CA ASP A 3463 18.98 -67.44 -58.33
C ASP A 3463 20.30 -67.08 -57.65
N PHE A 3464 20.38 -67.34 -56.34
CA PHE A 3464 21.59 -67.09 -55.55
C PHE A 3464 22.32 -68.39 -55.29
N ASN A 3465 23.65 -68.32 -55.35
CA ASN A 3465 24.49 -69.48 -55.06
C ASN A 3465 25.85 -68.98 -54.63
N SER A 3466 26.22 -69.22 -53.36
CA SER A 3466 27.51 -68.83 -52.82
C SER A 3466 28.24 -70.08 -52.37
N SER A 3467 29.22 -70.50 -53.17
CA SER A 3467 30.04 -71.65 -52.79
C SER A 3467 30.99 -71.34 -51.64
N MET A 3468 31.55 -70.13 -51.61
CA MET A 3468 32.45 -69.76 -50.52
C MET A 3468 31.73 -69.73 -49.17
N LEU A 3469 30.52 -69.20 -49.14
CA LEU A 3469 29.74 -69.14 -47.91
C LEU A 3469 28.83 -70.35 -47.72
N TYR A 3470 28.84 -71.29 -48.68
CA TYR A 3470 28.04 -72.52 -48.60
C TYR A 3470 26.56 -72.19 -48.43
N SER A 3471 26.13 -71.14 -49.13
CA SER A 3471 24.75 -70.68 -49.06
C SER A 3471 24.21 -70.48 -50.46
N THR A 3472 22.90 -70.71 -50.61
CA THR A 3472 22.23 -70.49 -51.87
C THR A 3472 20.80 -70.06 -51.59
N ALA A 3473 20.19 -69.39 -52.57
CA ALA A 3473 18.81 -68.95 -52.45
C ALA A 3473 18.16 -69.00 -53.82
N LYS A 3474 16.98 -69.60 -53.87
CA LYS A 3474 16.28 -69.81 -55.14
C LYS A 3474 14.78 -69.64 -54.89
N GLY A 3475 14.22 -68.56 -55.41
CA GLY A 3475 12.79 -68.33 -55.27
C GLY A 3475 12.25 -67.42 -56.35
N ALA A 3476 10.95 -67.18 -56.35
CA ALA A 3476 10.33 -66.30 -57.32
C ALA A 3476 9.30 -65.43 -56.61
N VAL A 3477 9.26 -64.16 -56.96
CA VAL A 3477 8.32 -63.20 -56.40
C VAL A 3477 7.50 -62.63 -57.55
N ASP A 3478 6.18 -62.71 -57.44
CA ASP A 3478 5.28 -62.24 -58.48
C ASP A 3478 4.11 -61.49 -57.85
N HIS A 3479 3.52 -60.60 -58.66
CA HIS A 3479 2.28 -59.92 -58.28
C HIS A 3479 1.40 -59.78 -59.50
N LYS A 3480 0.08 -59.75 -59.29
CA LYS A 3480 -0.88 -59.43 -60.32
C LYS A 3480 -1.86 -58.41 -59.77
N LEU A 3481 -1.97 -57.27 -60.44
CA LEU A 3481 -2.89 -56.21 -60.05
C LEU A 3481 -4.02 -56.13 -61.06
N SER A 3482 -5.26 -56.16 -60.56
CA SER A 3482 -6.45 -56.01 -61.39
C SER A 3482 -7.26 -54.83 -60.86
N LEU A 3483 -7.66 -53.94 -61.76
CA LEU A 3483 -8.48 -52.79 -61.40
C LEU A 3483 -9.53 -52.60 -62.48
N GLU A 3484 -10.78 -52.41 -62.07
CA GLU A 3484 -11.91 -52.24 -62.99
C GLU A 3484 -12.65 -50.98 -62.60
N SER A 3485 -12.35 -49.88 -63.28
CA SER A 3485 -13.03 -48.61 -63.04
C SER A 3485 -14.34 -48.60 -63.84
N LEU A 3486 -15.25 -49.46 -63.41
CA LEU A 3486 -16.54 -49.58 -64.07
C LEU A 3486 -17.52 -48.55 -63.53
N THR A 3487 -18.37 -48.05 -64.42
CA THR A 3487 -19.33 -47.01 -64.03
C THR A 3487 -20.31 -47.51 -62.99
N SER A 3488 -20.68 -48.79 -63.04
CA SER A 3488 -21.66 -49.33 -62.09
C SER A 3488 -21.02 -49.55 -60.71
N TYR A 3489 -20.01 -50.41 -60.64
CA TYR A 3489 -19.35 -50.74 -59.39
C TYR A 3489 -17.85 -50.61 -59.57
N PHE A 3490 -17.12 -50.85 -58.48
CA PHE A 3490 -15.66 -50.79 -58.49
C PHE A 3490 -15.13 -51.93 -57.63
N SER A 3491 -14.58 -52.95 -58.27
CA SER A 3491 -13.96 -54.08 -57.59
C SER A 3491 -12.46 -54.01 -57.83
N ILE A 3492 -11.70 -54.26 -56.77
CA ILE A 3492 -10.25 -54.13 -56.79
C ILE A 3492 -9.65 -55.46 -56.40
N GLU A 3493 -8.69 -55.95 -57.19
CA GLU A 3493 -8.13 -57.27 -57.04
C GLU A 3493 -6.61 -57.14 -56.97
N SER A 3494 -6.01 -57.76 -55.96
CA SER A 3494 -4.57 -57.71 -55.76
C SER A 3494 -4.11 -58.97 -55.06
N SER A 3495 -3.03 -59.56 -55.56
CA SER A 3495 -2.43 -60.73 -54.95
C SER A 3495 -0.96 -60.79 -55.36
N THR A 3496 -0.13 -61.27 -54.44
CA THR A 3496 1.29 -61.39 -54.72
C THR A 3496 1.87 -62.56 -53.93
N LYS A 3497 2.96 -63.11 -54.43
CA LYS A 3497 3.60 -64.27 -53.85
C LYS A 3497 5.09 -64.01 -53.67
N GLY A 3498 5.59 -64.28 -52.47
CA GLY A 3498 6.98 -64.03 -52.15
C GLY A 3498 7.77 -65.30 -51.95
N ASP A 3499 7.53 -66.29 -52.81
CA ASP A 3499 8.18 -67.59 -52.68
C ASP A 3499 9.70 -67.47 -52.73
N VAL A 3500 10.35 -68.20 -51.83
CA VAL A 3500 11.81 -68.24 -51.77
C VAL A 3500 12.22 -69.56 -51.13
N LYS A 3501 13.30 -70.15 -51.64
CA LYS A 3501 13.90 -71.33 -51.07
C LYS A 3501 15.42 -71.15 -51.05
N GLY A 3502 16.08 -71.74 -50.06
CA GLY A 3502 17.51 -71.66 -50.01
C GLY A 3502 18.07 -72.73 -49.09
N SER A 3503 19.39 -72.92 -49.22
CA SER A 3503 20.14 -73.81 -48.33
C SER A 3503 21.32 -73.02 -47.79
N VAL A 3504 21.44 -72.95 -46.47
CA VAL A 3504 22.47 -72.15 -45.81
C VAL A 3504 23.20 -73.04 -44.82
N LEU A 3505 24.50 -73.24 -45.06
CA LEU A 3505 25.36 -74.04 -44.18
C LEU A 3505 24.75 -75.41 -43.88
N SER A 3506 24.37 -76.09 -44.96
CA SER A 3506 23.73 -77.40 -44.88
C SER A 3506 22.43 -77.36 -44.09
N ARG A 3507 21.72 -76.23 -44.15
CA ARG A 3507 20.43 -76.06 -43.49
C ARG A 3507 19.46 -75.42 -44.47
N GLU A 3508 18.36 -76.12 -44.76
CA GLU A 3508 17.40 -75.66 -45.74
C GLU A 3508 16.69 -74.40 -45.25
N TYR A 3509 16.47 -73.46 -46.16
CA TYR A 3509 15.73 -72.24 -45.89
C TYR A 3509 14.43 -72.25 -46.67
N SER A 3510 13.32 -71.95 -45.99
CA SER A 3510 12.03 -71.87 -46.63
C SER A 3510 11.35 -70.55 -46.32
N GLY A 3511 10.12 -70.38 -46.79
CA GLY A 3511 9.39 -69.14 -46.59
C GLY A 3511 8.66 -68.69 -47.84
N THR A 3512 7.37 -68.39 -47.70
CA THR A 3512 6.57 -67.91 -48.81
C THR A 3512 5.44 -67.03 -48.28
N ILE A 3513 4.95 -66.15 -49.16
CA ILE A 3513 3.92 -65.20 -48.82
C ILE A 3513 2.79 -65.33 -49.85
N ALA A 3514 1.55 -65.37 -49.36
CA ALA A 3514 0.40 -65.33 -50.25
C ALA A 3514 -0.55 -64.25 -49.75
N SER A 3515 -0.98 -63.38 -50.67
CA SER A 3515 -1.86 -62.28 -50.31
C SER A 3515 -3.10 -62.30 -51.18
N GLU A 3516 -4.23 -61.91 -50.60
CA GLU A 3516 -5.46 -61.72 -51.37
C GLU A 3516 -6.34 -60.75 -50.60
N ALA A 3517 -6.38 -59.50 -51.03
CA ALA A 3517 -7.19 -58.47 -50.40
C ALA A 3517 -8.37 -58.17 -51.32
N ASN A 3518 -9.54 -58.73 -50.99
CA ASN A 3518 -10.73 -58.53 -51.81
C ASN A 3518 -11.59 -57.47 -51.14
N THR A 3519 -11.78 -56.35 -51.82
CA THR A 3519 -12.53 -55.22 -51.30
C THR A 3519 -13.53 -54.79 -52.37
N TYR A 3520 -14.79 -55.16 -52.18
CA TYR A 3520 -15.86 -54.74 -53.08
C TYR A 3520 -16.56 -53.54 -52.48
N LEU A 3521 -16.79 -52.53 -53.30
CA LEU A 3521 -17.46 -51.30 -52.91
C LEU A 3521 -18.75 -51.15 -53.70
N ASN A 3522 -19.78 -50.62 -53.05
CA ASN A 3522 -21.02 -50.27 -53.72
C ASN A 3522 -21.72 -49.19 -52.91
N SER A 3523 -22.65 -48.50 -53.56
CA SER A 3523 -23.41 -47.45 -52.90
C SER A 3523 -24.41 -48.00 -51.89
N LYS A 3524 -24.56 -49.32 -51.81
CA LYS A 3524 -25.49 -49.94 -50.87
C LYS A 3524 -24.77 -50.82 -49.86
N SER A 3525 -23.83 -51.65 -50.32
CA SER A 3525 -23.09 -52.55 -49.44
C SER A 3525 -21.61 -52.57 -49.80
N THR A 3526 -20.80 -52.90 -48.81
CA THR A 3526 -19.36 -52.99 -48.98
C THR A 3526 -18.85 -54.22 -48.25
N ARG A 3527 -17.88 -54.91 -48.84
CA ARG A 3527 -17.29 -56.08 -48.21
C ARG A 3527 -15.77 -56.02 -48.36
N SER A 3528 -15.07 -56.55 -47.36
CA SER A 3528 -13.61 -56.52 -47.35
C SER A 3528 -13.10 -57.74 -46.59
N SER A 3529 -12.37 -58.60 -47.28
CA SER A 3529 -11.73 -59.76 -46.65
C SER A 3529 -10.27 -59.79 -47.07
N VAL A 3530 -9.39 -59.94 -46.09
CA VAL A 3530 -7.95 -59.98 -46.32
C VAL A 3530 -7.43 -61.35 -45.93
N LYS A 3531 -6.91 -62.08 -46.91
CA LYS A 3531 -6.39 -63.42 -46.74
C LYS A 3531 -4.88 -63.36 -46.84
N LEU A 3532 -4.19 -63.84 -45.80
CA LEU A 3532 -2.75 -63.68 -45.70
C LEU A 3532 -2.12 -65.00 -45.31
N GLN A 3533 -0.98 -65.30 -45.91
CA GLN A 3533 -0.24 -66.53 -45.70
C GLN A 3533 1.23 -66.20 -45.55
N GLY A 3534 1.79 -66.50 -44.38
CA GLY A 3534 3.18 -66.21 -44.10
C GLY A 3534 3.94 -67.40 -43.57
N THR A 3535 3.64 -68.59 -44.08
CA THR A 3535 4.29 -69.82 -43.61
C THR A 3535 5.75 -69.74 -44.00
N SER A 3536 6.60 -69.46 -43.02
CA SER A 3536 8.03 -69.44 -43.22
C SER A 3536 8.70 -70.19 -42.08
N LYS A 3537 9.80 -70.87 -42.40
CA LYS A 3537 10.57 -71.57 -41.39
C LYS A 3537 12.04 -71.30 -41.60
N ILE A 3538 12.78 -71.29 -40.51
CA ILE A 3538 14.23 -71.10 -40.53
C ILE A 3538 14.84 -72.45 -40.17
N ASP A 3539 15.22 -73.21 -41.19
CA ASP A 3539 15.84 -74.52 -41.01
C ASP A 3539 14.93 -75.46 -40.21
N ASP A 3540 13.71 -75.64 -40.71
CA ASP A 3540 12.74 -76.60 -40.15
C ASP A 3540 12.30 -76.19 -38.74
N ILE A 3541 12.38 -74.90 -38.43
CA ILE A 3541 12.10 -74.42 -37.08
C ILE A 3541 11.16 -73.23 -37.18
N TRP A 3542 10.22 -73.13 -36.23
CA TRP A 3542 9.35 -71.97 -36.09
C TRP A 3542 8.53 -71.71 -37.37
N ASN A 3543 7.61 -72.62 -37.66
CA ASN A 3543 6.80 -72.56 -38.87
C ASN A 3543 5.32 -72.69 -38.53
N LEU A 3544 4.48 -72.92 -39.55
CA LEU A 3544 3.03 -72.98 -39.40
C LEU A 3544 2.50 -71.63 -38.95
N GLU A 3545 2.58 -70.63 -39.84
CA GLU A 3545 1.87 -69.35 -39.67
C GLU A 3545 0.83 -69.27 -40.78
N VAL A 3546 -0.39 -69.70 -40.47
CA VAL A 3546 -1.42 -69.94 -41.47
C VAL A 3546 -2.66 -69.14 -41.07
N LYS A 3547 -3.53 -68.88 -42.05
CA LYS A 3547 -4.84 -68.29 -41.79
C LYS A 3547 -4.68 -66.92 -41.14
N GLU A 3548 -4.18 -65.96 -41.90
CA GLU A 3548 -4.11 -64.57 -41.46
C GLU A 3548 -5.17 -63.75 -42.21
N ASN A 3549 -6.34 -64.35 -42.34
CA ASN A 3549 -7.53 -63.77 -42.95
C ASN A 3549 -8.42 -63.10 -41.91
N PHE A 3550 -9.18 -62.12 -42.38
CA PHE A 3550 -10.25 -61.52 -41.60
C PHE A 3550 -11.25 -60.90 -42.57
N ALA A 3551 -12.53 -60.88 -42.16
CA ALA A 3551 -13.60 -60.44 -43.04
C ALA A 3551 -14.51 -59.44 -42.34
N GLY A 3552 -15.06 -58.54 -43.14
CA GLY A 3552 -16.02 -57.57 -42.64
C GLY A 3552 -16.98 -57.11 -43.72
N GLU A 3553 -18.27 -57.08 -43.39
CA GLU A 3553 -19.32 -56.72 -44.34
C GLU A 3553 -20.22 -55.66 -43.73
N ALA A 3554 -20.45 -54.58 -44.48
CA ALA A 3554 -21.32 -53.49 -44.06
C ALA A 3554 -22.43 -53.33 -45.09
N THR A 3555 -23.66 -53.55 -44.66
CA THR A 3555 -24.84 -53.36 -45.51
C THR A 3555 -25.77 -52.35 -44.83
N LEU A 3556 -26.69 -51.80 -45.62
CA LEU A 3556 -27.69 -50.88 -45.07
C LEU A 3556 -28.81 -51.60 -44.35
N GLN A 3557 -28.64 -52.89 -44.06
CA GLN A 3557 -29.54 -53.67 -43.23
C GLN A 3557 -28.83 -54.38 -42.08
N ARG A 3558 -27.59 -54.82 -42.29
CA ARG A 3558 -26.88 -55.63 -41.30
C ARG A 3558 -25.40 -55.28 -41.34
N ILE A 3559 -24.74 -55.48 -40.21
CA ILE A 3559 -23.29 -55.30 -40.08
C ILE A 3559 -22.72 -56.60 -39.52
N TYR A 3560 -21.60 -57.04 -40.10
CA TYR A 3560 -20.92 -58.23 -39.59
C TYR A 3560 -19.41 -58.04 -39.62
N SER A 3561 -18.73 -58.59 -38.61
CA SER A 3561 -17.28 -58.57 -38.59
C SER A 3561 -16.74 -59.82 -37.92
N LEU A 3562 -15.73 -60.43 -38.56
CA LEU A 3562 -14.93 -61.47 -37.91
C LEU A 3562 -13.47 -61.14 -38.23
N TRP A 3563 -12.77 -60.62 -37.23
CA TRP A 3563 -11.39 -60.19 -37.41
C TRP A 3563 -10.44 -61.39 -37.34
N GLU A 3564 -9.15 -61.09 -37.24
CA GLU A 3564 -8.14 -62.13 -37.33
C GLU A 3564 -8.32 -63.17 -36.22
N HIS A 3565 -8.26 -64.44 -36.60
CA HIS A 3565 -8.32 -65.54 -35.66
C HIS A 3565 -7.29 -66.60 -36.04
N SER A 3566 -6.07 -66.18 -36.35
CA SER A 3566 -5.02 -67.09 -36.80
C SER A 3566 -4.69 -68.12 -35.73
N THR A 3567 -3.87 -69.09 -36.13
CA THR A 3567 -3.37 -70.11 -35.24
C THR A 3567 -1.85 -70.15 -35.31
N LYS A 3568 -1.24 -70.47 -34.17
CA LYS A 3568 0.21 -70.57 -34.07
C LYS A 3568 0.58 -71.86 -33.35
N ASN A 3569 1.32 -72.72 -34.04
CA ASN A 3569 1.79 -74.00 -33.54
C ASN A 3569 3.19 -74.21 -34.13
N HIS A 3570 4.20 -73.94 -33.32
CA HIS A 3570 5.56 -73.98 -33.80
C HIS A 3570 6.38 -75.00 -33.02
N LEU A 3571 7.45 -75.48 -33.65
CA LEU A 3571 8.29 -76.52 -33.05
C LEU A 3571 9.72 -76.04 -32.96
N GLN A 3572 10.35 -76.27 -31.81
CA GLN A 3572 11.76 -75.99 -31.61
C GLN A 3572 12.54 -77.29 -31.71
N LEU A 3573 13.62 -77.28 -32.48
CA LEU A 3573 14.45 -78.45 -32.69
C LEU A 3573 15.70 -78.45 -31.81
N GLU A 3574 15.78 -77.54 -30.84
CA GLU A 3574 16.88 -77.50 -29.89
C GLU A 3574 16.32 -77.70 -28.49
N GLY A 3575 16.93 -78.60 -27.72
CA GLY A 3575 16.48 -78.86 -26.38
C GLY A 3575 15.71 -80.16 -26.26
N LEU A 3576 14.41 -80.07 -25.98
CA LEU A 3576 13.55 -81.23 -25.81
C LEU A 3576 12.32 -81.12 -26.71
N PHE A 3577 12.53 -80.63 -27.93
CA PHE A 3577 11.46 -80.47 -28.92
C PHE A 3577 10.34 -79.62 -28.36
N PHE A 3578 10.68 -78.44 -27.85
CA PHE A 3578 9.69 -77.57 -27.23
C PHE A 3578 8.64 -77.13 -28.23
N THR A 3579 7.37 -77.27 -27.85
CA THR A 3579 6.25 -76.83 -28.65
C THR A 3579 5.80 -75.47 -28.12
N ASN A 3580 5.40 -74.58 -29.03
CA ASN A 3580 5.00 -73.25 -28.61
C ASN A 3580 4.02 -72.68 -29.63
N GLY A 3581 3.34 -71.61 -29.23
CA GLY A 3581 2.34 -70.99 -30.06
C GLY A 3581 1.07 -70.71 -29.28
N GLU A 3582 0.63 -69.47 -29.28
CA GLU A 3582 -0.64 -69.12 -28.64
C GLU A 3582 -1.43 -68.22 -29.57
N HIS A 3583 -2.74 -68.43 -29.62
CA HIS A 3583 -3.56 -67.79 -30.63
C HIS A 3583 -4.99 -67.69 -30.12
N THR A 3584 -5.84 -67.05 -30.91
CA THR A 3584 -7.24 -66.88 -30.57
C THR A 3584 -8.10 -67.73 -31.49
N SER A 3585 -9.32 -68.01 -31.04
CA SER A 3585 -10.32 -68.63 -31.88
C SER A 3585 -11.08 -67.53 -32.62
N LYS A 3586 -12.09 -67.90 -33.39
CA LYS A 3586 -12.95 -66.91 -34.02
C LYS A 3586 -13.67 -66.10 -32.95
N ALA A 3587 -13.95 -64.84 -33.28
CA ALA A 3587 -14.69 -63.95 -32.39
C ALA A 3587 -15.42 -62.96 -33.29
N THR A 3588 -16.74 -63.06 -33.30
CA THR A 3588 -17.56 -62.40 -34.31
C THR A 3588 -18.53 -61.41 -33.68
N LEU A 3589 -18.84 -60.36 -34.44
CA LEU A 3589 -19.81 -59.35 -34.05
C LEU A 3589 -20.87 -59.24 -35.13
N GLU A 3590 -22.14 -59.29 -34.69
CA GLU A 3590 -23.30 -59.28 -35.56
C GLU A 3590 -24.23 -58.14 -35.12
N LEU A 3591 -24.57 -57.27 -36.05
CA LEU A 3591 -25.39 -56.10 -35.77
C LEU A 3591 -26.58 -56.05 -36.71
N SER A 3592 -27.75 -55.81 -36.13
CA SER A 3592 -28.96 -55.54 -36.88
C SER A 3592 -29.97 -54.94 -35.92
N PRO A 3593 -30.97 -54.22 -36.41
CA PRO A 3593 -32.01 -53.71 -35.51
C PRO A 3593 -32.62 -54.85 -34.71
N TRP A 3594 -32.81 -54.62 -33.41
CA TRP A 3594 -33.40 -55.61 -32.50
C TRP A 3594 -32.48 -56.80 -32.25
N GLN A 3595 -31.31 -56.85 -32.88
CA GLN A 3595 -30.45 -58.02 -32.71
C GLN A 3595 -28.99 -57.60 -32.65
N MET A 3596 -28.38 -57.72 -31.46
CA MET A 3596 -26.97 -57.42 -31.25
C MET A 3596 -26.32 -58.66 -30.66
N SER A 3597 -25.32 -59.20 -31.36
CA SER A 3597 -24.67 -60.45 -30.97
C SER A 3597 -23.17 -60.25 -30.90
N ALA A 3598 -22.57 -60.62 -29.78
CA ALA A 3598 -21.13 -60.60 -29.59
C ALA A 3598 -20.72 -62.00 -29.16
N LEU A 3599 -20.17 -62.79 -30.08
CA LEU A 3599 -19.82 -64.19 -29.80
C LEU A 3599 -18.32 -64.31 -29.92
N VAL A 3600 -17.64 -64.29 -28.78
CA VAL A 3600 -16.19 -64.14 -28.73
C VAL A 3600 -15.60 -65.33 -28.00
N GLN A 3601 -15.00 -66.26 -28.74
CA GLN A 3601 -14.21 -67.33 -28.15
C GLN A 3601 -12.75 -67.02 -28.41
N VAL A 3602 -11.95 -67.01 -27.35
CA VAL A 3602 -10.57 -66.57 -27.40
C VAL A 3602 -9.75 -67.45 -26.46
N HIS A 3603 -8.45 -67.16 -26.42
CA HIS A 3603 -7.46 -67.88 -25.61
C HIS A 3603 -7.31 -69.32 -26.05
N ALA A 3604 -6.89 -69.52 -27.31
CA ALA A 3604 -6.57 -70.84 -27.83
C ALA A 3604 -5.05 -71.03 -27.72
N SER A 3605 -4.59 -71.34 -26.51
CA SER A 3605 -3.17 -71.52 -26.25
C SER A 3605 -2.73 -72.95 -26.56
N GLN A 3606 -1.43 -73.18 -26.45
CA GLN A 3606 -0.85 -74.51 -26.62
C GLN A 3606 0.02 -74.86 -25.42
N PRO A 3607 -0.40 -75.79 -24.58
CA PRO A 3607 0.46 -76.25 -23.48
C PRO A 3607 1.68 -76.99 -24.01
N SER A 3608 2.73 -77.00 -23.20
CA SER A 3608 3.99 -77.62 -23.61
C SER A 3608 4.77 -78.15 -22.42
N SER A 3609 6.07 -78.38 -22.62
CA SER A 3609 6.98 -78.87 -21.60
C SER A 3609 7.25 -77.76 -20.58
N PHE A 3610 8.21 -77.99 -19.69
CA PHE A 3610 8.55 -77.04 -18.63
C PHE A 3610 7.35 -76.81 -17.72
N HIS A 3611 6.94 -77.89 -17.04
CA HIS A 3611 5.87 -77.84 -16.03
C HIS A 3611 4.53 -77.45 -16.64
N ASP A 3612 4.19 -78.01 -17.81
CA ASP A 3612 2.83 -77.94 -18.33
C ASP A 3612 2.34 -76.52 -18.55
N PHE A 3613 2.90 -75.83 -19.56
CA PHE A 3613 2.44 -74.49 -19.91
C PHE A 3613 0.92 -74.37 -19.87
N PRO A 3614 0.40 -73.23 -19.44
CA PRO A 3614 -1.04 -73.11 -19.16
C PRO A 3614 -1.87 -73.31 -20.42
N ASP A 3615 -3.08 -73.84 -20.21
CA ASP A 3615 -4.09 -73.93 -21.27
C ASP A 3615 -5.26 -73.04 -20.90
N LEU A 3616 -5.55 -72.06 -21.74
CA LEU A 3616 -6.56 -71.06 -21.46
C LEU A 3616 -7.82 -71.32 -22.29
N GLY A 3617 -8.74 -70.35 -22.27
CA GLY A 3617 -9.97 -70.41 -23.03
C GLY A 3617 -11.03 -69.55 -22.41
N GLN A 3618 -11.73 -68.78 -23.26
CA GLN A 3618 -12.68 -67.78 -22.79
C GLN A 3618 -13.80 -67.62 -23.82
N GLU A 3619 -15.04 -67.79 -23.36
CA GLU A 3619 -16.21 -67.69 -24.22
C GLU A 3619 -17.12 -66.58 -23.70
N VAL A 3620 -17.53 -65.70 -24.60
CA VAL A 3620 -18.46 -64.61 -24.31
C VAL A 3620 -19.60 -64.71 -25.30
N ALA A 3621 -20.82 -64.86 -24.79
CA ALA A 3621 -22.04 -64.84 -25.59
C ALA A 3621 -22.89 -63.68 -25.12
N LEU A 3622 -22.93 -62.61 -25.92
CA LEU A 3622 -23.80 -61.47 -25.66
C LEU A 3622 -24.90 -61.49 -26.70
N ASN A 3623 -26.15 -61.51 -26.25
CA ASN A 3623 -27.31 -61.50 -27.13
C ASN A 3623 -28.30 -60.48 -26.58
N ALA A 3624 -28.52 -59.41 -27.34
CA ALA A 3624 -29.34 -58.30 -26.91
C ALA A 3624 -30.44 -58.02 -27.93
N ASN A 3625 -31.68 -58.00 -27.46
CA ASN A 3625 -32.83 -57.50 -28.21
C ASN A 3625 -33.54 -56.50 -27.31
N THR A 3626 -33.03 -55.27 -27.29
CA THR A 3626 -33.47 -54.23 -26.37
C THR A 3626 -33.51 -54.73 -24.94
N LYS A 3627 -34.68 -55.20 -24.50
CA LYS A 3627 -34.86 -55.68 -23.14
C LYS A 3627 -34.37 -57.11 -22.93
N ASN A 3628 -34.40 -57.93 -23.98
CA ASN A 3628 -33.91 -59.30 -23.88
C ASN A 3628 -32.40 -59.29 -23.78
N GLN A 3629 -31.86 -59.81 -22.68
CA GLN A 3629 -30.44 -59.74 -22.40
C GLN A 3629 -29.94 -61.10 -21.94
N LYS A 3630 -29.21 -61.78 -22.80
CA LYS A 3630 -28.57 -63.05 -22.45
C LYS A 3630 -27.07 -62.86 -22.48
N ILE A 3631 -26.44 -63.10 -21.33
CA ILE A 3631 -25.01 -62.88 -21.16
C ILE A 3631 -24.40 -64.16 -20.59
N ARG A 3632 -23.47 -64.73 -21.33
CA ARG A 3632 -22.78 -65.95 -20.92
C ARG A 3632 -21.28 -65.65 -20.92
N TRP A 3633 -20.61 -65.97 -19.82
CA TRP A 3633 -19.18 -65.73 -19.67
C TRP A 3633 -18.53 -66.95 -19.06
N LYS A 3634 -17.70 -67.64 -19.84
CA LYS A 3634 -17.02 -68.84 -19.37
C LYS A 3634 -15.52 -68.64 -19.49
N ASN A 3635 -14.79 -69.03 -18.45
CA ASN A 3635 -13.32 -69.06 -18.54
C ASN A 3635 -12.78 -70.35 -17.96
N GLU A 3636 -11.66 -70.81 -18.54
CA GLU A 3636 -10.96 -71.99 -18.04
C GLU A 3636 -9.47 -71.74 -18.08
N VAL A 3637 -8.78 -72.16 -17.01
CA VAL A 3637 -7.35 -71.96 -16.85
C VAL A 3637 -6.75 -73.28 -16.38
N ARG A 3638 -5.66 -73.70 -17.00
CA ARG A 3638 -4.99 -74.95 -16.68
C ARG A 3638 -3.50 -74.68 -16.44
N ILE A 3639 -3.03 -75.00 -15.23
CA ILE A 3639 -1.64 -74.77 -14.87
C ILE A 3639 -1.07 -76.02 -14.20
N HIS A 3640 -0.05 -76.61 -14.81
CA HIS A 3640 0.70 -77.72 -14.23
C HIS A 3640 -0.21 -78.85 -13.76
N SER A 3641 -0.49 -78.88 -12.47
CA SER A 3641 -1.31 -79.91 -11.83
C SER A 3641 -2.53 -79.31 -11.17
N GLY A 3642 -3.21 -78.42 -11.87
CA GLY A 3642 -4.38 -77.74 -11.33
C GLY A 3642 -5.12 -76.99 -12.42
N SER A 3643 -6.36 -76.65 -12.11
CA SER A 3643 -7.23 -75.95 -13.05
C SER A 3643 -8.27 -75.13 -12.32
N PHE A 3644 -8.81 -74.12 -13.00
CA PHE A 3644 -9.93 -73.34 -12.49
C PHE A 3644 -10.87 -73.01 -13.64
N GLN A 3645 -12.16 -73.20 -13.42
CA GLN A 3645 -13.16 -72.82 -14.40
C GLN A 3645 -14.26 -72.00 -13.73
N SER A 3646 -14.74 -70.98 -14.43
CA SER A 3646 -15.79 -70.13 -13.88
C SER A 3646 -16.81 -69.81 -14.94
N GLN A 3647 -18.07 -69.77 -14.54
CA GLN A 3647 -19.18 -69.42 -15.42
C GLN A 3647 -20.02 -68.33 -14.78
N VAL A 3648 -20.50 -67.41 -15.60
CA VAL A 3648 -21.41 -66.35 -15.22
C VAL A 3648 -22.53 -66.30 -16.25
N GLU A 3649 -23.78 -66.31 -15.79
CA GLU A 3649 -24.93 -66.28 -16.66
C GLU A 3649 -25.91 -65.23 -16.17
N LEU A 3650 -26.32 -64.34 -17.07
CA LEU A 3650 -27.41 -63.40 -16.85
C LEU A 3650 -28.49 -63.69 -17.88
N SER A 3651 -29.69 -64.02 -17.39
CA SER A 3651 -30.88 -64.18 -18.21
C SER A 3651 -31.87 -63.10 -17.82
N ASN A 3652 -32.13 -62.19 -18.74
CA ASN A 3652 -33.08 -61.09 -18.53
C ASN A 3652 -34.11 -61.14 -19.65
N ASP A 3653 -35.34 -61.51 -19.29
CA ASP A 3653 -36.43 -61.53 -20.25
C ASP A 3653 -37.67 -60.99 -19.57
N GLN A 3654 -38.84 -61.20 -20.17
CA GLN A 3654 -40.08 -60.64 -19.65
C GLN A 3654 -40.77 -61.59 -18.68
N GLU A 3655 -40.10 -62.69 -18.33
CA GLU A 3655 -40.68 -63.69 -17.45
C GLU A 3655 -39.99 -63.70 -16.09
N LYS A 3656 -38.66 -63.76 -16.07
CA LYS A 3656 -37.91 -63.90 -14.84
C LYS A 3656 -36.52 -63.30 -15.00
N ALA A 3657 -35.86 -63.07 -13.86
CA ALA A 3657 -34.48 -62.60 -13.83
C ALA A 3657 -33.61 -63.68 -13.21
N HIS A 3658 -32.54 -64.05 -13.91
CA HIS A 3658 -31.69 -65.16 -13.48
C HIS A 3658 -30.23 -64.74 -13.50
N LEU A 3659 -29.57 -64.87 -12.35
CA LEU A 3659 -28.14 -64.61 -12.24
C LEU A 3659 -27.48 -65.81 -11.58
N ASP A 3660 -26.63 -66.51 -12.32
CA ASP A 3660 -26.02 -67.74 -11.85
C ASP A 3660 -24.52 -67.71 -12.09
N ILE A 3661 -23.73 -67.90 -11.03
CA ILE A 3661 -22.28 -67.88 -11.13
C ILE A 3661 -21.74 -69.13 -10.45
N ALA A 3662 -20.87 -69.85 -11.15
CA ALA A 3662 -20.28 -71.07 -10.62
C ALA A 3662 -18.77 -71.03 -10.77
N GLY A 3663 -18.07 -71.63 -9.79
CA GLY A 3663 -16.63 -71.70 -9.82
C GLY A 3663 -16.11 -73.04 -9.34
N SER A 3664 -15.20 -73.63 -10.12
CA SER A 3664 -14.62 -74.93 -9.82
C SER A 3664 -13.11 -74.81 -9.76
N LEU A 3665 -12.54 -75.26 -8.64
CA LEU A 3665 -11.09 -75.21 -8.39
C LEU A 3665 -10.60 -76.64 -8.19
N GLU A 3666 -9.58 -77.03 -8.97
CA GLU A 3666 -8.97 -78.35 -8.87
C GLU A 3666 -7.48 -78.18 -8.69
N GLY A 3667 -6.90 -79.00 -7.80
CA GLY A 3667 -5.47 -79.03 -7.61
C GLY A 3667 -5.01 -80.41 -7.23
N HIS A 3668 -3.69 -80.54 -7.03
CA HIS A 3668 -3.10 -81.79 -6.59
C HIS A 3668 -2.48 -81.64 -5.22
N LEU A 3669 -3.21 -81.01 -4.31
CA LEU A 3669 -2.73 -80.73 -2.95
C LEU A 3669 -2.65 -82.05 -2.20
N ARG A 3670 -1.61 -82.82 -2.53
CA ARG A 3670 -1.37 -84.13 -1.94
C ARG A 3670 -0.22 -84.15 -0.94
N PHE A 3671 0.89 -83.52 -1.28
CA PHE A 3671 2.08 -83.45 -0.44
C PHE A 3671 1.86 -82.62 0.82
N LEU A 3672 0.79 -81.82 0.87
CA LEU A 3672 0.51 -80.99 2.03
C LEU A 3672 -0.50 -81.61 2.98
N LYS A 3673 -1.37 -82.50 2.50
CA LYS A 3673 -2.25 -83.24 3.39
C LYS A 3673 -1.47 -84.17 4.30
N ASN A 3674 -0.20 -84.43 4.00
CA ASN A 3674 0.67 -85.26 4.82
C ASN A 3674 1.50 -84.41 5.77
N ILE A 3675 0.83 -83.80 6.72
CA ILE A 3675 1.46 -82.96 7.73
C ILE A 3675 1.06 -83.46 9.10
N ILE A 3676 1.95 -83.28 10.08
CA ILE A 3676 1.76 -83.78 11.44
C ILE A 3676 1.89 -82.60 12.40
N LEU A 3677 1.01 -82.54 13.38
CA LEU A 3677 1.02 -81.45 14.34
C LEU A 3677 1.84 -81.86 15.56
N PRO A 3678 3.09 -81.38 15.69
CA PRO A 3678 3.88 -81.78 16.87
C PRO A 3678 3.33 -81.25 18.18
N VAL A 3679 2.66 -80.10 18.17
CA VAL A 3679 2.05 -79.59 19.39
C VAL A 3679 0.96 -80.52 19.91
N TYR A 3680 0.11 -81.04 19.04
CA TYR A 3680 -0.84 -82.08 19.41
C TYR A 3680 -0.21 -83.46 19.34
N ASP A 3681 1.01 -83.56 18.82
CA ASP A 3681 1.70 -84.83 18.62
C ASP A 3681 0.86 -85.80 17.79
N LYS A 3682 0.01 -85.25 16.93
CA LYS A 3682 -0.86 -86.03 16.06
C LYS A 3682 -0.91 -85.36 14.71
N SER A 3683 -1.24 -86.15 13.69
CA SER A 3683 -1.16 -85.66 12.32
C SER A 3683 -2.41 -84.85 11.97
N LEU A 3684 -2.42 -84.36 10.72
CA LEU A 3684 -3.56 -83.62 10.20
C LEU A 3684 -4.82 -84.46 10.19
N TRP A 3685 -4.80 -85.55 9.43
CA TRP A 3685 -5.98 -86.39 9.28
C TRP A 3685 -6.37 -87.05 10.59
N ASP A 3686 -5.39 -87.41 11.42
CA ASP A 3686 -5.69 -87.93 12.75
C ASP A 3686 -6.54 -86.96 13.54
N PHE A 3687 -6.11 -85.70 13.64
CA PHE A 3687 -6.87 -84.72 14.39
C PHE A 3687 -8.22 -84.46 13.74
N LEU A 3688 -8.25 -84.36 12.41
CA LEU A 3688 -9.50 -84.20 11.69
C LEU A 3688 -10.38 -85.43 11.71
N LYS A 3689 -9.80 -86.61 11.97
CA LYS A 3689 -10.51 -87.88 11.92
C LYS A 3689 -11.13 -88.10 10.54
N LEU A 3690 -10.42 -87.65 9.50
CA LEU A 3690 -10.85 -87.80 8.12
C LEU A 3690 -9.72 -88.44 7.32
N ASP A 3691 -10.05 -89.48 6.56
CA ASP A 3691 -9.06 -90.22 5.77
C ASP A 3691 -9.01 -89.80 4.32
N VAL A 3692 -10.15 -89.83 3.63
CA VAL A 3692 -10.18 -89.52 2.20
C VAL A 3692 -9.73 -88.09 1.98
N THR A 3693 -8.85 -87.90 1.01
CA THR A 3693 -8.36 -86.59 0.58
C THR A 3693 -7.51 -85.92 1.66
N THR A 3694 -7.45 -86.55 2.84
CA THR A 3694 -6.90 -85.89 4.01
C THR A 3694 -5.71 -86.65 4.56
N SER A 3695 -5.83 -87.98 4.63
CA SER A 3695 -4.73 -88.80 5.10
C SER A 3695 -3.55 -88.73 4.14
N ILE A 3696 -3.76 -89.16 2.90
CA ILE A 3696 -2.71 -89.11 1.89
C ILE A 3696 -2.77 -87.82 1.07
N GLY A 3697 -3.97 -87.38 0.71
CA GLY A 3697 -4.10 -86.24 -0.17
C GLY A 3697 -4.21 -86.72 -1.60
N ARG A 3698 -5.43 -86.74 -2.13
CA ARG A 3698 -5.69 -87.07 -3.52
C ARG A 3698 -5.95 -85.77 -4.29
N ARG A 3699 -6.40 -85.81 -5.55
CA ARG A 3699 -6.82 -84.61 -6.27
C ARG A 3699 -7.83 -83.87 -5.41
N GLN A 3700 -7.60 -82.56 -5.22
CA GLN A 3700 -8.39 -81.76 -4.30
C GLN A 3700 -9.29 -80.79 -5.08
N HIS A 3701 -10.51 -80.61 -4.58
CA HIS A 3701 -11.52 -79.83 -5.29
C HIS A 3701 -12.17 -78.82 -4.36
N LEU A 3702 -12.66 -77.73 -4.95
CA LEU A 3702 -13.43 -76.71 -4.23
C LEU A 3702 -14.50 -76.19 -5.17
N ARG A 3703 -15.75 -76.21 -4.73
CA ARG A 3703 -16.87 -75.79 -5.56
C ARG A 3703 -17.61 -74.64 -4.91
N VAL A 3704 -17.96 -73.64 -5.72
CA VAL A 3704 -18.76 -72.51 -5.26
C VAL A 3704 -19.89 -72.27 -6.25
N SER A 3705 -21.09 -72.04 -5.73
CA SER A 3705 -22.25 -71.84 -6.60
C SER A 3705 -23.14 -70.76 -6.00
N THR A 3706 -23.54 -69.81 -6.84
CA THR A 3706 -24.42 -68.72 -6.45
C THR A 3706 -25.57 -68.67 -7.44
N ALA A 3707 -26.79 -68.77 -6.93
CA ALA A 3707 -27.99 -68.77 -7.75
C ALA A 3707 -28.93 -67.68 -7.26
N PHE A 3708 -29.44 -66.88 -8.19
CA PHE A 3708 -30.40 -65.83 -7.88
C PHE A 3708 -31.50 -65.87 -8.92
N VAL A 3709 -32.74 -66.11 -8.48
CA VAL A 3709 -33.89 -66.22 -9.38
C VAL A 3709 -34.99 -65.31 -8.85
N TYR A 3710 -35.53 -64.47 -9.73
CA TYR A 3710 -36.72 -63.69 -9.41
C TYR A 3710 -37.80 -63.97 -10.44
N THR A 3711 -39.02 -64.16 -9.97
CA THR A 3711 -40.16 -64.45 -10.83
C THR A 3711 -41.06 -63.22 -10.91
N LYS A 3712 -41.44 -62.86 -12.14
CA LYS A 3712 -42.29 -61.71 -12.37
C LYS A 3712 -43.38 -62.08 -13.36
N ASN A 3713 -44.47 -61.32 -13.31
CA ASN A 3713 -45.58 -61.57 -14.22
C ASN A 3713 -45.50 -60.67 -15.43
N PRO A 3714 -45.60 -61.23 -16.64
CA PRO A 3714 -45.49 -60.40 -17.85
C PRO A 3714 -46.56 -59.33 -17.95
N ASN A 3715 -47.70 -59.48 -17.27
CA ASN A 3715 -48.73 -58.45 -17.27
C ASN A 3715 -48.71 -57.78 -15.90
N GLY A 3716 -48.88 -58.52 -14.81
CA GLY A 3716 -48.85 -57.92 -13.48
C GLY A 3716 -49.85 -56.80 -13.31
N TYR A 3717 -49.35 -55.57 -13.25
CA TYR A 3717 -50.18 -54.36 -13.21
C TYR A 3717 -49.95 -53.63 -14.53
N SER A 3718 -50.88 -53.80 -15.47
CA SER A 3718 -50.75 -53.23 -16.81
C SER A 3718 -51.75 -52.09 -16.95
N PHE A 3719 -51.26 -50.86 -16.87
CA PHE A 3719 -52.05 -49.65 -17.10
C PHE A 3719 -51.68 -49.12 -18.47
N SER A 3720 -52.56 -49.31 -19.44
CA SER A 3720 -52.31 -48.92 -20.82
C SER A 3720 -53.45 -48.03 -21.31
N ILE A 3721 -53.10 -47.16 -22.26
CA ILE A 3721 -54.07 -46.22 -22.83
C ILE A 3721 -55.05 -46.98 -23.71
N PRO A 3722 -56.36 -46.81 -23.54
CA PRO A 3722 -57.33 -47.52 -24.38
C PRO A 3722 -57.26 -47.00 -25.82
N VAL A 3723 -57.11 -47.93 -26.76
CA VAL A 3723 -56.99 -47.62 -28.18
C VAL A 3723 -58.02 -48.44 -28.94
N LYS A 3724 -58.75 -47.78 -29.84
CA LYS A 3724 -59.79 -48.42 -30.64
C LYS A 3724 -59.31 -48.51 -32.09
N VAL A 3725 -59.36 -49.71 -32.66
CA VAL A 3725 -58.94 -49.95 -34.03
C VAL A 3725 -60.14 -50.42 -34.83
N LEU A 3726 -60.63 -49.59 -35.75
CA LEU A 3726 -61.83 -49.97 -36.49
C LEU A 3726 -61.52 -50.62 -37.83
N ALA A 3727 -61.00 -49.84 -38.78
CA ALA A 3727 -60.56 -50.41 -40.05
C ALA A 3727 -59.11 -50.05 -40.38
N ASP A 3728 -58.84 -48.74 -40.45
CA ASP A 3728 -57.55 -48.21 -40.86
C ASP A 3728 -57.14 -46.99 -40.04
N LYS A 3729 -57.69 -46.85 -38.84
CA LYS A 3729 -57.34 -45.71 -37.99
C LYS A 3729 -57.50 -46.13 -36.53
N PHE A 3730 -56.65 -45.56 -35.69
CA PHE A 3730 -56.70 -45.78 -34.25
C PHE A 3730 -57.36 -44.57 -33.60
N ILE A 3731 -58.40 -44.82 -32.81
CA ILE A 3731 -59.18 -43.79 -32.14
C ILE A 3731 -59.04 -44.01 -30.63
N ILE A 3732 -58.61 -42.97 -29.93
CA ILE A 3732 -58.36 -43.01 -28.50
C ILE A 3732 -59.23 -41.96 -27.84
N PRO A 3733 -60.04 -42.32 -26.84
CA PRO A 3733 -60.91 -41.33 -26.19
C PRO A 3733 -60.14 -40.44 -25.22
N GLY A 3734 -59.51 -39.40 -25.75
CA GLY A 3734 -58.77 -38.47 -24.92
C GLY A 3734 -59.69 -37.62 -24.07
N LEU A 3735 -59.07 -36.76 -23.26
CA LEU A 3735 -59.80 -35.91 -22.33
C LEU A 3735 -60.73 -35.00 -23.11
N LYS A 3736 -61.99 -34.91 -22.66
CA LYS A 3736 -63.03 -34.15 -23.36
C LYS A 3736 -63.12 -32.76 -22.74
N LEU A 3737 -62.18 -31.90 -23.10
CA LEU A 3737 -62.14 -30.53 -22.65
C LEU A 3737 -62.69 -29.63 -23.74
N ASN A 3738 -63.89 -29.09 -23.54
CA ASN A 3738 -64.55 -28.25 -24.54
C ASN A 3738 -64.07 -26.82 -24.37
N ASP A 3739 -62.86 -26.57 -24.86
CA ASP A 3739 -62.26 -25.24 -24.78
C ASP A 3739 -61.87 -24.74 -26.18
N LEU A 3740 -61.28 -25.62 -26.97
CA LEU A 3740 -60.78 -25.29 -28.30
C LEU A 3740 -61.83 -25.66 -29.34
N ASN A 3741 -61.56 -25.63 -30.64
CA ASN A 3741 -62.51 -26.01 -31.66
C ASN A 3741 -62.84 -27.51 -31.55
N SER A 3742 -63.76 -27.96 -32.39
CA SER A 3742 -64.21 -29.35 -32.36
C SER A 3742 -63.26 -30.28 -33.12
N VAL A 3743 -63.05 -29.99 -34.41
CA VAL A 3743 -62.23 -30.83 -35.27
C VAL A 3743 -61.66 -29.95 -36.38
N LEU A 3744 -60.43 -30.25 -36.80
CA LEU A 3744 -59.78 -29.48 -37.86
C LEU A 3744 -59.49 -30.40 -39.03
N VAL A 3745 -59.90 -29.97 -40.22
CA VAL A 3745 -59.71 -30.73 -41.45
C VAL A 3745 -58.68 -30.00 -42.29
N MET A 3746 -57.57 -30.67 -42.60
CA MET A 3746 -56.54 -30.10 -43.44
C MET A 3746 -56.60 -30.78 -44.79
N PRO A 3747 -57.09 -30.10 -45.84
CA PRO A 3747 -57.17 -30.75 -47.16
C PRO A 3747 -55.80 -30.97 -47.79
N THR A 3748 -55.78 -31.56 -48.98
CA THR A 3748 -54.53 -31.86 -49.67
C THR A 3748 -53.84 -30.56 -50.08
N PHE A 3749 -52.51 -30.61 -50.07
CA PHE A 3749 -51.69 -29.46 -50.44
C PHE A 3749 -50.59 -29.93 -51.38
N HIS A 3750 -50.40 -29.20 -52.47
CA HIS A 3750 -49.37 -29.51 -53.46
C HIS A 3750 -48.16 -28.62 -53.20
N VAL A 3751 -47.01 -29.25 -52.96
CA VAL A 3751 -45.76 -28.50 -52.77
C VAL A 3751 -45.23 -28.10 -54.14
N PRO A 3752 -44.97 -26.82 -54.39
CA PRO A 3752 -44.45 -26.40 -55.68
C PRO A 3752 -43.04 -26.93 -55.91
N PHE A 3753 -42.65 -26.94 -57.18
CA PHE A 3753 -41.33 -27.36 -57.63
C PHE A 3753 -41.07 -28.85 -57.41
N THR A 3754 -42.12 -29.63 -57.13
CA THR A 3754 -42.00 -31.07 -56.93
C THR A 3754 -43.37 -31.69 -57.18
N ASP A 3755 -43.50 -32.98 -56.88
CA ASP A 3755 -44.72 -33.73 -57.14
C ASP A 3755 -45.21 -34.45 -55.88
N LEU A 3756 -44.97 -33.86 -54.71
CA LEU A 3756 -45.43 -34.44 -53.45
C LEU A 3756 -46.94 -34.26 -53.33
N GLN A 3757 -47.63 -35.35 -53.00
CA GLN A 3757 -49.08 -35.35 -52.83
C GLN A 3757 -49.40 -35.76 -51.39
N VAL A 3758 -49.74 -34.80 -50.56
CA VAL A 3758 -50.08 -35.04 -49.16
C VAL A 3758 -51.59 -35.21 -49.06
N PRO A 3759 -52.09 -36.36 -48.61
CA PRO A 3759 -53.54 -36.54 -48.46
C PRO A 3759 -54.07 -35.71 -47.29
N SER A 3760 -55.39 -35.57 -47.26
CA SER A 3760 -56.05 -34.76 -46.25
C SER A 3760 -55.99 -35.46 -44.89
N CYS A 3761 -56.16 -34.66 -43.83
CA CYS A 3761 -56.14 -35.18 -42.47
C CYS A 3761 -57.29 -34.58 -41.68
N LYS A 3762 -57.75 -35.33 -40.69
CA LYS A 3762 -58.83 -34.90 -39.80
C LYS A 3762 -58.35 -35.06 -38.37
N LEU A 3763 -57.95 -33.96 -37.74
CA LEU A 3763 -57.41 -33.99 -36.38
C LEU A 3763 -58.52 -33.64 -35.39
N ASP A 3764 -58.62 -34.43 -34.34
CA ASP A 3764 -59.65 -34.28 -33.32
C ASP A 3764 -59.03 -33.74 -32.04
N PHE A 3765 -59.77 -32.86 -31.36
CA PHE A 3765 -59.34 -32.28 -30.10
C PHE A 3765 -59.81 -33.07 -28.89
N ARG A 3766 -61.08 -33.48 -28.87
CA ARG A 3766 -61.60 -34.24 -27.73
C ARG A 3766 -60.99 -35.62 -27.67
N GLU A 3767 -60.89 -36.30 -28.80
CA GLU A 3767 -60.27 -37.61 -28.91
C GLU A 3767 -58.99 -37.50 -29.74
N ILE A 3768 -58.39 -38.65 -30.02
CA ILE A 3768 -57.17 -38.73 -30.82
C ILE A 3768 -57.41 -39.73 -31.95
N GLN A 3769 -57.35 -39.26 -33.17
CA GLN A 3769 -57.50 -40.10 -34.36
C GLN A 3769 -56.19 -40.10 -35.13
N ILE A 3770 -55.66 -41.29 -35.40
CA ILE A 3770 -54.45 -41.45 -36.19
C ILE A 3770 -54.74 -42.43 -37.33
N TYR A 3771 -54.16 -42.18 -38.49
CA TYR A 3771 -54.38 -43.03 -39.65
C TYR A 3771 -53.37 -44.17 -39.65
N LYS A 3772 -53.86 -45.40 -39.81
CA LYS A 3772 -52.99 -46.57 -39.74
C LYS A 3772 -51.94 -46.54 -40.85
N LYS A 3773 -52.33 -46.14 -42.06
CA LYS A 3773 -51.44 -46.13 -43.20
C LYS A 3773 -51.45 -44.74 -43.83
N LEU A 3774 -50.26 -44.25 -44.18
CA LEU A 3774 -50.08 -42.96 -44.83
C LEU A 3774 -49.35 -43.17 -46.14
N ARG A 3775 -49.89 -42.60 -47.22
CA ARG A 3775 -49.42 -42.87 -48.57
C ARG A 3775 -48.78 -41.63 -49.16
N THR A 3776 -47.55 -41.78 -49.65
CA THR A 3776 -46.81 -40.69 -50.27
C THR A 3776 -46.52 -41.07 -51.72
N SER A 3777 -46.97 -40.24 -52.65
CA SER A 3777 -46.81 -40.50 -54.06
C SER A 3777 -45.36 -40.29 -54.49
N SER A 3778 -45.04 -40.71 -55.70
CA SER A 3778 -43.70 -40.54 -56.25
C SER A 3778 -43.50 -39.09 -56.70
N PHE A 3779 -42.26 -38.64 -56.60
CA PHE A 3779 -41.92 -37.28 -57.01
C PHE A 3779 -40.43 -37.21 -57.33
N ALA A 3780 -40.05 -36.23 -58.14
CA ALA A 3780 -38.67 -36.06 -58.57
C ALA A 3780 -38.44 -34.58 -58.86
N LEU A 3781 -37.34 -34.28 -59.55
CA LEU A 3781 -36.99 -32.94 -59.97
C LEU A 3781 -36.90 -32.90 -61.49
N ASN A 3782 -36.47 -31.75 -62.01
CA ASN A 3782 -36.35 -31.54 -63.46
C ASN A 3782 -34.95 -31.00 -63.74
N LEU A 3783 -33.99 -31.90 -63.94
CA LEU A 3783 -32.59 -31.54 -64.18
C LEU A 3783 -32.12 -32.16 -65.49
N PRO A 3784 -31.94 -31.36 -66.55
CA PRO A 3784 -31.50 -31.95 -67.83
C PRO A 3784 -30.06 -32.43 -67.76
N THR A 3785 -29.81 -33.58 -68.40
CA THR A 3785 -28.48 -34.18 -68.50
C THR A 3785 -27.85 -34.37 -67.12
N LEU A 3786 -28.67 -34.73 -66.15
CA LEU A 3786 -28.23 -34.93 -64.77
C LEU A 3786 -28.93 -36.15 -64.20
N PRO A 3787 -28.32 -36.83 -63.21
CA PRO A 3787 -28.99 -37.97 -62.59
C PRO A 3787 -30.16 -37.55 -61.73
N GLU A 3788 -31.38 -37.78 -62.22
CA GLU A 3788 -32.58 -37.40 -61.50
C GLU A 3788 -32.94 -38.46 -60.46
N VAL A 3789 -33.04 -38.04 -59.21
CA VAL A 3789 -33.38 -38.96 -58.11
C VAL A 3789 -34.90 -38.97 -57.99
N LYS A 3790 -35.51 -40.05 -58.45
CA LYS A 3790 -36.95 -40.25 -58.33
C LYS A 3790 -37.25 -41.13 -57.13
N PHE A 3791 -38.10 -40.62 -56.23
CA PHE A 3791 -38.51 -41.37 -55.06
C PHE A 3791 -39.86 -42.00 -55.31
N PRO A 3792 -39.95 -43.32 -55.40
CA PRO A 3792 -41.26 -43.96 -55.61
C PRO A 3792 -42.19 -43.84 -54.41
N GLU A 3793 -43.44 -44.23 -54.58
CA GLU A 3793 -44.43 -44.10 -53.52
C GLU A 3793 -44.06 -44.97 -52.32
N VAL A 3794 -44.46 -44.51 -51.13
CA VAL A 3794 -44.19 -45.24 -49.90
C VAL A 3794 -45.46 -45.24 -49.05
N ASP A 3795 -45.76 -46.38 -48.45
CA ASP A 3795 -46.95 -46.54 -47.60
C ASP A 3795 -46.47 -46.85 -46.18
N VAL A 3796 -46.36 -45.81 -45.37
CA VAL A 3796 -45.89 -45.95 -44.00
C VAL A 3796 -47.03 -46.48 -43.14
N LEU A 3797 -46.76 -47.53 -42.39
CA LEU A 3797 -47.79 -48.18 -41.57
C LEU A 3797 -47.63 -47.80 -40.10
N THR A 3798 -48.73 -47.94 -39.36
CA THR A 3798 -48.74 -47.70 -37.92
C THR A 3798 -49.58 -48.79 -37.27
N LYS A 3799 -49.01 -49.46 -36.28
CA LYS A 3799 -49.67 -50.61 -35.67
C LYS A 3799 -49.40 -50.66 -34.18
N TYR A 3800 -50.42 -51.02 -33.41
CA TYR A 3800 -50.28 -51.23 -31.96
C TYR A 3800 -49.90 -52.69 -31.73
N SER A 3801 -48.70 -52.91 -31.19
CA SER A 3801 -48.14 -54.24 -31.07
C SER A 3801 -47.70 -54.53 -29.63
N GLN A 3802 -47.46 -55.80 -29.36
CA GLN A 3802 -46.96 -56.26 -28.07
C GLN A 3802 -45.73 -57.13 -28.32
N PRO A 3803 -44.53 -56.64 -28.01
CA PRO A 3803 -43.31 -57.39 -28.34
C PRO A 3803 -43.19 -58.66 -27.53
N GLU A 3804 -42.49 -59.64 -28.11
CA GLU A 3804 -42.20 -60.89 -27.42
C GLU A 3804 -41.13 -60.73 -26.35
N ASP A 3805 -40.10 -59.92 -26.61
CA ASP A 3805 -39.03 -59.67 -25.65
C ASP A 3805 -39.20 -58.35 -24.92
N SER A 3806 -40.39 -57.77 -24.95
CA SER A 3806 -40.70 -56.57 -24.19
C SER A 3806 -42.15 -56.64 -23.74
N LEU A 3807 -42.37 -56.71 -22.42
CA LEU A 3807 -43.73 -56.84 -21.90
C LEU A 3807 -44.55 -55.58 -22.07
N ILE A 3808 -43.91 -54.46 -22.43
CA ILE A 3808 -44.60 -53.19 -22.64
C ILE A 3808 -45.19 -53.16 -24.05
N PRO A 3809 -46.50 -52.94 -24.20
CA PRO A 3809 -47.05 -52.71 -25.54
C PRO A 3809 -46.55 -51.39 -26.11
N PHE A 3810 -46.39 -51.37 -27.42
CA PHE A 3810 -45.89 -50.19 -28.11
C PHE A 3810 -46.73 -49.89 -29.34
N PHE A 3811 -46.43 -48.75 -29.96
CA PHE A 3811 -46.93 -48.39 -31.28
C PHE A 3811 -45.75 -48.30 -32.23
N GLU A 3812 -45.77 -49.10 -33.29
CA GLU A 3812 -44.69 -49.15 -34.26
C GLU A 3812 -45.14 -48.46 -35.54
N ILE A 3813 -44.38 -47.46 -35.95
CA ILE A 3813 -44.57 -46.77 -37.23
C ILE A 3813 -43.41 -47.18 -38.12
N THR A 3814 -43.73 -47.82 -39.24
CA THR A 3814 -42.73 -48.42 -40.11
C THR A 3814 -42.82 -47.81 -41.50
N VAL A 3815 -41.71 -47.24 -41.96
CA VAL A 3815 -41.54 -46.81 -43.36
C VAL A 3815 -40.94 -47.98 -44.12
N PRO A 3816 -41.60 -48.50 -45.14
CA PRO A 3816 -41.07 -49.68 -45.84
C PRO A 3816 -39.83 -49.36 -46.64
N GLU A 3817 -39.30 -50.40 -47.27
CA GLU A 3817 -38.14 -50.27 -48.15
C GLU A 3817 -38.45 -49.31 -49.29
N SER A 3818 -37.46 -48.50 -49.65
CA SER A 3818 -37.59 -47.59 -50.78
C SER A 3818 -36.46 -47.82 -51.77
N GLN A 3819 -36.78 -47.72 -53.05
CA GLN A 3819 -35.80 -47.90 -54.13
C GLN A 3819 -35.64 -46.57 -54.88
N LEU A 3820 -34.70 -45.76 -54.41
CA LEU A 3820 -34.42 -44.47 -55.02
C LEU A 3820 -33.82 -44.66 -56.40
N THR A 3821 -34.39 -43.95 -57.38
CA THR A 3821 -34.05 -44.07 -58.79
C THR A 3821 -33.04 -42.99 -59.16
N VAL A 3822 -31.86 -43.38 -59.63
CA VAL A 3822 -30.81 -42.43 -60.00
C VAL A 3822 -30.61 -42.54 -61.52
N SER A 3823 -31.13 -41.57 -62.26
CA SER A 3823 -31.17 -41.66 -63.70
C SER A 3823 -29.76 -41.58 -64.29
N GLN A 3824 -29.64 -42.08 -65.52
CA GLN A 3824 -28.35 -42.09 -66.22
C GLN A 3824 -27.81 -40.69 -66.41
N PHE A 3825 -26.49 -40.56 -66.29
CA PHE A 3825 -25.81 -39.31 -66.54
C PHE A 3825 -24.56 -39.57 -67.37
N THR A 3826 -23.99 -38.48 -67.88
CA THR A 3826 -22.86 -38.54 -68.79
C THR A 3826 -21.63 -37.91 -68.13
N LEU A 3827 -20.48 -38.52 -68.36
CA LEU A 3827 -19.21 -38.09 -67.80
C LEU A 3827 -18.22 -37.89 -68.93
N PRO A 3828 -17.31 -36.90 -68.80
CA PRO A 3828 -16.59 -36.31 -69.95
C PRO A 3828 -17.00 -36.72 -71.36
N LYS A 3829 -18.24 -36.41 -71.73
CA LYS A 3829 -18.58 -36.29 -73.15
C LYS A 3829 -19.10 -34.88 -73.44
N SER A 3830 -20.16 -34.49 -72.75
CA SER A 3830 -20.69 -33.13 -72.81
C SER A 3830 -21.54 -32.85 -71.57
N VAL A 3831 -20.99 -32.12 -70.61
CA VAL A 3831 -21.72 -31.91 -69.36
C VAL A 3831 -22.55 -30.63 -69.45
N SER A 3832 -23.72 -30.67 -68.82
CA SER A 3832 -24.62 -29.52 -68.79
C SER A 3832 -25.49 -29.64 -67.55
N ASP A 3833 -25.35 -28.71 -66.62
CA ASP A 3833 -26.06 -28.73 -65.35
C ASP A 3833 -27.25 -27.78 -65.33
N GLY A 3834 -27.91 -27.58 -66.47
CA GLY A 3834 -29.04 -26.67 -66.52
C GLY A 3834 -28.67 -25.21 -66.60
N ILE A 3835 -27.38 -24.90 -66.71
CA ILE A 3835 -26.89 -23.53 -66.79
C ILE A 3835 -26.16 -23.27 -68.10
N ALA A 3836 -25.14 -24.07 -68.39
CA ALA A 3836 -24.36 -23.93 -69.61
C ALA A 3836 -23.89 -25.31 -70.06
N ALA A 3837 -24.00 -25.56 -71.36
CA ALA A 3837 -23.56 -26.83 -71.93
C ALA A 3837 -22.04 -26.78 -72.11
N LEU A 3838 -21.33 -27.68 -71.43
CA LEU A 3838 -19.88 -27.74 -71.48
C LEU A 3838 -19.46 -29.00 -72.23
N ASP A 3839 -18.77 -28.81 -73.35
CA ASP A 3839 -18.26 -29.93 -74.13
C ASP A 3839 -16.82 -30.16 -73.71
N LEU A 3840 -16.59 -31.16 -72.87
CA LEU A 3840 -15.24 -31.48 -72.44
C LEU A 3840 -14.40 -32.05 -73.58
N ASN A 3841 -15.04 -32.79 -74.49
CA ASN A 3841 -14.32 -33.32 -75.64
C ASN A 3841 -13.82 -32.20 -76.55
N ALA A 3842 -14.64 -31.16 -76.75
CA ALA A 3842 -14.22 -30.04 -77.58
C ALA A 3842 -13.02 -29.32 -76.97
N VAL A 3843 -13.06 -29.07 -75.67
CA VAL A 3843 -11.93 -28.40 -75.01
C VAL A 3843 -10.70 -29.29 -75.04
N ALA A 3844 -10.88 -30.60 -74.87
CA ALA A 3844 -9.75 -31.53 -74.92
C ALA A 3844 -9.10 -31.53 -76.29
N ASN A 3845 -9.90 -31.56 -77.36
CA ASN A 3845 -9.35 -31.50 -78.71
C ASN A 3845 -8.71 -30.13 -78.98
N LYS A 3846 -9.26 -29.07 -78.38
CA LYS A 3846 -8.66 -27.75 -78.52
C LYS A 3846 -7.28 -27.69 -77.88
N ILE A 3847 -7.12 -28.31 -76.70
CA ILE A 3847 -5.87 -28.18 -75.96
C ILE A 3847 -4.81 -29.20 -76.34
N ALA A 3848 -5.20 -30.42 -76.74
CA ALA A 3848 -4.19 -31.44 -77.01
C ALA A 3848 -4.48 -32.30 -78.24
N ASP A 3849 -5.48 -31.96 -79.05
CA ASP A 3849 -5.85 -32.76 -80.22
C ASP A 3849 -6.13 -34.22 -79.83
N PHE A 3850 -6.88 -34.40 -78.75
CA PHE A 3850 -7.18 -35.73 -78.24
C PHE A 3850 -8.48 -35.64 -77.45
N GLU A 3851 -9.55 -36.21 -78.01
CA GLU A 3851 -10.85 -36.13 -77.35
C GLU A 3851 -10.99 -37.20 -76.27
N LEU A 3852 -11.65 -36.82 -75.18
CA LEU A 3852 -11.87 -37.70 -74.05
C LEU A 3852 -12.84 -38.82 -74.40
N PRO A 3853 -12.57 -40.04 -73.92
CA PRO A 3853 -13.55 -41.12 -74.09
C PRO A 3853 -14.86 -40.77 -73.40
N THR A 3854 -15.97 -41.12 -74.05
CA THR A 3854 -17.29 -40.82 -73.51
C THR A 3854 -17.65 -41.81 -72.41
N ILE A 3855 -18.13 -41.30 -71.28
CA ILE A 3855 -18.56 -42.14 -70.16
C ILE A 3855 -20.06 -41.99 -70.00
N ILE A 3856 -20.75 -43.12 -69.92
CA ILE A 3856 -22.20 -43.15 -69.73
C ILE A 3856 -22.48 -43.98 -68.47
N VAL A 3857 -22.76 -43.30 -67.36
CA VAL A 3857 -23.02 -43.98 -66.10
C VAL A 3857 -24.54 -44.17 -65.97
N PRO A 3858 -25.03 -45.40 -66.00
CA PRO A 3858 -26.48 -45.63 -66.11
C PRO A 3858 -27.24 -45.46 -64.80
N GLU A 3859 -28.52 -45.84 -64.81
CA GLU A 3859 -29.36 -45.93 -63.62
C GLU A 3859 -28.64 -46.59 -62.45
N GLN A 3860 -28.99 -46.13 -61.25
CA GLN A 3860 -28.59 -46.75 -60.00
C GLN A 3860 -29.78 -46.80 -59.06
N THR A 3861 -29.84 -47.87 -58.28
CA THR A 3861 -30.94 -48.11 -57.34
C THR A 3861 -30.36 -48.01 -55.94
N ILE A 3862 -30.79 -47.00 -55.18
CA ILE A 3862 -30.32 -46.83 -53.82
C ILE A 3862 -31.37 -47.37 -52.86
N GLU A 3863 -30.95 -48.17 -51.89
CA GLU A 3863 -31.88 -48.79 -50.95
C GLU A 3863 -32.07 -47.92 -49.72
N ILE A 3864 -33.33 -47.73 -49.35
CA ILE A 3864 -33.70 -47.07 -48.10
C ILE A 3864 -34.33 -48.13 -47.20
N PRO A 3865 -33.65 -48.53 -46.13
CA PRO A 3865 -34.13 -49.67 -45.33
C PRO A 3865 -35.47 -49.37 -44.68
N SER A 3866 -36.21 -50.45 -44.43
CA SER A 3866 -37.52 -50.36 -43.79
C SER A 3866 -37.30 -50.00 -42.33
N ILE A 3867 -37.48 -48.72 -42.02
CA ILE A 3867 -37.20 -48.21 -40.69
C ILE A 3867 -38.45 -48.30 -39.84
N LYS A 3868 -38.26 -48.47 -38.53
CA LYS A 3868 -39.40 -48.63 -37.63
C LYS A 3868 -39.11 -47.90 -36.33
N PHE A 3869 -40.05 -47.04 -35.92
CA PHE A 3869 -39.97 -46.34 -34.64
C PHE A 3869 -41.05 -46.89 -33.72
N SER A 3870 -40.66 -47.34 -32.55
CA SER A 3870 -41.58 -47.89 -31.56
C SER A 3870 -41.69 -46.91 -30.39
N VAL A 3871 -42.91 -46.50 -30.08
CA VAL A 3871 -43.16 -45.54 -29.01
C VAL A 3871 -43.97 -46.21 -27.92
N PRO A 3872 -43.81 -45.81 -26.66
CA PRO A 3872 -44.52 -46.48 -25.56
C PRO A 3872 -46.02 -46.27 -25.63
N ALA A 3873 -46.75 -47.23 -25.09
CA ALA A 3873 -48.21 -47.16 -25.03
C ALA A 3873 -48.68 -47.06 -23.58
N GLY A 3874 -48.17 -47.94 -22.71
CA GLY A 3874 -48.53 -47.91 -21.31
C GLY A 3874 -47.48 -48.54 -20.42
N ILE A 3875 -47.77 -48.59 -19.11
CA ILE A 3875 -46.86 -49.18 -18.14
C ILE A 3875 -47.33 -50.60 -17.84
N VAL A 3876 -46.37 -51.50 -17.66
CA VAL A 3876 -46.65 -52.89 -17.30
C VAL A 3876 -45.64 -53.24 -16.20
N ILE A 3877 -46.07 -53.13 -14.95
CA ILE A 3877 -45.20 -53.36 -13.80
C ILE A 3877 -45.50 -54.75 -13.25
N PRO A 3878 -44.58 -55.71 -13.36
CA PRO A 3878 -44.86 -57.07 -12.90
C PRO A 3878 -45.07 -57.16 -11.40
N SER A 3879 -45.90 -58.11 -10.99
CA SER A 3879 -46.16 -58.34 -9.58
C SER A 3879 -45.14 -59.31 -8.99
N PHE A 3880 -44.70 -59.01 -7.77
CA PHE A 3880 -43.79 -59.91 -7.08
C PHE A 3880 -44.47 -61.24 -6.78
N GLN A 3881 -43.82 -62.32 -7.15
CA GLN A 3881 -44.29 -63.66 -6.79
C GLN A 3881 -43.25 -64.39 -5.96
N ALA A 3882 -42.02 -64.50 -6.44
CA ALA A 3882 -41.03 -65.37 -5.81
C ALA A 3882 -39.64 -64.77 -5.99
N LEU A 3883 -38.83 -64.89 -4.94
CA LEU A 3883 -37.43 -64.49 -4.97
C LEU A 3883 -36.61 -65.53 -4.22
N THR A 3884 -35.68 -66.16 -4.92
CA THR A 3884 -34.86 -67.22 -4.35
C THR A 3884 -33.39 -66.87 -4.50
N ALA A 3885 -32.64 -66.98 -3.40
CA ALA A 3885 -31.20 -66.77 -3.40
C ALA A 3885 -30.54 -67.94 -2.69
N ARG A 3886 -29.70 -68.68 -3.41
CA ARG A 3886 -29.06 -69.86 -2.86
C ARG A 3886 -27.55 -69.72 -3.01
N PHE A 3887 -26.83 -69.96 -1.92
CA PHE A 3887 -25.38 -69.93 -1.88
C PHE A 3887 -24.91 -71.30 -1.40
N GLU A 3888 -24.01 -71.93 -2.15
CA GLU A 3888 -23.49 -73.23 -1.78
C GLU A 3888 -21.98 -73.26 -1.93
N VAL A 3889 -21.31 -73.85 -0.94
CA VAL A 3889 -19.88 -74.09 -0.98
C VAL A 3889 -19.63 -75.56 -0.67
N ASP A 3890 -18.80 -76.22 -1.49
CA ASP A 3890 -18.49 -77.61 -1.31
C ASP A 3890 -16.98 -77.80 -1.21
N SER A 3891 -16.56 -78.46 -0.15
CA SER A 3891 -15.18 -78.88 0.04
C SER A 3891 -15.21 -80.08 0.97
N PRO A 3892 -14.35 -81.08 0.77
CA PRO A 3892 -14.43 -82.27 1.62
C PRO A 3892 -13.77 -82.04 2.97
N VAL A 3893 -13.96 -80.84 3.51
CA VAL A 3893 -13.71 -80.54 4.92
C VAL A 3893 -14.87 -79.67 5.39
N TYR A 3894 -15.63 -79.14 4.43
CA TYR A 3894 -16.64 -78.13 4.71
C TYR A 3894 -17.61 -78.05 3.55
N ASN A 3895 -18.88 -78.32 3.84
CA ASN A 3895 -19.94 -78.22 2.86
C ASN A 3895 -21.08 -77.44 3.48
N ALA A 3896 -21.33 -76.23 2.98
CA ALA A 3896 -22.33 -75.35 3.56
C ALA A 3896 -23.30 -74.89 2.50
N THR A 3897 -24.56 -74.70 2.92
CA THR A 3897 -25.61 -74.29 1.99
C THR A 3897 -26.58 -73.37 2.71
N TRP A 3898 -26.81 -72.19 2.13
CA TRP A 3898 -27.81 -71.25 2.61
C TRP A 3898 -28.82 -71.01 1.50
N SER A 3899 -30.10 -71.01 1.87
CA SER A 3899 -31.18 -70.82 0.92
C SER A 3899 -32.19 -69.86 1.52
N ALA A 3900 -32.43 -68.74 0.83
CA ALA A 3900 -33.42 -67.75 1.25
C ALA A 3900 -34.51 -67.71 0.19
N SER A 3901 -35.76 -67.92 0.62
CA SER A 3901 -36.90 -67.91 -0.29
C SER A 3901 -37.95 -66.95 0.25
N LEU A 3902 -38.29 -65.94 -0.54
CA LEU A 3902 -39.31 -64.96 -0.18
C LEU A 3902 -40.42 -65.04 -1.22
N LYS A 3903 -41.61 -65.43 -0.78
CA LYS A 3903 -42.76 -65.67 -1.63
C LYS A 3903 -43.92 -64.76 -1.23
N ASN A 3904 -44.75 -64.43 -2.19
CA ASN A 3904 -45.93 -63.59 -1.95
C ASN A 3904 -47.14 -64.31 -2.52
N LYS A 3905 -47.92 -64.96 -1.64
CA LYS A 3905 -49.11 -65.69 -2.06
C LYS A 3905 -50.35 -65.05 -1.45
N ALA A 3906 -51.34 -64.77 -2.30
CA ALA A 3906 -52.60 -64.15 -1.90
C ALA A 3906 -52.34 -62.83 -1.19
N ASP A 3907 -52.51 -62.82 0.14
CA ASP A 3907 -52.32 -61.62 0.95
C ASP A 3907 -51.34 -61.90 2.08
N TYR A 3908 -50.44 -62.86 1.88
CA TYR A 3908 -49.44 -63.17 2.88
C TYR A 3908 -48.10 -63.44 2.22
N VAL A 3909 -47.06 -62.90 2.83
CA VAL A 3909 -45.68 -63.11 2.41
C VAL A 3909 -45.10 -64.20 3.30
N GLU A 3910 -44.48 -65.19 2.66
CA GLU A 3910 -43.81 -66.28 3.35
C GLU A 3910 -42.31 -66.14 3.17
N THR A 3911 -41.56 -66.43 4.22
CA THR A 3911 -40.11 -66.29 4.20
C THR A 3911 -39.51 -67.56 4.82
N VAL A 3912 -38.75 -68.30 4.03
CA VAL A 3912 -38.13 -69.55 4.47
C VAL A 3912 -36.62 -69.39 4.37
N LEU A 3913 -35.93 -69.62 5.48
CA LEU A 3913 -34.48 -69.55 5.56
C LEU A 3913 -33.95 -70.92 5.95
N ASP A 3914 -33.00 -71.43 5.17
CA ASP A 3914 -32.30 -72.66 5.47
C ASP A 3914 -30.80 -72.35 5.55
N SER A 3915 -30.15 -72.86 6.59
CA SER A 3915 -28.71 -72.74 6.72
C SER A 3915 -28.18 -74.05 7.29
N THR A 3916 -27.52 -74.83 6.45
CA THR A 3916 -26.97 -76.11 6.87
C THR A 3916 -25.47 -76.13 6.64
N CYS A 3917 -24.75 -76.84 7.51
CA CYS A 3917 -23.31 -76.96 7.30
C CYS A 3917 -22.81 -78.30 7.82
N SER A 3918 -21.79 -78.82 7.14
CA SER A 3918 -21.17 -80.08 7.49
C SER A 3918 -19.66 -79.93 7.39
N SER A 3919 -18.95 -80.70 8.20
CA SER A 3919 -17.49 -80.61 8.26
C SER A 3919 -16.93 -81.95 8.71
N THR A 3920 -15.63 -81.99 8.96
CA THR A 3920 -14.96 -83.20 9.44
C THR A 3920 -14.98 -83.32 10.95
N VAL A 3921 -15.50 -82.32 11.67
CA VAL A 3921 -15.55 -82.35 13.11
C VAL A 3921 -16.98 -82.55 13.55
N GLN A 3922 -17.15 -83.38 14.59
CA GLN A 3922 -18.46 -83.83 15.06
C GLN A 3922 -19.23 -82.75 15.80
N PHE A 3923 -18.77 -81.51 15.77
CA PHE A 3923 -19.52 -80.40 16.35
C PHE A 3923 -19.55 -79.20 15.40
N LEU A 3924 -19.44 -79.47 14.10
CA LEU A 3924 -19.48 -78.42 13.09
C LEU A 3924 -20.61 -78.60 12.09
N GLU A 3925 -21.50 -79.58 12.30
CA GLU A 3925 -22.54 -79.91 11.34
C GLU A 3925 -23.88 -79.53 11.96
N TYR A 3926 -24.48 -78.45 11.48
CA TYR A 3926 -25.70 -77.95 12.07
C TYR A 3926 -26.76 -77.75 11.00
N GLU A 3927 -28.00 -77.57 11.46
CA GLU A 3927 -29.07 -77.13 10.58
C GLU A 3927 -29.93 -76.10 11.29
N LEU A 3928 -30.15 -74.96 10.63
CA LEU A 3928 -31.09 -73.94 11.06
C LEU A 3928 -32.17 -73.78 10.01
N ASN A 3929 -33.43 -73.77 10.45
CA ASN A 3929 -34.56 -73.49 9.57
C ASN A 3929 -35.46 -72.44 10.21
N VAL A 3930 -35.99 -71.55 9.38
CA VAL A 3930 -36.90 -70.50 9.82
C VAL A 3930 -38.04 -70.40 8.83
N LEU A 3931 -39.26 -70.40 9.34
CA LEU A 3931 -40.45 -70.20 8.52
C LEU A 3931 -41.27 -69.05 9.11
N GLY A 3932 -41.52 -68.03 8.30
CA GLY A 3932 -42.31 -66.91 8.76
C GLY A 3932 -43.40 -66.50 7.79
N THR A 3933 -44.64 -66.51 8.25
CA THR A 3933 -45.79 -66.10 7.45
C THR A 3933 -46.31 -64.78 7.99
N HIS A 3934 -46.47 -63.80 7.11
CA HIS A 3934 -46.93 -62.46 7.46
C HIS A 3934 -48.09 -62.14 6.55
N LYS A 3935 -49.31 -62.17 7.09
CA LYS A 3935 -50.50 -61.90 6.30
C LYS A 3935 -50.98 -60.48 6.60
N ILE A 3936 -51.25 -59.73 5.54
CA ILE A 3936 -51.71 -58.35 5.66
C ILE A 3936 -53.19 -58.31 5.32
N GLU A 3937 -53.99 -57.80 6.26
CA GLU A 3937 -55.43 -57.68 6.11
C GLU A 3937 -55.83 -56.25 6.42
N ASP A 3938 -55.99 -55.43 5.38
CA ASP A 3938 -56.41 -54.03 5.51
C ASP A 3938 -55.53 -53.25 6.47
N GLY A 3939 -54.23 -53.55 6.48
CA GLY A 3939 -53.30 -52.93 7.38
C GLY A 3939 -52.92 -53.78 8.59
N THR A 3940 -53.87 -54.53 9.13
CA THR A 3940 -53.58 -55.41 10.25
C THR A 3940 -52.61 -56.50 9.82
N LEU A 3941 -51.60 -56.77 10.64
CA LEU A 3941 -50.62 -57.79 10.34
C LEU A 3941 -50.86 -59.01 11.22
N ALA A 3942 -50.79 -60.19 10.62
CA ALA A 3942 -50.83 -61.46 11.34
C ALA A 3942 -49.49 -62.15 11.11
N SER A 3943 -48.71 -62.30 12.18
CA SER A 3943 -47.35 -62.82 12.10
C SER A 3943 -47.26 -64.16 12.81
N LYS A 3944 -46.75 -65.16 12.10
CA LYS A 3944 -46.50 -66.48 12.68
C LYS A 3944 -45.13 -66.95 12.22
N THR A 3945 -44.21 -67.11 13.15
CA THR A 3945 -42.85 -67.52 12.82
C THR A 3945 -42.42 -68.69 13.69
N LYS A 3946 -41.59 -69.55 13.11
CA LYS A 3946 -40.98 -70.67 13.83
C LYS A 3946 -39.53 -70.78 13.39
N GLY A 3947 -38.63 -70.66 14.35
CA GLY A 3947 -37.21 -70.83 14.10
C GLY A 3947 -36.63 -71.96 14.92
N THR A 3948 -36.05 -72.96 14.26
CA THR A 3948 -35.50 -74.12 14.94
C THR A 3948 -34.07 -74.35 14.49
N PHE A 3949 -33.18 -74.47 15.46
CA PHE A 3949 -31.78 -74.79 15.23
C PHE A 3949 -31.48 -76.14 15.87
N ALA A 3950 -30.74 -76.97 15.16
CA ALA A 3950 -30.33 -78.28 15.62
C ALA A 3950 -28.82 -78.45 15.46
N HIS A 3951 -28.18 -78.81 16.57
CA HIS A 3951 -26.77 -79.17 16.60
C HIS A 3951 -26.53 -80.20 17.70
N ARG A 3952 -25.28 -80.38 18.10
CA ARG A 3952 -24.88 -81.54 18.90
C ARG A 3952 -25.01 -81.38 20.41
N ASP A 3953 -25.20 -80.18 20.94
CA ASP A 3953 -25.27 -80.01 22.39
C ASP A 3953 -26.48 -79.22 22.85
N PHE A 3954 -27.46 -79.00 21.98
CA PHE A 3954 -28.70 -78.31 22.32
C PHE A 3954 -29.60 -78.29 21.10
N SER A 3955 -30.80 -77.76 21.28
CA SER A 3955 -31.73 -77.48 20.19
C SER A 3955 -32.57 -76.29 20.57
N ALA A 3956 -32.73 -75.35 19.63
CA ALA A 3956 -33.45 -74.11 19.86
C ALA A 3956 -34.75 -74.14 19.07
N GLU A 3957 -35.87 -73.90 19.75
CA GLU A 3957 -37.17 -73.91 19.11
C GLU A 3957 -37.96 -72.71 19.59
N TYR A 3958 -38.10 -71.71 18.72
CA TYR A 3958 -38.83 -70.48 19.02
C TYR A 3958 -40.05 -70.37 18.13
N GLU A 3959 -41.23 -70.41 18.73
CA GLU A 3959 -42.50 -70.22 18.02
C GLU A 3959 -43.12 -68.92 18.51
N GLU A 3960 -43.41 -68.01 17.58
CA GLU A 3960 -44.10 -66.78 17.92
C GLU A 3960 -45.33 -66.64 17.05
N ASP A 3961 -46.43 -66.21 17.66
CA ASP A 3961 -47.62 -65.83 16.93
C ASP A 3961 -48.14 -64.51 17.48
N GLY A 3962 -48.75 -63.72 16.62
CA GLY A 3962 -49.31 -62.47 17.09
C GLY A 3962 -49.97 -61.69 15.97
N LYS A 3963 -50.57 -60.59 16.37
CA LYS A 3963 -51.22 -59.65 15.47
C LYS A 3963 -50.77 -58.24 15.82
N TYR A 3964 -50.83 -57.36 14.82
CA TYR A 3964 -50.29 -56.01 14.94
C TYR A 3964 -51.22 -55.04 14.25
N GLU A 3965 -51.57 -53.96 14.96
CA GLU A 3965 -52.39 -52.89 14.43
C GLU A 3965 -51.90 -51.57 15.02
N GLY A 3966 -52.25 -50.48 14.34
CA GLY A 3966 -51.82 -49.17 14.80
C GLY A 3966 -50.31 -49.04 14.77
N LEU A 3967 -49.77 -48.29 15.73
CA LEU A 3967 -48.33 -48.09 15.83
C LEU A 3967 -47.69 -48.93 16.93
N GLN A 3968 -48.43 -49.25 18.00
CA GLN A 3968 -47.92 -50.09 19.07
C GLN A 3968 -48.96 -51.09 19.54
N GLU A 3969 -49.89 -51.46 18.66
CA GLU A 3969 -51.00 -52.34 19.04
C GLU A 3969 -50.66 -53.78 18.66
N TRP A 3970 -49.67 -54.33 19.34
CA TRP A 3970 -49.27 -55.72 19.13
C TRP A 3970 -49.86 -56.59 20.22
N GLU A 3971 -50.27 -57.79 19.85
CA GLU A 3971 -50.90 -58.71 20.80
C GLU A 3971 -50.61 -60.14 20.38
N GLY A 3972 -50.04 -60.93 21.27
CA GLY A 3972 -49.73 -62.30 20.93
C GLY A 3972 -48.79 -62.94 21.92
N LYS A 3973 -48.30 -64.11 21.55
CA LYS A 3973 -47.49 -64.95 22.42
C LYS A 3973 -46.21 -65.38 21.70
N ALA A 3974 -45.21 -65.73 22.51
CA ALA A 3974 -43.90 -66.10 21.99
C ALA A 3974 -43.25 -67.08 22.96
N HIS A 3975 -43.04 -68.31 22.52
CA HIS A 3975 -42.49 -69.36 23.38
C HIS A 3975 -41.18 -69.85 22.78
N LEU A 3976 -40.10 -69.73 23.54
CA LEU A 3976 -38.79 -70.21 23.14
C LEU A 3976 -38.38 -71.33 24.09
N ASN A 3977 -37.83 -72.40 23.53
CA ASN A 3977 -37.39 -73.56 24.29
C ASN A 3977 -35.99 -73.93 23.81
N ILE A 3978 -35.02 -73.83 24.71
CA ILE A 3978 -33.66 -74.28 24.44
C ILE A 3978 -33.43 -75.55 25.26
N LYS A 3979 -32.93 -76.59 24.60
CA LYS A 3979 -32.70 -77.88 25.23
C LYS A 3979 -31.23 -78.24 25.04
N SER A 3980 -30.42 -77.94 26.04
CA SER A 3980 -29.00 -78.27 26.00
C SER A 3980 -28.74 -79.55 26.78
N PRO A 3981 -28.35 -80.64 26.13
CA PRO A 3981 -27.82 -81.77 26.88
C PRO A 3981 -26.60 -81.41 27.71
N ALA A 3982 -25.74 -80.53 27.21
CA ALA A 3982 -24.53 -80.17 27.93
C ALA A 3982 -24.81 -79.23 29.11
N PHE A 3983 -25.93 -78.53 29.09
CA PHE A 3983 -26.24 -77.56 30.14
C PHE A 3983 -27.66 -77.73 30.64
N THR A 3984 -28.16 -76.77 31.41
CA THR A 3984 -29.55 -76.74 31.84
C THR A 3984 -30.39 -76.11 30.74
N ASP A 3985 -31.57 -76.67 30.53
CA ASP A 3985 -32.48 -76.16 29.50
C ASP A 3985 -33.16 -74.89 29.99
N LEU A 3986 -33.94 -74.27 29.10
CA LEU A 3986 -34.65 -73.06 29.46
C LEU A 3986 -35.88 -72.93 28.58
N HIS A 3987 -36.93 -72.32 29.13
CA HIS A 3987 -38.18 -72.10 28.39
C HIS A 3987 -38.75 -70.75 28.80
N LEU A 3988 -38.79 -69.82 27.85
CA LEU A 3988 -39.31 -68.49 28.10
C LEU A 3988 -40.63 -68.31 27.35
N ARG A 3989 -41.63 -67.80 28.04
CA ARG A 3989 -42.96 -67.58 27.50
C ARG A 3989 -43.34 -66.13 27.70
N TYR A 3990 -43.64 -65.45 26.59
CA TYR A 3990 -44.06 -64.05 26.58
C TYR A 3990 -45.50 -63.99 26.11
N GLN A 3991 -46.30 -63.19 26.80
CA GLN A 3991 -47.72 -63.03 26.51
C GLN A 3991 -48.07 -61.56 26.61
N LYS A 3992 -48.72 -61.03 25.57
CA LYS A 3992 -49.18 -59.64 25.57
C LYS A 3992 -50.62 -59.61 25.07
N ASP A 3993 -51.53 -59.18 25.93
CA ASP A 3993 -52.91 -58.89 25.58
C ASP A 3993 -53.25 -57.51 26.11
N LYS A 3994 -54.38 -56.98 25.65
CA LYS A 3994 -54.73 -55.59 25.93
C LYS A 3994 -54.83 -55.28 27.41
N LYS A 3995 -55.02 -56.28 28.26
CA LYS A 3995 -55.11 -56.08 29.70
C LYS A 3995 -54.09 -56.94 30.43
N GLY A 3996 -52.90 -57.09 29.85
CA GLY A 3996 -51.84 -57.77 30.58
C GLY A 3996 -50.64 -58.21 29.77
N ILE A 3997 -49.46 -58.01 30.32
CA ILE A 3997 -48.21 -58.43 29.71
C ILE A 3997 -47.47 -59.29 30.72
N SER A 3998 -47.45 -60.60 30.48
CA SER A 3998 -46.85 -61.55 31.41
C SER A 3998 -45.72 -62.28 30.71
N THR A 3999 -44.53 -62.25 31.30
CA THR A 3999 -43.37 -62.90 30.71
C THR A 3999 -42.67 -63.70 31.80
N SER A 4000 -42.47 -64.99 31.56
CA SER A 4000 -41.86 -65.86 32.56
C SER A 4000 -40.85 -66.79 31.89
N ALA A 4001 -39.65 -66.87 32.47
CA ALA A 4001 -38.60 -67.77 32.00
C ALA A 4001 -38.35 -68.81 33.07
N ALA A 4002 -38.45 -70.08 32.70
CA ALA A 4002 -38.24 -71.19 33.62
C ALA A 4002 -36.99 -71.95 33.21
N SER A 4003 -36.05 -72.05 34.14
CA SER A 4003 -34.82 -72.81 33.99
C SER A 4003 -34.67 -73.69 35.24
N PRO A 4004 -34.32 -74.96 35.07
CA PRO A 4004 -34.12 -75.82 36.24
C PRO A 4004 -33.01 -75.34 37.17
N ALA A 4005 -31.98 -74.69 36.65
CA ALA A 4005 -30.86 -74.26 37.48
C ALA A 4005 -31.23 -73.11 38.41
N VAL A 4006 -31.94 -72.10 37.90
CA VAL A 4006 -32.21 -70.90 38.67
C VAL A 4006 -33.59 -70.97 39.31
N GLY A 4007 -34.59 -71.28 38.50
CA GLY A 4007 -35.97 -71.31 38.97
C GLY A 4007 -36.93 -70.82 37.92
N THR A 4008 -37.74 -69.82 38.25
CA THR A 4008 -38.64 -69.20 37.29
C THR A 4008 -38.72 -67.72 37.59
N VAL A 4009 -38.22 -66.90 36.68
CA VAL A 4009 -38.24 -65.44 36.83
C VAL A 4009 -39.35 -64.90 35.95
N GLY A 4010 -40.30 -64.18 36.54
CA GLY A 4010 -41.41 -63.65 35.80
C GLY A 4010 -41.69 -62.20 36.16
N MET A 4011 -42.31 -61.51 35.22
CA MET A 4011 -42.81 -60.16 35.43
C MET A 4011 -44.14 -59.99 34.72
N ASP A 4012 -45.09 -59.39 35.43
CA ASP A 4012 -46.46 -59.23 34.97
C ASP A 4012 -46.87 -57.78 35.13
N MET A 4013 -47.38 -57.19 34.06
CA MET A 4013 -47.77 -55.78 34.02
C MET A 4013 -49.24 -55.70 33.64
N ASP A 4014 -50.05 -55.09 34.50
CA ASP A 4014 -51.47 -54.87 34.23
C ASP A 4014 -51.73 -53.38 34.28
N GLU A 4015 -52.10 -52.81 33.14
CA GLU A 4015 -52.42 -51.39 33.03
C GLU A 4015 -53.93 -51.22 32.96
N ASP A 4016 -54.44 -50.28 33.75
CA ASP A 4016 -55.86 -49.95 33.71
C ASP A 4016 -56.02 -48.48 34.09
N ASP A 4017 -57.15 -47.91 33.70
CA ASP A 4017 -57.39 -46.49 33.91
C ASP A 4017 -57.55 -46.12 35.37
N ASP A 4018 -57.79 -47.09 36.25
CA ASP A 4018 -57.91 -46.84 37.67
C ASP A 4018 -56.77 -47.42 38.49
N PHE A 4019 -55.99 -48.35 37.94
CA PHE A 4019 -54.90 -48.97 38.68
C PHE A 4019 -53.85 -49.47 37.71
N SER A 4020 -52.59 -49.42 38.15
CA SER A 4020 -51.48 -50.00 37.43
C SER A 4020 -50.70 -50.91 38.37
N LYS A 4021 -50.46 -52.14 37.95
CA LYS A 4021 -49.86 -53.15 38.81
C LYS A 4021 -48.68 -53.79 38.09
N TRP A 4022 -47.48 -53.65 38.66
CA TRP A 4022 -46.28 -54.27 38.12
C TRP A 4022 -45.74 -55.24 39.16
N ASN A 4023 -45.49 -56.48 38.76
CA ASN A 4023 -44.99 -57.50 39.66
C ASN A 4023 -43.77 -58.16 39.04
N PHE A 4024 -42.69 -58.26 39.81
CA PHE A 4024 -41.49 -58.97 39.42
C PHE A 4024 -41.23 -60.03 40.49
N TYR A 4025 -41.25 -61.30 40.09
CA TYR A 4025 -41.16 -62.40 41.02
C TYR A 4025 -40.11 -63.39 40.56
N TYR A 4026 -39.48 -64.05 41.53
CA TYR A 4026 -38.54 -65.14 41.28
C TYR A 4026 -38.98 -66.33 42.12
N SER A 4027 -39.63 -67.30 41.48
CA SER A 4027 -39.99 -68.53 42.14
C SER A 4027 -38.77 -69.44 42.20
N PRO A 4028 -38.29 -69.80 43.39
CA PRO A 4028 -37.15 -70.71 43.49
C PRO A 4028 -37.49 -72.09 42.93
N GLN A 4029 -36.48 -72.75 42.37
CA GLN A 4029 -36.67 -74.08 41.84
C GLN A 4029 -37.05 -75.07 42.93
N SER A 4030 -36.58 -74.85 44.16
CA SER A 4030 -36.94 -75.74 45.27
C SER A 4030 -38.42 -75.72 45.56
N SER A 4031 -39.05 -74.55 45.53
CA SER A 4031 -40.48 -74.39 45.83
C SER A 4031 -41.14 -73.65 44.67
N PRO A 4032 -41.43 -74.36 43.57
CA PRO A 4032 -42.10 -73.71 42.44
C PRO A 4032 -43.52 -73.28 42.72
N ASP A 4033 -44.16 -73.80 43.77
CA ASP A 4033 -45.51 -73.42 44.11
C ASP A 4033 -45.60 -71.94 44.50
N LYS A 4034 -44.64 -71.44 45.27
CA LYS A 4034 -44.65 -70.06 45.72
C LYS A 4034 -43.95 -69.17 44.69
N LYS A 4035 -44.32 -67.90 44.69
CA LYS A 4035 -43.74 -66.89 43.81
C LYS A 4035 -43.22 -65.75 44.68
N LEU A 4036 -41.93 -65.80 45.03
CA LEU A 4036 -41.32 -64.74 45.84
C LEU A 4036 -41.28 -63.46 45.04
N THR A 4037 -42.17 -62.52 45.38
CA THR A 4037 -42.25 -61.26 44.65
C THR A 4037 -40.99 -60.45 44.89
N ILE A 4038 -40.10 -60.40 43.91
CA ILE A 4038 -38.88 -59.62 44.03
C ILE A 4038 -39.21 -58.15 44.27
N PHE A 4039 -40.14 -57.62 43.49
CA PHE A 4039 -40.58 -56.24 43.66
C PHE A 4039 -42.02 -56.09 43.17
N LYS A 4040 -42.72 -55.13 43.74
CA LYS A 4040 -44.12 -54.90 43.41
C LYS A 4040 -44.40 -53.41 43.42
N THR A 4041 -45.14 -52.94 42.42
CA THR A 4041 -45.47 -51.54 42.25
C THR A 4041 -46.97 -51.40 42.02
N GLU A 4042 -47.60 -50.51 42.78
CA GLU A 4042 -49.03 -50.20 42.66
C GLU A 4042 -49.19 -48.71 42.46
N LEU A 4043 -49.79 -48.32 41.34
CA LEU A 4043 -50.21 -46.96 41.09
C LEU A 4043 -51.73 -46.91 41.17
N ARG A 4044 -52.27 -46.09 42.06
CA ARG A 4044 -53.69 -45.99 42.27
C ARG A 4044 -54.12 -44.53 42.15
N VAL A 4045 -55.15 -44.29 41.35
CA VAL A 4045 -55.74 -42.96 41.20
C VAL A 4045 -57.02 -42.91 42.02
N ARG A 4046 -57.33 -41.72 42.53
CA ARG A 4046 -58.49 -41.52 43.39
C ARG A 4046 -59.59 -40.81 42.60
N GLU A 4047 -60.76 -41.44 42.53
CA GLU A 4047 -61.89 -40.82 41.85
C GLU A 4047 -62.43 -39.64 42.63
N SER A 4048 -62.20 -39.61 43.95
CA SER A 4048 -62.62 -38.51 44.80
C SER A 4048 -61.42 -37.66 45.19
N ASP A 4049 -61.63 -36.35 45.21
CA ASP A 4049 -60.60 -35.36 45.56
C ASP A 4049 -59.46 -35.46 44.53
N GLU A 4050 -58.26 -35.03 44.90
CA GLU A 4050 -57.09 -35.08 44.02
C GLU A 4050 -55.95 -35.73 44.81
N GLU A 4051 -55.91 -37.06 44.78
CA GLU A 4051 -54.86 -37.81 45.45
C GLU A 4051 -54.41 -38.95 44.56
N THR A 4052 -53.18 -39.40 44.78
CA THR A 4052 -52.63 -40.53 44.04
C THR A 4052 -51.76 -41.34 44.99
N GLN A 4053 -51.96 -42.65 44.99
CA GLN A 4053 -51.24 -43.56 45.88
C GLN A 4053 -50.20 -44.32 45.07
N ILE A 4054 -48.95 -44.32 45.55
CA ILE A 4054 -47.91 -45.17 44.98
C ILE A 4054 -47.44 -46.09 46.10
N LYS A 4055 -47.39 -47.39 45.81
CA LYS A 4055 -46.97 -48.38 46.78
C LYS A 4055 -45.90 -49.27 46.16
N VAL A 4056 -44.71 -49.25 46.75
CA VAL A 4056 -43.57 -50.03 46.26
C VAL A 4056 -43.17 -50.99 47.36
N ASN A 4057 -43.08 -52.28 47.03
CA ASN A 4057 -42.80 -53.33 47.98
C ASN A 4057 -41.61 -54.15 47.51
N TRP A 4058 -40.70 -54.45 48.43
CA TRP A 4058 -39.52 -55.24 48.14
C TRP A 4058 -39.38 -56.32 49.21
N GLU A 4059 -38.88 -57.48 48.80
CA GLU A 4059 -38.70 -58.61 49.71
C GLU A 4059 -37.22 -58.90 49.90
N GLU A 4060 -36.78 -58.85 51.15
CA GLU A 4060 -35.43 -59.26 51.51
C GLU A 4060 -35.23 -60.76 51.38
N GLU A 4061 -36.25 -61.54 51.74
CA GLU A 4061 -36.15 -63.00 51.63
C GLU A 4061 -35.94 -63.43 50.20
N ALA A 4062 -36.72 -62.86 49.27
CA ALA A 4062 -36.56 -63.21 47.86
C ALA A 4062 -35.17 -62.84 47.36
N ALA A 4063 -34.69 -61.66 47.72
CA ALA A 4063 -33.36 -61.23 47.27
C ALA A 4063 -32.27 -62.15 47.80
N SER A 4064 -32.31 -62.47 49.10
CA SER A 4064 -31.29 -63.34 49.67
C SER A 4064 -31.37 -64.75 49.09
N GLY A 4065 -32.59 -65.24 48.85
CA GLY A 4065 -32.73 -66.54 48.25
C GLY A 4065 -32.18 -66.60 46.84
N LEU A 4066 -32.43 -65.55 46.05
CA LEU A 4066 -31.85 -65.50 44.71
C LEU A 4066 -30.33 -65.39 44.77
N LEU A 4067 -29.81 -64.64 45.75
CA LEU A 4067 -28.37 -64.57 45.93
C LEU A 4067 -27.77 -65.94 46.24
N THR A 4068 -28.42 -66.70 47.12
CA THR A 4068 -27.96 -68.05 47.43
C THR A 4068 -28.05 -68.95 46.21
N SER A 4069 -29.14 -68.83 45.44
CA SER A 4069 -29.28 -69.62 44.23
C SER A 4069 -28.16 -69.33 43.24
N LEU A 4070 -27.80 -68.06 43.08
CA LEU A 4070 -26.73 -67.70 42.16
C LEU A 4070 -25.38 -68.20 42.65
N LYS A 4071 -25.09 -68.02 43.95
CA LYS A 4071 -23.80 -68.48 44.46
C LYS A 4071 -23.68 -70.00 44.45
N ASP A 4072 -24.80 -70.71 44.48
CA ASP A 4072 -24.76 -72.17 44.35
C ASP A 4072 -24.74 -72.62 42.89
N ASN A 4073 -25.29 -71.82 41.97
CA ASN A 4073 -25.17 -72.12 40.56
C ASN A 4073 -23.81 -71.81 39.99
N VAL A 4074 -23.04 -70.93 40.65
CA VAL A 4074 -21.68 -70.64 40.19
C VAL A 4074 -20.82 -71.90 40.12
N PRO A 4075 -20.70 -72.72 41.18
CA PRO A 4075 -19.95 -73.98 41.02
C PRO A 4075 -20.58 -74.93 40.02
N LYS A 4076 -21.91 -74.94 39.91
CA LYS A 4076 -22.56 -75.78 38.91
C LYS A 4076 -22.15 -75.36 37.50
N ALA A 4077 -22.17 -74.05 37.22
CA ALA A 4077 -21.73 -73.57 35.92
C ALA A 4077 -20.27 -73.88 35.69
N THR A 4078 -19.43 -73.71 36.72
CA THR A 4078 -18.01 -74.04 36.58
C THR A 4078 -17.81 -75.52 36.21
N GLY A 4079 -18.50 -76.41 36.92
CA GLY A 4079 -18.37 -77.82 36.64
C GLY A 4079 -18.86 -78.21 35.27
N VAL A 4080 -20.04 -77.71 34.88
CA VAL A 4080 -20.56 -78.07 33.56
C VAL A 4080 -19.67 -77.51 32.45
N LEU A 4081 -19.13 -76.30 32.62
CA LEU A 4081 -18.25 -75.75 31.59
C LEU A 4081 -16.92 -76.51 31.53
N TYR A 4082 -16.37 -76.91 32.68
CA TYR A 4082 -15.14 -77.69 32.67
C TYR A 4082 -15.35 -79.04 32.00
N ASP A 4083 -16.46 -79.71 32.32
CA ASP A 4083 -16.75 -80.99 31.66
C ASP A 4083 -17.00 -80.79 30.17
N TYR A 4084 -17.60 -79.66 29.80
CA TYR A 4084 -17.87 -79.38 28.39
C TYR A 4084 -16.56 -79.20 27.62
N VAL A 4085 -15.63 -78.43 28.18
CA VAL A 4085 -14.35 -78.23 27.50
C VAL A 4085 -13.54 -79.51 27.47
N ASN A 4086 -13.61 -80.32 28.52
CA ASN A 4086 -12.95 -81.62 28.48
C ASN A 4086 -13.56 -82.53 27.41
N LYS A 4087 -14.89 -82.49 27.27
CA LYS A 4087 -15.56 -83.27 26.24
C LYS A 4087 -15.09 -82.86 24.86
N TYR A 4088 -14.97 -81.55 24.63
CA TYR A 4088 -14.47 -81.11 23.33
C TYR A 4088 -13.01 -81.50 23.14
N HIS A 4089 -12.21 -81.46 24.20
CA HIS A 4089 -10.82 -81.89 24.08
C HIS A 4089 -10.75 -83.35 23.68
N TRP A 4090 -11.62 -84.19 24.26
CA TRP A 4090 -11.68 -85.58 23.85
C TRP A 4090 -12.18 -85.72 22.42
N GLU A 4091 -13.14 -84.89 22.02
CA GLU A 4091 -13.65 -84.93 20.66
C GLU A 4091 -12.55 -84.64 19.65
N HIS A 4092 -11.72 -83.64 19.91
CA HIS A 4092 -10.69 -83.24 18.96
C HIS A 4092 -9.49 -84.18 19.05
N THR A 4093 -8.85 -84.25 20.22
CA THR A 4093 -7.67 -85.08 20.38
C THR A 4093 -8.04 -86.44 20.97
N GLY A 4094 -8.79 -86.43 22.07
CA GLY A 4094 -9.07 -87.64 22.81
C GLY A 4094 -8.43 -87.60 24.17
N LEU A 4095 -8.19 -86.39 24.67
CA LEU A 4095 -7.32 -86.17 25.82
C LEU A 4095 -7.97 -85.20 26.80
N THR A 4096 -7.39 -85.10 27.99
CA THR A 4096 -7.89 -84.21 29.03
C THR A 4096 -7.08 -82.92 29.06
N LEU A 4097 -7.30 -82.13 30.12
CA LEU A 4097 -6.56 -80.89 30.30
C LEU A 4097 -5.34 -81.09 31.18
N ARG A 4098 -5.49 -81.84 32.28
CA ARG A 4098 -4.35 -82.10 33.15
C ARG A 4098 -3.27 -82.88 32.42
N GLU A 4099 -3.68 -83.77 31.50
CA GLU A 4099 -2.67 -84.46 30.70
C GLU A 4099 -1.96 -83.48 29.78
N VAL A 4100 -2.67 -82.44 29.32
CA VAL A 4100 -2.01 -81.40 28.54
C VAL A 4100 -0.98 -80.69 29.38
N SER A 4101 -1.32 -80.38 30.64
CA SER A 4101 -0.34 -79.78 31.54
C SER A 4101 0.88 -80.68 31.70
N SER A 4102 0.66 -81.97 31.94
CA SER A 4102 1.77 -82.90 32.11
C SER A 4102 2.61 -83.03 30.83
N LYS A 4103 1.95 -83.06 29.67
CA LYS A 4103 2.66 -83.15 28.40
C LYS A 4103 3.51 -81.91 28.17
N LEU A 4104 2.96 -80.73 28.47
CA LEU A 4104 3.74 -79.51 28.34
C LEU A 4104 4.93 -79.52 29.28
N ARG A 4105 4.73 -79.98 30.53
CA ARG A 4105 5.83 -80.06 31.47
C ARG A 4105 6.92 -80.99 30.98
N ARG A 4106 6.54 -82.17 30.50
CA ARG A 4106 7.56 -83.13 30.06
C ARG A 4106 8.29 -82.61 28.82
N ASN A 4107 7.58 -81.95 27.91
CA ASN A 4107 8.24 -81.41 26.72
C ASN A 4107 9.20 -80.29 27.08
N LEU A 4108 8.79 -79.40 28.00
CA LEU A 4108 9.67 -78.35 28.47
C LEU A 4108 10.90 -78.93 29.15
N GLN A 4109 10.70 -79.99 29.95
CA GLN A 4109 11.83 -80.64 30.60
C GLN A 4109 12.78 -81.26 29.59
N ASN A 4110 12.24 -81.91 28.54
CA ASN A 4110 13.08 -82.47 27.50
C ASN A 4110 13.90 -81.40 26.80
N ASN A 4111 13.26 -80.27 26.47
CA ASN A 4111 13.98 -79.19 25.82
C ASN A 4111 15.04 -78.58 26.74
N ALA A 4112 14.71 -78.42 28.02
CA ALA A 4112 15.67 -77.88 28.97
C ALA A 4112 16.87 -78.81 29.13
N GLU A 4113 16.63 -80.13 29.15
CA GLU A 4113 17.73 -81.07 29.25
C GLU A 4113 18.56 -81.09 27.97
N TRP A 4114 17.92 -80.92 26.82
CA TRP A 4114 18.68 -80.79 25.57
C TRP A 4114 19.59 -79.57 25.62
N VAL A 4115 19.07 -78.44 26.11
CA VAL A 4115 19.90 -77.25 26.26
C VAL A 4115 21.03 -77.50 27.25
N TYR A 4116 20.74 -78.18 28.35
CA TYR A 4116 21.75 -78.45 29.37
C TYR A 4116 22.89 -79.30 28.81
N GLN A 4117 22.54 -80.39 28.12
CA GLN A 4117 23.57 -81.25 27.55
C GLN A 4117 24.32 -80.53 26.44
N GLY A 4118 23.64 -79.69 25.67
CA GLY A 4118 24.33 -78.89 24.68
C GLY A 4118 25.37 -77.97 25.31
N ALA A 4119 25.00 -77.32 26.42
CA ALA A 4119 25.95 -76.47 27.13
C ALA A 4119 27.14 -77.28 27.65
N ILE A 4120 26.88 -78.46 28.22
CA ILE A 4120 27.98 -79.26 28.75
C ILE A 4120 28.92 -79.70 27.64
N ARG A 4121 28.38 -80.21 26.54
CA ARG A 4121 29.24 -80.66 25.44
C ARG A 4121 29.97 -79.48 24.80
N GLN A 4122 29.35 -78.30 24.77
CA GLN A 4122 30.05 -77.13 24.25
C GLN A 4122 31.21 -76.74 25.14
N ILE A 4123 31.03 -76.79 26.47
CA ILE A 4123 32.15 -76.51 27.38
C ILE A 4123 33.27 -77.52 27.16
N ASP A 4124 32.91 -78.80 27.03
CA ASP A 4124 33.93 -79.81 26.79
C ASP A 4124 34.67 -79.56 25.48
N ASP A 4125 33.93 -79.23 24.42
CA ASP A 4125 34.55 -79.00 23.11
C ASP A 4125 35.46 -77.79 23.12
N ILE A 4126 35.03 -76.69 23.75
CA ILE A 4126 35.87 -75.50 23.76
C ILE A 4126 37.12 -75.73 24.60
N ASP A 4127 36.98 -76.45 25.72
CA ASP A 4127 38.17 -76.78 26.52
C ASP A 4127 39.13 -77.64 25.72
N VAL A 4128 38.61 -78.63 25.00
CA VAL A 4128 39.47 -79.53 24.22
C VAL A 4128 40.20 -78.76 23.12
N ARG A 4129 39.47 -77.91 22.40
CA ARG A 4129 40.11 -77.17 21.31
C ARG A 4129 41.09 -76.13 21.84
N PHE A 4130 40.81 -75.55 23.02
CA PHE A 4130 41.78 -74.66 23.65
C PHE A 4130 43.05 -75.41 24.01
N GLN A 4131 42.92 -76.61 24.56
CA GLN A 4131 44.11 -77.40 24.87
C GLN A 4131 44.88 -77.75 23.60
N LYS A 4132 44.16 -78.09 22.52
CA LYS A 4132 44.81 -78.37 21.25
C LYS A 4132 45.59 -77.16 20.75
N ALA A 4133 44.97 -75.98 20.80
CA ALA A 4133 45.64 -74.76 20.36
C ALA A 4133 46.87 -74.46 21.21
N ALA A 4134 46.76 -74.63 22.53
CA ALA A 4134 47.90 -74.38 23.41
C ALA A 4134 49.04 -75.33 23.10
N SER A 4135 48.72 -76.63 22.90
CA SER A 4135 49.75 -77.60 22.58
C SER A 4135 50.44 -77.26 21.25
N GLY A 4136 49.64 -76.92 20.24
CA GLY A 4136 50.21 -76.56 18.95
C GLY A 4136 51.10 -75.34 19.03
N THR A 4137 50.65 -74.31 19.75
CA THR A 4137 51.45 -73.09 19.89
C THR A 4137 52.75 -73.38 20.63
N THR A 4138 52.69 -74.17 21.70
CA THR A 4138 53.89 -74.50 22.47
C THR A 4138 54.88 -75.29 21.61
N GLY A 4139 54.38 -76.27 20.86
CA GLY A 4139 55.26 -77.03 19.99
C GLY A 4139 55.89 -76.19 18.90
N THR A 4140 55.11 -75.30 18.28
CA THR A 4140 55.66 -74.41 17.27
C THR A 4140 56.70 -73.48 17.86
N TYR A 4141 56.47 -73.00 19.08
CA TYR A 4141 57.46 -72.13 19.72
C TYR A 4141 58.77 -72.86 19.98
N GLN A 4142 58.70 -74.11 20.46
CA GLN A 4142 59.93 -74.87 20.63
C GLN A 4142 60.61 -75.14 19.29
N GLU A 4143 59.84 -75.42 18.25
CA GLU A 4143 60.43 -75.61 16.93
C GLU A 4143 61.12 -74.34 16.42
N TRP A 4144 60.53 -73.17 16.66
CA TRP A 4144 61.06 -71.91 16.17
C TRP A 4144 62.16 -71.34 17.05
N LYS A 4145 62.32 -71.83 18.29
CA LYS A 4145 63.41 -71.36 19.13
C LYS A 4145 64.76 -71.65 18.49
N ASP A 4146 64.92 -72.84 17.90
CA ASP A 4146 66.18 -73.19 17.26
C ASP A 4146 66.47 -72.28 16.08
N LYS A 4147 65.46 -72.01 15.24
CA LYS A 4147 65.66 -71.12 14.10
C LYS A 4147 65.98 -69.70 14.55
N ALA A 4148 65.32 -69.24 15.62
CA ALA A 4148 65.60 -67.92 16.15
C ALA A 4148 67.04 -67.83 16.65
N GLN A 4149 67.52 -68.86 17.34
CA GLN A 4149 68.90 -68.85 17.82
C GLN A 4149 69.89 -68.91 16.65
N ASN A 4150 69.55 -69.67 15.61
CA ASN A 4150 70.39 -69.70 14.42
C ASN A 4150 70.46 -68.33 13.76
N LEU A 4151 69.32 -67.63 13.68
CA LEU A 4151 69.31 -66.29 13.13
C LEU A 4151 70.12 -65.33 13.99
N TYR A 4152 70.04 -65.49 15.31
CA TYR A 4152 70.85 -64.67 16.21
C TYR A 4152 72.34 -64.89 15.96
N GLN A 4153 72.74 -66.15 15.80
CA GLN A 4153 74.14 -66.44 15.55
C GLN A 4153 74.59 -65.87 14.21
N GLU A 4154 73.74 -66.00 13.18
CA GLU A 4154 74.08 -65.42 11.88
C GLU A 4154 74.20 -63.91 11.96
N LEU A 4155 73.31 -63.25 12.70
CA LEU A 4155 73.38 -61.80 12.86
C LEU A 4155 74.65 -61.39 13.58
N LEU A 4156 75.02 -62.13 14.64
CA LEU A 4156 76.25 -61.82 15.35
C LEU A 4156 77.48 -62.01 14.44
N THR A 4157 77.48 -63.08 13.64
CA THR A 4157 78.57 -63.29 12.71
C THR A 4157 78.67 -62.17 11.69
N GLN A 4158 77.53 -61.72 11.16
CA GLN A 4158 77.54 -60.61 10.21
C GLN A 4158 78.02 -59.32 10.85
N GLU A 4159 77.58 -59.05 12.09
CA GLU A 4159 78.04 -57.85 12.79
C GLU A 4159 79.53 -57.92 13.10
N GLY A 4160 80.07 -59.12 13.27
CA GLY A 4160 81.50 -59.28 13.50
C GLY A 4160 82.37 -59.01 12.30
N GLN A 4161 81.76 -58.76 11.13
CA GLN A 4161 82.49 -58.48 9.89
C GLN A 4161 83.42 -59.63 9.55
N ALA A 4162 82.85 -60.81 9.29
CA ALA A 4162 83.66 -62.00 9.05
C ALA A 4162 83.56 -62.49 7.62
N SER A 4163 82.34 -62.60 7.09
CA SER A 4163 82.13 -63.13 5.73
C SER A 4163 81.27 -62.14 4.96
N PHE A 4164 81.92 -61.15 4.36
CA PHE A 4164 81.23 -60.21 3.50
C PHE A 4164 82.02 -59.93 2.23
N GLN A 4165 83.33 -60.17 2.29
CA GLN A 4165 84.21 -59.85 1.17
C GLN A 4165 84.18 -60.90 0.07
N GLY A 4166 83.63 -62.08 0.33
CA GLY A 4166 83.51 -63.07 -0.72
C GLY A 4166 82.59 -62.62 -1.84
N LEU A 4167 81.45 -62.05 -1.49
CA LEU A 4167 80.56 -61.48 -2.50
C LEU A 4167 81.23 -60.33 -3.23
N LYS A 4168 82.01 -59.52 -2.50
CA LYS A 4168 82.73 -58.43 -3.13
C LYS A 4168 83.72 -58.94 -4.18
N ASP A 4169 84.47 -59.99 -3.84
CA ASP A 4169 85.42 -60.55 -4.79
C ASP A 4169 84.70 -61.18 -5.98
N ASN A 4170 83.59 -61.86 -5.74
CA ASN A 4170 82.84 -62.46 -6.84
C ASN A 4170 82.31 -61.38 -7.78
N VAL A 4171 81.77 -60.29 -7.23
CA VAL A 4171 81.23 -59.24 -8.09
C VAL A 4171 82.34 -58.49 -8.80
N PHE A 4172 83.52 -58.35 -8.17
CA PHE A 4172 84.65 -57.74 -8.86
C PHE A 4172 85.13 -58.60 -10.02
N ASP A 4173 85.17 -59.92 -9.83
CA ASP A 4173 85.52 -60.82 -10.91
C ASP A 4173 84.49 -60.73 -12.04
N GLY A 4174 83.20 -60.67 -11.69
CA GLY A 4174 82.17 -60.50 -12.70
C GLY A 4174 82.31 -59.19 -13.45
N LEU A 4175 82.65 -58.12 -12.74
CA LEU A 4175 82.86 -56.82 -13.38
C LEU A 4175 84.04 -56.88 -14.34
N VAL A 4176 85.14 -57.53 -13.94
CA VAL A 4176 86.29 -57.65 -14.83
C VAL A 4176 85.93 -58.45 -16.07
N ARG A 4177 85.18 -59.55 -15.89
CA ARG A 4177 84.75 -60.36 -17.04
C ARG A 4177 83.85 -59.56 -17.97
N VAL A 4178 82.91 -58.79 -17.41
CA VAL A 4178 82.01 -57.99 -18.23
C VAL A 4178 82.79 -56.92 -18.98
N THR A 4179 83.76 -56.29 -18.32
CA THR A 4179 84.59 -55.28 -18.98
C THR A 4179 85.38 -55.90 -20.13
N GLN A 4180 85.95 -57.08 -19.92
CA GLN A 4180 86.72 -57.73 -20.97
C GLN A 4180 85.82 -58.10 -22.15
N GLU A 4181 84.63 -58.64 -21.87
CA GLU A 4181 83.70 -58.98 -22.95
C GLU A 4181 83.25 -57.74 -23.70
N PHE A 4182 83.02 -56.64 -22.98
CA PHE A 4182 82.63 -55.38 -23.61
C PHE A 4182 83.75 -54.86 -24.51
N HIS A 4183 84.99 -54.93 -24.04
CA HIS A 4183 86.11 -54.49 -24.88
C HIS A 4183 86.23 -55.37 -26.13
N MET A 4184 86.04 -56.68 -25.97
CA MET A 4184 86.04 -57.58 -27.11
C MET A 4184 84.96 -57.21 -28.13
N LYS A 4185 83.74 -56.98 -27.65
CA LYS A 4185 82.65 -56.59 -28.54
C LYS A 4185 82.95 -55.25 -29.22
N VAL A 4186 83.51 -54.30 -28.47
CA VAL A 4186 83.80 -52.98 -29.03
C VAL A 4186 84.85 -53.08 -30.13
N LYS A 4187 85.93 -53.83 -29.88
CA LYS A 4187 86.99 -53.94 -30.88
C LYS A 4187 86.50 -54.69 -32.11
N HIS A 4188 85.66 -55.72 -31.91
CA HIS A 4188 85.10 -56.42 -33.06
C HIS A 4188 84.17 -55.51 -33.86
N LEU A 4189 83.38 -54.67 -33.17
CA LEU A 4189 82.52 -53.72 -33.86
C LEU A 4189 83.34 -52.72 -34.66
N ILE A 4190 84.45 -52.23 -34.09
CA ILE A 4190 85.32 -51.31 -34.83
C ILE A 4190 85.91 -52.00 -36.06
N ASP A 4191 86.36 -53.24 -35.91
CA ASP A 4191 86.92 -53.97 -37.04
C ASP A 4191 85.89 -54.18 -38.14
N SER A 4192 84.65 -54.52 -37.76
CA SER A 4192 83.60 -54.67 -38.76
C SER A 4192 83.26 -53.33 -39.42
N LEU A 4193 83.24 -52.25 -38.64
CA LEU A 4193 82.92 -50.94 -39.17
C LEU A 4193 83.96 -50.45 -40.16
N ILE A 4194 85.24 -50.78 -39.94
CA ILE A 4194 86.28 -50.39 -40.88
C ILE A 4194 85.98 -50.97 -42.26
N ASP A 4195 85.65 -52.27 -42.31
CA ASP A 4195 85.31 -52.91 -43.56
C ASP A 4195 84.02 -52.34 -44.14
N PHE A 4196 83.02 -52.08 -43.28
CA PHE A 4196 81.75 -51.54 -43.73
C PHE A 4196 81.92 -50.16 -44.36
N LEU A 4197 82.89 -49.38 -43.87
CA LEU A 4197 83.14 -48.06 -44.42
C LEU A 4197 84.04 -48.07 -45.65
N ASN A 4198 85.01 -48.97 -45.71
CA ASN A 4198 85.89 -49.07 -46.86
C ASN A 4198 85.32 -49.94 -47.98
N PHE A 4199 84.15 -50.55 -47.77
CA PHE A 4199 83.52 -51.40 -48.76
C PHE A 4199 82.85 -50.62 -49.89
N PRO A 4200 81.96 -49.66 -49.61
CA PRO A 4200 81.19 -49.05 -50.70
C PRO A 4200 82.04 -48.11 -51.55
N ARG A 4201 81.51 -47.80 -52.73
CA ARG A 4201 82.13 -46.91 -53.70
C ARG A 4201 81.21 -45.71 -53.94
N PHE A 4202 81.59 -44.88 -54.93
CA PHE A 4202 80.83 -43.70 -55.30
C PHE A 4202 80.81 -43.57 -56.81
N GLN A 4203 79.83 -42.84 -57.32
CA GLN A 4203 79.70 -42.59 -58.76
C GLN A 4203 79.02 -41.24 -58.94
N PHE A 4204 79.81 -40.22 -59.31
CA PHE A 4204 79.29 -38.89 -59.50
C PHE A 4204 79.12 -38.57 -60.99
N PRO A 4205 78.11 -37.78 -61.36
CA PRO A 4205 77.95 -37.40 -62.77
C PRO A 4205 79.11 -36.62 -63.34
N GLY A 4206 79.77 -35.78 -62.53
CA GLY A 4206 80.89 -34.98 -63.01
C GLY A 4206 82.17 -35.77 -63.14
N LYS A 4207 82.27 -36.88 -62.42
CA LYS A 4207 83.46 -37.73 -62.45
C LYS A 4207 83.11 -39.06 -63.11
N PRO A 4208 83.49 -39.28 -64.36
CA PRO A 4208 83.13 -40.54 -65.03
C PRO A 4208 83.76 -41.74 -64.34
N GLY A 4209 83.03 -42.86 -64.34
CA GLY A 4209 83.49 -44.08 -63.73
C GLY A 4209 83.15 -44.15 -62.25
N ILE A 4210 83.30 -45.36 -61.70
CA ILE A 4210 83.01 -45.62 -60.30
C ILE A 4210 84.31 -45.54 -59.52
N TYR A 4211 84.33 -44.73 -58.47
CA TYR A 4211 85.53 -44.50 -57.67
C TYR A 4211 85.38 -45.16 -56.31
N THR A 4212 86.37 -45.95 -55.93
CA THR A 4212 86.34 -46.61 -54.63
C THR A 4212 86.54 -45.57 -53.51
N ARG A 4213 86.44 -46.04 -52.27
CA ARG A 4213 86.57 -45.13 -51.13
C ARG A 4213 87.94 -44.49 -51.07
N GLU A 4214 89.00 -45.30 -51.10
CA GLU A 4214 90.34 -44.76 -50.90
C GLU A 4214 90.80 -43.94 -52.10
N GLU A 4215 90.48 -44.38 -53.32
CA GLU A 4215 90.87 -43.63 -54.51
C GLU A 4215 90.20 -42.27 -54.55
N LEU A 4216 88.89 -42.23 -54.28
CA LEU A 4216 88.17 -40.95 -54.25
C LEU A 4216 88.68 -40.07 -53.13
N CYS A 4217 88.96 -40.65 -51.96
CA CYS A 4217 89.50 -39.87 -50.85
C CYS A 4217 90.84 -39.25 -51.22
N THR A 4218 91.72 -40.03 -51.85
CA THR A 4218 93.02 -39.51 -52.26
C THR A 4218 92.87 -38.41 -53.31
N MET A 4219 91.96 -38.59 -54.26
CA MET A 4219 91.74 -37.56 -55.28
C MET A 4219 91.26 -36.27 -54.63
N PHE A 4220 90.33 -36.38 -53.67
CA PHE A 4220 89.86 -35.19 -52.97
C PHE A 4220 90.97 -34.54 -52.16
N ILE A 4221 91.82 -35.35 -51.50
CA ILE A 4221 92.95 -34.80 -50.76
C ILE A 4221 93.86 -34.00 -51.69
N ARG A 4222 94.17 -34.58 -52.86
CA ARG A 4222 95.06 -33.91 -53.79
C ARG A 4222 94.46 -32.61 -54.32
N GLU A 4223 93.16 -32.64 -54.68
CA GLU A 4223 92.51 -31.44 -55.19
C GLU A 4223 92.47 -30.34 -54.14
N VAL A 4224 92.10 -30.70 -52.91
CA VAL A 4224 92.06 -29.72 -51.82
C VAL A 4224 93.46 -29.18 -51.56
N GLY A 4225 94.46 -30.05 -51.55
CA GLY A 4225 95.82 -29.60 -51.30
C GLY A 4225 96.31 -28.63 -52.34
N THR A 4226 96.08 -28.92 -53.62
CA THR A 4226 96.58 -28.03 -54.67
C THR A 4226 95.81 -26.72 -54.69
N VAL A 4227 94.49 -26.76 -54.48
CA VAL A 4227 93.71 -25.51 -54.46
C VAL A 4227 94.14 -24.64 -53.28
N LEU A 4228 94.29 -25.24 -52.10
CA LEU A 4228 94.75 -24.50 -50.93
C LEU A 4228 96.16 -23.97 -51.13
N SER A 4229 97.05 -24.76 -51.73
CA SER A 4229 98.41 -24.29 -51.97
C SER A 4229 98.42 -23.08 -52.89
N GLN A 4230 97.62 -23.13 -53.96
CA GLN A 4230 97.55 -21.98 -54.87
C GLN A 4230 97.01 -20.75 -54.17
N VAL A 4231 95.91 -20.91 -53.42
CA VAL A 4231 95.30 -19.76 -52.75
C VAL A 4231 96.26 -19.18 -51.71
N TYR A 4232 96.91 -20.06 -50.95
CA TYR A 4232 97.86 -19.61 -49.92
C TYR A 4232 99.07 -18.94 -50.56
N SER A 4233 99.57 -19.44 -51.68
CA SER A 4233 100.68 -18.79 -52.36
C SER A 4233 100.28 -17.39 -52.84
N LYS A 4234 99.09 -17.27 -53.42
CA LYS A 4234 98.63 -15.95 -53.85
C LYS A 4234 98.50 -14.99 -52.67
N VAL A 4235 97.91 -15.45 -51.56
CA VAL A 4235 97.73 -14.59 -50.41
C VAL A 4235 99.08 -14.21 -49.79
N HIS A 4236 100.01 -15.16 -49.75
CA HIS A 4236 101.33 -14.89 -49.20
C HIS A 4236 102.09 -13.89 -50.07
N ASN A 4237 101.98 -14.01 -51.39
CA ASN A 4237 102.61 -13.03 -52.28
C ASN A 4237 102.01 -11.65 -52.08
N GLY A 4238 100.68 -11.57 -51.95
CA GLY A 4238 100.06 -10.28 -51.70
C GLY A 4238 100.51 -9.68 -50.37
N SER A 4239 100.59 -10.50 -49.33
CA SER A 4239 101.06 -10.04 -48.03
C SER A 4239 102.51 -9.58 -48.10
N GLU A 4240 103.35 -10.30 -48.85
CA GLU A 4240 104.74 -9.89 -49.02
C GLU A 4240 104.83 -8.53 -49.71
N ILE A 4241 104.01 -8.33 -50.75
CA ILE A 4241 104.01 -7.04 -51.44
C ILE A 4241 103.57 -5.93 -50.49
N LEU A 4242 102.51 -6.18 -49.71
CA LEU A 4242 102.03 -5.18 -48.76
C LEU A 4242 103.09 -4.86 -47.71
N PHE A 4243 103.77 -5.88 -47.19
CA PHE A 4243 104.80 -5.65 -46.19
C PHE A 4243 105.98 -4.89 -46.77
N SER A 4244 106.36 -5.20 -48.02
CA SER A 4244 107.43 -4.45 -48.67
C SER A 4244 107.05 -2.99 -48.84
N TYR A 4245 105.82 -2.73 -49.27
CA TYR A 4245 105.37 -1.34 -49.41
C TYR A 4245 105.36 -0.62 -48.07
N PHE A 4246 104.88 -1.29 -47.01
CA PHE A 4246 104.85 -0.68 -45.70
C PHE A 4246 106.24 -0.39 -45.18
N GLN A 4247 107.18 -1.31 -45.39
CA GLN A 4247 108.56 -1.08 -44.96
C GLN A 4247 109.19 0.05 -45.76
N ASP A 4248 108.90 0.14 -47.05
CA ASP A 4248 109.38 1.28 -47.84
C ASP A 4248 108.85 2.59 -47.30
N LEU A 4249 107.57 2.62 -46.91
CA LEU A 4249 107.01 3.82 -46.29
C LEU A 4249 107.70 4.13 -44.96
N VAL A 4250 107.99 3.09 -44.17
CA VAL A 4250 108.58 3.29 -42.85
C VAL A 4250 109.99 3.85 -42.96
N ILE A 4251 110.81 3.30 -43.87
CA ILE A 4251 112.20 3.73 -43.97
C ILE A 4251 112.28 5.20 -44.37
N THR A 4252 111.44 5.63 -45.30
CA THR A 4252 111.43 7.03 -45.74
C THR A 4252 111.01 7.99 -44.63
N LEU A 4253 110.38 7.48 -43.57
CA LEU A 4253 109.94 8.34 -42.48
C LEU A 4253 110.88 8.21 -41.28
N PRO A 4254 111.10 9.30 -40.54
CA PRO A 4254 111.97 9.22 -39.37
C PRO A 4254 111.30 8.50 -38.21
N PHE A 4255 112.09 7.72 -37.48
CA PHE A 4255 111.62 7.03 -36.29
C PHE A 4255 112.76 6.98 -35.27
N GLU A 4256 112.40 6.85 -34.01
CA GLU A 4256 113.39 6.85 -32.94
C GLU A 4256 114.11 5.51 -32.84
N LEU A 4257 113.39 4.47 -32.42
CA LEU A 4257 113.97 3.14 -32.33
C LEU A 4257 112.97 2.06 -32.74
N ARG A 4258 111.87 2.46 -33.37
CA ARG A 4258 110.76 1.56 -33.62
C ARG A 4258 110.84 0.85 -34.96
N LYS A 4259 111.81 1.19 -35.81
CA LYS A 4259 111.93 0.50 -37.09
C LYS A 4259 112.27 -0.98 -36.90
N HIS A 4260 113.18 -1.27 -35.96
CA HIS A 4260 113.49 -2.66 -35.64
C HIS A 4260 112.27 -3.38 -35.08
N LYS A 4261 111.51 -2.71 -34.21
CA LYS A 4261 110.30 -3.32 -33.67
C LYS A 4261 109.29 -3.63 -34.76
N LEU A 4262 109.12 -2.71 -35.72
CA LEU A 4262 108.20 -2.94 -36.83
C LEU A 4262 108.67 -4.11 -37.70
N ILE A 4263 109.97 -4.18 -37.98
CA ILE A 4263 110.49 -5.29 -38.78
C ILE A 4263 110.26 -6.61 -38.06
N ASP A 4264 110.50 -6.65 -36.74
CA ASP A 4264 110.25 -7.85 -35.97
C ASP A 4264 108.77 -8.23 -35.99
N VAL A 4265 107.89 -7.23 -35.90
CA VAL A 4265 106.45 -7.50 -35.94
C VAL A 4265 106.07 -8.10 -37.29
N ILE A 4266 106.60 -7.53 -38.38
CA ILE A 4266 106.30 -8.06 -39.71
C ILE A 4266 106.80 -9.49 -39.86
N SER A 4267 108.02 -9.76 -39.38
CA SER A 4267 108.57 -11.12 -39.49
C SER A 4267 107.75 -12.11 -38.68
N MET A 4268 107.38 -11.75 -37.45
CA MET A 4268 106.57 -12.63 -36.62
C MET A 4268 105.20 -12.85 -37.25
N TYR A 4269 104.62 -11.81 -37.84
CA TYR A 4269 103.32 -11.95 -38.49
C TYR A 4269 103.42 -12.86 -39.71
N ARG A 4270 104.51 -12.76 -40.47
CA ARG A 4270 104.72 -13.68 -41.59
C ARG A 4270 104.83 -15.12 -41.11
N GLU A 4271 105.59 -15.33 -40.03
CA GLU A 4271 105.72 -16.68 -39.49
C GLU A 4271 104.37 -17.22 -39.01
N LEU A 4272 103.58 -16.36 -38.35
CA LEU A 4272 102.25 -16.76 -37.92
C LEU A 4272 101.36 -17.10 -39.11
N LEU A 4273 101.46 -16.32 -40.20
CA LEU A 4273 100.69 -16.61 -41.39
C LEU A 4273 101.08 -17.96 -41.99
N LYS A 4274 102.38 -18.24 -42.04
CA LYS A 4274 102.84 -19.54 -42.56
C LYS A 4274 102.34 -20.68 -41.69
N ASP A 4275 102.41 -20.53 -40.37
CA ASP A 4275 101.92 -21.57 -39.47
C ASP A 4275 100.42 -21.76 -39.63
N LEU A 4276 99.67 -20.67 -39.76
CA LEU A 4276 98.23 -20.77 -39.95
C LEU A 4276 97.89 -21.48 -41.25
N SER A 4277 98.62 -21.16 -42.33
CA SER A 4277 98.39 -21.84 -43.60
C SER A 4277 98.69 -23.33 -43.49
N LYS A 4278 99.80 -23.68 -42.85
CA LYS A 4278 100.19 -25.08 -42.74
C LYS A 4278 99.22 -25.87 -41.88
N GLU A 4279 98.68 -25.27 -40.81
CA GLU A 4279 97.69 -25.97 -40.01
C GLU A 4279 96.33 -26.01 -40.71
N ALA A 4280 96.00 -24.96 -41.45
CA ALA A 4280 94.70 -24.90 -42.12
C ALA A 4280 94.60 -25.93 -43.24
N GLN A 4281 95.67 -26.11 -44.01
CA GLN A 4281 95.60 -27.13 -45.07
C GLN A 4281 95.42 -28.53 -44.47
N GLU A 4282 96.14 -28.84 -43.39
CA GLU A 4282 95.99 -30.15 -42.75
C GLU A 4282 94.59 -30.34 -42.17
N VAL A 4283 94.07 -29.32 -41.48
CA VAL A 4283 92.75 -29.49 -40.88
C VAL A 4283 91.67 -29.57 -41.95
N PHE A 4284 91.82 -28.83 -43.06
CA PHE A 4284 90.86 -28.95 -44.15
C PHE A 4284 90.91 -30.31 -44.80
N LYS A 4285 92.11 -30.88 -44.96
CA LYS A 4285 92.22 -32.23 -45.49
C LYS A 4285 91.71 -33.29 -44.51
N ALA A 4286 91.68 -32.98 -43.21
CA ALA A 4286 91.24 -33.95 -42.22
C ALA A 4286 89.73 -33.92 -41.98
N ILE A 4287 89.11 -32.73 -41.98
CA ILE A 4287 87.69 -32.62 -41.64
C ILE A 4287 86.81 -33.30 -42.69
N GLN A 4288 87.25 -33.32 -43.95
CA GLN A 4288 86.37 -33.73 -45.05
C GLN A 4288 86.24 -35.24 -45.15
N SER A 4289 86.54 -35.95 -44.06
CA SER A 4289 86.43 -37.41 -44.01
C SER A 4289 87.37 -38.05 -45.02
N LEU A 4290 88.60 -37.56 -45.05
CA LEU A 4290 89.60 -38.04 -46.00
C LEU A 4290 90.68 -38.90 -45.35
N LYS A 4291 90.85 -38.80 -44.03
CA LYS A 4291 91.82 -39.61 -43.29
C LYS A 4291 91.12 -40.32 -42.14
N THR A 4292 89.98 -40.94 -42.47
CA THR A 4292 89.17 -41.62 -41.46
C THR A 4292 89.89 -42.81 -40.85
N THR A 4293 90.81 -43.44 -41.58
CA THR A 4293 91.51 -44.62 -41.06
C THR A 4293 92.35 -44.26 -39.83
N GLU A 4294 93.10 -43.15 -39.93
CA GLU A 4294 93.93 -42.72 -38.80
C GLU A 4294 93.06 -42.36 -37.61
N VAL A 4295 91.94 -41.68 -37.84
CA VAL A 4295 91.05 -41.29 -36.75
C VAL A 4295 90.48 -42.53 -36.08
N LEU A 4296 90.04 -43.51 -36.88
CA LEU A 4296 89.49 -44.74 -36.29
C LEU A 4296 90.54 -45.51 -35.50
N ARG A 4297 91.77 -45.59 -36.02
CA ARG A 4297 92.81 -46.30 -35.28
C ARG A 4297 93.16 -45.58 -33.99
N ASN A 4298 93.26 -44.26 -34.02
CA ASN A 4298 93.54 -43.52 -32.79
C ASN A 4298 92.42 -43.67 -31.79
N LEU A 4299 91.16 -43.65 -32.26
CA LEU A 4299 90.03 -43.87 -31.37
C LEU A 4299 90.07 -45.25 -30.74
N GLN A 4300 90.43 -46.27 -31.55
CA GLN A 4300 90.54 -47.63 -31.01
C GLN A 4300 91.64 -47.71 -29.96
N ASP A 4301 92.78 -47.09 -30.22
CA ASP A 4301 93.87 -47.07 -29.25
C ASP A 4301 93.45 -46.38 -27.96
N LEU A 4302 92.75 -45.25 -28.08
CA LEU A 4302 92.29 -44.54 -26.89
C LEU A 4302 91.27 -45.35 -26.11
N LEU A 4303 90.37 -46.04 -26.81
CA LEU A 4303 89.39 -46.89 -26.13
C LEU A 4303 90.08 -48.03 -25.39
N GLN A 4304 91.09 -48.64 -26.01
CA GLN A 4304 91.84 -49.68 -25.33
C GLN A 4304 92.57 -49.13 -24.10
N PHE A 4305 93.13 -47.93 -24.23
CA PHE A 4305 93.80 -47.28 -23.10
C PHE A 4305 92.82 -47.04 -21.96
N ILE A 4306 91.63 -46.53 -22.27
CA ILE A 4306 90.63 -46.30 -21.23
C ILE A 4306 90.18 -47.60 -20.60
N PHE A 4307 90.01 -48.65 -21.40
CA PHE A 4307 89.63 -49.95 -20.86
C PHE A 4307 90.70 -50.48 -19.90
N GLN A 4308 91.97 -50.33 -20.27
CA GLN A 4308 93.05 -50.76 -19.39
C GLN A 4308 93.07 -49.95 -18.10
N LEU A 4309 92.85 -48.64 -18.20
CA LEU A 4309 92.80 -47.80 -17.00
C LEU A 4309 91.66 -48.22 -16.09
N ILE A 4310 90.48 -48.50 -16.68
CA ILE A 4310 89.34 -48.93 -15.89
C ILE A 4310 89.62 -50.26 -15.21
N GLU A 4311 90.24 -51.20 -15.93
CA GLU A 4311 90.58 -52.48 -15.34
C GLU A 4311 91.57 -52.32 -14.19
N ASP A 4312 92.56 -51.44 -14.37
CA ASP A 4312 93.52 -51.18 -13.30
C ASP A 4312 92.83 -50.57 -12.08
N ASN A 4313 91.89 -49.65 -12.31
CA ASN A 4313 91.17 -49.04 -11.18
C ASN A 4313 90.29 -50.07 -10.47
N ILE A 4314 89.67 -50.98 -11.22
CA ILE A 4314 88.89 -52.05 -10.61
C ILE A 4314 89.79 -52.93 -9.77
N LYS A 4315 90.98 -53.26 -10.28
CA LYS A 4315 91.92 -54.06 -9.51
C LYS A 4315 92.35 -53.32 -8.24
N GLN A 4316 92.57 -52.01 -8.34
CA GLN A 4316 92.94 -51.22 -7.17
C GLN A 4316 91.83 -51.23 -6.12
N LEU A 4317 90.58 -51.06 -6.55
CA LEU A 4317 89.47 -51.09 -5.61
C LEU A 4317 89.30 -52.47 -4.99
N LYS A 4318 89.50 -53.53 -5.78
CA LYS A 4318 89.45 -54.89 -5.24
C LYS A 4318 90.59 -55.13 -4.26
N GLU A 4319 91.72 -54.46 -4.45
CA GLU A 4319 92.86 -54.63 -3.54
C GLU A 4319 92.54 -54.07 -2.16
N MET A 4320 92.27 -52.77 -2.08
CA MET A 4320 91.95 -52.13 -0.81
C MET A 4320 90.44 -52.15 -0.60
N LYS A 4321 89.98 -53.03 0.29
CA LYS A 4321 88.56 -53.16 0.60
C LYS A 4321 88.17 -52.16 1.67
N PHE A 4322 86.88 -52.15 2.00
CA PHE A 4322 86.33 -51.23 2.98
C PHE A 4322 85.64 -51.92 4.14
N THR A 4323 85.49 -53.25 4.10
CA THR A 4323 84.78 -53.96 5.16
C THR A 4323 85.52 -53.88 6.49
N TYR A 4324 86.84 -53.67 6.46
CA TYR A 4324 87.62 -53.66 7.69
C TYR A 4324 87.39 -52.38 8.48
N LEU A 4325 87.35 -51.24 7.79
CA LEU A 4325 87.24 -49.95 8.49
C LEU A 4325 85.95 -49.85 9.27
N ILE A 4326 84.89 -50.52 8.83
CA ILE A 4326 83.65 -50.53 9.60
C ILE A 4326 83.87 -51.18 10.96
N ASN A 4327 84.54 -52.34 10.98
CA ASN A 4327 84.83 -52.99 12.24
C ASN A 4327 85.78 -52.15 13.10
N TYR A 4328 86.78 -51.53 12.46
CA TYR A 4328 87.70 -50.68 13.21
C TYR A 4328 86.97 -49.53 13.89
N ILE A 4329 86.09 -48.84 13.16
CA ILE A 4329 85.39 -47.71 13.75
C ILE A 4329 84.38 -48.18 14.78
N GLN A 4330 83.78 -49.37 14.58
CA GLN A 4330 82.89 -49.92 15.60
C GLN A 4330 83.64 -50.16 16.91
N ASP A 4331 84.81 -50.79 16.82
CA ASP A 4331 85.60 -51.02 18.03
C ASP A 4331 86.03 -49.70 18.66
N GLU A 4332 86.43 -48.72 17.83
CA GLU A 4332 86.87 -47.44 18.35
C GLU A 4332 85.74 -46.73 19.10
N ILE A 4333 84.54 -46.70 18.51
CA ILE A 4333 83.43 -46.00 19.15
C ILE A 4333 82.99 -46.75 20.40
N ASN A 4334 83.02 -48.09 20.39
CA ASN A 4334 82.72 -48.83 21.60
C ASN A 4334 83.69 -48.48 22.71
N THR A 4335 84.98 -48.44 22.40
CA THR A 4335 85.99 -48.09 23.40
C THR A 4335 85.78 -46.68 23.91
N ILE A 4336 85.49 -45.72 23.01
CA ILE A 4336 85.29 -44.34 23.43
C ILE A 4336 84.09 -44.24 24.35
N PHE A 4337 82.95 -44.80 23.94
CA PHE A 4337 81.76 -44.73 24.76
C PHE A 4337 81.93 -45.44 26.10
N SER A 4338 82.75 -46.48 26.16
CA SER A 4338 82.97 -47.20 27.40
C SER A 4338 83.98 -46.56 28.32
N ASP A 4339 84.92 -45.77 27.80
CA ASP A 4339 86.01 -45.28 28.64
C ASP A 4339 86.11 -43.77 28.73
N TYR A 4340 85.94 -43.04 27.62
CA TYR A 4340 86.21 -41.60 27.62
C TYR A 4340 85.12 -40.80 28.31
N ILE A 4341 83.90 -41.31 28.37
CA ILE A 4341 82.78 -40.60 29.00
C ILE A 4341 83.07 -40.37 30.48
N PRO A 4342 83.49 -41.37 31.26
CA PRO A 4342 83.92 -41.08 32.62
C PRO A 4342 85.08 -40.11 32.69
N TYR A 4343 86.01 -40.17 31.72
CA TYR A 4343 87.09 -39.19 31.66
C TYR A 4343 86.54 -37.79 31.41
N VAL A 4344 85.52 -37.68 30.54
CA VAL A 4344 84.88 -36.40 30.31
C VAL A 4344 84.26 -35.86 31.59
N PHE A 4345 83.57 -36.73 32.33
CA PHE A 4345 82.95 -36.31 33.59
C PHE A 4345 84.00 -35.87 34.60
N LYS A 4346 85.11 -36.60 34.68
CA LYS A 4346 86.18 -36.22 35.59
C LYS A 4346 86.80 -34.88 35.21
N LEU A 4347 87.01 -34.65 33.92
CA LEU A 4347 87.48 -33.35 33.46
C LEU A 4347 86.50 -32.25 33.83
N LEU A 4348 85.20 -32.51 33.66
CA LEU A 4348 84.19 -31.53 34.02
C LEU A 4348 84.25 -31.20 35.50
N LYS A 4349 84.36 -32.22 36.35
CA LYS A 4349 84.38 -31.98 37.79
C LYS A 4349 85.65 -31.24 38.20
N GLU A 4350 86.79 -31.59 37.61
CA GLU A 4350 88.03 -30.88 37.92
C GLU A 4350 87.94 -29.41 37.50
N ASN A 4351 87.39 -29.14 36.32
CA ASN A 4351 87.24 -27.77 35.87
C ASN A 4351 86.25 -27.01 36.76
N LEU A 4352 85.18 -27.68 37.20
CA LEU A 4352 84.24 -27.05 38.12
C LEU A 4352 84.91 -26.66 39.42
N CYS A 4353 85.72 -27.57 39.99
CA CYS A 4353 86.43 -27.25 41.22
C CYS A 4353 87.40 -26.10 41.02
N LEU A 4354 88.14 -26.12 39.90
CA LEU A 4354 89.09 -25.04 39.62
C LEU A 4354 88.39 -23.70 39.49
N ASN A 4355 87.25 -23.67 38.78
CA ASN A 4355 86.51 -22.43 38.62
C ASN A 4355 85.92 -21.95 39.94
N LEU A 4356 85.44 -22.87 40.77
CA LEU A 4356 84.93 -22.48 42.09
C LEU A 4356 86.03 -21.87 42.93
N HIS A 4357 87.23 -22.47 42.92
CA HIS A 4357 88.33 -21.93 43.69
C HIS A 4357 88.78 -20.57 43.16
N LYS A 4358 88.83 -20.43 41.83
CA LYS A 4358 89.16 -19.14 41.24
C LYS A 4358 88.15 -18.07 41.63
N PHE A 4359 86.86 -18.40 41.60
CA PHE A 4359 85.83 -17.45 41.97
C PHE A 4359 85.95 -17.06 43.43
N ASN A 4360 86.21 -18.03 44.31
CA ASN A 4360 86.36 -17.73 45.74
C ASN A 4360 87.56 -16.81 45.97
N GLU A 4361 88.68 -17.10 45.29
CA GLU A 4361 89.87 -16.26 45.44
C GLU A 4361 89.60 -14.84 44.93
N PHE A 4362 88.93 -14.71 43.78
CA PHE A 4362 88.66 -13.39 43.22
C PHE A 4362 87.71 -12.60 44.12
N ILE A 4363 86.66 -13.24 44.64
CA ILE A 4363 85.73 -12.51 45.49
C ILE A 4363 86.39 -12.12 46.80
N GLN A 4364 87.27 -12.98 47.35
CA GLN A 4364 88.00 -12.60 48.56
C GLN A 4364 88.91 -11.40 48.29
N ASN A 4365 89.58 -11.39 47.13
CA ASN A 4365 90.41 -10.24 46.78
C ASN A 4365 89.57 -8.97 46.65
N GLU A 4366 88.40 -9.08 46.02
CA GLU A 4366 87.53 -7.92 45.87
C GLU A 4366 87.04 -7.41 47.22
N LEU A 4367 86.68 -8.33 48.12
CA LEU A 4367 86.25 -7.93 49.46
C LEU A 4367 87.38 -7.23 50.21
N GLN A 4368 88.60 -7.75 50.11
CA GLN A 4368 89.74 -7.11 50.76
C GLN A 4368 89.99 -5.72 50.17
N GLU A 4369 89.89 -5.60 48.84
CA GLU A 4369 90.11 -4.30 48.21
C GLU A 4369 89.08 -3.28 48.65
N ALA A 4370 87.80 -3.69 48.72
CA ALA A 4370 86.77 -2.77 49.20
C ALA A 4370 86.99 -2.41 50.66
N SER A 4371 87.38 -3.39 51.48
CA SER A 4371 87.66 -3.13 52.89
C SER A 4371 88.78 -2.11 53.05
N GLN A 4372 89.81 -2.21 52.20
CA GLN A 4372 90.92 -1.25 52.28
C GLN A 4372 90.53 0.11 51.72
N GLU A 4373 89.72 0.15 50.66
CA GLU A 4373 89.34 1.42 50.04
C GLU A 4373 88.32 2.18 50.88
N LEU A 4374 87.61 1.51 51.78
CA LEU A 4374 86.73 2.22 52.70
C LEU A 4374 87.49 3.29 53.47
N GLN A 4375 88.68 2.93 53.98
CA GLN A 4375 89.47 3.88 54.75
C GLN A 4375 89.95 5.03 53.87
N GLN A 4376 90.32 4.75 52.62
CA GLN A 4376 90.72 5.83 51.72
C GLN A 4376 89.57 6.79 51.44
N ILE A 4377 88.37 6.26 51.22
CA ILE A 4377 87.22 7.12 51.00
C ILE A 4377 86.93 7.95 52.25
N HIS A 4378 87.02 7.33 53.43
CA HIS A 4378 86.82 8.08 54.67
C HIS A 4378 87.85 9.20 54.82
N GLN A 4379 89.11 8.91 54.51
CA GLN A 4379 90.16 9.91 54.62
C GLN A 4379 89.95 11.06 53.63
N TYR A 4380 89.53 10.75 52.40
CA TYR A 4380 89.29 11.80 51.43
C TYR A 4380 88.12 12.69 51.85
N ILE A 4381 87.01 12.08 52.29
CA ILE A 4381 85.89 12.86 52.78
C ILE A 4381 86.30 13.68 53.99
N MET A 4382 87.21 13.15 54.82
CA MET A 4382 87.67 13.85 56.00
C MET A 4382 88.51 15.07 55.63
N ALA A 4383 89.43 14.90 54.68
CA ALA A 4383 90.27 16.01 54.25
C ALA A 4383 89.47 17.08 53.54
N LEU A 4384 88.39 16.70 52.84
CA LEU A 4384 87.56 17.69 52.17
C LEU A 4384 86.93 18.68 53.14
N ARG A 4385 86.76 18.31 54.42
CA ARG A 4385 86.15 19.22 55.38
C ARG A 4385 87.01 20.45 55.62
N GLU A 4386 88.32 20.28 55.73
CA GLU A 4386 89.22 21.37 56.06
C GLU A 4386 89.96 21.92 54.85
N GLU A 4387 90.07 21.17 53.77
CA GLU A 4387 90.77 21.65 52.58
C GLU A 4387 90.04 22.79 51.88
N TYR A 4388 88.74 22.96 52.14
CA TYR A 4388 87.98 24.04 51.51
C TYR A 4388 87.14 24.84 52.48
N PHE A 4389 86.85 24.34 53.69
CA PHE A 4389 85.97 25.02 54.61
C PHE A 4389 86.72 25.36 55.89
N ASP A 4390 86.25 26.39 56.58
CA ASP A 4390 86.84 26.83 57.84
C ASP A 4390 85.74 26.93 58.89
N PRO A 4391 85.26 25.78 59.41
CA PRO A 4391 84.18 25.83 60.41
C PRO A 4391 84.62 26.50 61.70
N SER A 4392 83.65 26.86 62.55
CA SER A 4392 83.93 27.66 63.74
C SER A 4392 84.82 26.93 64.72
N ILE A 4393 84.48 25.68 65.07
CA ILE A 4393 85.31 24.93 66.00
C ILE A 4393 85.61 23.54 65.44
N VAL A 4394 86.69 22.95 65.96
CA VAL A 4394 87.18 21.66 65.46
C VAL A 4394 86.60 20.52 66.29
N GLY A 4395 86.47 20.73 67.60
CA GLY A 4395 86.05 19.65 68.48
C GLY A 4395 84.67 19.11 68.17
N TRP A 4396 83.71 20.01 67.89
CA TRP A 4396 82.38 19.58 67.47
C TRP A 4396 82.40 18.81 66.17
N THR A 4397 83.45 18.98 65.36
CA THR A 4397 83.54 18.30 64.08
C THR A 4397 84.26 16.96 64.21
N VAL A 4398 85.51 16.99 64.67
CA VAL A 4398 86.36 15.80 64.59
C VAL A 4398 85.76 14.65 65.40
N LYS A 4399 85.31 14.93 66.63
CA LYS A 4399 84.63 13.91 67.41
C LYS A 4399 83.44 13.36 66.65
N TYR A 4400 82.61 14.27 66.11
CA TYR A 4400 81.52 13.84 65.25
C TYR A 4400 82.04 12.97 64.11
N TYR A 4401 83.13 13.41 63.47
CA TYR A 4401 83.74 12.62 62.41
C TYR A 4401 84.06 11.21 62.91
N GLU A 4402 84.64 11.10 64.10
CA GLU A 4402 84.97 9.78 64.64
C GLU A 4402 83.73 8.91 64.75
N LEU A 4403 82.60 9.51 65.13
CA LEU A 4403 81.34 8.77 65.19
C LEU A 4403 81.06 8.12 63.83
N GLU A 4404 81.24 8.88 62.76
CA GLU A 4404 81.06 8.34 61.42
C GLU A 4404 81.97 7.14 61.21
N GLU A 4405 83.23 7.26 61.62
CA GLU A 4405 84.16 6.14 61.45
C GLU A 4405 83.64 4.89 62.14
N LYS A 4406 82.97 5.07 63.29
CA LYS A 4406 82.37 3.93 63.96
C LYS A 4406 81.47 3.15 63.02
N ILE A 4407 80.55 3.86 62.37
CA ILE A 4407 79.66 3.21 61.41
C ILE A 4407 80.48 2.59 60.28
N VAL A 4408 81.52 3.31 59.83
CA VAL A 4408 82.41 2.78 58.82
C VAL A 4408 82.99 1.45 59.30
N SER A 4409 83.49 1.43 60.54
CA SER A 4409 84.00 0.19 61.12
C SER A 4409 82.92 -0.88 61.09
N LEU A 4410 81.69 -0.51 61.46
CA LEU A 4410 80.58 -1.44 61.40
C LEU A 4410 80.47 -2.06 60.01
N ILE A 4411 80.50 -1.21 58.97
CA ILE A 4411 80.45 -1.71 57.60
C ILE A 4411 81.61 -2.68 57.38
N LYS A 4412 82.81 -2.26 57.77
CA LYS A 4412 83.98 -3.13 57.69
C LYS A 4412 83.69 -4.47 58.36
N ASN A 4413 83.12 -4.42 59.57
CA ASN A 4413 82.81 -5.65 60.29
C ASN A 4413 81.93 -6.55 59.45
N LEU A 4414 80.88 -5.99 58.86
CA LEU A 4414 79.98 -6.79 58.03
C LEU A 4414 80.76 -7.46 56.91
N LEU A 4415 81.67 -6.70 56.28
CA LEU A 4415 82.50 -7.28 55.22
C LEU A 4415 83.19 -8.53 55.72
N VAL A 4416 83.82 -8.45 56.90
CA VAL A 4416 84.50 -9.61 57.46
C VAL A 4416 83.51 -10.77 57.59
N ALA A 4417 82.34 -10.48 58.17
CA ALA A 4417 81.33 -11.52 58.31
C ALA A 4417 80.98 -12.12 56.95
N LEU A 4418 80.82 -11.26 55.94
CA LEU A 4418 80.51 -11.74 54.60
C LEU A 4418 81.58 -12.74 54.14
N LYS A 4419 82.85 -12.39 54.36
CA LYS A 4419 83.92 -13.32 54.00
C LYS A 4419 83.69 -14.67 54.67
N ASP A 4420 83.43 -14.65 55.97
CA ASP A 4420 83.14 -15.89 56.68
C ASP A 4420 81.96 -16.59 56.03
N PHE A 4421 80.89 -15.84 55.76
CA PHE A 4421 79.72 -16.42 55.12
C PHE A 4421 80.09 -17.07 53.80
N HIS A 4422 80.96 -16.41 53.02
CA HIS A 4422 81.39 -16.98 51.76
C HIS A 4422 82.06 -18.33 51.98
N SER A 4423 82.96 -18.41 52.97
CA SER A 4423 83.56 -19.69 53.31
C SER A 4423 82.48 -20.72 53.59
N GLU A 4424 81.48 -20.33 54.37
CA GLU A 4424 80.39 -21.22 54.78
C GLU A 4424 79.73 -21.90 53.59
N TYR A 4425 79.93 -21.42 52.37
CA TYR A 4425 79.42 -22.09 51.19
C TYR A 4425 80.49 -22.73 50.32
N ILE A 4426 81.66 -22.10 50.19
CA ILE A 4426 82.64 -22.50 49.19
C ILE A 4426 82.98 -23.98 49.33
N VAL A 4427 83.54 -24.33 50.48
CA VAL A 4427 83.87 -25.74 50.73
C VAL A 4427 82.63 -26.60 50.61
N SER A 4428 81.50 -26.11 51.13
CA SER A 4428 80.25 -26.85 51.03
C SER A 4428 79.93 -27.17 49.58
N ALA A 4429 80.08 -26.19 48.69
CA ALA A 4429 79.84 -26.44 47.28
C ALA A 4429 80.72 -27.57 46.78
N SER A 4430 82.00 -27.55 47.13
CA SER A 4430 82.90 -28.62 46.72
C SER A 4430 82.37 -29.98 47.16
N ASN A 4431 81.83 -30.04 48.38
CA ASN A 4431 81.24 -31.28 48.87
C ASN A 4431 80.21 -31.80 47.87
N PHE A 4432 79.26 -30.96 47.47
CA PHE A 4432 78.29 -31.40 46.48
C PHE A 4432 78.96 -31.71 45.16
N THR A 4433 79.94 -30.87 44.76
CA THR A 4433 80.69 -31.13 43.54
C THR A 4433 81.39 -32.48 43.59
N SER A 4434 81.62 -33.01 44.79
CA SER A 4434 82.29 -34.29 44.95
C SER A 4434 81.34 -35.38 45.41
N GLN A 4435 80.06 -35.05 45.64
CA GLN A 4435 79.19 -36.09 46.17
C GLN A 4435 78.12 -36.54 45.17
N LEU A 4436 77.18 -35.65 44.85
CA LEU A 4436 76.04 -36.08 44.05
C LEU A 4436 76.46 -36.40 42.62
N SER A 4437 77.24 -35.50 42.02
CA SER A 4437 77.82 -35.77 40.71
C SER A 4437 78.55 -37.11 40.72
N SER A 4438 79.26 -37.41 41.81
CA SER A 4438 80.00 -38.66 41.87
C SER A 4438 79.05 -39.84 41.72
N GLN A 4439 77.91 -39.80 42.40
CA GLN A 4439 76.94 -40.88 42.27
C GLN A 4439 76.50 -41.05 40.83
N VAL A 4440 76.34 -39.94 40.10
CA VAL A 4440 75.93 -40.02 38.71
C VAL A 4440 76.93 -40.85 37.92
N GLU A 4441 78.22 -40.66 38.19
CA GLU A 4441 79.24 -41.44 37.50
C GLU A 4441 79.03 -42.93 37.75
N GLN A 4442 78.69 -43.30 38.98
CA GLN A 4442 78.36 -44.69 39.28
C GLN A 4442 77.20 -45.16 38.41
N PHE A 4443 76.16 -44.34 38.29
CA PHE A 4443 75.03 -44.70 37.44
C PHE A 4443 75.49 -44.89 36.00
N LEU A 4444 76.47 -44.11 35.56
CA LEU A 4444 77.02 -44.29 34.22
C LEU A 4444 77.55 -45.71 34.04
N HIS A 4445 78.20 -46.25 35.08
CA HIS A 4445 78.69 -47.62 35.00
C HIS A 4445 77.55 -48.59 34.79
N ARG A 4446 76.38 -48.30 35.40
CA ARG A 4446 75.21 -49.13 35.17
C ARG A 4446 74.86 -49.17 33.69
N ASN A 4447 74.98 -48.02 33.01
CA ASN A 4447 74.74 -47.98 31.57
C ASN A 4447 75.66 -48.95 30.84
N ILE A 4448 76.89 -49.08 31.30
CA ILE A 4448 77.82 -50.04 30.71
C ILE A 4448 77.21 -51.45 30.77
N GLN A 4449 76.63 -51.80 31.92
CA GLN A 4449 75.96 -53.09 32.05
C GLN A 4449 74.83 -53.22 31.03
N GLU A 4450 74.11 -52.13 30.77
CA GLU A 4450 73.07 -52.15 29.75
C GLU A 4450 73.67 -52.49 28.38
N TYR A 4451 74.86 -51.97 28.09
CA TYR A 4451 75.52 -52.31 26.83
C TYR A 4451 75.75 -53.81 26.71
N LEU A 4452 75.91 -54.50 27.84
CA LEU A 4452 76.07 -55.95 27.79
C LEU A 4452 74.86 -56.62 27.16
N SER A 4453 73.66 -56.09 27.41
CA SER A 4453 72.46 -56.63 26.79
C SER A 4453 72.51 -56.53 25.28
N ILE A 4454 73.26 -55.56 24.74
CA ILE A 4454 73.44 -55.48 23.29
C ILE A 4454 74.29 -56.65 22.80
N LEU A 4455 75.29 -57.06 23.57
CA LEU A 4455 76.20 -58.14 23.18
C LEU A 4455 75.76 -59.49 23.71
N THR A 4456 74.52 -59.60 24.20
CA THR A 4456 74.01 -60.85 24.74
C THR A 4456 72.56 -61.03 24.27
N ASP A 4457 72.29 -62.15 23.61
CA ASP A 4457 70.94 -62.45 23.14
C ASP A 4457 70.28 -63.43 24.10
N PRO A 4458 69.22 -63.03 24.80
CA PRO A 4458 68.54 -63.97 25.71
C PRO A 4458 67.75 -65.01 24.93
N ASP A 4459 67.84 -66.25 25.40
CA ASP A 4459 67.13 -67.36 24.78
C ASP A 4459 66.99 -68.48 25.80
N GLY A 4460 66.04 -69.38 25.55
CA GLY A 4460 65.78 -70.47 26.46
C GLY A 4460 64.76 -70.13 27.54
N LYS A 4461 64.92 -68.96 28.15
CA LYS A 4461 63.96 -68.52 29.16
C LYS A 4461 62.57 -68.31 28.56
N GLY A 4462 62.50 -67.99 27.27
CA GLY A 4462 61.21 -67.83 26.64
C GLY A 4462 60.39 -69.11 26.63
N LYS A 4463 61.06 -70.25 26.43
CA LYS A 4463 60.36 -71.53 26.49
C LYS A 4463 59.79 -71.80 27.87
N GLU A 4464 60.57 -71.50 28.91
CA GLU A 4464 60.07 -71.64 30.28
C GLU A 4464 58.88 -70.72 30.53
N LYS A 4465 58.98 -69.47 30.07
CA LYS A 4465 57.90 -68.52 30.29
C LYS A 4465 56.62 -68.95 29.56
N ILE A 4466 56.76 -69.43 28.32
CA ILE A 4466 55.57 -69.83 27.57
C ILE A 4466 54.97 -71.11 28.15
N ALA A 4467 55.80 -72.03 28.65
CA ALA A 4467 55.25 -73.20 29.33
C ALA A 4467 54.50 -72.80 30.59
N GLU A 4468 55.06 -71.86 31.35
CA GLU A 4468 54.36 -71.35 32.53
C GLU A 4468 53.04 -70.70 32.16
N LEU A 4469 53.03 -69.90 31.09
CA LEU A 4469 51.80 -69.26 30.65
C LEU A 4469 50.76 -70.28 30.22
N SER A 4470 51.19 -71.32 29.50
CA SER A 4470 50.27 -72.37 29.09
C SER A 4470 49.70 -73.09 30.30
N ALA A 4471 50.53 -73.39 31.30
CA ALA A 4471 50.04 -74.04 32.51
C ALA A 4471 49.05 -73.16 33.24
N THR A 4472 49.33 -71.85 33.35
CA THR A 4472 48.43 -70.94 34.02
C THR A 4472 47.09 -70.85 33.28
N ALA A 4473 47.13 -70.76 31.94
CA ALA A 4473 45.91 -70.72 31.17
C ALA A 4473 45.11 -72.01 31.34
N GLN A 4474 45.79 -73.14 31.36
CA GLN A 4474 45.10 -74.42 31.53
C GLN A 4474 44.43 -74.51 32.91
N GLU A 4475 45.14 -74.09 33.96
CA GLU A 4475 44.52 -74.16 35.28
C GLU A 4475 43.36 -73.18 35.41
N ILE A 4476 43.47 -71.98 34.81
CA ILE A 4476 42.36 -71.04 34.85
C ILE A 4476 41.15 -71.60 34.11
N ILE A 4477 41.36 -72.17 32.93
CA ILE A 4477 40.22 -72.69 32.17
C ILE A 4477 39.60 -73.90 32.86
N LYS A 4478 40.42 -74.73 33.51
CA LYS A 4478 39.86 -75.86 34.26
C LYS A 4478 39.06 -75.39 35.46
N SER A 4479 39.57 -74.39 36.19
CA SER A 4479 38.83 -73.85 37.32
C SER A 4479 37.55 -73.14 36.88
N GLN A 4480 37.53 -72.58 35.67
CA GLN A 4480 36.33 -71.87 35.22
C GLN A 4480 35.28 -72.83 34.68
N ALA A 4481 35.71 -73.87 33.96
CA ALA A 4481 34.75 -74.80 33.36
C ALA A 4481 33.94 -75.54 34.42
N ILE A 4482 34.60 -75.98 35.48
CA ILE A 4482 33.91 -76.74 36.53
C ILE A 4482 32.91 -75.85 37.25
N ALA A 4483 33.29 -74.61 37.56
CA ALA A 4483 32.36 -73.68 38.19
C ALA A 4483 31.18 -73.37 37.27
N THR A 4484 31.45 -73.22 35.97
CA THR A 4484 30.39 -72.97 35.01
C THR A 4484 29.40 -74.12 34.97
N LYS A 4485 29.91 -75.36 34.90
CA LYS A 4485 29.02 -76.51 34.88
C LYS A 4485 28.23 -76.63 36.18
N LYS A 4486 28.89 -76.34 37.32
CA LYS A 4486 28.18 -76.33 38.59
C LYS A 4486 27.00 -75.36 38.54
N ILE A 4487 27.22 -74.14 38.05
CA ILE A 4487 26.15 -73.15 38.00
C ILE A 4487 25.06 -73.58 37.03
N ILE A 4488 25.45 -74.20 35.92
CA ILE A 4488 24.45 -74.65 34.95
C ILE A 4488 23.55 -75.71 35.57
N SER A 4489 24.14 -76.66 36.29
CA SER A 4489 23.34 -77.65 37.01
C SER A 4489 22.42 -76.98 38.03
N ASP A 4490 22.94 -75.98 38.74
CA ASP A 4490 22.13 -75.27 39.74
C ASP A 4490 20.91 -74.64 39.11
N TYR A 4491 21.07 -73.86 38.02
CA TYR A 4491 19.88 -73.17 37.55
C TYR A 4491 18.97 -74.12 36.78
N HIS A 4492 19.52 -75.20 36.21
CA HIS A 4492 18.64 -76.21 35.63
C HIS A 4492 17.76 -76.87 36.68
N GLN A 4493 18.33 -77.21 37.84
CA GLN A 4493 17.54 -77.76 38.94
C GLN A 4493 16.51 -76.74 39.43
N GLN A 4494 16.91 -75.47 39.54
CA GLN A 4494 15.96 -74.44 39.96
C GLN A 4494 14.82 -74.29 38.95
N PHE A 4495 15.14 -74.35 37.65
CA PHE A 4495 14.12 -74.30 36.62
C PHE A 4495 13.15 -75.46 36.74
N ARG A 4496 13.67 -76.67 36.96
CA ARG A 4496 12.80 -77.83 37.09
C ARG A 4496 11.92 -77.71 38.33
N TYR A 4497 12.49 -77.22 39.43
CA TYR A 4497 11.71 -77.04 40.66
C TYR A 4497 10.59 -76.03 40.47
N LYS A 4498 10.89 -74.92 39.79
CA LYS A 4498 9.86 -73.92 39.56
C LYS A 4498 8.78 -74.44 38.61
N LEU A 4499 9.17 -75.24 37.61
CA LEU A 4499 8.18 -75.88 36.76
C LEU A 4499 7.26 -76.78 37.58
N GLN A 4500 7.83 -77.57 38.49
CA GLN A 4500 7.00 -78.42 39.35
C GLN A 4500 6.07 -77.58 40.21
N ASP A 4501 6.59 -76.48 40.78
CA ASP A 4501 5.75 -75.63 41.63
C ASP A 4501 4.57 -75.07 40.85
N PHE A 4502 4.82 -74.57 39.63
CA PHE A 4502 3.75 -73.99 38.85
C PHE A 4502 2.74 -75.05 38.41
N SER A 4503 3.23 -76.22 38.00
CA SER A 4503 2.32 -77.29 37.59
C SER A 4503 1.43 -77.74 38.74
N ASP A 4504 2.00 -77.87 39.94
CA ASP A 4504 1.19 -78.22 41.09
C ASP A 4504 0.21 -77.12 41.45
N GLN A 4505 0.63 -75.86 41.34
CA GLN A 4505 -0.24 -74.74 41.66
C GLN A 4505 -1.43 -74.68 40.72
N LEU A 4506 -1.24 -75.02 39.46
CA LEU A 4506 -2.32 -74.97 38.47
C LEU A 4506 -3.24 -76.18 38.64
N SER A 4507 -3.75 -76.35 39.85
CA SER A 4507 -4.67 -77.45 40.11
C SER A 4507 -6.01 -76.95 40.63
N ASP A 4508 -5.99 -76.12 41.68
CA ASP A 4508 -7.21 -75.72 42.38
C ASP A 4508 -7.59 -74.26 42.14
N TYR A 4509 -7.27 -73.72 40.96
CA TYR A 4509 -7.65 -72.35 40.65
C TYR A 4509 -9.17 -72.19 40.66
N TYR A 4510 -9.89 -73.13 40.04
CA TYR A 4510 -11.34 -73.08 40.03
C TYR A 4510 -11.91 -73.14 41.45
N GLU A 4511 -11.35 -74.03 42.27
CA GLU A 4511 -11.87 -74.20 43.63
C GLU A 4511 -11.63 -72.95 44.46
N LYS A 4512 -10.44 -72.37 44.37
CA LYS A 4512 -10.17 -71.12 45.10
C LYS A 4512 -11.09 -70.01 44.62
N PHE A 4513 -11.29 -69.93 43.30
CA PHE A 4513 -12.18 -68.90 42.74
C PHE A 4513 -13.60 -69.05 43.29
N ILE A 4514 -14.15 -70.26 43.24
CA ILE A 4514 -15.51 -70.47 43.69
C ILE A 4514 -15.64 -70.21 45.19
N ALA A 4515 -14.66 -70.67 45.97
CA ALA A 4515 -14.72 -70.48 47.42
C ALA A 4515 -14.68 -69.00 47.79
N GLU A 4516 -13.77 -68.25 47.15
CA GLU A 4516 -13.69 -66.82 47.45
C GLU A 4516 -14.93 -66.09 46.96
N SER A 4517 -15.50 -66.52 45.83
CA SER A 4517 -16.74 -65.93 45.37
C SER A 4517 -17.87 -66.14 46.37
N LYS A 4518 -18.00 -67.37 46.89
CA LYS A 4518 -19.05 -67.64 47.86
C LYS A 4518 -18.81 -66.89 49.17
N ARG A 4519 -17.55 -66.74 49.58
CA ARG A 4519 -17.25 -65.95 50.77
C ARG A 4519 -17.65 -64.49 50.57
N LEU A 4520 -17.35 -63.92 49.39
CA LEU A 4520 -17.73 -62.55 49.11
C LEU A 4520 -19.25 -62.41 49.10
N ILE A 4521 -19.96 -63.38 48.53
CA ILE A 4521 -21.41 -63.31 48.48
C ILE A 4521 -22.01 -63.43 49.88
N ASP A 4522 -21.41 -64.28 50.73
CA ASP A 4522 -21.84 -64.38 52.12
C ASP A 4522 -21.67 -63.04 52.83
N LEU A 4523 -20.50 -62.41 52.68
CA LEU A 4523 -20.28 -61.11 53.31
C LEU A 4523 -21.25 -60.07 52.76
N SER A 4524 -21.54 -60.13 51.46
CA SER A 4524 -22.46 -59.17 50.86
C SER A 4524 -23.87 -59.33 51.41
N ILE A 4525 -24.36 -60.57 51.53
CA ILE A 4525 -25.67 -60.81 52.09
C ILE A 4525 -25.72 -60.33 53.54
N GLN A 4526 -24.67 -60.63 54.31
CA GLN A 4526 -24.59 -60.18 55.69
C GLN A 4526 -24.67 -58.65 55.78
N ASN A 4527 -23.86 -57.96 54.99
CA ASN A 4527 -23.83 -56.50 55.05
C ASN A 4527 -25.15 -55.90 54.58
N TYR A 4528 -25.74 -56.46 53.53
CA TYR A 4528 -27.03 -55.98 53.05
C TYR A 4528 -28.10 -56.10 54.13
N HIS A 4529 -28.19 -57.27 54.77
CA HIS A 4529 -29.24 -57.46 55.76
C HIS A 4529 -28.97 -56.67 57.03
N THR A 4530 -27.71 -56.37 57.32
CA THR A 4530 -27.44 -55.49 58.47
C THR A 4530 -27.71 -54.03 58.15
N PHE A 4531 -27.43 -53.60 56.92
CA PHE A 4531 -27.71 -52.24 56.47
C PHE A 4531 -29.19 -51.93 56.35
N LEU A 4532 -30.00 -52.90 55.93
CA LEU A 4532 -31.38 -52.61 55.58
C LEU A 4532 -32.19 -52.16 56.79
N ILE A 4533 -31.98 -52.79 57.95
CA ILE A 4533 -32.68 -52.37 59.16
C ILE A 4533 -32.25 -50.95 59.55
N TYR A 4534 -30.95 -50.66 59.43
CA TYR A 4534 -30.46 -49.32 59.75
C TYR A 4534 -31.11 -48.27 58.87
N ILE A 4535 -31.18 -48.54 57.56
CA ILE A 4535 -31.71 -47.54 56.64
C ILE A 4535 -33.21 -47.40 56.80
N THR A 4536 -33.92 -48.49 57.14
CA THR A 4536 -35.34 -48.38 57.44
C THR A 4536 -35.56 -47.51 58.67
N GLU A 4537 -34.75 -47.71 59.70
CA GLU A 4537 -34.84 -46.86 60.90
C GLU A 4537 -34.57 -45.40 60.54
N LEU A 4538 -33.55 -45.15 59.72
CA LEU A 4538 -33.23 -43.79 59.33
C LEU A 4538 -34.37 -43.15 58.53
N LEU A 4539 -34.98 -43.93 57.62
CA LEU A 4539 -36.11 -43.41 56.86
C LEU A 4539 -37.26 -43.04 57.77
N LYS A 4540 -37.59 -43.91 58.73
CA LYS A 4540 -38.69 -43.61 59.64
C LYS A 4540 -38.38 -42.38 60.50
N LYS A 4541 -37.14 -42.27 60.99
CA LYS A 4541 -36.78 -41.10 61.78
C LYS A 4541 -36.84 -39.82 60.96
N LEU A 4542 -36.40 -39.85 59.70
CA LEU A 4542 -36.48 -38.67 58.85
C LEU A 4542 -37.93 -38.30 58.57
N GLN A 4543 -38.79 -39.29 58.33
CA GLN A 4543 -40.17 -39.01 57.99
C GLN A 4543 -40.99 -38.62 59.21
N SER A 4544 -40.50 -38.93 60.41
CA SER A 4544 -41.15 -38.49 61.65
C SER A 4544 -40.62 -37.10 62.03
N THR A 4545 -40.70 -36.18 61.06
CA THR A 4545 -40.21 -34.82 61.26
C THR A 4545 -41.35 -33.80 61.16
N THR A 4546 -42.11 -33.86 60.08
CA THR A 4546 -43.16 -32.90 59.80
C THR A 4546 -44.34 -33.56 59.13
N VAL A 4547 -45.49 -32.88 59.18
CA VAL A 4547 -46.71 -33.37 58.56
C VAL A 4547 -47.30 -32.31 57.65
N MET A 4548 -46.96 -32.37 56.36
CA MET A 4548 -47.51 -31.46 55.37
C MET A 4548 -48.66 -32.11 54.62
N ASN A 4549 -49.13 -31.45 53.55
CA ASN A 4549 -50.24 -31.93 52.75
C ASN A 4549 -49.98 -33.31 52.14
N PRO A 4550 -48.80 -33.59 51.57
CA PRO A 4550 -48.50 -34.96 51.17
C PRO A 4550 -48.24 -35.83 52.39
N TYR A 4551 -48.54 -37.12 52.27
CA TYR A 4551 -48.36 -38.07 53.36
C TYR A 4551 -47.63 -39.32 52.87
N MET A 4552 -46.92 -39.98 53.78
CA MET A 4552 -46.18 -41.19 53.47
C MET A 4552 -46.43 -42.26 54.51
N LYS A 4553 -46.11 -43.50 54.14
CA LYS A 4553 -46.15 -44.67 55.02
C LYS A 4553 -44.92 -45.51 54.74
N LEU A 4554 -44.24 -45.95 55.80
CA LEU A 4554 -43.07 -46.80 55.70
C LEU A 4554 -43.32 -48.10 56.44
N ALA A 4555 -42.89 -49.21 55.85
CA ALA A 4555 -42.94 -50.53 56.43
C ALA A 4555 -41.64 -51.25 56.10
N PRO A 4556 -41.24 -52.24 56.90
CA PRO A 4556 -39.98 -52.93 56.62
C PRO A 4556 -40.08 -53.76 55.34
N GLY A 4557 -40.02 -53.07 54.20
CA GLY A 4557 -40.18 -53.72 52.92
C GLY A 4557 -41.24 -53.07 52.06
N GLU A 4558 -41.70 -51.88 52.46
CA GLU A 4558 -42.80 -51.22 51.75
C GLU A 4558 -42.70 -49.72 51.94
N LEU A 4559 -43.06 -48.97 50.90
CA LEU A 4559 -43.15 -47.51 50.97
C LEU A 4559 -44.35 -47.06 50.15
N THR A 4560 -45.24 -46.31 50.78
CA THR A 4560 -46.43 -45.78 50.12
C THR A 4560 -46.41 -44.26 50.25
N ILE A 4561 -46.76 -43.58 49.17
CA ILE A 4561 -46.79 -42.12 49.13
C ILE A 4561 -48.13 -41.68 48.57
N ILE A 4562 -48.74 -40.68 49.19
CA ILE A 4562 -50.04 -40.16 48.82
C ILE A 4562 -49.85 -38.71 48.39
N LEU A 4563 -50.36 -38.37 47.21
CA LEU A 4563 -50.25 -37.01 46.69
C LEU A 4563 -51.43 -36.15 47.13
#